data_4E4J
#
_entry.id   4E4J
#
_cell.length_a   120.548
_cell.length_b   128.875
_cell.length_c   220.279
_cell.angle_alpha   90.000
_cell.angle_beta   91.410
_cell.angle_gamma   90.000
#
_symmetry.space_group_name_H-M   'P 1 21 1'
#
loop_
_entity.id
_entity.type
_entity.pdbx_description
1 polymer 'Arginine deiminase'
2 non-polymer 'CHLORIDE ION'
3 water water
#
_entity_poly.entity_id   1
_entity_poly.type   'polypeptide(L)'
_entity_poly.pdbx_seq_one_letter_code
;MGHHHHHHHHHHSSGHIDDDDKHMSSIDKNSLGNGINVYSEIGELKEVLVHTPGDEIRYTAPSRLEELLFSAVLKADTAI
EEHKGFVKILQNNGIKVIQLCDLVAETYELCSKEVRNSFIEQYLDEALPVLKKEIRPVVKDYLLSFPTVQMVRKMMSGIL
ANELNIKQDNPLIIDGMPNLYFTRDPFASMGNGVSINCMKYPTRKREVIFSRFVFTNNPKYKNTPRYFDIVGNNGTIEGG
DIFIYNSKTLVIGNSERTNFAAIESVAKNIQANKDCTFERIVVINVPPMPNLMHLDTWLTMLDYDKFLYSPNMMNVLKIW
EIDLNVKPVKFVEKKGTLEEVLYSIIDKKPILIPIAGKGANQLDIDIETHFDGTNYLTIAPGVVVGYERNEKTQKALVEA
GIKVLSFNGSQLSLGMGSARCMSMPLIRENLKK
;
_entity_poly.pdbx_strand_id   A,B,C,D,E,F,G,H,I,J,K,L
#
loop_
_chem_comp.id
_chem_comp.type
_chem_comp.name
_chem_comp.formula
CL non-polymer 'CHLORIDE ION' 'Cl -1'
#
# COMPACT_ATOMS: atom_id res chain seq x y z
N GLY A 35 22.13 -48.70 -31.91
CA GLY A 35 20.76 -48.83 -32.51
C GLY A 35 19.88 -47.63 -32.20
N ILE A 36 20.33 -46.78 -31.28
CA ILE A 36 19.56 -45.60 -30.90
C ILE A 36 20.36 -44.31 -31.13
N ASN A 37 19.78 -43.37 -31.88
CA ASN A 37 20.44 -42.11 -32.15
C ASN A 37 19.42 -41.01 -32.47
N VAL A 38 18.97 -40.33 -31.41
CA VAL A 38 17.96 -39.29 -31.54
C VAL A 38 18.43 -38.01 -30.85
N TYR A 39 19.01 -37.09 -31.62
CA TYR A 39 19.51 -35.84 -31.08
C TYR A 39 18.74 -34.58 -31.50
N SER A 40 17.43 -34.76 -31.71
CA SER A 40 16.54 -33.66 -32.07
C SER A 40 15.10 -34.17 -32.14
N GLU A 41 14.17 -33.25 -32.35
CA GLU A 41 12.75 -33.57 -32.48
C GLU A 41 12.38 -33.47 -33.97
N ILE A 42 13.29 -32.95 -34.78
CA ILE A 42 12.99 -32.70 -36.18
C ILE A 42 13.85 -33.34 -37.28
N GLY A 43 15.02 -33.85 -36.90
CA GLY A 43 15.90 -34.47 -37.88
C GLY A 43 15.22 -35.54 -38.72
N GLU A 44 15.60 -35.64 -39.98
CA GLU A 44 15.01 -36.63 -40.87
C GLU A 44 14.93 -37.99 -40.18
N LEU A 45 13.70 -38.48 -40.04
CA LEU A 45 13.42 -39.75 -39.36
C LEU A 45 13.80 -40.96 -40.20
N LYS A 46 14.62 -41.83 -39.63
CA LYS A 46 15.07 -43.01 -40.36
C LYS A 46 14.45 -44.31 -39.84
N GLU A 47 14.34 -44.44 -38.53
CA GLU A 47 13.74 -45.63 -37.94
C GLU A 47 12.84 -45.18 -36.79
N VAL A 48 11.63 -45.72 -36.76
CA VAL A 48 10.66 -45.37 -35.74
C VAL A 48 9.91 -46.60 -35.25
N LEU A 49 9.54 -46.58 -33.98
CA LEU A 49 8.81 -47.69 -33.37
C LEU A 49 7.34 -47.32 -33.21
N VAL A 50 6.45 -48.22 -33.64
CA VAL A 50 5.01 -48.00 -33.52
C VAL A 50 4.40 -49.32 -33.11
N HIS A 51 3.09 -49.32 -32.94
CA HIS A 51 2.33 -50.52 -32.60
C HIS A 51 0.94 -50.39 -33.16
N THR A 52 0.63 -51.18 -34.18
CA THR A 52 -0.70 -51.15 -34.72
C THR A 52 -1.54 -51.92 -33.71
N PRO A 53 -2.61 -51.30 -33.21
CA PRO A 53 -3.44 -52.00 -32.23
C PRO A 53 -3.98 -53.35 -32.66
N GLY A 54 -4.05 -54.27 -31.70
CA GLY A 54 -4.57 -55.61 -31.94
C GLY A 54 -5.89 -55.76 -31.19
N ASP A 55 -6.23 -56.99 -30.80
CA ASP A 55 -7.48 -57.24 -30.11
C ASP A 55 -7.67 -56.50 -28.80
N GLU A 56 -6.59 -55.98 -28.22
CA GLU A 56 -6.71 -55.26 -26.96
C GLU A 56 -7.69 -54.09 -27.04
N ILE A 57 -7.81 -53.44 -28.19
CA ILE A 57 -8.75 -52.33 -28.25
C ILE A 57 -10.17 -52.79 -28.52
N ARG A 58 -10.39 -54.09 -28.43
CA ARG A 58 -11.73 -54.65 -28.60
C ARG A 58 -12.22 -55.07 -27.23
N TYR A 59 -11.32 -55.08 -26.25
CA TYR A 59 -11.65 -55.55 -24.91
C TYR A 59 -11.87 -54.52 -23.83
N THR A 60 -12.21 -53.30 -24.22
CA THR A 60 -12.46 -52.26 -23.23
C THR A 60 -13.96 -52.05 -23.03
N ALA A 61 -14.48 -52.49 -21.89
CA ALA A 61 -15.90 -52.31 -21.60
C ALA A 61 -16.13 -50.84 -21.31
N PRO A 62 -17.29 -50.31 -21.73
CA PRO A 62 -17.58 -48.89 -21.48
C PRO A 62 -17.49 -48.46 -20.02
N SER A 63 -17.72 -49.39 -19.11
CA SER A 63 -17.66 -49.10 -17.68
C SER A 63 -16.23 -49.13 -17.13
N ARG A 64 -15.28 -49.62 -17.94
CA ARG A 64 -13.90 -49.72 -17.49
C ARG A 64 -12.92 -48.73 -18.13
N LEU A 65 -13.45 -47.68 -18.76
CA LEU A 65 -12.60 -46.69 -19.40
C LEU A 65 -11.59 -46.11 -18.41
N GLU A 66 -12.05 -45.76 -17.21
CA GLU A 66 -11.15 -45.20 -16.21
C GLU A 66 -10.20 -46.26 -15.66
N GLU A 67 -10.73 -47.45 -15.43
CA GLU A 67 -9.93 -48.54 -14.88
C GLU A 67 -8.79 -48.91 -15.81
N LEU A 68 -9.06 -48.94 -17.11
CA LEU A 68 -8.05 -49.29 -18.10
C LEU A 68 -7.30 -48.06 -18.56
N LEU A 69 -7.67 -46.91 -18.01
CA LEU A 69 -7.04 -45.64 -18.34
C LEU A 69 -7.05 -45.35 -19.84
N PHE A 70 -8.21 -45.58 -20.47
CA PHE A 70 -8.35 -45.32 -21.89
C PHE A 70 -9.58 -44.43 -22.05
N SER A 71 -9.60 -43.60 -23.08
CA SER A 71 -10.67 -42.64 -23.29
C SER A 71 -12.02 -43.00 -23.91
N ALA A 72 -12.10 -44.05 -24.71
CA ALA A 72 -13.39 -44.39 -25.31
C ALA A 72 -13.43 -45.79 -25.91
N VAL A 73 -14.63 -46.19 -26.33
CA VAL A 73 -14.84 -47.49 -26.96
C VAL A 73 -14.72 -47.27 -28.46
N LEU A 74 -13.66 -47.81 -29.05
CA LEU A 74 -13.41 -47.64 -30.48
C LEU A 74 -14.04 -48.71 -31.34
N LYS A 75 -14.29 -48.36 -32.60
CA LYS A 75 -14.79 -49.31 -33.58
C LYS A 75 -13.45 -49.87 -34.11
N ALA A 76 -12.96 -50.90 -33.42
CA ALA A 76 -11.66 -51.54 -33.68
C ALA A 76 -11.17 -51.66 -35.13
N ASP A 77 -11.94 -52.35 -35.98
CA ASP A 77 -11.54 -52.53 -37.37
C ASP A 77 -11.18 -51.22 -38.05
N THR A 78 -11.97 -50.19 -37.78
CA THR A 78 -11.73 -48.89 -38.40
C THR A 78 -10.48 -48.22 -37.84
N ALA A 79 -10.31 -48.26 -36.53
CA ALA A 79 -9.15 -47.64 -35.89
C ALA A 79 -7.87 -48.31 -36.39
N ILE A 80 -7.93 -49.62 -36.56
CA ILE A 80 -6.77 -50.39 -37.01
C ILE A 80 -6.41 -50.00 -38.43
N GLU A 81 -7.40 -49.88 -39.32
CA GLU A 81 -7.10 -49.48 -40.68
C GLU A 81 -6.55 -48.06 -40.68
N GLU A 82 -7.04 -47.21 -39.79
CA GLU A 82 -6.55 -45.85 -39.75
C GLU A 82 -5.10 -45.80 -39.32
N HIS A 83 -4.73 -46.66 -38.37
CA HIS A 83 -3.34 -46.68 -37.92
C HIS A 83 -2.43 -47.15 -39.06
N LYS A 84 -2.92 -48.10 -39.85
CA LYS A 84 -2.17 -48.61 -40.99
C LYS A 84 -1.94 -47.47 -42.00
N GLY A 85 -2.91 -46.57 -42.08
CA GLY A 85 -2.79 -45.44 -42.99
C GLY A 85 -1.67 -44.52 -42.53
N PHE A 86 -1.57 -44.37 -41.20
CA PHE A 86 -0.54 -43.55 -40.58
C PHE A 86 0.83 -44.20 -40.88
N VAL A 87 0.94 -45.51 -40.69
CA VAL A 87 2.17 -46.25 -40.95
C VAL A 87 2.59 -46.11 -42.40
N LYS A 88 1.63 -46.24 -43.32
CA LYS A 88 1.90 -46.15 -44.75
C LYS A 88 2.52 -44.82 -45.13
N ILE A 89 2.06 -43.72 -44.54
CA ILE A 89 2.60 -42.41 -44.86
C ILE A 89 4.06 -42.34 -44.43
N LEU A 90 4.37 -42.89 -43.27
CA LEU A 90 5.74 -42.88 -42.78
C LEU A 90 6.63 -43.70 -43.74
N GLN A 91 6.15 -44.86 -44.16
CA GLN A 91 6.93 -45.69 -45.06
C GLN A 91 7.14 -45.03 -46.43
N ASN A 92 6.12 -44.35 -46.93
CA ASN A 92 6.26 -43.69 -48.22
C ASN A 92 7.23 -42.54 -48.15
N ASN A 93 7.66 -42.17 -46.94
CA ASN A 93 8.61 -41.09 -46.80
C ASN A 93 10.00 -41.66 -46.49
N GLY A 94 10.19 -42.94 -46.85
CA GLY A 94 11.46 -43.62 -46.66
C GLY A 94 11.84 -43.95 -45.23
N ILE A 95 10.85 -43.94 -44.34
CA ILE A 95 11.11 -44.24 -42.95
C ILE A 95 10.95 -45.73 -42.74
N LYS A 96 11.85 -46.32 -41.95
CA LYS A 96 11.75 -47.74 -41.64
C LYS A 96 10.83 -47.82 -40.42
N VAL A 97 9.65 -48.41 -40.61
CA VAL A 97 8.69 -48.52 -39.52
C VAL A 97 8.76 -49.89 -38.86
N ILE A 98 9.09 -49.89 -37.57
CA ILE A 98 9.22 -51.13 -36.83
C ILE A 98 8.06 -51.36 -35.87
N GLN A 99 7.45 -52.52 -36.02
CA GLN A 99 6.31 -52.93 -35.22
C GLN A 99 6.84 -53.55 -33.90
N LEU A 100 6.28 -53.11 -32.76
CA LEU A 100 6.71 -53.60 -31.45
C LEU A 100 6.63 -55.13 -31.35
N CYS A 101 5.53 -55.70 -31.84
CA CYS A 101 5.36 -57.14 -31.79
C CYS A 101 6.46 -57.86 -32.58
N ASP A 102 6.86 -57.32 -33.73
CA ASP A 102 7.94 -57.95 -34.50
C ASP A 102 9.29 -57.83 -33.81
N LEU A 103 9.56 -56.67 -33.23
CA LEU A 103 10.84 -56.46 -32.54
C LEU A 103 10.96 -57.41 -31.34
N VAL A 104 9.87 -57.60 -30.60
CA VAL A 104 9.85 -58.50 -29.46
C VAL A 104 10.01 -59.96 -29.94
N ALA A 105 9.32 -60.32 -31.02
CA ALA A 105 9.39 -61.67 -31.56
C ALA A 105 10.80 -61.99 -32.00
N GLU A 106 11.43 -61.03 -32.68
CA GLU A 106 12.80 -61.21 -33.16
C GLU A 106 13.76 -61.42 -31.99
N THR A 107 13.58 -60.64 -30.93
CA THR A 107 14.43 -60.77 -29.75
C THR A 107 14.26 -62.15 -29.12
N TYR A 108 13.01 -62.57 -28.99
CA TYR A 108 12.67 -63.84 -28.39
C TYR A 108 13.39 -65.00 -29.10
N GLU A 109 13.35 -65.03 -30.43
CA GLU A 109 13.97 -66.09 -31.20
C GLU A 109 15.46 -66.22 -30.94
N LEU A 110 16.11 -65.10 -30.66
CA LEU A 110 17.56 -65.08 -30.40
C LEU A 110 17.94 -65.45 -28.97
N CYS A 111 16.96 -65.51 -28.07
CA CYS A 111 17.24 -65.81 -26.67
C CYS A 111 17.31 -67.29 -26.35
N SER A 112 17.96 -67.60 -25.24
CA SER A 112 18.09 -68.98 -24.80
C SER A 112 16.75 -69.41 -24.23
N LYS A 113 16.56 -70.72 -24.10
CA LYS A 113 15.32 -71.25 -23.56
C LYS A 113 15.00 -70.70 -22.17
N GLU A 114 16.02 -70.51 -21.36
CA GLU A 114 15.80 -69.99 -20.00
C GLU A 114 15.39 -68.52 -20.00
N VAL A 115 16.00 -67.72 -20.88
CA VAL A 115 15.66 -66.30 -20.96
C VAL A 115 14.25 -66.16 -21.53
N ARG A 116 13.94 -66.95 -22.56
CA ARG A 116 12.61 -66.94 -23.15
C ARG A 116 11.56 -67.23 -22.08
N ASN A 117 11.77 -68.32 -21.33
CA ASN A 117 10.85 -68.71 -20.28
C ASN A 117 10.73 -67.61 -19.22
N SER A 118 11.86 -66.96 -18.96
CA SER A 118 11.95 -65.86 -18.01
C SER A 118 11.00 -64.73 -18.40
N PHE A 119 10.88 -64.50 -19.70
CA PHE A 119 10.02 -63.47 -20.26
C PHE A 119 8.55 -63.85 -20.03
N ILE A 120 8.19 -65.09 -20.38
CA ILE A 120 6.81 -65.57 -20.20
C ILE A 120 6.40 -65.54 -18.73
N GLU A 121 7.30 -65.98 -17.85
CA GLU A 121 7.01 -66.00 -16.42
C GLU A 121 6.78 -64.60 -15.85
N GLN A 122 7.59 -63.63 -16.25
CA GLN A 122 7.43 -62.27 -15.77
C GLN A 122 6.07 -61.73 -16.21
N TYR A 123 5.68 -62.07 -17.43
CA TYR A 123 4.41 -61.63 -17.98
C TYR A 123 3.25 -62.17 -17.13
N LEU A 124 3.31 -63.47 -16.82
CA LEU A 124 2.30 -64.12 -16.00
C LEU A 124 2.24 -63.48 -14.60
N ASP A 125 3.39 -63.10 -14.07
CA ASP A 125 3.45 -62.48 -12.74
C ASP A 125 2.78 -61.10 -12.72
N GLU A 126 2.96 -60.32 -13.78
CA GLU A 126 2.39 -58.99 -13.83
C GLU A 126 0.99 -58.91 -14.42
N ALA A 127 0.45 -60.05 -14.84
CA ALA A 127 -0.89 -60.07 -15.42
C ALA A 127 -1.98 -59.59 -14.46
N LEU A 128 -3.01 -58.96 -15.02
CA LEU A 128 -4.15 -58.46 -14.25
C LEU A 128 -5.41 -58.78 -15.05
N PRO A 129 -6.44 -59.33 -14.39
CA PRO A 129 -6.50 -59.67 -12.96
C PRO A 129 -5.47 -60.75 -12.61
N VAL A 130 -5.04 -60.78 -11.34
CA VAL A 130 -4.07 -61.77 -10.89
C VAL A 130 -4.54 -63.17 -11.28
N LEU A 131 -3.63 -63.98 -11.81
CA LEU A 131 -3.97 -65.33 -12.23
C LEU A 131 -4.07 -66.33 -11.07
N LYS A 132 -5.13 -67.13 -11.06
CA LYS A 132 -5.31 -68.13 -10.02
C LYS A 132 -4.29 -69.24 -10.31
N LYS A 133 -3.80 -69.90 -9.25
CA LYS A 133 -2.82 -70.96 -9.41
C LYS A 133 -3.16 -72.03 -10.44
N GLU A 134 -4.41 -72.46 -10.51
CA GLU A 134 -4.76 -73.51 -11.48
C GLU A 134 -5.04 -73.00 -12.90
N ILE A 135 -5.13 -71.69 -13.06
CA ILE A 135 -5.37 -71.11 -14.38
C ILE A 135 -4.07 -70.67 -15.05
N ARG A 136 -3.09 -70.28 -14.24
CA ARG A 136 -1.79 -69.83 -14.74
C ARG A 136 -1.17 -70.83 -15.73
N PRO A 137 -1.10 -72.13 -15.37
CA PRO A 137 -0.52 -73.10 -16.31
C PRO A 137 -1.33 -73.26 -17.59
N VAL A 138 -2.64 -72.99 -17.52
CA VAL A 138 -3.50 -73.10 -18.70
C VAL A 138 -3.16 -71.96 -19.66
N VAL A 139 -2.93 -70.79 -19.10
CA VAL A 139 -2.57 -69.63 -19.90
C VAL A 139 -1.21 -69.85 -20.54
N LYS A 140 -0.25 -70.30 -19.74
CA LYS A 140 1.09 -70.54 -20.24
C LYS A 140 1.10 -71.53 -21.41
N ASP A 141 0.37 -72.63 -21.31
CA ASP A 141 0.34 -73.61 -22.40
C ASP A 141 -0.30 -72.98 -23.64
N TYR A 142 -1.35 -72.19 -23.42
CA TYR A 142 -2.05 -71.51 -24.50
C TYR A 142 -1.09 -70.60 -25.27
N LEU A 143 -0.34 -69.79 -24.53
CA LEU A 143 0.61 -68.87 -25.17
C LEU A 143 1.67 -69.60 -25.98
N LEU A 144 2.20 -70.67 -25.41
CA LEU A 144 3.24 -71.43 -26.08
C LEU A 144 2.76 -72.23 -27.30
N SER A 145 1.44 -72.35 -27.47
CA SER A 145 0.90 -73.09 -28.61
C SER A 145 0.84 -72.26 -29.89
N PHE A 146 1.16 -70.98 -29.79
CA PHE A 146 1.13 -70.07 -30.94
C PHE A 146 2.52 -69.77 -31.50
N PRO A 147 2.59 -69.43 -32.80
CA PRO A 147 3.89 -69.11 -33.41
C PRO A 147 4.36 -67.86 -32.65
N THR A 148 5.67 -67.67 -32.54
CA THR A 148 6.19 -66.53 -31.77
C THR A 148 5.48 -65.17 -31.86
N VAL A 149 5.33 -64.62 -33.06
CA VAL A 149 4.71 -63.31 -33.19
C VAL A 149 3.26 -63.31 -32.73
N GLN A 150 2.51 -64.37 -33.03
CA GLN A 150 1.12 -64.43 -32.57
C GLN A 150 1.06 -64.56 -31.05
N MET A 151 2.05 -65.21 -30.44
CA MET A 151 2.07 -65.36 -29.00
C MET A 151 2.24 -63.98 -28.38
N VAL A 152 3.21 -63.23 -28.91
CA VAL A 152 3.47 -61.88 -28.43
C VAL A 152 2.18 -61.05 -28.53
N ARG A 153 1.47 -61.19 -29.64
CA ARG A 153 0.20 -60.47 -29.83
C ARG A 153 -0.87 -60.84 -28.81
N LYS A 154 -0.93 -62.12 -28.40
CA LYS A 154 -1.90 -62.52 -27.39
C LYS A 154 -1.51 -61.90 -26.04
N MET A 155 -0.21 -61.81 -25.78
CA MET A 155 0.26 -61.22 -24.54
C MET A 155 -0.17 -59.75 -24.49
N MET A 156 -0.13 -59.09 -25.64
CA MET A 156 -0.50 -57.68 -25.74
C MET A 156 -2.02 -57.47 -25.71
N SER A 157 -2.73 -58.36 -26.38
CA SER A 157 -4.18 -58.24 -26.47
C SER A 157 -4.95 -58.64 -25.22
N GLY A 158 -4.37 -59.50 -24.40
CA GLY A 158 -5.10 -59.97 -23.25
C GLY A 158 -5.80 -61.26 -23.68
N ILE A 159 -6.44 -61.96 -22.74
CA ILE A 159 -7.10 -63.22 -23.06
C ILE A 159 -8.54 -63.34 -22.56
N LEU A 160 -9.43 -63.75 -23.44
CA LEU A 160 -10.85 -63.92 -23.10
C LEU A 160 -11.05 -65.29 -22.45
N ALA A 161 -11.98 -65.36 -21.52
CA ALA A 161 -12.25 -66.63 -20.86
C ALA A 161 -12.70 -67.68 -21.88
N ASN A 162 -13.50 -67.26 -22.86
CA ASN A 162 -13.99 -68.17 -23.90
C ASN A 162 -12.84 -68.89 -24.58
N GLU A 163 -11.76 -68.16 -24.84
CA GLU A 163 -10.58 -68.72 -25.52
C GLU A 163 -10.01 -69.95 -24.80
N LEU A 164 -10.09 -69.95 -23.48
CA LEU A 164 -9.56 -71.05 -22.68
C LEU A 164 -10.64 -72.04 -22.26
N ASN A 165 -11.84 -71.88 -22.78
CA ASN A 165 -12.98 -72.75 -22.46
C ASN A 165 -13.32 -72.71 -20.98
N ILE A 166 -13.11 -71.56 -20.34
CA ILE A 166 -13.42 -71.37 -18.93
C ILE A 166 -14.72 -70.58 -18.81
N LYS A 167 -15.58 -70.99 -17.88
CA LYS A 167 -16.85 -70.31 -17.68
C LYS A 167 -16.82 -69.39 -16.47
N GLN A 168 -17.30 -68.17 -16.65
CA GLN A 168 -17.36 -67.17 -15.58
C GLN A 168 -18.00 -65.89 -16.14
N ASP A 169 -18.50 -65.02 -15.26
CA ASP A 169 -19.12 -63.79 -15.71
C ASP A 169 -18.09 -62.81 -16.28
N ASN A 170 -16.97 -62.60 -15.60
CA ASN A 170 -15.96 -61.68 -16.11
C ASN A 170 -15.49 -62.26 -17.45
N PRO A 171 -15.64 -61.50 -18.54
CA PRO A 171 -15.22 -62.02 -19.84
C PRO A 171 -13.72 -62.19 -20.07
N LEU A 172 -12.91 -61.54 -19.25
CA LEU A 172 -11.46 -61.60 -19.42
C LEU A 172 -10.64 -62.32 -18.34
N ILE A 173 -9.76 -63.21 -18.78
CA ILE A 173 -8.87 -63.92 -17.88
C ILE A 173 -7.71 -62.98 -17.61
N ILE A 174 -7.26 -62.29 -18.66
CA ILE A 174 -6.20 -61.31 -18.55
C ILE A 174 -6.60 -60.08 -19.37
N ASP A 175 -6.50 -58.90 -18.78
CA ASP A 175 -6.84 -57.66 -19.47
C ASP A 175 -5.84 -57.38 -20.59
N GLY A 176 -6.31 -56.66 -21.61
CA GLY A 176 -5.44 -56.28 -22.70
C GLY A 176 -4.77 -54.99 -22.29
N MET A 177 -3.84 -54.50 -23.12
CA MET A 177 -3.14 -53.24 -22.84
C MET A 177 -3.47 -52.30 -24.00
N PRO A 178 -4.66 -51.69 -23.94
CA PRO A 178 -5.15 -50.77 -24.98
C PRO A 178 -4.25 -49.59 -25.33
N ASN A 179 -3.42 -49.15 -24.40
CA ASN A 179 -2.54 -48.02 -24.65
C ASN A 179 -1.22 -48.38 -25.36
N LEU A 180 -1.05 -49.65 -25.73
CA LEU A 180 0.18 -50.06 -26.40
C LEU A 180 0.48 -49.29 -27.68
N TYR A 181 -0.55 -48.88 -28.43
CA TYR A 181 -0.26 -48.16 -29.66
C TYR A 181 0.37 -46.79 -29.41
N PHE A 182 0.39 -46.36 -28.14
CA PHE A 182 1.05 -45.10 -27.77
C PHE A 182 2.50 -45.46 -27.40
N THR A 183 3.34 -45.77 -28.39
CA THR A 183 4.72 -46.15 -28.13
C THR A 183 5.62 -45.03 -27.59
N ARG A 184 5.03 -43.85 -27.39
CA ARG A 184 5.76 -42.71 -26.84
C ARG A 184 5.95 -42.86 -25.33
N ASP A 185 5.17 -43.72 -24.70
CA ASP A 185 5.22 -43.87 -23.25
C ASP A 185 6.18 -44.85 -22.54
N PRO A 186 6.21 -46.14 -22.95
CA PRO A 186 7.10 -47.09 -22.28
C PRO A 186 8.57 -46.67 -22.17
N PHE A 187 9.10 -46.04 -23.23
CA PHE A 187 10.48 -45.57 -23.19
C PHE A 187 10.65 -44.44 -24.18
N ALA A 188 11.62 -43.57 -23.95
CA ALA A 188 11.85 -42.45 -24.84
C ALA A 188 13.31 -42.41 -25.23
N SER A 189 13.58 -42.33 -26.53
CA SER A 189 14.95 -42.25 -27.01
C SER A 189 15.50 -40.93 -26.50
N MET A 190 16.79 -40.92 -26.17
CA MET A 190 17.41 -39.74 -25.60
C MET A 190 18.87 -39.70 -26.05
N GLY A 191 19.13 -39.05 -27.18
CA GLY A 191 20.49 -38.99 -27.69
C GLY A 191 20.98 -40.37 -28.10
N ASN A 192 21.99 -40.87 -27.38
CA ASN A 192 22.53 -42.19 -27.69
C ASN A 192 22.01 -43.24 -26.72
N GLY A 193 21.16 -42.81 -25.78
CA GLY A 193 20.61 -43.73 -24.80
C GLY A 193 19.09 -43.68 -24.74
N VAL A 194 18.51 -44.31 -23.72
CA VAL A 194 17.07 -44.31 -23.57
C VAL A 194 16.64 -44.11 -22.13
N SER A 195 15.38 -43.75 -21.96
CA SER A 195 14.81 -43.56 -20.64
C SER A 195 13.62 -44.49 -20.59
N ILE A 196 13.75 -45.60 -19.88
CA ILE A 196 12.65 -46.54 -19.74
C ILE A 196 11.85 -45.94 -18.59
N ASN A 197 10.73 -45.34 -18.96
CA ASN A 197 9.86 -44.62 -18.05
C ASN A 197 9.11 -45.36 -16.96
N CYS A 198 8.80 -44.60 -15.90
CA CYS A 198 8.08 -45.11 -14.73
C CYS A 198 6.63 -44.63 -14.86
N MET A 199 5.77 -45.47 -15.44
CA MET A 199 4.36 -45.14 -15.63
C MET A 199 3.71 -44.96 -14.26
N LYS A 200 2.53 -44.35 -14.22
CA LYS A 200 1.85 -44.11 -12.95
C LYS A 200 1.01 -45.27 -12.42
N TYR A 201 0.05 -45.72 -13.22
CA TYR A 201 -0.82 -46.81 -12.77
C TYR A 201 -0.40 -48.18 -13.29
N PRO A 202 -0.51 -49.22 -12.44
CA PRO A 202 -0.16 -50.61 -12.76
C PRO A 202 -0.69 -51.10 -14.11
N THR A 203 -1.88 -50.67 -14.50
CA THR A 203 -2.45 -51.08 -15.77
C THR A 203 -1.50 -50.78 -16.92
N ARG A 204 -0.81 -49.65 -16.84
CA ARG A 204 0.10 -49.24 -17.88
C ARG A 204 1.56 -49.66 -17.66
N LYS A 205 1.91 -49.98 -16.42
CA LYS A 205 3.26 -50.42 -16.12
C LYS A 205 3.52 -51.79 -16.75
N ARG A 206 2.45 -52.51 -17.07
CA ARG A 206 2.56 -53.82 -17.70
C ARG A 206 3.11 -53.72 -19.13
N GLU A 207 2.97 -52.54 -19.74
CA GLU A 207 3.42 -52.31 -21.10
C GLU A 207 4.94 -52.28 -21.28
N VAL A 208 5.65 -51.94 -20.21
CA VAL A 208 7.10 -51.83 -20.27
C VAL A 208 7.83 -53.15 -20.52
N ILE A 209 7.25 -54.26 -20.09
CA ILE A 209 7.91 -55.55 -20.27
C ILE A 209 8.42 -55.81 -21.70
N PHE A 210 7.64 -55.39 -22.70
CA PHE A 210 8.03 -55.64 -24.09
C PHE A 210 9.31 -54.95 -24.56
N SER A 211 9.31 -53.62 -24.55
CA SER A 211 10.49 -52.89 -24.99
C SER A 211 11.69 -53.13 -24.08
N ARG A 212 11.45 -53.32 -22.78
CA ARG A 212 12.55 -53.58 -21.86
C ARG A 212 13.23 -54.93 -22.20
N PHE A 213 12.43 -55.88 -22.65
CA PHE A 213 12.94 -57.19 -23.03
C PHE A 213 13.89 -57.02 -24.22
N VAL A 214 13.52 -56.11 -25.12
CA VAL A 214 14.30 -55.79 -26.30
C VAL A 214 15.61 -55.10 -25.93
N PHE A 215 15.53 -54.14 -25.02
CA PHE A 215 16.75 -53.44 -24.61
C PHE A 215 17.66 -54.27 -23.72
N THR A 216 17.15 -55.39 -23.24
CA THR A 216 17.93 -56.25 -22.38
C THR A 216 18.59 -57.40 -23.18
N ASN A 217 17.91 -57.91 -24.20
CA ASN A 217 18.45 -59.05 -24.93
C ASN A 217 18.77 -58.88 -26.42
N ASN A 218 18.13 -57.95 -27.11
CA ASN A 218 18.43 -57.80 -28.53
C ASN A 218 19.82 -57.21 -28.72
N PRO A 219 20.71 -57.93 -29.43
CA PRO A 219 22.08 -57.48 -29.68
C PRO A 219 22.20 -56.07 -30.28
N LYS A 220 21.20 -55.65 -31.04
CA LYS A 220 21.24 -54.32 -31.65
C LYS A 220 20.94 -53.19 -30.64
N TYR A 221 20.29 -53.51 -29.52
CA TYR A 221 19.94 -52.51 -28.52
C TYR A 221 20.47 -52.78 -27.12
N LYS A 222 20.89 -54.03 -26.91
CA LYS A 222 21.43 -54.50 -25.63
C LYS A 222 22.40 -53.52 -24.95
N ASN A 223 23.26 -52.89 -25.74
CA ASN A 223 24.25 -51.98 -25.18
C ASN A 223 23.86 -50.51 -25.13
N THR A 224 22.59 -50.23 -25.36
CA THR A 224 22.10 -48.86 -25.31
C THR A 224 22.14 -48.44 -23.85
N PRO A 225 22.78 -47.31 -23.53
CA PRO A 225 22.84 -46.86 -22.14
C PRO A 225 21.47 -46.37 -21.65
N ARG A 226 21.10 -46.75 -20.43
CA ARG A 226 19.83 -46.35 -19.88
C ARG A 226 19.98 -45.15 -18.94
N TYR A 227 19.61 -43.97 -19.42
CA TYR A 227 19.71 -42.77 -18.60
C TYR A 227 18.63 -42.77 -17.54
N PHE A 228 17.71 -43.73 -17.64
CA PHE A 228 16.67 -43.91 -16.64
C PHE A 228 16.08 -45.29 -16.84
N ASP A 229 15.74 -45.94 -15.73
CA ASP A 229 15.14 -47.27 -15.78
C ASP A 229 14.26 -47.42 -14.57
N ILE A 230 13.41 -48.43 -14.57
CA ILE A 230 12.49 -48.64 -13.47
C ILE A 230 13.10 -49.35 -12.27
N VAL A 231 14.43 -49.48 -12.26
CA VAL A 231 15.06 -50.19 -11.16
C VAL A 231 16.17 -49.50 -10.34
N GLY A 232 17.13 -48.86 -10.98
CA GLY A 232 18.20 -48.26 -10.18
C GLY A 232 18.29 -46.76 -10.12
N ASN A 233 17.14 -46.09 -10.02
CA ASN A 233 17.11 -44.64 -9.98
C ASN A 233 16.05 -44.13 -9.02
N ASN A 234 15.86 -42.82 -8.99
CA ASN A 234 14.87 -42.21 -8.10
C ASN A 234 13.86 -41.37 -8.87
N GLY A 235 12.66 -41.23 -8.31
CA GLY A 235 11.64 -40.42 -8.93
C GLY A 235 10.81 -41.10 -10.01
N THR A 236 10.04 -40.28 -10.73
CA THR A 236 9.20 -40.78 -11.79
C THR A 236 9.39 -39.87 -13.00
N ILE A 237 9.14 -40.42 -14.19
CA ILE A 237 9.28 -39.67 -15.42
C ILE A 237 8.44 -40.34 -16.51
N GLU A 238 7.80 -39.54 -17.37
CA GLU A 238 6.99 -40.09 -18.45
C GLU A 238 7.37 -39.53 -19.82
N GLY A 239 7.16 -40.34 -20.87
CA GLY A 239 7.51 -39.92 -22.21
C GLY A 239 7.00 -38.56 -22.67
N GLY A 240 5.80 -38.19 -22.26
CA GLY A 240 5.24 -36.91 -22.66
C GLY A 240 6.06 -35.68 -22.25
N ASP A 241 6.88 -35.82 -21.22
CA ASP A 241 7.69 -34.69 -20.75
C ASP A 241 9.09 -34.62 -21.36
N ILE A 242 9.46 -35.62 -22.16
CA ILE A 242 10.80 -35.63 -22.75
C ILE A 242 10.94 -35.11 -24.19
N PHE A 243 11.79 -34.09 -24.36
CA PHE A 243 12.06 -33.51 -25.67
C PHE A 243 13.57 -33.34 -25.89
N ILE A 244 14.01 -33.55 -27.11
CA ILE A 244 15.41 -33.39 -27.46
C ILE A 244 15.48 -32.27 -28.49
N TYR A 245 15.89 -31.08 -28.07
CA TYR A 245 15.96 -29.96 -29.00
C TYR A 245 17.15 -29.97 -29.96
N ASN A 246 18.32 -30.38 -29.47
CA ASN A 246 19.50 -30.44 -30.32
C ASN A 246 20.60 -31.30 -29.69
N SER A 247 21.74 -31.40 -30.38
CA SER A 247 22.87 -32.21 -29.92
C SER A 247 23.31 -31.94 -28.49
N LYS A 248 23.12 -30.72 -28.03
CA LYS A 248 23.57 -30.37 -26.69
C LYS A 248 22.49 -30.14 -25.65
N THR A 249 21.26 -29.92 -26.11
CA THR A 249 20.19 -29.60 -25.19
C THR A 249 19.02 -30.57 -25.10
N LEU A 250 18.73 -30.98 -23.87
CA LEU A 250 17.63 -31.88 -23.55
C LEU A 250 16.62 -31.01 -22.81
N VAL A 251 15.34 -31.12 -23.17
CA VAL A 251 14.29 -30.34 -22.51
C VAL A 251 13.26 -31.27 -21.86
N ILE A 252 13.16 -31.20 -20.53
CA ILE A 252 12.24 -32.06 -19.79
C ILE A 252 11.24 -31.25 -18.98
N GLY A 253 10.00 -31.70 -18.96
CA GLY A 253 8.99 -30.99 -18.20
C GLY A 253 8.91 -31.48 -16.76
N ASN A 254 8.80 -30.54 -15.83
CA ASN A 254 8.66 -30.88 -14.41
C ASN A 254 7.15 -30.80 -14.20
N SER A 255 6.49 -31.95 -14.30
CA SER A 255 5.05 -31.99 -14.16
C SER A 255 4.64 -32.84 -12.98
N GLU A 256 3.36 -33.20 -13.01
CA GLU A 256 2.75 -34.05 -12.00
C GLU A 256 3.24 -35.49 -12.20
N ARG A 257 3.81 -35.76 -13.38
CA ARG A 257 4.30 -37.12 -13.68
C ARG A 257 5.82 -37.24 -13.72
N THR A 258 6.53 -36.13 -13.78
CA THR A 258 7.99 -36.16 -13.83
C THR A 258 8.56 -35.17 -12.82
N ASN A 259 9.29 -35.70 -11.83
CA ASN A 259 9.85 -34.88 -10.77
C ASN A 259 11.37 -34.68 -10.81
N PHE A 260 11.85 -33.73 -10.00
CA PHE A 260 13.26 -33.41 -9.95
C PHE A 260 14.15 -34.62 -9.70
N ALA A 261 13.67 -35.55 -8.87
CA ALA A 261 14.45 -36.75 -8.54
C ALA A 261 14.79 -37.56 -9.79
N ALA A 262 13.82 -37.74 -10.68
CA ALA A 262 14.07 -38.50 -11.89
C ALA A 262 15.01 -37.72 -12.82
N ILE A 263 14.81 -36.40 -12.91
CA ILE A 263 15.63 -35.57 -13.76
C ILE A 263 17.08 -35.57 -13.29
N GLU A 264 17.29 -35.61 -11.98
CA GLU A 264 18.63 -35.65 -11.43
C GLU A 264 19.28 -36.98 -11.78
N SER A 265 18.52 -38.07 -11.66
CA SER A 265 19.06 -39.39 -12.01
C SER A 265 19.52 -39.37 -13.48
N VAL A 266 18.67 -38.82 -14.35
CA VAL A 266 19.00 -38.73 -15.77
C VAL A 266 20.28 -37.92 -15.98
N ALA A 267 20.37 -36.77 -15.30
CA ALA A 267 21.54 -35.92 -15.43
C ALA A 267 22.84 -36.66 -15.06
N LYS A 268 22.84 -37.34 -13.91
CA LYS A 268 24.01 -38.07 -13.47
C LYS A 268 24.36 -39.22 -14.41
N ASN A 269 23.35 -39.96 -14.87
CA ASN A 269 23.60 -41.07 -15.77
C ASN A 269 24.22 -40.57 -17.08
N ILE A 270 23.83 -39.37 -17.51
CA ILE A 270 24.37 -38.80 -18.73
C ILE A 270 25.83 -38.38 -18.53
N GLN A 271 26.14 -37.80 -17.36
CA GLN A 271 27.50 -37.37 -17.07
C GLN A 271 28.45 -38.56 -17.07
N ALA A 272 27.95 -39.71 -16.66
CA ALA A 272 28.77 -40.92 -16.61
C ALA A 272 29.00 -41.58 -17.98
N ASN A 273 28.34 -41.08 -19.03
CA ASN A 273 28.50 -41.65 -20.37
C ASN A 273 29.41 -40.76 -21.21
N LYS A 274 30.44 -41.35 -21.79
CA LYS A 274 31.42 -40.62 -22.58
C LYS A 274 31.00 -40.17 -23.97
N ASP A 275 30.24 -41.01 -24.68
CA ASP A 275 29.81 -40.67 -26.04
C ASP A 275 28.70 -39.63 -26.16
N CYS A 276 27.82 -39.57 -25.17
CA CYS A 276 26.71 -38.62 -25.20
C CYS A 276 27.20 -37.19 -25.40
N THR A 277 26.53 -36.45 -26.28
CA THR A 277 26.90 -35.08 -26.55
C THR A 277 26.12 -34.03 -25.77
N PHE A 278 25.13 -34.46 -24.99
CA PHE A 278 24.32 -33.53 -24.22
C PHE A 278 25.19 -32.77 -23.21
N GLU A 279 24.96 -31.47 -23.08
CA GLU A 279 25.72 -30.65 -22.15
C GLU A 279 24.81 -29.83 -21.28
N ARG A 280 23.53 -29.84 -21.61
CA ARG A 280 22.59 -29.02 -20.88
C ARG A 280 21.17 -29.60 -20.83
N ILE A 281 20.49 -29.36 -19.72
CA ILE A 281 19.11 -29.80 -19.57
C ILE A 281 18.29 -28.59 -19.14
N VAL A 282 17.21 -28.33 -19.86
CA VAL A 282 16.34 -27.23 -19.51
C VAL A 282 15.06 -27.86 -18.98
N VAL A 283 14.76 -27.59 -17.72
CA VAL A 283 13.56 -28.12 -17.09
C VAL A 283 12.49 -27.05 -17.11
N ILE A 284 11.31 -27.39 -17.62
CA ILE A 284 10.20 -26.45 -17.68
C ILE A 284 9.13 -26.88 -16.69
N ASN A 285 8.75 -25.96 -15.81
CA ASN A 285 7.72 -26.24 -14.82
C ASN A 285 6.36 -26.31 -15.51
N VAL A 286 5.69 -27.44 -15.31
CA VAL A 286 4.40 -27.68 -15.93
C VAL A 286 3.36 -28.13 -14.92
N PRO A 287 2.71 -27.17 -14.23
CA PRO A 287 1.69 -27.52 -13.24
C PRO A 287 0.40 -27.90 -13.99
N PRO A 288 -0.54 -28.61 -13.31
CA PRO A 288 -1.78 -29.01 -13.95
C PRO A 288 -2.58 -27.81 -14.45
N MET A 289 -3.13 -27.92 -15.64
CA MET A 289 -3.93 -26.85 -16.23
C MET A 289 -5.11 -27.51 -16.92
N PRO A 290 -6.22 -26.77 -17.09
CA PRO A 290 -7.39 -27.37 -17.76
C PRO A 290 -7.08 -27.92 -19.15
N ASN A 291 -7.52 -29.15 -19.40
CA ASN A 291 -7.36 -29.82 -20.69
C ASN A 291 -5.92 -30.06 -21.17
N LEU A 292 -4.94 -29.87 -20.28
CA LEU A 292 -3.55 -30.08 -20.63
C LEU A 292 -2.98 -31.13 -19.68
N MET A 293 -1.76 -31.59 -19.95
CA MET A 293 -1.12 -32.60 -19.10
C MET A 293 0.41 -32.47 -19.10
N HIS A 294 1.13 -33.30 -19.88
CA HIS A 294 2.59 -33.21 -19.90
C HIS A 294 3.05 -32.00 -20.70
N LEU A 295 4.36 -31.81 -20.78
CA LEU A 295 4.93 -30.68 -21.51
C LEU A 295 4.51 -30.70 -22.98
N ASP A 296 4.32 -31.89 -23.54
CA ASP A 296 3.93 -32.03 -24.94
C ASP A 296 2.58 -31.37 -25.29
N THR A 297 1.65 -31.33 -24.35
CA THR A 297 0.34 -30.71 -24.60
C THR A 297 0.49 -29.19 -24.56
N TRP A 298 1.61 -28.74 -24.00
CA TRP A 298 1.91 -27.32 -23.90
C TRP A 298 2.74 -26.82 -25.09
N LEU A 299 3.69 -27.63 -25.53
CA LEU A 299 4.62 -27.18 -26.57
C LEU A 299 5.34 -28.30 -27.33
N THR A 300 5.41 -28.15 -28.66
CA THR A 300 6.11 -29.12 -29.50
C THR A 300 6.96 -28.36 -30.51
N MET A 301 8.04 -28.98 -30.97
CA MET A 301 8.95 -28.37 -31.94
C MET A 301 8.75 -29.00 -33.32
N LEU A 302 8.51 -28.17 -34.33
CA LEU A 302 8.25 -28.66 -35.69
C LEU A 302 9.29 -28.31 -36.75
N ASP A 303 10.18 -27.37 -36.44
CA ASP A 303 11.22 -26.95 -37.37
C ASP A 303 12.34 -26.34 -36.52
N TYR A 304 13.44 -25.92 -37.14
CA TYR A 304 14.54 -25.34 -36.37
C TYR A 304 14.08 -24.16 -35.51
N ASP A 305 13.11 -23.41 -36.00
CA ASP A 305 12.62 -22.23 -35.30
C ASP A 305 11.09 -22.11 -35.24
N LYS A 306 10.38 -23.22 -35.43
CA LYS A 306 8.93 -23.20 -35.40
C LYS A 306 8.37 -24.10 -34.30
N PHE A 307 7.40 -23.57 -33.56
CA PHE A 307 6.81 -24.30 -32.46
C PHE A 307 5.30 -24.15 -32.41
N LEU A 308 4.64 -25.20 -31.90
CA LEU A 308 3.20 -25.22 -31.76
C LEU A 308 2.97 -25.15 -30.25
N TYR A 309 2.07 -24.29 -29.79
CA TYR A 309 1.83 -24.18 -28.36
C TYR A 309 0.37 -24.00 -28.01
N SER A 310 0.05 -24.28 -26.76
CA SER A 310 -1.32 -24.12 -26.28
C SER A 310 -1.59 -22.67 -25.89
N PRO A 311 -2.62 -22.06 -26.47
CA PRO A 311 -2.92 -20.67 -26.12
C PRO A 311 -3.39 -20.55 -24.67
N ASN A 312 -3.65 -21.69 -24.04
CA ASN A 312 -4.10 -21.68 -22.64
C ASN A 312 -3.05 -22.11 -21.62
N MET A 313 -1.77 -21.96 -21.95
CA MET A 313 -0.70 -22.31 -21.02
C MET A 313 -0.44 -21.05 -20.19
N MET A 314 0.53 -21.11 -19.28
CA MET A 314 0.85 -19.95 -18.45
C MET A 314 1.71 -18.95 -19.21
N ASN A 315 1.65 -17.67 -18.83
CA ASN A 315 2.39 -16.63 -19.55
C ASN A 315 3.88 -16.62 -19.27
N VAL A 316 4.27 -16.47 -18.01
CA VAL A 316 5.69 -16.46 -17.68
C VAL A 316 6.08 -17.83 -17.17
N LEU A 317 7.05 -18.46 -17.83
CA LEU A 317 7.47 -19.79 -17.44
C LEU A 317 8.54 -19.83 -16.34
N LYS A 318 8.48 -20.89 -15.54
CA LYS A 318 9.43 -21.13 -14.48
C LYS A 318 10.35 -22.22 -15.04
N ILE A 319 11.63 -21.91 -15.16
CA ILE A 319 12.61 -22.83 -15.72
C ILE A 319 13.76 -23.14 -14.76
N TRP A 320 14.46 -24.24 -15.06
CA TRP A 320 15.62 -24.66 -14.28
C TRP A 320 16.71 -25.07 -15.28
N GLU A 321 17.87 -24.44 -15.17
CA GLU A 321 19.00 -24.73 -16.05
C GLU A 321 19.97 -25.66 -15.35
N ILE A 322 20.34 -26.76 -16.03
CA ILE A 322 21.27 -27.71 -15.47
C ILE A 322 22.47 -27.85 -16.39
N ASP A 323 23.63 -27.42 -15.89
CA ASP A 323 24.88 -27.50 -16.63
C ASP A 323 25.46 -28.89 -16.37
N LEU A 324 25.43 -29.74 -17.39
CA LEU A 324 25.93 -31.10 -17.23
C LEU A 324 27.44 -31.20 -17.13
N ASN A 325 28.15 -30.13 -17.49
CA ASN A 325 29.62 -30.14 -17.41
C ASN A 325 30.11 -29.91 -16.00
N VAL A 326 29.20 -29.60 -15.08
CA VAL A 326 29.58 -29.32 -13.70
C VAL A 326 29.02 -30.29 -12.68
N LYS A 327 29.87 -30.65 -11.71
CA LYS A 327 29.48 -31.54 -10.62
C LYS A 327 29.68 -30.83 -9.28
N PRO A 328 28.76 -31.02 -8.34
CA PRO A 328 27.57 -31.86 -8.52
C PRO A 328 26.53 -31.13 -9.36
N VAL A 329 25.55 -31.88 -9.87
CA VAL A 329 24.50 -31.30 -10.67
C VAL A 329 23.66 -30.35 -9.84
N LYS A 330 23.34 -29.18 -10.40
CA LYS A 330 22.54 -28.19 -9.69
C LYS A 330 21.50 -27.52 -10.58
N PHE A 331 20.29 -27.42 -10.06
CA PHE A 331 19.18 -26.79 -10.77
C PHE A 331 19.19 -25.28 -10.55
N VAL A 332 19.48 -24.50 -11.60
CA VAL A 332 19.51 -23.06 -11.45
C VAL A 332 18.18 -22.47 -11.92
N GLU A 333 17.36 -22.03 -10.99
CA GLU A 333 16.06 -21.47 -11.34
C GLU A 333 16.15 -20.17 -12.15
N LYS A 334 15.24 -20.05 -13.13
CA LYS A 334 15.18 -18.88 -14.00
C LYS A 334 13.71 -18.66 -14.39
N LYS A 335 13.43 -17.53 -15.02
CA LYS A 335 12.07 -17.21 -15.47
C LYS A 335 12.08 -16.50 -16.82
N GLY A 336 10.95 -16.56 -17.52
CA GLY A 336 10.85 -15.91 -18.82
C GLY A 336 9.64 -16.32 -19.65
N THR A 337 9.31 -15.52 -20.64
CA THR A 337 8.19 -15.84 -21.51
C THR A 337 8.61 -17.03 -22.37
N LEU A 338 7.64 -17.63 -23.04
CA LEU A 338 7.93 -18.77 -23.92
C LEU A 338 8.98 -18.34 -24.94
N GLU A 339 8.82 -17.14 -25.48
CA GLU A 339 9.76 -16.64 -26.48
C GLU A 339 11.19 -16.55 -25.93
N GLU A 340 11.34 -15.95 -24.76
CA GLU A 340 12.65 -15.80 -24.12
C GLU A 340 13.31 -17.15 -23.83
N VAL A 341 12.53 -18.08 -23.28
CA VAL A 341 13.05 -19.41 -22.98
C VAL A 341 13.53 -20.10 -24.26
N LEU A 342 12.69 -20.06 -25.30
CA LEU A 342 13.04 -20.69 -26.56
C LEU A 342 14.28 -20.03 -27.17
N TYR A 343 14.31 -18.71 -27.13
CA TYR A 343 15.44 -17.96 -27.69
C TYR A 343 16.75 -18.40 -27.05
N SER A 344 16.72 -18.62 -25.74
CA SER A 344 17.91 -19.04 -25.02
C SER A 344 18.40 -20.44 -25.39
N ILE A 345 17.63 -21.16 -26.20
CA ILE A 345 18.01 -22.50 -26.61
C ILE A 345 18.41 -22.58 -28.07
N ILE A 346 17.58 -22.04 -28.96
CA ILE A 346 17.88 -22.10 -30.39
C ILE A 346 18.69 -20.89 -30.86
N ASP A 347 18.79 -19.88 -30.01
CA ASP A 347 19.55 -18.66 -30.29
C ASP A 347 19.13 -17.94 -31.59
N LYS A 348 17.83 -17.73 -31.73
CA LYS A 348 17.25 -17.05 -32.88
C LYS A 348 15.77 -16.85 -32.54
N LYS A 349 15.12 -15.90 -33.21
CA LYS A 349 13.71 -15.64 -32.92
C LYS A 349 12.82 -16.83 -33.22
N PRO A 350 12.08 -17.31 -32.20
CA PRO A 350 11.19 -18.45 -32.39
C PRO A 350 9.87 -18.02 -33.00
N ILE A 351 9.32 -18.87 -33.87
CA ILE A 351 8.03 -18.61 -34.51
C ILE A 351 7.04 -19.44 -33.71
N LEU A 352 6.10 -18.77 -33.05
CA LEU A 352 5.13 -19.44 -32.20
C LEU A 352 3.75 -19.52 -32.82
N ILE A 353 3.27 -20.75 -33.00
CA ILE A 353 1.97 -21.01 -33.61
C ILE A 353 1.02 -21.62 -32.58
N PRO A 354 -0.07 -20.90 -32.26
CA PRO A 354 -1.05 -21.38 -31.29
C PRO A 354 -2.04 -22.39 -31.87
N ILE A 355 -2.51 -23.30 -31.02
CA ILE A 355 -3.48 -24.31 -31.43
C ILE A 355 -4.70 -23.59 -32.01
N ALA A 356 -5.17 -24.06 -33.16
CA ALA A 356 -6.32 -23.50 -33.87
C ALA A 356 -6.05 -22.16 -34.58
N GLY A 357 -4.80 -21.69 -34.51
CA GLY A 357 -4.44 -20.45 -35.18
C GLY A 357 -4.80 -19.16 -34.47
N LYS A 358 -4.15 -18.08 -34.86
CA LYS A 358 -4.40 -16.78 -34.25
C LYS A 358 -5.81 -16.29 -34.51
N GLY A 359 -6.43 -15.71 -33.49
CA GLY A 359 -7.78 -15.21 -33.65
C GLY A 359 -8.89 -16.25 -33.55
N ALA A 360 -8.55 -17.51 -33.30
CA ALA A 360 -9.57 -18.55 -33.20
C ALA A 360 -10.45 -18.33 -31.97
N ASN A 361 -11.72 -18.74 -32.05
CA ASN A 361 -12.60 -18.60 -30.90
C ASN A 361 -12.33 -19.73 -29.92
N GLN A 362 -12.83 -19.62 -28.69
CA GLN A 362 -12.56 -20.63 -27.68
C GLN A 362 -13.11 -22.03 -28.01
N LEU A 363 -14.16 -22.07 -28.83
CA LEU A 363 -14.75 -23.34 -29.20
C LEU A 363 -13.75 -24.16 -30.02
N ASP A 364 -13.17 -23.55 -31.05
CA ASP A 364 -12.21 -24.24 -31.89
C ASP A 364 -10.95 -24.62 -31.11
N ILE A 365 -10.52 -23.73 -30.22
CA ILE A 365 -9.36 -23.99 -29.41
C ILE A 365 -9.65 -25.23 -28.53
N ASP A 366 -10.79 -25.22 -27.87
CA ASP A 366 -11.15 -26.35 -27.00
C ASP A 366 -11.22 -27.68 -27.74
N ILE A 367 -11.87 -27.68 -28.90
CA ILE A 367 -12.00 -28.91 -29.68
C ILE A 367 -10.66 -29.43 -30.17
N GLU A 368 -9.84 -28.57 -30.74
CA GLU A 368 -8.57 -29.03 -31.25
C GLU A 368 -7.55 -29.34 -30.15
N THR A 369 -7.78 -28.82 -28.96
CA THR A 369 -6.90 -29.12 -27.83
C THR A 369 -7.32 -30.52 -27.38
N HIS A 370 -8.64 -30.72 -27.34
CA HIS A 370 -9.23 -31.99 -26.93
C HIS A 370 -8.65 -33.11 -27.79
N PHE A 371 -8.52 -32.87 -29.09
CA PHE A 371 -7.98 -33.89 -29.98
C PHE A 371 -6.46 -33.86 -30.15
N ASP A 372 -5.77 -33.41 -29.10
CA ASP A 372 -4.31 -33.42 -29.06
C ASP A 372 -3.62 -32.66 -30.21
N GLY A 373 -4.10 -31.46 -30.50
CA GLY A 373 -3.54 -30.68 -31.59
C GLY A 373 -2.06 -30.35 -31.65
N THR A 374 -1.36 -30.31 -30.53
CA THR A 374 0.07 -29.98 -30.58
C THR A 374 0.92 -31.17 -30.94
N ASN A 375 0.41 -32.37 -30.69
CA ASN A 375 1.21 -33.57 -30.91
C ASN A 375 1.39 -34.13 -32.31
N TYR A 376 1.83 -33.28 -33.22
CA TYR A 376 2.13 -33.70 -34.57
C TYR A 376 3.49 -34.39 -34.46
N LEU A 377 3.76 -35.34 -35.34
CA LEU A 377 5.06 -36.00 -35.36
C LEU A 377 5.85 -35.32 -36.46
N THR A 378 7.05 -34.84 -36.16
CA THR A 378 7.87 -34.20 -37.17
C THR A 378 8.78 -35.28 -37.79
N ILE A 379 8.74 -35.45 -39.10
CA ILE A 379 9.56 -36.47 -39.75
C ILE A 379 10.76 -35.89 -40.49
N ALA A 380 10.80 -34.57 -40.60
CA ALA A 380 11.88 -33.85 -41.25
C ALA A 380 11.63 -32.37 -40.90
N PRO A 381 12.69 -31.56 -40.89
CA PRO A 381 12.51 -30.15 -40.56
C PRO A 381 11.39 -29.49 -41.35
N GLY A 382 10.32 -29.10 -40.66
CA GLY A 382 9.23 -28.43 -41.34
C GLY A 382 8.23 -29.37 -42.03
N VAL A 383 8.31 -30.66 -41.72
CA VAL A 383 7.36 -31.60 -42.32
C VAL A 383 6.74 -32.41 -41.18
N VAL A 384 5.42 -32.31 -41.01
CA VAL A 384 4.74 -33.01 -39.93
C VAL A 384 3.61 -33.95 -40.34
N VAL A 385 3.24 -34.85 -39.43
CA VAL A 385 2.16 -35.83 -39.62
C VAL A 385 1.17 -35.73 -38.47
N GLY A 386 -0.12 -35.64 -38.80
CA GLY A 386 -1.15 -35.53 -37.78
C GLY A 386 -2.57 -35.79 -38.30
N TYR A 387 -3.56 -35.64 -37.43
CA TYR A 387 -4.97 -35.87 -37.77
C TYR A 387 -5.53 -34.77 -38.64
N GLU A 388 -6.32 -35.17 -39.63
CA GLU A 388 -6.89 -34.18 -40.53
C GLU A 388 -8.05 -33.39 -39.88
N ARG A 389 -8.67 -33.94 -38.85
CA ARG A 389 -9.78 -33.26 -38.20
C ARG A 389 -9.41 -31.92 -37.54
N ASN A 390 -8.13 -31.74 -37.22
CA ASN A 390 -7.68 -30.51 -36.59
C ASN A 390 -7.33 -29.49 -37.67
N GLU A 391 -8.36 -29.10 -38.41
CA GLU A 391 -8.25 -28.17 -39.54
C GLU A 391 -7.71 -26.77 -39.27
N LYS A 392 -8.11 -26.15 -38.18
CA LYS A 392 -7.64 -24.80 -37.88
C LYS A 392 -6.14 -24.81 -37.58
N THR A 393 -5.71 -25.81 -36.82
CA THR A 393 -4.30 -25.91 -36.49
C THR A 393 -3.52 -26.24 -37.76
N GLN A 394 -4.09 -27.13 -38.58
CA GLN A 394 -3.44 -27.51 -39.84
C GLN A 394 -3.24 -26.27 -40.71
N LYS A 395 -4.29 -25.47 -40.83
CA LYS A 395 -4.22 -24.27 -41.65
C LYS A 395 -3.15 -23.31 -41.16
N ALA A 396 -3.06 -23.13 -39.85
CA ALA A 396 -2.07 -22.22 -39.29
C ALA A 396 -0.65 -22.75 -39.59
N LEU A 397 -0.49 -24.07 -39.54
CA LEU A 397 0.80 -24.67 -39.81
C LEU A 397 1.27 -24.45 -41.25
N VAL A 398 0.39 -24.66 -42.23
CA VAL A 398 0.78 -24.47 -43.61
C VAL A 398 1.04 -22.99 -43.92
N GLU A 399 0.28 -22.10 -43.29
CA GLU A 399 0.48 -20.68 -43.52
C GLU A 399 1.85 -20.24 -42.98
N ALA A 400 2.36 -20.98 -41.99
CA ALA A 400 3.66 -20.66 -41.42
C ALA A 400 4.79 -21.33 -42.20
N GLY A 401 4.44 -21.99 -43.31
CA GLY A 401 5.46 -22.65 -44.13
C GLY A 401 5.77 -24.10 -43.82
N ILE A 402 4.97 -24.71 -42.94
CA ILE A 402 5.17 -26.12 -42.59
C ILE A 402 4.36 -27.02 -43.54
N LYS A 403 4.96 -28.13 -43.95
CA LYS A 403 4.30 -29.08 -44.83
C LYS A 403 3.57 -30.09 -43.95
N VAL A 404 2.27 -30.24 -44.16
CA VAL A 404 1.50 -31.18 -43.35
C VAL A 404 1.02 -32.41 -44.12
N LEU A 405 1.34 -33.60 -43.60
CA LEU A 405 0.89 -34.84 -44.21
C LEU A 405 -0.14 -35.40 -43.24
N SER A 406 -1.40 -35.06 -43.46
CA SER A 406 -2.50 -35.49 -42.62
C SER A 406 -3.04 -36.88 -42.98
N PHE A 407 -3.77 -37.47 -42.05
CA PHE A 407 -4.39 -38.76 -42.29
C PHE A 407 -5.70 -38.81 -41.52
N ASN A 408 -6.58 -39.69 -41.97
CA ASN A 408 -7.87 -39.85 -41.33
C ASN A 408 -7.75 -40.71 -40.08
N GLY A 409 -8.05 -40.12 -38.92
CA GLY A 409 -8.02 -40.85 -37.67
C GLY A 409 -9.34 -40.66 -36.97
N SER A 410 -10.43 -40.71 -37.74
CA SER A 410 -11.76 -40.51 -37.19
C SER A 410 -12.02 -41.36 -35.94
N GLN A 411 -11.50 -42.59 -35.88
CA GLN A 411 -11.65 -43.43 -34.69
C GLN A 411 -10.41 -43.40 -33.80
N LEU A 412 -9.22 -43.43 -34.40
CA LEU A 412 -7.98 -43.39 -33.63
C LEU A 412 -7.92 -42.16 -32.73
N SER A 413 -8.37 -41.02 -33.25
CA SER A 413 -8.34 -39.79 -32.48
C SER A 413 -9.19 -39.82 -31.19
N LEU A 414 -10.12 -40.76 -31.08
CA LEU A 414 -10.94 -40.84 -29.87
C LEU A 414 -10.09 -41.29 -28.69
N GLY A 415 -8.89 -41.79 -28.98
CA GLY A 415 -7.99 -42.22 -27.94
C GLY A 415 -7.28 -41.05 -27.29
N MET A 416 -7.50 -39.85 -27.83
CA MET A 416 -6.92 -38.61 -27.29
C MET A 416 -5.41 -38.42 -27.48
N GLY A 417 -4.79 -39.22 -28.34
CA GLY A 417 -3.36 -39.09 -28.58
C GLY A 417 -3.06 -39.01 -30.07
N SER A 418 -2.28 -38.00 -30.47
CA SER A 418 -1.95 -37.84 -31.88
C SER A 418 -0.65 -38.58 -32.29
N ALA A 419 -0.17 -38.28 -33.49
CA ALA A 419 1.00 -38.93 -34.06
C ALA A 419 2.27 -39.01 -33.19
N ARG A 420 2.65 -37.91 -32.54
CA ARG A 420 3.85 -37.98 -31.72
C ARG A 420 3.66 -39.02 -30.60
N CYS A 421 2.43 -39.16 -30.10
CA CYS A 421 2.15 -40.12 -29.04
C CYS A 421 2.19 -41.56 -29.56
N MET A 422 1.85 -41.73 -30.83
CA MET A 422 1.81 -43.04 -31.44
C MET A 422 3.13 -43.46 -32.10
N SER A 423 4.22 -42.83 -31.67
CA SER A 423 5.51 -43.16 -32.24
C SER A 423 6.69 -42.90 -31.31
N MET A 424 7.78 -43.60 -31.58
CA MET A 424 9.01 -43.40 -30.82
C MET A 424 10.19 -43.48 -31.77
N PRO A 425 10.74 -42.32 -32.13
CA PRO A 425 11.89 -42.29 -33.04
C PRO A 425 13.00 -43.14 -32.45
N LEU A 426 13.69 -43.89 -33.30
CA LEU A 426 14.81 -44.72 -32.86
C LEU A 426 16.09 -44.13 -33.42
N ILE A 427 16.01 -43.61 -34.64
CA ILE A 427 17.15 -43.00 -35.31
C ILE A 427 16.72 -41.82 -36.17
N ARG A 428 17.36 -40.67 -35.95
CA ARG A 428 17.08 -39.47 -36.74
C ARG A 428 18.43 -38.95 -37.22
N GLU A 429 18.45 -38.40 -38.44
CA GLU A 429 19.68 -37.84 -39.00
C GLU A 429 20.07 -36.66 -38.10
N ASN A 430 21.30 -36.63 -37.61
CA ASN A 430 21.71 -35.51 -36.75
C ASN A 430 21.60 -34.20 -37.53
N LEU A 431 21.28 -33.13 -36.80
CA LEU A 431 21.14 -31.84 -37.44
C LEU A 431 22.51 -31.22 -37.71
N LYS A 432 22.55 -30.33 -38.69
CA LYS A 432 23.78 -29.62 -39.02
C LYS A 432 23.42 -28.18 -38.69
N LYS A 433 22.16 -28.00 -38.31
CA LYS A 433 21.54 -26.73 -37.95
C LYS A 433 21.69 -25.68 -39.05
N GLY B 35 -52.74 -36.82 -42.38
CA GLY B 35 -51.28 -36.86 -42.70
C GLY B 35 -50.50 -37.82 -41.82
N ILE B 36 -51.15 -38.29 -40.76
CA ILE B 36 -50.51 -39.21 -39.83
C ILE B 36 -51.33 -40.50 -39.73
N ASN B 37 -50.64 -41.63 -39.89
CA ASN B 37 -51.28 -42.94 -39.80
C ASN B 37 -50.23 -43.99 -39.45
N VAL B 38 -50.06 -44.22 -38.16
CA VAL B 38 -49.07 -45.18 -37.67
C VAL B 38 -49.69 -46.14 -36.65
N TYR B 39 -50.20 -47.28 -37.13
CA TYR B 39 -50.83 -48.26 -36.25
C TYR B 39 -50.02 -49.54 -36.04
N SER B 40 -48.70 -49.40 -35.96
CA SER B 40 -47.80 -50.52 -35.72
C SER B 40 -46.37 -50.02 -35.67
N GLU B 41 -45.45 -50.91 -35.31
CA GLU B 41 -44.03 -50.59 -35.25
C GLU B 41 -43.33 -51.21 -36.46
N ILE B 42 -44.05 -52.08 -37.17
CA ILE B 42 -43.49 -52.83 -38.29
C ILE B 42 -44.10 -52.70 -39.68
N GLY B 43 -45.31 -52.11 -39.76
CA GLY B 43 -45.96 -51.97 -41.04
C GLY B 43 -45.10 -51.29 -42.08
N GLU B 44 -45.20 -51.70 -43.34
CA GLU B 44 -44.40 -51.11 -44.40
C GLU B 44 -44.38 -49.60 -44.30
N LEU B 45 -43.20 -49.04 -44.10
CA LEU B 45 -43.02 -47.59 -43.93
C LEU B 45 -43.16 -46.82 -45.24
N LYS B 46 -44.06 -45.83 -45.25
CA LYS B 46 -44.32 -45.02 -46.44
C LYS B 46 -43.77 -43.59 -46.36
N GLU B 47 -43.88 -42.98 -45.19
CA GLU B 47 -43.40 -41.61 -44.99
C GLU B 47 -42.75 -41.53 -43.62
N VAL B 48 -41.56 -40.93 -43.56
CA VAL B 48 -40.84 -40.82 -42.31
C VAL B 48 -40.13 -39.47 -42.19
N LEU B 49 -40.04 -38.97 -40.98
CA LEU B 49 -39.39 -37.69 -40.72
C LEU B 49 -38.00 -37.89 -40.11
N VAL B 50 -37.01 -37.25 -40.74
CA VAL B 50 -35.63 -37.34 -40.25
C VAL B 50 -35.04 -35.94 -40.26
N HIS B 51 -33.80 -35.84 -39.81
CA HIS B 51 -33.08 -34.58 -39.80
C HIS B 51 -31.59 -34.85 -39.94
N THR B 52 -31.05 -34.56 -41.12
CA THR B 52 -29.63 -34.72 -41.36
C THR B 52 -29.00 -33.57 -40.60
N PRO B 53 -28.09 -33.86 -39.67
CA PRO B 53 -27.45 -32.78 -38.90
C PRO B 53 -26.80 -31.68 -39.72
N GLY B 54 -26.86 -30.47 -39.18
CA GLY B 54 -26.27 -29.30 -39.79
C GLY B 54 -25.14 -28.80 -38.90
N ASP B 55 -24.81 -27.51 -38.98
CA ASP B 55 -23.72 -26.97 -38.19
C ASP B 55 -23.85 -27.12 -36.68
N GLU B 56 -25.03 -27.49 -36.20
CA GLU B 56 -25.20 -27.62 -34.77
C GLU B 56 -24.25 -28.67 -34.17
N ILE B 57 -23.97 -29.75 -34.90
CA ILE B 57 -23.08 -30.76 -34.34
C ILE B 57 -21.60 -30.37 -34.44
N ARG B 58 -21.36 -29.14 -34.84
CA ARG B 58 -20.00 -28.62 -34.93
C ARG B 58 -19.79 -27.69 -33.73
N TYR B 59 -20.88 -27.31 -33.05
CA TYR B 59 -20.76 -26.36 -31.95
C TYR B 59 -20.82 -26.88 -30.52
N THR B 60 -20.47 -28.13 -30.31
CA THR B 60 -20.48 -28.69 -28.97
C THR B 60 -19.08 -28.79 -28.36
N ALA B 61 -18.76 -27.87 -27.46
CA ALA B 61 -17.44 -27.87 -26.82
C ALA B 61 -17.31 -29.14 -25.98
N PRO B 62 -16.11 -29.72 -25.91
CA PRO B 62 -15.94 -30.94 -25.12
C PRO B 62 -16.35 -30.81 -23.65
N SER B 63 -16.27 -29.61 -23.10
CA SER B 63 -16.65 -29.43 -21.69
C SER B 63 -18.16 -29.26 -21.52
N ARG B 64 -18.87 -29.08 -22.63
CA ARG B 64 -20.32 -28.89 -22.56
C ARG B 64 -21.14 -30.10 -22.96
N LEU B 65 -20.53 -31.27 -22.99
CA LEU B 65 -21.28 -32.47 -23.37
C LEU B 65 -22.52 -32.63 -22.48
N GLU B 66 -22.35 -32.47 -21.17
CA GLU B 66 -23.49 -32.60 -20.27
C GLU B 66 -24.46 -31.41 -20.42
N GLU B 67 -23.93 -30.20 -20.47
CA GLU B 67 -24.74 -29.00 -20.61
C GLU B 67 -25.68 -29.08 -21.81
N LEU B 68 -25.15 -29.53 -22.96
CA LEU B 68 -25.93 -29.66 -24.19
C LEU B 68 -26.59 -31.02 -24.28
N LEU B 69 -26.40 -31.83 -23.25
CA LEU B 69 -26.99 -33.17 -23.20
C LEU B 69 -26.68 -34.02 -24.43
N PHE B 70 -25.43 -33.96 -24.88
CA PHE B 70 -24.99 -34.75 -26.02
C PHE B 70 -23.83 -35.62 -25.54
N SER B 71 -23.61 -36.76 -26.19
CA SER B 71 -22.58 -37.71 -25.75
C SER B 71 -21.11 -37.60 -26.15
N ALA B 72 -20.78 -36.91 -27.24
CA ALA B 72 -19.37 -36.79 -27.64
C ALA B 72 -19.14 -35.77 -28.75
N VAL B 73 -17.86 -35.49 -29.03
CA VAL B 73 -17.52 -34.51 -30.07
C VAL B 73 -17.36 -35.26 -31.38
N LEU B 74 -18.30 -35.03 -32.30
CA LEU B 74 -18.28 -35.72 -33.59
C LEU B 74 -17.41 -35.06 -34.64
N LYS B 75 -16.95 -35.86 -35.60
CA LYS B 75 -16.19 -35.34 -36.72
C LYS B 75 -17.38 -35.08 -37.66
N ALA B 76 -17.90 -33.85 -37.58
CA ALA B 76 -19.07 -33.40 -38.31
C ALA B 76 -19.29 -33.89 -39.74
N ASP B 77 -18.37 -33.56 -40.65
CA ASP B 77 -18.53 -33.94 -42.05
C ASP B 77 -18.75 -35.43 -42.22
N THR B 78 -18.08 -36.23 -41.41
CA THR B 78 -18.22 -37.68 -41.51
C THR B 78 -19.59 -38.15 -41.00
N ALA B 79 -20.02 -37.60 -39.88
CA ALA B 79 -21.31 -37.95 -39.29
C ALA B 79 -22.43 -37.58 -40.25
N ILE B 80 -22.27 -36.44 -40.93
CA ILE B 80 -23.28 -36.00 -41.88
C ILE B 80 -23.38 -36.93 -43.10
N GLU B 81 -22.25 -37.42 -43.60
CA GLU B 81 -22.31 -38.33 -44.74
C GLU B 81 -22.90 -39.67 -44.32
N GLU B 82 -22.62 -40.09 -43.09
CA GLU B 82 -23.17 -41.34 -42.62
C GLU B 82 -24.69 -41.23 -42.53
N HIS B 83 -25.19 -40.08 -42.08
CA HIS B 83 -26.63 -39.90 -41.98
C HIS B 83 -27.26 -39.95 -43.38
N LYS B 84 -26.60 -39.34 -44.36
CA LYS B 84 -27.09 -39.37 -45.72
C LYS B 84 -27.15 -40.81 -46.22
N GLY B 85 -26.19 -41.63 -45.80
CA GLY B 85 -26.18 -43.02 -46.21
C GLY B 85 -27.40 -43.73 -45.64
N PHE B 86 -27.78 -43.35 -44.43
CA PHE B 86 -28.94 -43.90 -43.74
C PHE B 86 -30.21 -43.52 -44.51
N VAL B 87 -30.30 -42.25 -44.91
CA VAL B 87 -31.45 -41.75 -45.66
C VAL B 87 -31.58 -42.45 -46.99
N LYS B 88 -30.45 -42.67 -47.65
CA LYS B 88 -30.40 -43.32 -48.94
C LYS B 88 -30.99 -44.72 -48.90
N ILE B 89 -30.70 -45.46 -47.83
CA ILE B 89 -31.21 -46.81 -47.69
C ILE B 89 -32.73 -46.78 -47.58
N LEU B 90 -33.25 -45.83 -46.80
CA LEU B 90 -34.69 -45.70 -46.63
C LEU B 90 -35.32 -45.37 -47.99
N GLN B 91 -34.72 -44.43 -48.70
CA GLN B 91 -35.24 -44.05 -50.01
C GLN B 91 -35.24 -45.21 -51.00
N ASN B 92 -34.16 -45.97 -51.02
CA ASN B 92 -34.05 -47.09 -51.94
C ASN B 92 -35.07 -48.19 -51.65
N ASN B 93 -35.72 -48.07 -50.51
CA ASN B 93 -36.74 -49.03 -50.15
C ASN B 93 -38.13 -48.45 -50.38
N GLY B 94 -38.21 -47.43 -51.24
CA GLY B 94 -39.48 -46.82 -51.55
C GLY B 94 -40.10 -45.94 -50.48
N ILE B 95 -39.33 -45.57 -49.48
CA ILE B 95 -39.87 -44.72 -48.42
C ILE B 95 -39.68 -43.25 -48.76
N LYS B 96 -40.71 -42.45 -48.50
CA LYS B 96 -40.62 -41.01 -48.74
C LYS B 96 -39.97 -40.43 -47.48
N VAL B 97 -38.75 -39.92 -47.62
CA VAL B 97 -38.05 -39.37 -46.48
C VAL B 97 -38.20 -37.86 -46.44
N ILE B 98 -38.75 -37.36 -45.34
CA ILE B 98 -38.98 -35.94 -45.19
C ILE B 98 -38.04 -35.30 -44.19
N GLN B 99 -37.32 -34.29 -44.68
CA GLN B 99 -36.36 -33.53 -43.90
C GLN B 99 -37.13 -32.49 -43.05
N LEU B 100 -36.86 -32.45 -41.75
CA LEU B 100 -37.53 -31.50 -40.85
C LEU B 100 -37.40 -30.05 -41.31
N CYS B 101 -36.21 -29.66 -41.79
CA CYS B 101 -35.99 -28.30 -42.23
C CYS B 101 -36.86 -27.96 -43.42
N ASP B 102 -37.06 -28.93 -44.32
CA ASP B 102 -37.89 -28.67 -45.50
C ASP B 102 -39.35 -28.54 -45.13
N LEU B 103 -39.82 -29.42 -44.24
CA LEU B 103 -41.21 -29.40 -43.81
C LEU B 103 -41.52 -28.09 -43.09
N VAL B 104 -40.56 -27.58 -42.31
CA VAL B 104 -40.75 -26.32 -41.59
C VAL B 104 -40.78 -25.17 -42.60
N ALA B 105 -39.82 -25.18 -43.52
CA ALA B 105 -39.74 -24.14 -44.54
C ALA B 105 -41.04 -24.10 -45.35
N GLU B 106 -41.54 -25.28 -45.72
CA GLU B 106 -42.76 -25.37 -46.49
C GLU B 106 -43.91 -24.73 -45.73
N THR B 107 -44.02 -25.03 -44.44
CA THR B 107 -45.08 -24.48 -43.62
C THR B 107 -44.96 -22.96 -43.55
N TYR B 108 -43.75 -22.48 -43.31
CA TYR B 108 -43.49 -21.05 -43.22
C TYR B 108 -44.02 -20.28 -44.44
N GLU B 109 -43.71 -20.77 -45.64
CA GLU B 109 -44.15 -20.11 -46.87
C GLU B 109 -45.67 -19.97 -46.96
N LEU B 110 -46.40 -20.94 -46.41
CA LEU B 110 -47.86 -20.92 -46.47
C LEU B 110 -48.49 -20.05 -45.41
N CYS B 111 -47.72 -19.64 -44.42
CA CYS B 111 -48.25 -18.81 -43.35
C CYS B 111 -48.32 -17.32 -43.66
N SER B 112 -49.16 -16.63 -42.88
CA SER B 112 -49.35 -15.19 -43.02
C SER B 112 -48.15 -14.48 -42.39
N LYS B 113 -47.91 -13.23 -42.78
CA LYS B 113 -46.78 -12.49 -42.24
C LYS B 113 -46.78 -12.44 -40.72
N GLU B 114 -47.96 -12.34 -40.12
CA GLU B 114 -48.07 -12.28 -38.66
C GLU B 114 -47.73 -13.61 -38.00
N VAL B 115 -48.10 -14.71 -38.64
CA VAL B 115 -47.82 -16.04 -38.09
C VAL B 115 -46.34 -16.35 -38.24
N ARG B 116 -45.77 -15.97 -39.38
CA ARG B 116 -44.36 -16.19 -39.64
C ARG B 116 -43.54 -15.49 -38.56
N ASN B 117 -43.81 -14.21 -38.35
CA ASN B 117 -43.10 -13.42 -37.35
C ASN B 117 -43.33 -13.97 -35.96
N SER B 118 -44.50 -14.57 -35.77
CA SER B 118 -44.86 -15.16 -34.49
C SER B 118 -43.89 -16.31 -34.18
N PHE B 119 -43.48 -17.00 -35.25
CA PHE B 119 -42.56 -18.14 -35.17
C PHE B 119 -41.15 -17.65 -34.80
N ILE B 120 -40.66 -16.66 -35.55
CA ILE B 120 -39.34 -16.09 -35.31
C ILE B 120 -39.21 -15.55 -33.89
N GLU B 121 -40.26 -14.84 -33.45
CA GLU B 121 -40.29 -14.26 -32.11
C GLU B 121 -40.19 -15.32 -31.00
N GLN B 122 -40.94 -16.41 -31.14
CA GLN B 122 -40.90 -17.46 -30.14
C GLN B 122 -39.53 -18.09 -30.08
N TYR B 123 -38.88 -18.22 -31.25
CA TYR B 123 -37.55 -18.81 -31.32
C TYR B 123 -36.60 -17.93 -30.53
N LEU B 124 -36.69 -16.63 -30.77
CA LEU B 124 -35.83 -15.66 -30.09
C LEU B 124 -36.08 -15.69 -28.58
N ASP B 125 -37.33 -15.92 -28.19
CA ASP B 125 -37.67 -15.98 -26.77
C ASP B 125 -37.08 -17.20 -26.06
N GLU B 126 -37.08 -18.34 -26.74
CA GLU B 126 -36.57 -19.58 -26.17
C GLU B 126 -35.08 -19.82 -26.38
N ALA B 127 -34.40 -18.88 -27.03
CA ALA B 127 -32.97 -19.01 -27.30
C ALA B 127 -32.10 -19.05 -26.05
N LEU B 128 -31.05 -19.85 -26.11
CA LEU B 128 -30.09 -19.97 -25.02
C LEU B 128 -28.70 -19.93 -25.63
N PRO B 129 -27.79 -19.14 -25.05
CA PRO B 129 -28.01 -18.29 -23.87
C PRO B 129 -29.02 -17.20 -24.18
N VAL B 130 -29.67 -16.66 -23.15
CA VAL B 130 -30.66 -15.61 -23.34
C VAL B 130 -30.06 -14.47 -24.15
N LEU B 131 -30.83 -13.95 -25.10
CA LEU B 131 -30.36 -12.86 -25.95
C LEU B 131 -30.41 -11.50 -25.24
N LYS B 132 -29.35 -10.70 -25.41
CA LYS B 132 -29.29 -9.37 -24.81
C LYS B 132 -30.17 -8.45 -25.65
N LYS B 133 -30.84 -7.50 -25.00
CA LYS B 133 -31.74 -6.59 -25.69
C LYS B 133 -31.22 -5.99 -26.99
N GLU B 134 -29.95 -5.57 -27.01
CA GLU B 134 -29.39 -4.97 -28.22
C GLU B 134 -28.89 -5.98 -29.24
N ILE B 135 -28.83 -7.25 -28.85
CA ILE B 135 -28.37 -8.28 -29.77
C ILE B 135 -29.54 -8.97 -30.46
N ARG B 136 -30.68 -9.03 -29.78
CA ARG B 136 -31.86 -9.66 -30.32
C ARG B 136 -32.23 -9.17 -31.72
N PRO B 137 -32.36 -7.84 -31.90
CA PRO B 137 -32.70 -7.32 -33.23
C PRO B 137 -31.66 -7.65 -34.28
N VAL B 138 -30.41 -7.79 -33.86
CA VAL B 138 -29.32 -8.10 -34.79
C VAL B 138 -29.47 -9.53 -35.30
N VAL B 139 -29.84 -10.43 -34.40
CA VAL B 139 -30.05 -11.84 -34.74
C VAL B 139 -31.26 -11.95 -35.67
N LYS B 140 -32.32 -11.24 -35.35
CA LYS B 140 -33.55 -11.27 -36.16
C LYS B 140 -33.29 -10.83 -37.60
N ASP B 141 -32.58 -9.73 -37.79
CA ASP B 141 -32.31 -9.28 -39.15
C ASP B 141 -31.43 -10.29 -39.88
N TYR B 142 -30.48 -10.88 -39.15
CA TYR B 142 -29.58 -11.89 -39.73
C TYR B 142 -30.41 -13.05 -40.26
N LEU B 143 -31.30 -13.57 -39.43
CA LEU B 143 -32.14 -14.70 -39.81
C LEU B 143 -32.99 -14.40 -41.05
N LEU B 144 -33.61 -13.22 -41.06
CA LEU B 144 -34.46 -12.83 -42.17
C LEU B 144 -33.70 -12.55 -43.47
N SER B 145 -32.39 -12.41 -43.41
CA SER B 145 -31.61 -12.15 -44.62
C SER B 145 -31.35 -13.40 -45.46
N PHE B 146 -31.67 -14.57 -44.92
CA PHE B 146 -31.44 -15.84 -45.60
C PHE B 146 -32.70 -16.37 -46.27
N PRO B 147 -32.55 -17.19 -47.32
CA PRO B 147 -33.72 -17.76 -47.99
C PRO B 147 -34.38 -18.66 -46.93
N THR B 148 -35.67 -18.89 -47.04
CA THR B 148 -36.40 -19.67 -46.04
C THR B 148 -35.74 -20.92 -45.45
N VAL B 149 -35.37 -21.88 -46.31
CA VAL B 149 -34.79 -23.12 -45.79
C VAL B 149 -33.45 -22.87 -45.07
N GLN B 150 -32.65 -21.93 -45.57
CA GLN B 150 -31.37 -21.62 -44.93
C GLN B 150 -31.62 -20.93 -43.58
N MET B 151 -32.69 -20.15 -43.49
CA MET B 151 -33.01 -19.49 -42.24
C MET B 151 -33.35 -20.53 -41.19
N VAL B 152 -34.19 -21.49 -41.57
CA VAL B 152 -34.57 -22.57 -40.67
C VAL B 152 -33.32 -23.31 -40.19
N ARG B 153 -32.39 -23.56 -41.11
CA ARG B 153 -31.16 -24.25 -40.76
C ARG B 153 -30.31 -23.47 -39.75
N LYS B 154 -30.34 -22.14 -39.82
CA LYS B 154 -29.59 -21.30 -38.87
C LYS B 154 -30.23 -21.41 -37.51
N MET B 155 -31.55 -21.42 -37.49
CA MET B 155 -32.28 -21.53 -36.23
C MET B 155 -31.92 -22.85 -35.55
N MET B 156 -31.80 -23.90 -36.36
CA MET B 156 -31.49 -25.21 -35.83
C MET B 156 -30.02 -25.33 -35.42
N SER B 157 -29.14 -24.76 -36.25
CA SER B 157 -27.70 -24.83 -36.01
C SER B 157 -27.17 -23.93 -34.90
N GLY B 158 -27.85 -22.82 -34.64
CA GLY B 158 -27.38 -21.90 -33.63
C GLY B 158 -26.55 -20.86 -34.35
N ILE B 159 -26.08 -19.85 -33.62
CA ILE B 159 -25.29 -18.80 -34.25
C ILE B 159 -24.01 -18.43 -33.50
N LEU B 160 -22.91 -18.35 -34.25
CA LEU B 160 -21.60 -18.01 -33.71
C LEU B 160 -21.46 -16.50 -33.63
N ALA B 161 -20.71 -16.02 -32.63
CA ALA B 161 -20.49 -14.59 -32.48
C ALA B 161 -19.80 -14.03 -33.72
N ASN B 162 -18.90 -14.81 -34.31
CA ASN B 162 -18.17 -14.39 -35.52
C ASN B 162 -19.11 -14.02 -36.65
N GLU B 163 -20.18 -14.80 -36.80
CA GLU B 163 -21.16 -14.57 -37.84
C GLU B 163 -21.77 -13.17 -37.80
N LEU B 164 -21.95 -12.64 -36.59
CA LEU B 164 -22.55 -11.31 -36.43
C LEU B 164 -21.50 -10.23 -36.18
N ASN B 165 -20.23 -10.61 -36.28
CA ASN B 165 -19.13 -9.68 -36.07
C ASN B 165 -19.16 -9.11 -34.66
N ILE B 166 -19.57 -9.93 -33.72
CA ILE B 166 -19.63 -9.54 -32.31
C ILE B 166 -18.46 -10.12 -31.56
N LYS B 167 -17.90 -9.31 -30.67
CA LYS B 167 -16.78 -9.70 -29.84
C LYS B 167 -17.28 -9.91 -28.42
N GLN B 168 -17.12 -11.12 -27.89
CA GLN B 168 -17.57 -11.44 -26.54
C GLN B 168 -16.90 -12.72 -26.04
N ASP B 169 -17.16 -13.07 -24.78
CA ASP B 169 -16.56 -14.27 -24.21
C ASP B 169 -17.07 -15.57 -24.84
N ASN B 170 -18.39 -15.77 -24.84
CA ASN B 170 -19.00 -16.97 -25.39
C ASN B 170 -18.95 -16.97 -26.91
N PRO B 171 -18.27 -17.95 -27.50
CA PRO B 171 -18.17 -18.02 -28.96
C PRO B 171 -19.53 -18.20 -29.65
N LEU B 172 -20.54 -18.51 -28.87
CA LEU B 172 -21.88 -18.70 -29.41
C LEU B 172 -22.88 -17.64 -28.93
N ILE B 173 -23.65 -17.09 -29.86
CA ILE B 173 -24.67 -16.10 -29.54
C ILE B 173 -25.91 -16.91 -29.17
N ILE B 174 -26.12 -18.01 -29.91
CA ILE B 174 -27.23 -18.91 -29.67
C ILE B 174 -26.73 -20.35 -29.86
N ASP B 175 -26.90 -21.17 -28.83
CA ASP B 175 -26.47 -22.58 -28.91
C ASP B 175 -27.20 -23.30 -30.02
N GLY B 176 -26.58 -24.35 -30.55
CA GLY B 176 -27.23 -25.13 -31.59
C GLY B 176 -28.05 -26.19 -30.87
N MET B 177 -28.82 -26.96 -31.60
CA MET B 177 -29.62 -28.04 -31.01
C MET B 177 -29.04 -29.33 -31.59
N PRO B 178 -27.91 -29.80 -31.06
CA PRO B 178 -27.27 -31.02 -31.55
C PRO B 178 -28.12 -32.28 -31.60
N ASN B 179 -29.12 -32.38 -30.74
CA ASN B 179 -29.96 -33.56 -30.71
C ASN B 179 -31.09 -33.58 -31.74
N LEU B 180 -31.12 -32.59 -32.62
CA LEU B 180 -32.17 -32.51 -33.62
C LEU B 180 -32.29 -33.74 -34.53
N TYR B 181 -31.16 -34.35 -34.89
CA TYR B 181 -31.24 -35.51 -35.77
C TYR B 181 -31.98 -36.70 -35.15
N PHE B 182 -32.29 -36.60 -33.86
CA PHE B 182 -33.04 -37.65 -33.15
C PHE B 182 -34.53 -37.27 -33.20
N THR B 183 -35.11 -37.34 -34.38
CA THR B 183 -36.51 -36.98 -34.59
C THR B 183 -37.53 -37.83 -33.84
N ARG B 184 -37.04 -38.82 -33.11
CA ARG B 184 -37.91 -39.69 -32.33
C ARG B 184 -38.42 -39.00 -31.07
N ASP B 185 -37.74 -37.94 -30.65
CA ASP B 185 -38.07 -37.27 -29.40
C ASP B 185 -39.10 -36.15 -29.33
N PRO B 186 -38.98 -35.12 -30.18
CA PRO B 186 -39.93 -34.00 -30.16
C PRO B 186 -41.42 -34.40 -30.15
N PHE B 187 -41.78 -35.37 -30.98
CA PHE B 187 -43.16 -35.84 -31.03
C PHE B 187 -43.16 -37.28 -31.53
N ALA B 188 -44.20 -38.03 -31.19
CA ALA B 188 -44.32 -39.42 -31.62
C ALA B 188 -45.68 -39.68 -32.25
N SER B 189 -45.67 -40.22 -33.47
CA SER B 189 -46.91 -40.55 -34.14
C SER B 189 -47.59 -41.59 -33.26
N MET B 190 -48.92 -41.52 -33.20
CA MET B 190 -49.70 -42.42 -32.36
C MET B 190 -51.03 -42.68 -33.06
N GLY B 191 -51.10 -43.76 -33.84
CA GLY B 191 -52.32 -44.08 -34.55
C GLY B 191 -52.64 -43.00 -35.56
N ASN B 192 -53.75 -42.28 -35.34
CA ASN B 192 -54.16 -41.21 -36.25
C ASN B 192 -53.78 -39.84 -35.68
N GLY B 193 -53.23 -39.84 -34.47
CA GLY B 193 -52.84 -38.58 -33.86
C GLY B 193 -51.37 -38.55 -33.49
N VAL B 194 -50.97 -37.54 -32.72
CA VAL B 194 -49.58 -37.42 -32.30
C VAL B 194 -49.47 -37.03 -30.83
N SER B 195 -48.29 -37.26 -30.28
CA SER B 195 -48.00 -36.91 -28.91
C SER B 195 -46.82 -35.96 -28.95
N ILE B 196 -47.08 -34.66 -28.80
CA ILE B 196 -45.99 -33.71 -28.79
C ILE B 196 -45.47 -33.78 -27.36
N ASN B 197 -44.32 -34.43 -27.21
CA ASN B 197 -43.66 -34.69 -25.94
C ASN B 197 -43.12 -33.54 -25.10
N CYS B 198 -43.02 -33.81 -23.80
CA CYS B 198 -42.53 -32.84 -22.81
C CYS B 198 -41.11 -33.26 -22.41
N MET B 199 -40.12 -32.70 -23.10
CA MET B 199 -38.70 -33.02 -22.84
C MET B 199 -38.35 -32.64 -21.41
N LYS B 200 -37.24 -33.17 -20.90
CA LYS B 200 -36.83 -32.90 -19.53
C LYS B 200 -36.06 -31.59 -19.33
N TYR B 201 -34.94 -31.44 -20.04
CA TYR B 201 -34.13 -30.23 -19.88
C TYR B 201 -34.37 -29.19 -20.97
N PRO B 202 -34.42 -27.90 -20.58
CA PRO B 202 -34.66 -26.77 -21.49
C PRO B 202 -33.83 -26.81 -22.78
N THR B 203 -32.62 -27.36 -22.71
CA THR B 203 -31.76 -27.43 -23.89
C THR B 203 -32.46 -28.17 -25.02
N ARG B 204 -33.22 -29.19 -24.67
CA ARG B 204 -33.92 -29.98 -25.66
C ARG B 204 -35.37 -29.58 -25.91
N LYS B 205 -35.96 -28.84 -24.98
CA LYS B 205 -37.34 -28.38 -25.14
C LYS B 205 -37.38 -27.39 -26.30
N ARG B 206 -36.22 -26.79 -26.60
CA ARG B 206 -36.13 -25.83 -27.69
C ARG B 206 -36.40 -26.48 -29.05
N GLU B 207 -36.25 -27.80 -29.11
CA GLU B 207 -36.45 -28.54 -30.34
C GLU B 207 -37.90 -28.68 -30.79
N VAL B 208 -38.81 -28.68 -29.82
CA VAL B 208 -40.23 -28.84 -30.13
C VAL B 208 -40.81 -27.76 -31.02
N ILE B 209 -40.28 -26.54 -30.95
CA ILE B 209 -40.82 -25.45 -31.75
C ILE B 209 -41.01 -25.73 -33.24
N PHE B 210 -40.08 -26.48 -33.84
CA PHE B 210 -40.17 -26.77 -35.27
C PHE B 210 -41.34 -27.68 -35.68
N SER B 211 -41.42 -28.88 -35.11
CA SER B 211 -42.51 -29.78 -35.48
C SER B 211 -43.87 -29.24 -35.03
N ARG B 212 -43.89 -28.55 -33.88
CA ARG B 212 -45.13 -27.98 -33.35
C ARG B 212 -45.65 -26.93 -34.33
N PHE B 213 -44.75 -26.14 -34.89
CA PHE B 213 -45.11 -25.13 -35.87
C PHE B 213 -45.80 -25.81 -37.05
N VAL B 214 -45.30 -26.99 -37.42
CA VAL B 214 -45.85 -27.75 -38.54
C VAL B 214 -47.26 -28.27 -38.21
N PHE B 215 -47.42 -28.89 -37.05
CA PHE B 215 -48.71 -29.43 -36.64
C PHE B 215 -49.75 -28.35 -36.35
N THR B 216 -49.31 -27.11 -36.28
CA THR B 216 -50.19 -26.00 -35.99
C THR B 216 -50.63 -25.25 -37.24
N ASN B 217 -49.76 -25.17 -38.23
CA ASN B 217 -50.07 -24.43 -39.44
C ASN B 217 -50.10 -25.16 -40.79
N ASN B 218 -49.38 -26.27 -40.92
CA ASN B 218 -49.38 -26.97 -42.20
C ASN B 218 -50.73 -27.63 -42.41
N PRO B 219 -51.41 -27.30 -43.52
CA PRO B 219 -52.72 -27.86 -43.84
C PRO B 219 -52.80 -29.38 -43.83
N LYS B 220 -51.69 -30.04 -44.18
CA LYS B 220 -51.65 -31.49 -44.21
C LYS B 220 -51.59 -32.13 -42.82
N TYR B 221 -51.16 -31.37 -41.81
CA TYR B 221 -51.04 -31.90 -40.45
C TYR B 221 -51.84 -31.11 -39.41
N LYS B 222 -52.26 -29.91 -39.80
CA LYS B 222 -53.02 -29.00 -38.94
C LYS B 222 -54.16 -29.66 -38.16
N ASN B 223 -54.85 -30.61 -38.78
CA ASN B 223 -55.98 -31.26 -38.13
C ASN B 223 -55.66 -32.57 -37.42
N THR B 224 -54.39 -32.85 -37.23
CA THR B 224 -53.99 -34.09 -36.55
C THR B 224 -54.34 -33.94 -35.07
N PRO B 225 -55.07 -34.90 -34.50
CA PRO B 225 -55.42 -34.79 -33.09
C PRO B 225 -54.19 -34.97 -32.21
N ARG B 226 -54.06 -34.14 -31.18
CA ARG B 226 -52.93 -34.22 -30.26
C ARG B 226 -53.32 -34.95 -29.00
N TYR B 227 -52.93 -36.22 -28.89
CA TYR B 227 -53.26 -37.00 -27.70
C TYR B 227 -52.40 -36.58 -26.51
N PHE B 228 -51.53 -35.61 -26.76
CA PHE B 228 -50.70 -35.02 -25.74
C PHE B 228 -50.00 -33.82 -26.35
N ASP B 229 -49.79 -32.80 -25.53
CA ASP B 229 -49.14 -31.59 -25.98
C ASP B 229 -48.53 -30.95 -24.74
N ILE B 230 -47.62 -30.02 -24.96
CA ILE B 230 -46.95 -29.33 -23.86
C ILE B 230 -47.80 -28.24 -23.22
N VAL B 231 -49.10 -28.21 -23.51
CA VAL B 231 -49.92 -27.16 -22.95
C VAL B 231 -51.18 -27.53 -22.16
N GLY B 232 -52.03 -28.38 -22.71
CA GLY B 232 -53.26 -28.69 -21.99
C GLY B 232 -53.38 -30.06 -21.35
N ASN B 233 -52.30 -30.55 -20.75
CA ASN B 233 -52.34 -31.87 -20.13
C ASN B 233 -51.53 -31.91 -18.84
N ASN B 234 -51.43 -33.09 -18.25
CA ASN B 234 -50.68 -33.27 -17.01
C ASN B 234 -49.58 -34.32 -17.18
N GLY B 235 -48.51 -34.19 -16.40
CA GLY B 235 -47.43 -35.13 -16.45
C GLY B 235 -46.37 -34.89 -17.51
N THR B 236 -45.51 -35.88 -17.71
CA THR B 236 -44.45 -35.80 -18.70
C THR B 236 -44.39 -37.10 -19.48
N ILE B 237 -43.92 -37.02 -20.72
CA ILE B 237 -43.81 -38.20 -21.56
C ILE B 237 -42.76 -37.97 -22.64
N GLU B 238 -41.98 -38.99 -22.96
CA GLU B 238 -40.96 -38.85 -23.99
C GLU B 238 -41.06 -39.94 -25.06
N GLY B 239 -40.65 -39.61 -26.28
CA GLY B 239 -40.72 -40.53 -27.40
C GLY B 239 -40.19 -41.94 -27.21
N GLY B 240 -39.11 -42.08 -26.45
CA GLY B 240 -38.52 -43.39 -26.23
C GLY B 240 -39.42 -44.39 -25.52
N ASP B 241 -40.48 -43.90 -24.88
CA ASP B 241 -41.39 -44.77 -24.15
C ASP B 241 -42.65 -45.16 -24.93
N ILE B 242 -42.82 -44.59 -26.12
CA ILE B 242 -44.02 -44.84 -26.91
C ILE B 242 -43.88 -45.84 -28.04
N PHE B 243 -44.69 -46.90 -27.97
CA PHE B 243 -44.70 -47.94 -28.99
C PHE B 243 -46.14 -48.25 -29.42
N ILE B 244 -46.32 -48.58 -30.70
CA ILE B 244 -47.63 -48.92 -31.22
C ILE B 244 -47.56 -50.35 -31.70
N TYR B 245 -48.05 -51.30 -30.92
CA TYR B 245 -47.98 -52.70 -31.33
C TYR B 245 -48.96 -53.12 -32.43
N ASN B 246 -50.18 -52.61 -32.40
CA ASN B 246 -51.17 -52.93 -33.43
C ASN B 246 -52.33 -51.93 -33.44
N SER B 247 -53.28 -52.15 -34.34
CA SER B 247 -54.44 -51.27 -34.47
C SER B 247 -55.20 -50.97 -33.19
N LYS B 248 -55.16 -51.89 -32.23
CA LYS B 248 -55.90 -51.72 -30.99
C LYS B 248 -55.07 -51.52 -29.73
N THR B 249 -53.79 -51.89 -29.78
CA THR B 249 -52.93 -51.78 -28.60
C THR B 249 -51.76 -50.80 -28.66
N LEU B 250 -51.70 -49.94 -27.65
CA LEU B 250 -50.66 -48.93 -27.53
C LEU B 250 -49.83 -49.37 -26.34
N VAL B 251 -48.50 -49.35 -26.48
CA VAL B 251 -47.63 -49.75 -25.38
C VAL B 251 -46.75 -48.59 -24.94
N ILE B 252 -46.90 -48.18 -23.69
CA ILE B 252 -46.14 -47.06 -23.15
C ILE B 252 -45.37 -47.46 -21.91
N GLY B 253 -44.15 -46.97 -21.79
CA GLY B 253 -43.34 -47.30 -20.63
C GLY B 253 -43.49 -46.30 -19.50
N ASN B 254 -43.63 -46.80 -18.28
CA ASN B 254 -43.74 -45.95 -17.10
C ASN B 254 -42.30 -45.87 -16.61
N SER B 255 -41.63 -44.78 -16.95
CA SER B 255 -40.23 -44.61 -16.59
C SER B 255 -39.98 -43.33 -15.80
N GLU B 256 -38.71 -42.98 -15.72
CA GLU B 256 -38.27 -41.79 -15.03
C GLU B 256 -38.67 -40.57 -15.85
N ARG B 257 -38.96 -40.78 -17.14
CA ARG B 257 -39.35 -39.68 -18.03
C ARG B 257 -40.83 -39.68 -18.37
N THR B 258 -41.52 -40.78 -18.11
CA THR B 258 -42.95 -40.86 -18.43
C THR B 258 -43.76 -41.39 -17.24
N ASN B 259 -44.64 -40.55 -16.70
CA ASN B 259 -45.46 -40.93 -15.55
C ASN B 259 -46.94 -41.21 -15.86
N PHE B 260 -47.64 -41.75 -14.87
CA PHE B 260 -49.06 -42.08 -15.01
C PHE B 260 -49.92 -40.88 -15.41
N ALA B 261 -49.57 -39.70 -14.91
CA ALA B 261 -50.33 -38.50 -15.24
C ALA B 261 -50.40 -38.25 -16.73
N ALA B 262 -49.26 -38.35 -17.41
CA ALA B 262 -49.23 -38.15 -18.85
C ALA B 262 -49.98 -39.26 -19.57
N ILE B 263 -49.84 -40.49 -19.09
CA ILE B 263 -50.51 -41.63 -19.70
C ILE B 263 -52.04 -41.49 -19.59
N GLU B 264 -52.50 -40.95 -18.46
CA GLU B 264 -53.93 -40.76 -18.28
C GLU B 264 -54.43 -39.70 -19.25
N SER B 265 -53.67 -38.62 -19.41
CA SER B 265 -54.06 -37.56 -20.32
C SER B 265 -54.22 -38.13 -21.73
N VAL B 266 -53.26 -38.96 -22.12
CA VAL B 266 -53.29 -39.59 -23.45
C VAL B 266 -54.51 -40.48 -23.58
N ALA B 267 -54.77 -41.30 -22.56
CA ALA B 267 -55.91 -42.20 -22.56
C ALA B 267 -57.22 -41.43 -22.80
N LYS B 268 -57.45 -40.39 -22.01
CA LYS B 268 -58.66 -39.58 -22.13
C LYS B 268 -58.78 -38.91 -23.49
N ASN B 269 -57.69 -38.33 -23.97
CA ASN B 269 -57.70 -37.66 -25.26
C ASN B 269 -58.03 -38.62 -26.39
N ILE B 270 -57.66 -39.89 -26.22
CA ILE B 270 -57.94 -40.90 -27.23
C ILE B 270 -59.42 -41.28 -27.19
N GLN B 271 -59.96 -41.37 -25.98
CA GLN B 271 -61.36 -41.71 -25.80
C GLN B 271 -62.24 -40.66 -26.46
N ALA B 272 -61.77 -39.42 -26.48
CA ALA B 272 -62.51 -38.31 -27.06
C ALA B 272 -62.43 -38.24 -28.58
N ASN B 273 -61.66 -39.14 -29.19
CA ASN B 273 -61.53 -39.14 -30.64
C ASN B 273 -62.31 -40.33 -31.23
N LYS B 274 -63.18 -40.04 -32.19
CA LYS B 274 -64.02 -41.05 -32.81
C LYS B 274 -63.35 -41.95 -33.83
N ASP B 275 -62.40 -41.40 -34.60
CA ASP B 275 -61.72 -42.18 -35.62
C ASP B 275 -60.64 -43.14 -35.10
N CYS B 276 -59.97 -42.79 -34.01
CA CYS B 276 -58.91 -43.63 -33.44
C CYS B 276 -59.41 -45.05 -33.15
N THR B 277 -58.60 -46.05 -33.50
CA THR B 277 -58.96 -47.45 -33.29
C THR B 277 -58.37 -48.09 -32.04
N PHE B 278 -57.58 -47.35 -31.29
CA PHE B 278 -56.98 -47.89 -30.09
C PHE B 278 -58.08 -48.25 -29.08
N GLU B 279 -57.95 -49.41 -28.46
CA GLU B 279 -58.92 -49.88 -27.47
C GLU B 279 -58.25 -50.23 -26.15
N ARG B 280 -56.93 -50.32 -26.16
CA ARG B 280 -56.18 -50.72 -24.98
C ARG B 280 -54.79 -50.10 -24.90
N ILE B 281 -54.30 -49.92 -23.68
CA ILE B 281 -52.98 -49.37 -23.44
C ILE B 281 -52.30 -50.25 -22.42
N VAL B 282 -51.12 -50.75 -22.75
CA VAL B 282 -50.38 -51.59 -21.82
C VAL B 282 -49.19 -50.80 -21.33
N VAL B 283 -49.19 -50.48 -20.05
CA VAL B 283 -48.10 -49.71 -19.46
C VAL B 283 -47.10 -50.65 -18.83
N ILE B 284 -45.84 -50.53 -19.25
CA ILE B 284 -44.79 -51.37 -18.69
C ILE B 284 -43.91 -50.55 -17.77
N ASN B 285 -43.70 -51.05 -16.56
CA ASN B 285 -42.89 -50.36 -15.57
C ASN B 285 -41.39 -50.48 -15.91
N VAL B 286 -40.74 -49.33 -16.05
CA VAL B 286 -39.32 -49.29 -16.38
C VAL B 286 -38.58 -48.61 -15.23
N PRO B 287 -38.05 -49.42 -14.30
CA PRO B 287 -37.32 -48.87 -13.15
C PRO B 287 -36.09 -48.06 -13.58
N PRO B 288 -35.98 -46.82 -13.10
CA PRO B 288 -34.87 -45.92 -13.42
C PRO B 288 -33.51 -46.50 -13.02
N MET B 289 -32.79 -47.06 -13.99
CA MET B 289 -31.47 -47.63 -13.74
C MET B 289 -30.46 -46.55 -14.12
N PRO B 290 -29.17 -46.74 -13.79
CA PRO B 290 -28.19 -45.73 -14.16
C PRO B 290 -28.18 -45.42 -15.67
N ASN B 291 -28.40 -46.45 -16.48
CA ASN B 291 -28.44 -46.25 -17.94
C ASN B 291 -29.74 -46.76 -18.55
N LEU B 292 -30.85 -46.17 -18.11
CA LEU B 292 -32.17 -46.55 -18.60
C LEU B 292 -33.16 -45.44 -18.28
N MET B 293 -33.59 -44.71 -19.31
CA MET B 293 -34.54 -43.64 -19.15
C MET B 293 -35.81 -43.89 -19.95
N HIS B 294 -35.79 -44.92 -20.78
CA HIS B 294 -36.96 -45.22 -21.59
C HIS B 294 -37.10 -46.71 -21.85
N LEU B 295 -38.30 -47.11 -22.27
CA LEU B 295 -38.62 -48.50 -22.57
C LEU B 295 -37.90 -49.03 -23.81
N ASP B 296 -37.58 -48.14 -24.74
CA ASP B 296 -36.94 -48.58 -25.98
C ASP B 296 -35.61 -49.28 -25.83
N THR B 297 -34.84 -48.93 -24.81
CA THR B 297 -33.55 -49.58 -24.63
C THR B 297 -33.71 -50.90 -23.86
N TRP B 298 -34.97 -51.31 -23.69
CA TRP B 298 -35.27 -52.55 -23.01
C TRP B 298 -35.96 -53.54 -23.96
N LEU B 299 -36.78 -53.01 -24.85
CA LEU B 299 -37.53 -53.86 -25.77
C LEU B 299 -38.02 -53.14 -27.02
N THR B 300 -37.85 -53.78 -28.18
CA THR B 300 -38.32 -53.22 -29.46
C THR B 300 -38.97 -54.36 -30.25
N MET B 301 -39.90 -54.01 -31.13
CA MET B 301 -40.60 -55.00 -31.94
C MET B 301 -40.13 -54.95 -33.38
N LEU B 302 -39.71 -56.09 -33.91
CA LEU B 302 -39.18 -56.14 -35.27
C LEU B 302 -40.01 -56.88 -36.31
N ASP B 303 -40.96 -57.68 -35.85
CA ASP B 303 -41.81 -58.46 -36.75
C ASP B 303 -43.09 -58.78 -35.98
N TYR B 304 -44.06 -59.43 -36.63
CA TYR B 304 -45.31 -59.76 -35.97
C TYR B 304 -45.09 -60.49 -34.64
N ASP B 305 -44.08 -61.35 -34.59
CA ASP B 305 -43.80 -62.13 -33.39
C ASP B 305 -42.32 -62.14 -32.94
N LYS B 306 -41.53 -61.17 -33.39
CA LYS B 306 -40.12 -61.14 -33.03
C LYS B 306 -39.73 -59.85 -32.30
N PHE B 307 -39.03 -60.01 -31.17
CA PHE B 307 -38.62 -58.87 -30.38
C PHE B 307 -37.15 -58.90 -29.98
N LEU B 308 -36.57 -57.73 -29.82
CA LEU B 308 -35.18 -57.59 -29.44
C LEU B 308 -35.22 -57.01 -28.02
N TYR B 309 -34.52 -57.64 -27.08
CA TYR B 309 -34.58 -57.15 -25.70
C TYR B 309 -33.21 -57.13 -25.03
N SER B 310 -33.11 -56.36 -23.94
CA SER B 310 -31.87 -56.25 -23.19
C SER B 310 -31.77 -57.40 -22.20
N PRO B 311 -30.67 -58.16 -22.23
CA PRO B 311 -30.53 -59.28 -21.30
C PRO B 311 -30.37 -58.80 -19.85
N ASN B 312 -30.22 -57.50 -19.68
CA ASN B 312 -30.06 -56.93 -18.35
C ASN B 312 -31.37 -56.39 -17.79
N MET B 313 -32.49 -56.74 -18.40
CA MET B 313 -33.76 -56.25 -17.89
C MET B 313 -34.24 -57.16 -16.77
N MET B 314 -35.22 -56.68 -15.99
CA MET B 314 -35.76 -57.46 -14.88
C MET B 314 -36.45 -58.70 -15.43
N ASN B 315 -36.54 -59.73 -14.60
CA ASN B 315 -37.16 -60.97 -15.03
C ASN B 315 -38.68 -60.95 -15.05
N VAL B 316 -39.30 -60.46 -13.98
CA VAL B 316 -40.76 -60.38 -13.93
C VAL B 316 -41.15 -58.92 -14.08
N LEU B 317 -42.00 -58.64 -15.07
CA LEU B 317 -42.43 -57.28 -15.31
C LEU B 317 -43.69 -56.89 -14.54
N LYS B 318 -43.79 -55.59 -14.24
CA LYS B 318 -44.93 -55.02 -13.55
C LYS B 318 -45.68 -54.25 -14.63
N ILE B 319 -46.89 -54.70 -14.93
CA ILE B 319 -47.71 -54.10 -15.97
C ILE B 319 -49.00 -53.44 -15.47
N TRP B 320 -49.59 -52.60 -16.31
CA TRP B 320 -50.84 -51.93 -16.01
C TRP B 320 -51.70 -51.94 -17.26
N GLU B 321 -52.87 -52.57 -17.16
CA GLU B 321 -53.79 -52.68 -18.29
C GLU B 321 -54.82 -51.57 -18.21
N ILE B 322 -55.00 -50.85 -19.32
CA ILE B 322 -55.98 -49.77 -19.39
C ILE B 322 -56.98 -50.03 -20.49
N ASP B 323 -58.23 -50.26 -20.10
CA ASP B 323 -59.30 -50.52 -21.05
C ASP B 323 -59.82 -49.16 -21.50
N LEU B 324 -59.58 -48.80 -22.75
CA LEU B 324 -60.04 -47.52 -23.25
C LEU B 324 -61.56 -47.49 -23.48
N ASN B 325 -62.19 -48.66 -23.47
CA ASN B 325 -63.64 -48.74 -23.65
C ASN B 325 -64.33 -48.52 -22.30
N VAL B 326 -63.53 -48.29 -21.27
CA VAL B 326 -64.03 -48.07 -19.91
C VAL B 326 -63.71 -46.67 -19.41
N LYS B 327 -64.67 -46.05 -18.73
CA LYS B 327 -64.47 -44.72 -18.17
C LYS B 327 -65.09 -44.66 -16.77
N PRO B 328 -64.38 -44.02 -15.82
CA PRO B 328 -63.09 -43.36 -15.99
C PRO B 328 -61.97 -44.34 -16.31
N VAL B 329 -60.76 -43.82 -16.49
CA VAL B 329 -59.60 -44.65 -16.79
C VAL B 329 -58.97 -45.22 -15.52
N LYS B 330 -58.85 -46.55 -15.47
CA LYS B 330 -58.25 -47.21 -14.32
C LYS B 330 -57.05 -48.04 -14.76
N PHE B 331 -55.94 -47.91 -14.02
CA PHE B 331 -54.72 -48.64 -14.31
C PHE B 331 -54.73 -49.95 -13.55
N VAL B 332 -55.15 -51.03 -14.21
CA VAL B 332 -55.20 -52.34 -13.58
C VAL B 332 -53.82 -53.01 -13.54
N GLU B 333 -53.26 -53.13 -12.35
CA GLU B 333 -51.95 -53.75 -12.20
C GLU B 333 -51.97 -55.24 -12.50
N LYS B 334 -50.83 -55.78 -12.91
CA LYS B 334 -50.70 -57.19 -13.25
C LYS B 334 -49.21 -57.51 -13.38
N LYS B 335 -48.83 -58.77 -13.20
CA LYS B 335 -47.42 -59.16 -13.30
C LYS B 335 -47.21 -60.36 -14.24
N GLY B 336 -45.98 -60.51 -14.73
CA GLY B 336 -45.67 -61.61 -15.62
C GLY B 336 -44.31 -61.49 -16.29
N THR B 337 -43.85 -62.59 -16.89
CA THR B 337 -42.56 -62.58 -17.58
C THR B 337 -42.72 -61.84 -18.91
N LEU B 338 -41.60 -61.49 -19.54
CA LEU B 338 -41.66 -60.79 -20.81
C LEU B 338 -42.50 -61.59 -21.81
N GLU B 339 -42.27 -62.89 -21.84
CA GLU B 339 -43.00 -63.76 -22.75
C GLU B 339 -44.51 -63.72 -22.50
N GLU B 340 -44.91 -63.78 -21.23
CA GLU B 340 -46.32 -63.76 -20.86
C GLU B 340 -46.97 -62.44 -21.27
N VAL B 341 -46.31 -61.33 -20.95
CA VAL B 341 -46.83 -60.01 -21.29
C VAL B 341 -46.99 -59.86 -22.81
N LEU B 342 -45.98 -60.28 -23.57
CA LEU B 342 -46.04 -60.16 -25.02
C LEU B 342 -47.14 -61.06 -25.60
N TYR B 343 -47.25 -62.27 -25.07
CA TYR B 343 -48.26 -63.21 -25.55
C TYR B 343 -49.67 -62.62 -25.38
N SER B 344 -49.87 -61.89 -24.29
CA SER B 344 -51.17 -61.28 -24.01
C SER B 344 -51.51 -60.16 -24.96
N ILE B 345 -50.56 -59.78 -25.82
CA ILE B 345 -50.81 -58.71 -26.78
C ILE B 345 -50.88 -59.21 -28.22
N ILE B 346 -49.93 -60.06 -28.62
CA ILE B 346 -49.92 -60.58 -29.98
C ILE B 346 -50.69 -61.90 -30.10
N ASP B 347 -50.98 -62.51 -28.96
CA ASP B 347 -51.72 -63.75 -28.89
C ASP B 347 -51.07 -64.88 -29.69
N LYS B 348 -49.78 -65.07 -29.47
CA LYS B 348 -48.99 -66.11 -30.13
C LYS B 348 -47.62 -66.14 -29.46
N LYS B 349 -46.91 -67.25 -29.56
CA LYS B 349 -45.60 -67.35 -28.90
C LYS B 349 -44.62 -66.33 -29.46
N PRO B 350 -44.13 -65.43 -28.60
CA PRO B 350 -43.17 -64.42 -29.06
C PRO B 350 -41.77 -65.00 -29.13
N ILE B 351 -41.00 -64.56 -30.12
CA ILE B 351 -39.62 -64.99 -30.30
C ILE B 351 -38.77 -63.88 -29.69
N LEU B 352 -38.04 -64.21 -28.64
CA LEU B 352 -37.22 -63.22 -27.95
C LEU B 352 -35.73 -63.31 -28.28
N ILE B 353 -35.20 -62.22 -28.83
CA ILE B 353 -33.79 -62.14 -29.21
C ILE B 353 -33.05 -61.14 -28.32
N PRO B 354 -32.06 -61.62 -27.55
CA PRO B 354 -31.28 -60.76 -26.66
C PRO B 354 -30.15 -60.03 -27.38
N ILE B 355 -29.83 -58.83 -26.89
CA ILE B 355 -28.74 -58.03 -27.45
C ILE B 355 -27.47 -58.88 -27.45
N ALA B 356 -26.74 -58.87 -28.57
CA ALA B 356 -25.50 -59.62 -28.73
C ALA B 356 -25.71 -61.14 -28.92
N GLY B 357 -26.97 -61.57 -28.90
CA GLY B 357 -27.26 -62.98 -29.09
C GLY B 357 -27.08 -63.87 -27.88
N LYS B 358 -27.67 -65.06 -27.96
CA LYS B 358 -27.60 -66.04 -26.87
C LYS B 358 -26.19 -66.55 -26.67
N GLY B 359 -25.78 -66.61 -25.41
CA GLY B 359 -24.45 -67.09 -25.08
C GLY B 359 -23.34 -66.06 -25.14
N ALA B 360 -23.66 -64.84 -25.57
CA ALA B 360 -22.64 -63.78 -25.67
C ALA B 360 -22.00 -63.49 -24.31
N ASN B 361 -20.73 -63.10 -24.31
CA ASN B 361 -20.09 -62.77 -23.04
C ASN B 361 -20.53 -61.34 -22.65
N GLN B 362 -20.31 -60.96 -21.39
CA GLN B 362 -20.72 -59.67 -20.89
C GLN B 362 -20.06 -58.50 -21.61
N LEU B 363 -18.87 -58.73 -22.15
CA LEU B 363 -18.16 -57.69 -22.87
C LEU B 363 -18.92 -57.27 -24.14
N ASP B 364 -19.37 -58.25 -24.92
CA ASP B 364 -20.10 -57.95 -26.13
C ASP B 364 -21.48 -57.37 -25.81
N ILE B 365 -22.09 -57.83 -24.73
CA ILE B 365 -23.40 -57.32 -24.35
C ILE B 365 -23.26 -55.85 -23.95
N ASP B 366 -22.24 -55.55 -23.13
CA ASP B 366 -22.00 -54.19 -22.66
C ASP B 366 -21.72 -53.21 -23.82
N ILE B 367 -20.88 -53.61 -24.76
CA ILE B 367 -20.54 -52.75 -25.89
C ILE B 367 -21.74 -52.50 -26.79
N GLU B 368 -22.42 -53.55 -27.22
CA GLU B 368 -23.56 -53.38 -28.11
C GLU B 368 -24.76 -52.72 -27.42
N THR B 369 -24.81 -52.76 -26.08
CA THR B 369 -25.88 -52.08 -25.34
C THR B 369 -25.50 -50.59 -25.37
N HIS B 370 -24.22 -50.32 -25.12
CA HIS B 370 -23.69 -48.96 -25.11
C HIS B 370 -24.01 -48.27 -26.44
N PHE B 371 -23.95 -49.01 -27.53
CA PHE B 371 -24.24 -48.41 -28.84
C PHE B 371 -25.68 -48.61 -29.32
N ASP B 372 -26.60 -48.59 -28.36
CA ASP B 372 -28.03 -48.67 -28.63
C ASP B 372 -28.48 -49.85 -29.49
N GLY B 373 -28.00 -51.04 -29.16
CA GLY B 373 -28.33 -52.23 -29.93
C GLY B 373 -29.78 -52.62 -30.16
N THR B 374 -30.70 -52.19 -29.30
CA THR B 374 -32.10 -52.57 -29.49
C THR B 374 -32.82 -51.65 -30.47
N ASN B 375 -32.31 -50.44 -30.63
CA ASN B 375 -33.00 -49.47 -31.47
C ASN B 375 -32.90 -49.51 -32.98
N TYR B 376 -33.21 -50.67 -33.54
CA TYR B 376 -33.24 -50.82 -34.98
C TYR B 376 -34.57 -50.21 -35.43
N LEU B 377 -34.59 -49.66 -36.64
CA LEU B 377 -35.81 -49.10 -37.19
C LEU B 377 -36.37 -50.19 -38.09
N THR B 378 -37.63 -50.58 -37.86
CA THR B 378 -38.26 -51.60 -38.68
C THR B 378 -38.97 -50.90 -39.82
N ILE B 379 -38.64 -51.26 -41.06
CA ILE B 379 -39.25 -50.59 -42.21
C ILE B 379 -40.29 -51.47 -42.92
N ALA B 380 -40.42 -52.71 -42.47
CA ALA B 380 -41.38 -53.67 -43.00
C ALA B 380 -41.30 -54.89 -42.10
N PRO B 381 -42.37 -55.69 -42.03
CA PRO B 381 -42.29 -56.86 -41.15
C PRO B 381 -41.05 -57.72 -41.38
N GLY B 382 -40.20 -57.79 -40.36
CA GLY B 382 -38.98 -58.58 -40.44
C GLY B 382 -37.83 -57.96 -41.21
N VAL B 383 -37.91 -56.65 -41.44
CA VAL B 383 -36.85 -55.94 -42.17
C VAL B 383 -36.44 -54.73 -41.36
N VAL B 384 -35.19 -54.72 -40.90
CA VAL B 384 -34.69 -53.62 -40.08
C VAL B 384 -33.44 -52.90 -40.61
N VAL B 385 -33.19 -51.72 -40.02
CA VAL B 385 -32.07 -50.87 -40.39
C VAL B 385 -31.34 -50.46 -39.10
N GLY B 386 -30.02 -50.56 -39.10
CA GLY B 386 -29.24 -50.19 -37.92
C GLY B 386 -27.74 -50.13 -38.17
N TYR B 387 -26.98 -49.85 -37.12
CA TYR B 387 -25.50 -49.73 -37.21
C TYR B 387 -24.79 -51.06 -37.44
N GLU B 388 -23.88 -51.07 -38.41
CA GLU B 388 -23.12 -52.27 -38.72
C GLU B 388 -22.17 -52.69 -37.60
N ARG B 389 -21.76 -51.75 -36.74
CA ARG B 389 -20.84 -52.08 -35.65
C ARG B 389 -21.38 -53.08 -34.62
N ASN B 390 -22.71 -53.15 -34.49
CA ASN B 390 -23.27 -54.10 -33.53
C ASN B 390 -23.43 -55.46 -34.20
N GLU B 391 -22.30 -56.04 -34.56
CA GLU B 391 -22.23 -57.33 -35.24
C GLU B 391 -22.88 -58.53 -34.56
N LYS B 392 -22.71 -58.69 -33.26
CA LYS B 392 -23.31 -59.83 -32.55
C LYS B 392 -24.83 -59.78 -32.59
N THR B 393 -25.39 -58.59 -32.36
CA THR B 393 -26.83 -58.44 -32.40
C THR B 393 -27.31 -58.68 -33.84
N GLN B 394 -26.58 -58.16 -34.81
CA GLN B 394 -26.95 -58.32 -36.22
C GLN B 394 -27.02 -59.80 -36.58
N LYS B 395 -26.00 -60.55 -36.15
CA LYS B 395 -25.95 -61.98 -36.43
C LYS B 395 -27.14 -62.72 -35.83
N ALA B 396 -27.50 -62.38 -34.59
CA ALA B 396 -28.62 -63.03 -33.94
C ALA B 396 -29.92 -62.73 -34.69
N LEU B 397 -30.03 -61.51 -35.20
CA LEU B 397 -31.23 -61.12 -35.93
C LEU B 397 -31.38 -61.88 -37.25
N VAL B 398 -30.28 -62.04 -38.01
CA VAL B 398 -30.38 -62.76 -39.27
C VAL B 398 -30.63 -64.24 -39.05
N GLU B 399 -30.09 -64.79 -37.96
CA GLU B 399 -30.28 -66.20 -37.68
C GLU B 399 -31.73 -66.46 -37.31
N ALA B 400 -32.39 -65.42 -36.79
CA ALA B 400 -33.79 -65.49 -36.40
C ALA B 400 -34.73 -65.23 -37.57
N GLY B 401 -34.15 -65.02 -38.76
CA GLY B 401 -34.97 -64.80 -39.95
C GLY B 401 -35.26 -63.36 -40.33
N ILE B 402 -34.67 -62.43 -39.60
CA ILE B 402 -34.87 -61.01 -39.87
C ILE B 402 -33.85 -60.49 -40.88
N LYS B 403 -34.30 -59.69 -41.84
CA LYS B 403 -33.40 -59.12 -42.85
C LYS B 403 -32.82 -57.83 -42.29
N VAL B 404 -31.50 -57.71 -42.29
CA VAL B 404 -30.85 -56.52 -41.76
C VAL B 404 -30.17 -55.67 -42.81
N LEU B 405 -30.55 -54.40 -42.86
CA LEU B 405 -29.94 -53.46 -43.80
C LEU B 405 -29.09 -52.54 -42.95
N SER B 406 -27.84 -52.92 -42.76
CA SER B 406 -26.93 -52.12 -41.93
C SER B 406 -26.27 -50.97 -42.69
N PHE B 407 -25.72 -50.03 -41.93
CA PHE B 407 -25.03 -48.90 -42.53
C PHE B 407 -23.95 -48.44 -41.58
N ASN B 408 -22.93 -47.80 -42.14
CA ASN B 408 -21.81 -47.30 -41.36
C ASN B 408 -22.16 -46.04 -40.59
N GLY B 409 -22.13 -46.14 -39.27
CA GLY B 409 -22.41 -45.00 -38.42
C GLY B 409 -21.26 -44.81 -37.44
N SER B 410 -20.03 -45.06 -37.88
CA SER B 410 -18.85 -44.94 -37.02
C SER B 410 -18.84 -43.67 -36.19
N GLN B 411 -19.36 -42.56 -36.75
CA GLN B 411 -19.41 -41.29 -36.02
C GLN B 411 -20.80 -41.02 -35.44
N LEU B 412 -21.85 -41.25 -36.23
CA LEU B 412 -23.21 -41.03 -35.74
C LEU B 412 -23.48 -41.83 -34.46
N SER B 413 -22.99 -43.06 -34.40
CA SER B 413 -23.23 -43.90 -33.22
C SER B 413 -22.67 -43.30 -31.94
N LEU B 414 -21.73 -42.37 -32.06
CA LEU B 414 -21.15 -41.75 -30.86
C LEU B 414 -22.21 -40.91 -30.14
N GLY B 415 -23.31 -40.64 -30.83
CA GLY B 415 -24.40 -39.86 -30.26
C GLY B 415 -25.29 -40.72 -29.37
N MET B 416 -25.00 -42.02 -29.32
CA MET B 416 -25.72 -42.96 -28.47
C MET B 416 -27.16 -43.31 -28.86
N GLY B 417 -27.56 -42.98 -30.09
CA GLY B 417 -28.89 -43.33 -30.53
C GLY B 417 -28.84 -43.98 -31.89
N SER B 418 -29.52 -45.11 -32.04
CA SER B 418 -29.52 -45.80 -33.32
C SER B 418 -30.66 -45.32 -34.25
N ALA B 419 -30.91 -46.11 -35.28
CA ALA B 419 -31.92 -45.82 -36.31
C ALA B 419 -33.32 -45.41 -35.84
N ARG B 420 -33.92 -46.18 -34.93
CA ARG B 420 -35.25 -45.84 -34.45
C ARG B 420 -35.25 -44.44 -33.81
N CYS B 421 -34.14 -44.09 -33.14
CA CYS B 421 -34.05 -42.78 -32.51
C CYS B 421 -33.90 -41.66 -33.54
N MET B 422 -33.33 -41.98 -34.70
CA MET B 422 -33.11 -41.00 -35.74
C MET B 422 -34.24 -40.92 -36.74
N SER B 423 -35.42 -41.39 -36.35
CA SER B 423 -36.55 -41.34 -37.26
C SER B 423 -37.90 -41.26 -36.56
N MET B 424 -38.89 -40.75 -37.30
CA MET B 424 -40.26 -40.68 -36.77
C MET B 424 -41.22 -41.02 -37.88
N PRO B 425 -41.74 -42.27 -37.88
CA PRO B 425 -42.69 -42.71 -38.91
C PRO B 425 -43.89 -41.76 -38.93
N LEU B 426 -44.34 -41.42 -40.13
CA LEU B 426 -45.49 -40.54 -40.31
C LEU B 426 -46.65 -41.37 -40.86
N ILE B 427 -46.33 -42.28 -41.79
CA ILE B 427 -47.33 -43.15 -42.38
C ILE B 427 -46.80 -44.56 -42.60
N ARG B 428 -47.50 -45.54 -42.02
CA ARG B 428 -47.16 -46.95 -42.17
C ARG B 428 -48.40 -47.67 -42.70
N GLU B 429 -48.18 -48.63 -43.59
CA GLU B 429 -49.27 -49.42 -44.16
C GLU B 429 -49.89 -50.18 -42.99
N ASN B 430 -51.20 -50.09 -42.81
CA ASN B 430 -51.84 -50.81 -41.70
C ASN B 430 -51.61 -52.31 -41.84
N LEU B 431 -51.49 -52.99 -40.73
CA LEU B 431 -51.29 -54.42 -40.75
C LEU B 431 -52.60 -55.15 -41.05
N LYS B 432 -52.47 -56.37 -41.54
CA LYS B 432 -53.62 -57.21 -41.82
C LYS B 432 -53.39 -58.40 -40.89
N LYS B 433 -52.24 -58.35 -40.22
CA LYS B 433 -51.77 -59.36 -39.28
C LYS B 433 -51.76 -60.75 -39.90
N GLY C 35 4.03 -13.22 -63.86
CA GLY C 35 3.07 -14.24 -63.31
C GLY C 35 3.52 -15.68 -63.55
N ILE C 36 4.44 -15.86 -64.50
CA ILE C 36 4.96 -17.18 -64.84
C ILE C 36 6.46 -17.27 -64.61
N ASN C 37 6.90 -18.25 -63.82
CA ASN C 37 8.32 -18.45 -63.55
C ASN C 37 8.58 -19.93 -63.25
N VAL C 38 8.88 -20.69 -64.30
CA VAL C 38 9.13 -22.12 -64.17
C VAL C 38 10.43 -22.51 -64.85
N TYR C 39 11.51 -22.53 -64.07
CA TYR C 39 12.83 -22.86 -64.58
C TYR C 39 13.38 -24.21 -64.11
N SER C 40 12.49 -25.20 -63.99
CA SER C 40 12.87 -26.55 -63.61
C SER C 40 11.63 -27.43 -63.54
N GLU C 41 11.83 -28.72 -63.28
CA GLU C 41 10.74 -29.67 -63.16
C GLU C 41 10.58 -30.02 -61.67
N ILE C 42 11.56 -29.64 -60.87
CA ILE C 42 11.59 -30.01 -59.46
C ILE C 42 11.61 -28.93 -58.39
N GLY C 43 11.87 -27.68 -58.79
CA GLY C 43 11.92 -26.60 -57.82
C GLY C 43 10.63 -26.50 -57.00
N GLU C 44 10.78 -26.15 -55.72
CA GLU C 44 9.62 -26.06 -54.84
C GLU C 44 8.47 -25.31 -55.52
N LEU C 45 7.35 -26.02 -55.68
CA LEU C 45 6.16 -25.50 -56.34
C LEU C 45 5.42 -24.49 -55.48
N LYS C 46 5.19 -23.30 -56.02
CA LYS C 46 4.49 -22.24 -55.30
C LYS C 46 3.06 -21.98 -55.81
N GLU C 47 2.89 -22.05 -57.13
CA GLU C 47 1.59 -21.85 -57.74
C GLU C 47 1.37 -22.85 -58.88
N VAL C 48 0.22 -23.51 -58.89
CA VAL C 48 -0.06 -24.49 -59.92
C VAL C 48 -1.52 -24.40 -60.41
N LEU C 49 -1.72 -24.66 -61.70
CA LEU C 49 -3.05 -24.62 -62.30
C LEU C 49 -3.60 -26.03 -62.44
N VAL C 50 -4.84 -26.23 -61.99
CA VAL C 50 -5.48 -27.54 -62.08
C VAL C 50 -6.93 -27.31 -62.48
N HIS C 51 -7.66 -28.39 -62.69
CA HIS C 51 -9.07 -28.31 -63.02
C HIS C 51 -9.79 -29.53 -62.48
N THR C 52 -10.55 -29.35 -61.41
CA THR C 52 -11.33 -30.44 -60.85
C THR C 52 -12.45 -30.66 -61.86
N PRO C 53 -12.58 -31.88 -62.39
CA PRO C 53 -13.63 -32.14 -63.36
C PRO C 53 -15.05 -31.76 -62.93
N GLY C 54 -15.85 -31.33 -63.91
CA GLY C 54 -17.23 -30.96 -63.67
C GLY C 54 -18.12 -31.94 -64.41
N ASP C 55 -19.33 -31.49 -64.78
CA ASP C 55 -20.26 -32.38 -65.46
C ASP C 55 -19.77 -32.91 -66.80
N GLU C 56 -18.71 -32.34 -67.34
CA GLU C 56 -18.23 -32.85 -68.62
C GLU C 56 -17.89 -34.33 -68.58
N ILE C 57 -17.36 -34.83 -67.45
CA ILE C 57 -17.00 -36.24 -67.37
C ILE C 57 -18.22 -37.15 -67.14
N ARG C 58 -19.40 -36.56 -67.17
CA ARG C 58 -20.64 -37.29 -67.01
C ARG C 58 -21.28 -37.46 -68.39
N TYR C 59 -20.77 -36.71 -69.37
CA TYR C 59 -21.34 -36.72 -70.72
C TYR C 59 -20.62 -37.48 -71.81
N THR C 60 -19.81 -38.45 -71.44
CA THR C 60 -19.10 -39.24 -72.43
C THR C 60 -19.78 -40.60 -72.62
N ALA C 61 -20.47 -40.77 -73.74
CA ALA C 61 -21.14 -42.02 -74.03
C ALA C 61 -20.08 -43.09 -74.30
N PRO C 62 -20.35 -44.36 -73.93
CA PRO C 62 -19.37 -45.42 -74.17
C PRO C 62 -18.96 -45.58 -75.64
N SER C 63 -19.87 -45.28 -76.55
CA SER C 63 -19.56 -45.41 -77.96
C SER C 63 -18.80 -44.20 -78.51
N ARG C 64 -18.61 -43.18 -77.68
CA ARG C 64 -17.89 -41.99 -78.15
C ARG C 64 -16.54 -41.79 -77.51
N LEU C 65 -16.00 -42.81 -76.86
CA LEU C 65 -14.70 -42.67 -76.22
C LEU C 65 -13.66 -42.15 -77.20
N GLU C 66 -13.62 -42.74 -78.40
CA GLU C 66 -12.67 -42.30 -79.41
C GLU C 66 -13.00 -40.92 -79.95
N GLU C 67 -14.29 -40.68 -80.21
CA GLU C 67 -14.73 -39.41 -80.74
C GLU C 67 -14.35 -38.25 -79.81
N LEU C 68 -14.54 -38.43 -78.51
CA LEU C 68 -14.21 -37.40 -77.53
C LEU C 68 -12.76 -37.52 -77.07
N LEU C 69 -12.05 -38.49 -77.63
CA LEU C 69 -10.66 -38.73 -77.28
C LEU C 69 -10.44 -38.89 -75.78
N PHE C 70 -11.28 -39.72 -75.15
CA PHE C 70 -11.15 -40.00 -73.72
C PHE C 70 -11.13 -41.52 -73.57
N SER C 71 -10.42 -42.01 -72.57
CA SER C 71 -10.26 -43.45 -72.38
C SER C 71 -11.31 -44.34 -71.71
N ALA C 72 -12.24 -43.77 -70.94
CA ALA C 72 -13.26 -44.63 -70.30
C ALA C 72 -14.42 -43.87 -69.68
N VAL C 73 -15.46 -44.60 -69.30
CA VAL C 73 -16.62 -43.99 -68.66
C VAL C 73 -16.35 -44.03 -67.16
N LEU C 74 -16.21 -42.84 -66.57
CA LEU C 74 -15.93 -42.72 -65.13
C LEU C 74 -17.16 -42.66 -64.26
N LYS C 75 -16.99 -43.00 -62.99
CA LYS C 75 -18.06 -42.90 -62.02
C LYS C 75 -17.71 -41.49 -61.52
N ALA C 76 -18.30 -40.50 -62.17
CA ALA C 76 -18.04 -39.09 -61.92
C ALA C 76 -17.85 -38.59 -60.49
N ASP C 77 -18.83 -38.82 -59.63
CA ASP C 77 -18.73 -38.34 -58.25
C ASP C 77 -17.45 -38.83 -57.59
N THR C 78 -17.11 -40.09 -57.84
CA THR C 78 -15.92 -40.68 -57.26
C THR C 78 -14.64 -40.05 -57.81
N ALA C 79 -14.60 -39.85 -59.12
CA ALA C 79 -13.43 -39.26 -59.75
C ALA C 79 -13.23 -37.83 -59.23
N ILE C 80 -14.33 -37.11 -59.05
CA ILE C 80 -14.26 -35.75 -58.57
C ILE C 80 -13.70 -35.69 -57.16
N GLU C 81 -14.16 -36.58 -56.27
CA GLU C 81 -13.64 -36.57 -54.91
C GLU C 81 -12.16 -36.95 -54.91
N GLU C 82 -11.78 -37.90 -55.76
CA GLU C 82 -10.37 -38.27 -55.80
C GLU C 82 -9.52 -37.09 -56.27
N HIS C 83 -10.03 -36.29 -57.21
CA HIS C 83 -9.26 -35.15 -57.67
C HIS C 83 -9.12 -34.14 -56.53
N LYS C 84 -10.18 -33.97 -55.74
CA LYS C 84 -10.10 -33.04 -54.62
C LYS C 84 -9.05 -33.51 -53.62
N GLY C 85 -8.89 -34.83 -53.50
CA GLY C 85 -7.90 -35.39 -52.59
C GLY C 85 -6.50 -35.04 -53.08
N PHE C 86 -6.34 -35.02 -54.41
CA PHE C 86 -5.08 -34.66 -55.06
C PHE C 86 -4.80 -33.18 -54.74
N VAL C 87 -5.80 -32.34 -54.96
CA VAL C 87 -5.68 -30.91 -54.69
C VAL C 87 -5.31 -30.64 -53.22
N LYS C 88 -5.97 -31.36 -52.31
CA LYS C 88 -5.73 -31.20 -50.88
C LYS C 88 -4.27 -31.44 -50.51
N ILE C 89 -3.67 -32.48 -51.08
CA ILE C 89 -2.27 -32.78 -50.78
C ILE C 89 -1.39 -31.60 -51.21
N LEU C 90 -1.63 -31.05 -52.38
CA LEU C 90 -0.85 -29.93 -52.87
C LEU C 90 -0.99 -28.75 -51.91
N GLN C 91 -2.23 -28.46 -51.52
CA GLN C 91 -2.48 -27.37 -50.61
C GLN C 91 -1.80 -27.56 -49.26
N ASN C 92 -1.82 -28.79 -48.74
CA ASN C 92 -1.21 -29.07 -47.46
C ASN C 92 0.30 -28.93 -47.52
N ASN C 93 0.85 -28.83 -48.73
CA ASN C 93 2.27 -28.66 -48.85
C ASN C 93 2.61 -27.21 -49.16
N GLY C 94 1.69 -26.32 -48.80
CA GLY C 94 1.91 -24.90 -49.00
C GLY C 94 1.83 -24.39 -50.43
N ILE C 95 1.29 -25.20 -51.32
CA ILE C 95 1.17 -24.79 -52.70
C ILE C 95 -0.16 -24.05 -52.94
N LYS C 96 -0.10 -22.96 -53.68
CA LYS C 96 -1.32 -22.23 -53.99
C LYS C 96 -1.91 -22.93 -55.23
N VAL C 97 -3.06 -23.54 -55.06
CA VAL C 97 -3.70 -24.25 -56.16
C VAL C 97 -4.78 -23.37 -56.78
N ILE C 98 -4.62 -23.12 -58.08
CA ILE C 98 -5.56 -22.28 -58.81
C ILE C 98 -6.41 -23.09 -59.76
N GLN C 99 -7.73 -22.95 -59.57
CA GLN C 99 -8.72 -23.63 -60.38
C GLN C 99 -8.90 -22.85 -61.71
N LEU C 100 -8.87 -23.56 -62.85
CA LEU C 100 -9.03 -22.91 -64.16
C LEU C 100 -10.33 -22.10 -64.29
N CYS C 101 -11.44 -22.65 -63.78
CA CYS C 101 -12.70 -21.95 -63.85
C CYS C 101 -12.66 -20.64 -63.06
N ASP C 102 -11.96 -20.63 -61.92
CA ASP C 102 -11.87 -19.42 -61.12
C ASP C 102 -11.01 -18.37 -61.80
N LEU C 103 -9.89 -18.80 -62.40
CA LEU C 103 -9.00 -17.88 -63.09
C LEU C 103 -9.71 -17.25 -64.26
N VAL C 104 -10.46 -18.06 -65.01
CA VAL C 104 -11.22 -17.54 -66.15
C VAL C 104 -12.30 -16.56 -65.66
N ALA C 105 -13.01 -16.93 -64.60
CA ALA C 105 -14.06 -16.07 -64.06
C ALA C 105 -13.49 -14.72 -63.64
N GLU C 106 -12.35 -14.76 -62.96
CA GLU C 106 -11.68 -13.56 -62.50
C GLU C 106 -11.32 -12.65 -63.68
N THR C 107 -10.79 -13.24 -64.74
CA THR C 107 -10.42 -12.48 -65.93
C THR C 107 -11.66 -11.83 -66.54
N TYR C 108 -12.73 -12.61 -66.65
CA TYR C 108 -13.99 -12.13 -67.22
C TYR C 108 -14.52 -10.86 -66.50
N GLU C 109 -14.52 -10.88 -65.18
CA GLU C 109 -15.00 -9.73 -64.41
C GLU C 109 -14.23 -8.45 -64.74
N LEU C 110 -12.92 -8.57 -64.94
CA LEU C 110 -12.06 -7.43 -65.25
C LEU C 110 -12.13 -6.92 -66.70
N CYS C 111 -12.81 -7.67 -67.57
CA CYS C 111 -12.91 -7.29 -68.96
C CYS C 111 -14.08 -6.36 -69.27
N SER C 112 -13.98 -5.66 -70.39
CA SER C 112 -15.02 -4.75 -70.83
C SER C 112 -16.16 -5.59 -71.40
N LYS C 113 -17.33 -4.99 -71.53
CA LYS C 113 -18.48 -5.70 -72.06
C LYS C 113 -18.21 -6.27 -73.45
N GLU C 114 -17.51 -5.52 -74.29
CA GLU C 114 -17.21 -6.00 -75.64
C GLU C 114 -16.25 -7.19 -75.65
N VAL C 115 -15.26 -7.16 -74.75
CA VAL C 115 -14.31 -8.26 -74.68
C VAL C 115 -15.01 -9.50 -74.11
N ARG C 116 -15.86 -9.28 -73.11
CA ARG C 116 -16.60 -10.37 -72.49
C ARG C 116 -17.44 -11.09 -73.54
N ASN C 117 -18.20 -10.29 -74.29
CA ASN C 117 -19.07 -10.83 -75.33
C ASN C 117 -18.23 -11.52 -76.38
N SER C 118 -17.05 -11.00 -76.63
CA SER C 118 -16.12 -11.57 -77.60
C SER C 118 -15.78 -13.01 -77.21
N PHE C 119 -15.62 -13.23 -75.91
CA PHE C 119 -15.28 -14.54 -75.34
C PHE C 119 -16.44 -15.54 -75.55
N ILE C 120 -17.65 -15.11 -75.23
CA ILE C 120 -18.84 -15.94 -75.39
C ILE C 120 -19.07 -16.29 -76.86
N GLU C 121 -18.92 -15.30 -77.74
CA GLU C 121 -19.12 -15.52 -79.18
C GLU C 121 -18.12 -16.52 -79.75
N GLN C 122 -16.85 -16.42 -79.35
CA GLN C 122 -15.85 -17.35 -79.87
C GLN C 122 -16.22 -18.77 -79.40
N TYR C 123 -16.66 -18.89 -78.15
CA TYR C 123 -17.05 -20.20 -77.61
C TYR C 123 -18.17 -20.82 -78.43
N LEU C 124 -19.18 -20.01 -78.74
CA LEU C 124 -20.31 -20.48 -79.54
C LEU C 124 -19.84 -20.87 -80.95
N ASP C 125 -18.85 -20.16 -81.46
CA ASP C 125 -18.33 -20.46 -82.80
C ASP C 125 -17.60 -21.80 -82.85
N GLU C 126 -16.83 -22.10 -81.80
CA GLU C 126 -16.07 -23.33 -81.73
C GLU C 126 -16.84 -24.52 -81.17
N ALA C 127 -18.09 -24.30 -80.78
CA ALA C 127 -18.90 -25.38 -80.21
C ALA C 127 -19.15 -26.57 -81.16
N LEU C 128 -19.17 -27.77 -80.58
CA LEU C 128 -19.44 -28.98 -81.34
C LEU C 128 -20.43 -29.80 -80.51
N PRO C 129 -21.49 -30.34 -81.15
CA PRO C 129 -21.81 -30.22 -82.58
C PRO C 129 -22.09 -28.76 -82.91
N VAL C 130 -22.01 -28.40 -84.19
CA VAL C 130 -22.26 -27.03 -84.60
C VAL C 130 -23.66 -26.63 -84.15
N LEU C 131 -23.80 -25.39 -83.70
CA LEU C 131 -25.09 -24.89 -83.23
C LEU C 131 -25.99 -24.43 -84.36
N LYS C 132 -27.24 -24.88 -84.32
CA LYS C 132 -28.24 -24.49 -85.33
C LYS C 132 -28.58 -23.02 -85.12
N LYS C 133 -28.79 -22.28 -86.19
CA LYS C 133 -29.06 -20.85 -86.08
C LYS C 133 -30.08 -20.45 -85.01
N GLU C 134 -31.17 -21.19 -84.88
CA GLU C 134 -32.16 -20.80 -83.88
C GLU C 134 -31.86 -21.30 -82.47
N ILE C 135 -30.85 -22.16 -82.32
CA ILE C 135 -30.52 -22.66 -80.99
C ILE C 135 -29.40 -21.84 -80.35
N ARG C 136 -28.52 -21.29 -81.19
CA ARG C 136 -27.41 -20.48 -80.72
C ARG C 136 -27.86 -19.40 -79.73
N PRO C 137 -28.85 -18.57 -80.11
CA PRO C 137 -29.32 -17.52 -79.19
C PRO C 137 -29.88 -18.08 -77.89
N VAL C 138 -30.47 -19.26 -77.96
CA VAL C 138 -31.03 -19.87 -76.76
C VAL C 138 -29.90 -20.30 -75.81
N VAL C 139 -28.79 -20.78 -76.37
CA VAL C 139 -27.67 -21.18 -75.55
C VAL C 139 -27.02 -19.95 -74.94
N LYS C 140 -26.86 -18.90 -75.74
CA LYS C 140 -26.23 -17.67 -75.25
C LYS C 140 -27.00 -17.08 -74.06
N ASP C 141 -28.32 -17.04 -74.15
CA ASP C 141 -29.14 -16.52 -73.05
C ASP C 141 -28.97 -17.40 -71.81
N TYR C 142 -28.97 -18.72 -72.01
CA TYR C 142 -28.80 -19.66 -70.92
C TYR C 142 -27.48 -19.42 -70.18
N LEU C 143 -26.39 -19.30 -70.93
CA LEU C 143 -25.09 -19.07 -70.33
C LEU C 143 -25.07 -17.78 -69.52
N LEU C 144 -25.64 -16.72 -70.07
CA LEU C 144 -25.65 -15.43 -69.41
C LEU C 144 -26.55 -15.32 -68.18
N SER C 145 -27.44 -16.28 -67.98
CA SER C 145 -28.34 -16.26 -66.83
C SER C 145 -27.68 -16.79 -65.54
N PHE C 146 -26.48 -17.35 -65.67
CA PHE C 146 -25.75 -17.91 -64.53
C PHE C 146 -24.70 -16.94 -64.00
N PRO C 147 -24.36 -17.06 -62.70
CA PRO C 147 -23.33 -16.19 -62.14
C PRO C 147 -22.06 -16.52 -62.92
N THR C 148 -21.10 -15.61 -62.97
CA THR C 148 -19.88 -15.84 -63.75
C THR C 148 -19.18 -17.21 -63.68
N VAL C 149 -18.81 -17.65 -62.49
CA VAL C 149 -18.11 -18.92 -62.36
C VAL C 149 -18.94 -20.10 -62.82
N GLN C 150 -20.24 -20.09 -62.53
CA GLN C 150 -21.11 -21.18 -62.98
C GLN C 150 -21.24 -21.15 -64.51
N MET C 151 -21.20 -19.95 -65.08
CA MET C 151 -21.31 -19.83 -66.53
C MET C 151 -20.09 -20.48 -67.15
N VAL C 152 -18.92 -20.17 -66.61
CA VAL C 152 -17.68 -20.75 -67.12
C VAL C 152 -17.75 -22.28 -67.04
N ARG C 153 -18.28 -22.81 -65.93
CA ARG C 153 -18.41 -24.25 -65.74
C ARG C 153 -19.36 -24.88 -66.75
N LYS C 154 -20.41 -24.17 -67.15
CA LYS C 154 -21.33 -24.70 -68.13
C LYS C 154 -20.62 -24.79 -69.46
N MET C 155 -19.79 -23.79 -69.76
CA MET C 155 -19.04 -23.77 -71.00
C MET C 155 -18.09 -24.96 -71.05
N MET C 156 -17.51 -25.30 -69.89
CA MET C 156 -16.56 -26.39 -69.78
C MET C 156 -17.26 -27.77 -69.77
N SER C 157 -18.43 -27.84 -69.17
CA SER C 157 -19.14 -29.09 -69.06
C SER C 157 -19.91 -29.50 -70.29
N GLY C 158 -20.35 -28.53 -71.07
CA GLY C 158 -21.14 -28.84 -72.24
C GLY C 158 -22.59 -28.63 -71.81
N ILE C 159 -23.53 -28.77 -72.74
CA ILE C 159 -24.93 -28.55 -72.41
C ILE C 159 -25.86 -29.66 -72.92
N LEU C 160 -26.74 -30.13 -72.04
CA LEU C 160 -27.70 -31.18 -72.35
C LEU C 160 -28.97 -30.59 -72.96
N ALA C 161 -29.56 -31.28 -73.92
CA ALA C 161 -30.80 -30.81 -74.53
C ALA C 161 -31.86 -30.57 -73.44
N ASN C 162 -31.94 -31.46 -72.46
CA ASN C 162 -32.91 -31.33 -71.38
C ASN C 162 -32.83 -29.96 -70.69
N GLU C 163 -31.61 -29.49 -70.51
CA GLU C 163 -31.36 -28.20 -69.86
C GLU C 163 -32.03 -27.04 -70.56
N LEU C 164 -32.19 -27.12 -71.88
CA LEU C 164 -32.81 -26.05 -72.65
C LEU C 164 -34.24 -26.39 -73.03
N ASN C 165 -34.73 -27.51 -72.51
CA ASN C 165 -36.07 -27.96 -72.81
C ASN C 165 -36.26 -28.25 -74.30
N ILE C 166 -35.19 -28.70 -74.96
CA ILE C 166 -35.27 -29.03 -76.37
C ILE C 166 -35.37 -30.54 -76.40
N LYS C 167 -36.28 -31.05 -77.21
CA LYS C 167 -36.46 -32.49 -77.30
C LYS C 167 -35.93 -33.00 -78.63
N GLN C 168 -34.77 -33.63 -78.58
CA GLN C 168 -34.13 -34.19 -79.76
C GLN C 168 -33.45 -35.50 -79.40
N ASP C 169 -32.99 -36.23 -80.41
CA ASP C 169 -32.33 -37.51 -80.19
C ASP C 169 -30.95 -37.36 -79.57
N ASN C 170 -30.23 -36.34 -80.03
CA ASN C 170 -28.91 -36.10 -79.48
C ASN C 170 -29.09 -35.50 -78.08
N PRO C 171 -28.68 -36.23 -77.05
CA PRO C 171 -28.83 -35.71 -75.69
C PRO C 171 -28.04 -34.43 -75.43
N LEU C 172 -27.02 -34.18 -76.25
CA LEU C 172 -26.17 -33.00 -76.06
C LEU C 172 -26.31 -31.89 -77.11
N ILE C 173 -26.48 -30.65 -76.66
CA ILE C 173 -26.58 -29.51 -77.57
C ILE C 173 -25.12 -29.10 -77.85
N ILE C 174 -24.30 -29.17 -76.81
CA ILE C 174 -22.87 -28.87 -76.93
C ILE C 174 -22.09 -29.92 -76.12
N ASP C 175 -21.12 -30.56 -76.77
CA ASP C 175 -20.30 -31.57 -76.10
C ASP C 175 -19.47 -30.95 -74.98
N GLY C 176 -19.17 -31.74 -73.95
CA GLY C 176 -18.36 -31.23 -72.89
C GLY C 176 -16.91 -31.41 -73.31
N MET C 177 -15.97 -30.97 -72.46
CA MET C 177 -14.54 -31.11 -72.73
C MET C 177 -13.97 -31.95 -71.59
N PRO C 178 -14.20 -33.28 -71.62
CA PRO C 178 -13.74 -34.22 -70.59
C PRO C 178 -12.26 -34.17 -70.24
N ASN C 179 -11.41 -33.75 -71.19
CA ASN C 179 -9.98 -33.69 -70.94
C ASN C 179 -9.48 -32.44 -70.24
N LEU C 180 -10.39 -31.56 -69.84
CA LEU C 180 -9.98 -30.32 -69.19
C LEU C 180 -9.18 -30.52 -67.92
N TYR C 181 -9.44 -31.60 -67.19
CA TYR C 181 -8.68 -31.79 -65.95
C TYR C 181 -7.21 -32.08 -66.22
N PHE C 182 -6.86 -32.27 -67.49
CA PHE C 182 -5.46 -32.48 -67.89
C PHE C 182 -4.87 -31.08 -68.26
N THR C 183 -4.64 -30.25 -67.25
CA THR C 183 -4.13 -28.89 -67.50
C THR C 183 -2.72 -28.82 -68.05
N ARG C 184 -2.09 -29.96 -68.23
CA ARG C 184 -0.74 -30.03 -68.79
C ARG C 184 -0.77 -29.81 -70.31
N ASP C 185 -1.94 -29.94 -70.93
CA ASP C 185 -2.04 -29.82 -72.38
C ASP C 185 -2.27 -28.47 -73.07
N PRO C 186 -3.33 -27.72 -72.69
CA PRO C 186 -3.59 -26.43 -73.34
C PRO C 186 -2.37 -25.51 -73.46
N PHE C 187 -1.60 -25.38 -72.38
CA PHE C 187 -0.40 -24.56 -72.44
C PHE C 187 0.63 -25.09 -71.47
N ALA C 188 1.89 -24.78 -71.72
CA ALA C 188 2.97 -25.23 -70.87
C ALA C 188 3.87 -24.07 -70.48
N SER C 189 4.09 -23.89 -69.18
CA SER C 189 4.95 -22.82 -68.72
C SER C 189 6.34 -23.18 -69.21
N MET C 190 7.09 -22.15 -69.58
CA MET C 190 8.43 -22.31 -70.15
C MET C 190 9.31 -21.14 -69.66
N GLY C 191 9.99 -21.32 -68.53
CA GLY C 191 10.83 -20.25 -68.01
C GLY C 191 9.97 -19.05 -67.59
N ASN C 192 10.15 -17.93 -68.29
CA ASN C 192 9.38 -16.72 -68.00
C ASN C 192 8.21 -16.56 -68.99
N GLY C 193 8.09 -17.48 -69.93
CA GLY C 193 7.03 -17.41 -70.91
C GLY C 193 6.18 -18.67 -70.97
N VAL C 194 5.32 -18.76 -71.96
CA VAL C 194 4.48 -19.94 -72.11
C VAL C 194 4.37 -20.39 -73.56
N SER C 195 4.02 -21.65 -73.72
CA SER C 195 3.79 -22.23 -75.03
C SER C 195 2.32 -22.63 -75.08
N ILE C 196 1.51 -21.86 -75.80
CA ILE C 196 0.09 -22.20 -75.92
C ILE C 196 0.11 -23.19 -77.06
N ASN C 197 -0.06 -24.46 -76.69
CA ASN C 197 0.03 -25.59 -77.61
C ASN C 197 -1.02 -25.78 -78.70
N CYS C 198 -0.59 -26.49 -79.75
CA CYS C 198 -1.43 -26.78 -80.90
C CYS C 198 -1.91 -28.23 -80.79
N MET C 199 -3.09 -28.43 -80.22
CA MET C 199 -3.69 -29.76 -80.05
C MET C 199 -3.93 -30.40 -81.43
N LYS C 200 -4.05 -31.71 -81.45
CA LYS C 200 -4.26 -32.41 -82.72
C LYS C 200 -5.71 -32.44 -83.22
N TYR C 201 -6.63 -32.92 -82.40
CA TYR C 201 -8.03 -32.99 -82.84
C TYR C 201 -8.91 -31.86 -82.31
N PRO C 202 -9.81 -31.34 -83.16
CA PRO C 202 -10.75 -30.26 -82.83
C PRO C 202 -11.47 -30.40 -81.49
N THR C 203 -11.77 -31.63 -81.10
CA THR C 203 -12.45 -31.85 -79.83
C THR C 203 -11.64 -31.26 -78.69
N ARG C 204 -10.32 -31.37 -78.78
CA ARG C 204 -9.44 -30.86 -77.74
C ARG C 204 -8.96 -29.45 -77.98
N LYS C 205 -9.01 -28.99 -79.23
CA LYS C 205 -8.59 -27.63 -79.53
C LYS C 205 -9.53 -26.62 -78.88
N ARG C 206 -10.75 -27.06 -78.58
CA ARG C 206 -11.73 -26.19 -77.93
C ARG C 206 -11.32 -25.79 -76.52
N GLU C 207 -10.43 -26.58 -75.91
CA GLU C 207 -9.99 -26.34 -74.54
C GLU C 207 -9.07 -25.12 -74.40
N VAL C 208 -8.37 -24.78 -75.47
CA VAL C 208 -7.44 -23.66 -75.44
C VAL C 208 -8.09 -22.30 -75.15
N ILE C 209 -9.33 -22.12 -75.57
CA ILE C 209 -10.00 -20.85 -75.35
C ILE C 209 -9.91 -20.30 -73.93
N PHE C 210 -10.04 -21.16 -72.92
CA PHE C 210 -10.01 -20.73 -71.54
C PHE C 210 -8.71 -20.08 -71.06
N SER C 211 -7.61 -20.83 -71.09
CA SER C 211 -6.34 -20.27 -70.65
C SER C 211 -5.86 -19.15 -71.58
N ARG C 212 -6.17 -19.25 -72.86
CA ARG C 212 -5.74 -18.21 -73.80
C ARG C 212 -6.44 -16.88 -73.46
N PHE C 213 -7.69 -16.97 -73.00
CA PHE C 213 -8.46 -15.80 -72.59
C PHE C 213 -7.75 -15.13 -71.41
N VAL C 214 -7.20 -15.96 -70.53
CA VAL C 214 -6.48 -15.48 -69.36
C VAL C 214 -5.18 -14.79 -69.77
N PHE C 215 -4.40 -15.42 -70.65
CA PHE C 215 -3.12 -14.86 -71.09
C PHE C 215 -3.28 -13.64 -71.99
N THR C 216 -4.51 -13.37 -72.41
CA THR C 216 -4.79 -12.25 -73.27
C THR C 216 -5.33 -11.04 -72.50
N ASN C 217 -6.10 -11.30 -71.45
CA ASN C 217 -6.73 -10.21 -70.69
C ASN C 217 -6.38 -10.03 -69.21
N ASN C 218 -6.01 -11.08 -68.51
CA ASN C 218 -5.70 -10.94 -67.09
C ASN C 218 -4.40 -10.16 -66.93
N PRO C 219 -4.44 -9.03 -66.20
CA PRO C 219 -3.27 -8.18 -65.98
C PRO C 219 -2.09 -8.91 -65.36
N LYS C 220 -2.35 -9.99 -64.64
CA LYS C 220 -1.26 -10.73 -64.02
C LYS C 220 -0.51 -11.63 -65.02
N TYR C 221 -1.14 -11.93 -66.15
CA TYR C 221 -0.52 -12.81 -67.14
C TYR C 221 -0.45 -12.20 -68.52
N LYS C 222 -1.19 -11.11 -68.72
CA LYS C 222 -1.27 -10.40 -69.99
C LYS C 222 0.06 -10.18 -70.70
N ASN C 223 1.11 -9.86 -69.94
CA ASN C 223 2.42 -9.60 -70.53
C ASN C 223 3.38 -10.78 -70.60
N THR C 224 2.88 -11.97 -70.32
CA THR C 224 3.72 -13.16 -70.38
C THR C 224 4.06 -13.41 -71.85
N PRO C 225 5.35 -13.52 -72.17
CA PRO C 225 5.74 -13.76 -73.57
C PRO C 225 5.31 -15.15 -74.04
N ARG C 226 4.80 -15.24 -75.25
CA ARG C 226 4.37 -16.53 -75.79
C ARG C 226 5.42 -17.10 -76.73
N TYR C 227 6.20 -18.06 -76.25
CA TYR C 227 7.23 -18.65 -77.10
C TYR C 227 6.60 -19.53 -78.16
N PHE C 228 5.30 -19.74 -78.04
CA PHE C 228 4.55 -20.48 -79.04
C PHE C 228 3.09 -20.15 -78.86
N ASP C 229 2.35 -20.10 -79.95
CA ASP C 229 0.92 -19.78 -79.90
C ASP C 229 0.29 -20.41 -81.12
N ILE C 230 -1.04 -20.54 -81.10
CA ILE C 230 -1.78 -21.15 -82.19
C ILE C 230 -1.98 -20.23 -83.39
N VAL C 231 -1.28 -19.08 -83.42
CA VAL C 231 -1.49 -18.16 -84.53
C VAL C 231 -0.30 -17.67 -85.34
N GLY C 232 0.79 -17.25 -84.70
CA GLY C 232 1.89 -16.72 -85.49
C GLY C 232 3.17 -17.54 -85.57
N ASN C 233 3.04 -18.85 -85.69
CA ASN C 233 4.20 -19.72 -85.74
C ASN C 233 4.01 -20.86 -86.73
N ASN C 234 4.94 -21.80 -86.74
CA ASN C 234 4.88 -22.95 -87.63
C ASN C 234 4.97 -24.25 -86.85
N GLY C 235 4.41 -25.33 -87.41
CA GLY C 235 4.48 -26.63 -86.77
C GLY C 235 3.44 -26.89 -85.69
N THR C 236 3.66 -27.97 -84.94
CA THR C 236 2.76 -28.37 -83.86
C THR C 236 3.59 -28.77 -82.64
N ILE C 237 3.01 -28.62 -81.47
CA ILE C 237 3.70 -28.97 -80.24
C ILE C 237 2.67 -29.26 -79.14
N GLU C 238 2.97 -30.22 -78.27
CA GLU C 238 2.07 -30.58 -77.19
C GLU C 238 2.76 -30.58 -75.84
N GLY C 239 1.98 -30.31 -74.79
CA GLY C 239 2.51 -30.25 -73.44
C GLY C 239 3.33 -31.44 -72.97
N GLY C 240 2.94 -32.63 -73.40
CA GLY C 240 3.65 -33.83 -72.99
C GLY C 240 5.11 -33.92 -73.45
N ASP C 241 5.50 -33.10 -74.42
CA ASP C 241 6.89 -33.14 -74.89
C ASP C 241 7.76 -32.03 -74.30
N ILE C 242 7.16 -31.14 -73.50
CA ILE C 242 7.91 -30.03 -72.94
C ILE C 242 8.41 -30.22 -71.50
N PHE C 243 9.73 -30.09 -71.33
CA PHE C 243 10.38 -30.25 -70.03
C PHE C 243 11.40 -29.13 -69.79
N ILE C 244 11.48 -28.63 -68.56
CA ILE C 244 12.45 -27.58 -68.25
C ILE C 244 13.39 -28.17 -67.22
N TYR C 245 14.60 -28.54 -67.64
CA TYR C 245 15.54 -29.14 -66.71
C TYR C 245 16.25 -28.17 -65.76
N ASN C 246 16.55 -26.97 -66.23
CA ASN C 246 17.20 -25.98 -65.38
C ASN C 246 17.12 -24.57 -66.00
N SER C 247 17.71 -23.60 -65.31
CA SER C 247 17.72 -22.21 -65.77
C SER C 247 18.18 -22.01 -67.20
N LYS C 248 19.08 -22.87 -67.67
CA LYS C 248 19.63 -22.71 -69.01
C LYS C 248 19.21 -23.71 -70.05
N THR C 249 18.62 -24.83 -69.61
CA THR C 249 18.27 -25.89 -70.56
C THR C 249 16.82 -26.30 -70.64
N LEU C 250 16.30 -26.25 -71.85
CA LEU C 250 14.94 -26.64 -72.16
C LEU C 250 15.05 -27.98 -72.88
N VAL C 251 14.19 -28.95 -72.53
CA VAL C 251 14.22 -30.27 -73.17
C VAL C 251 12.88 -30.55 -73.84
N ILE C 252 12.89 -30.70 -75.16
CA ILE C 252 11.65 -30.94 -75.90
C ILE C 252 11.71 -32.21 -76.71
N GLY C 253 10.60 -32.94 -76.71
CA GLY C 253 10.55 -34.17 -77.46
C GLY C 253 10.12 -33.98 -78.90
N ASN C 254 10.86 -34.60 -79.82
CA ASN C 254 10.52 -34.55 -81.24
C ASN C 254 9.71 -35.83 -81.45
N SER C 255 8.40 -35.69 -81.36
CA SER C 255 7.48 -36.81 -81.48
C SER C 255 6.53 -36.67 -82.65
N GLU C 256 5.52 -37.54 -82.66
CA GLU C 256 4.49 -37.55 -83.67
C GLU C 256 3.61 -36.30 -83.49
N ARG C 257 3.67 -35.70 -82.31
CA ARG C 257 2.88 -34.51 -81.99
C ARG C 257 3.68 -33.21 -81.94
N THR C 258 5.00 -33.29 -81.84
CA THR C 258 5.83 -32.10 -81.80
C THR C 258 6.95 -32.18 -82.84
N ASN C 259 6.94 -31.29 -83.83
CA ASN C 259 7.94 -31.32 -84.88
C ASN C 259 8.99 -30.21 -84.82
N PHE C 260 10.00 -30.32 -85.70
CA PHE C 260 11.10 -29.37 -85.77
C PHE C 260 10.65 -27.94 -86.03
N ALA C 261 9.59 -27.79 -86.83
CA ALA C 261 9.10 -26.46 -87.15
C ALA C 261 8.65 -25.70 -85.91
N ALA C 262 7.91 -26.38 -85.03
CA ALA C 262 7.44 -25.74 -83.82
C ALA C 262 8.61 -25.45 -82.88
N ILE C 263 9.57 -26.36 -82.84
CA ILE C 263 10.73 -26.19 -81.98
C ILE C 263 11.56 -25.01 -82.43
N GLU C 264 11.64 -24.82 -83.74
CA GLU C 264 12.38 -23.69 -84.29
C GLU C 264 11.66 -22.39 -83.92
N SER C 265 10.34 -22.36 -84.04
CA SER C 265 9.56 -21.18 -83.69
C SER C 265 9.82 -20.80 -82.23
N VAL C 266 9.84 -21.80 -81.36
CA VAL C 266 10.09 -21.59 -79.93
C VAL C 266 11.48 -21.02 -79.72
N ALA C 267 12.47 -21.61 -80.41
CA ALA C 267 13.84 -21.16 -80.30
C ALA C 267 13.99 -19.68 -80.66
N LYS C 268 13.42 -19.30 -81.80
CA LYS C 268 13.50 -17.91 -82.25
C LYS C 268 12.78 -16.94 -81.31
N ASN C 269 11.62 -17.33 -80.82
CA ASN C 269 10.88 -16.47 -79.91
C ASN C 269 11.64 -16.28 -78.59
N ILE C 270 12.39 -17.30 -78.18
CA ILE C 270 13.17 -17.18 -76.96
C ILE C 270 14.37 -16.24 -77.18
N GLN C 271 14.98 -16.32 -78.36
CA GLN C 271 16.13 -15.45 -78.66
C GLN C 271 15.71 -14.00 -78.70
N ALA C 272 14.45 -13.75 -79.00
CA ALA C 272 13.92 -12.38 -79.07
C ALA C 272 13.55 -11.81 -77.70
N ASN C 273 13.59 -12.63 -76.66
CA ASN C 273 13.24 -12.16 -75.31
C ASN C 273 14.52 -11.91 -74.51
N LYS C 274 14.63 -10.71 -73.94
CA LYS C 274 15.81 -10.34 -73.17
C LYS C 274 15.93 -10.89 -71.76
N ASP C 275 14.79 -11.10 -71.11
CA ASP C 275 14.83 -11.61 -69.73
C ASP C 275 15.03 -13.12 -69.61
N CYS C 276 14.58 -13.89 -70.60
CA CYS C 276 14.71 -15.35 -70.54
C CYS C 276 16.16 -15.80 -70.33
N THR C 277 16.37 -16.78 -69.45
CA THR C 277 17.72 -17.27 -69.19
C THR C 277 18.11 -18.54 -69.98
N PHE C 278 17.17 -19.11 -70.74
CA PHE C 278 17.46 -20.32 -71.52
C PHE C 278 18.58 -20.04 -72.50
N GLU C 279 19.53 -20.97 -72.60
CA GLU C 279 20.65 -20.80 -73.52
C GLU C 279 20.79 -22.01 -74.43
N ARG C 280 20.06 -23.07 -74.11
CA ARG C 280 20.17 -24.30 -74.85
C ARG C 280 18.88 -25.11 -74.90
N ILE C 281 18.68 -25.82 -76.00
CA ILE C 281 17.52 -26.69 -76.13
C ILE C 281 18.01 -28.06 -76.59
N VAL C 282 17.61 -29.10 -75.86
CA VAL C 282 17.99 -30.46 -76.20
C VAL C 282 16.73 -31.12 -76.74
N VAL C 283 16.76 -31.53 -77.99
CA VAL C 283 15.62 -32.17 -78.61
C VAL C 283 15.86 -33.66 -78.58
N ILE C 284 14.90 -34.41 -78.04
CA ILE C 284 15.03 -35.85 -77.98
C ILE C 284 14.07 -36.49 -78.98
N ASN C 285 14.62 -37.32 -79.85
CA ASN C 285 13.78 -38.00 -80.84
C ASN C 285 12.90 -39.03 -80.13
N VAL C 286 11.60 -38.87 -80.28
CA VAL C 286 10.65 -39.77 -79.63
C VAL C 286 9.70 -40.38 -80.65
N PRO C 287 10.14 -41.46 -81.31
CA PRO C 287 9.28 -42.12 -82.31
C PRO C 287 8.15 -42.87 -81.64
N PRO C 288 7.10 -43.22 -82.40
CA PRO C 288 5.96 -43.97 -81.84
C PRO C 288 6.47 -45.30 -81.31
N MET C 289 5.99 -45.71 -80.14
CA MET C 289 6.39 -46.97 -79.53
C MET C 289 5.23 -47.62 -78.79
N PRO C 290 5.22 -48.95 -78.72
CA PRO C 290 4.12 -49.64 -78.03
C PRO C 290 3.84 -49.07 -76.64
N ASN C 291 2.58 -48.73 -76.39
CA ASN C 291 2.12 -48.20 -75.11
C ASN C 291 2.73 -46.89 -74.64
N LEU C 292 3.38 -46.17 -75.53
CA LEU C 292 4.00 -44.90 -75.17
C LEU C 292 3.49 -43.80 -76.10
N MET C 293 3.84 -42.55 -75.78
CA MET C 293 3.38 -41.40 -76.55
C MET C 293 4.43 -40.29 -76.64
N HIS C 294 4.25 -39.25 -75.82
CA HIS C 294 5.18 -38.12 -75.82
C HIS C 294 6.43 -38.44 -74.99
N LEU C 295 7.34 -37.49 -74.93
CA LEU C 295 8.58 -37.66 -74.17
C LEU C 295 8.29 -38.01 -72.71
N ASP C 296 7.21 -37.46 -72.14
CA ASP C 296 6.90 -37.73 -70.75
C ASP C 296 6.69 -39.19 -70.41
N THR C 297 6.09 -39.96 -71.32
CA THR C 297 5.87 -41.39 -71.06
C THR C 297 7.19 -42.14 -71.11
N TRP C 298 8.23 -41.50 -71.66
CA TRP C 298 9.55 -42.11 -71.75
C TRP C 298 10.44 -41.70 -70.57
N LEU C 299 10.35 -40.43 -70.19
CA LEU C 299 11.23 -39.92 -69.15
C LEU C 299 10.71 -38.72 -68.39
N THR C 300 10.87 -38.73 -67.07
CA THR C 300 10.49 -37.61 -66.22
C THR C 300 11.61 -37.39 -65.20
N MET C 301 11.75 -36.17 -64.72
CA MET C 301 12.78 -35.80 -63.76
C MET C 301 12.15 -35.57 -62.39
N LEU C 302 12.68 -36.22 -61.37
CA LEU C 302 12.15 -36.14 -60.01
C LEU C 302 13.04 -35.50 -58.96
N ASP C 303 14.31 -35.32 -59.27
CA ASP C 303 15.25 -34.73 -58.33
C ASP C 303 16.43 -34.20 -59.16
N TYR C 304 17.40 -33.57 -58.52
CA TYR C 304 18.55 -33.02 -59.26
C TYR C 304 19.23 -34.05 -60.13
N ASP C 305 19.27 -35.29 -59.65
CA ASP C 305 19.95 -36.36 -60.36
C ASP C 305 19.16 -37.67 -60.43
N LYS C 306 17.85 -37.61 -60.26
CA LYS C 306 17.04 -38.82 -60.29
C LYS C 306 15.96 -38.77 -61.37
N PHE C 307 15.86 -39.83 -62.15
CA PHE C 307 14.89 -39.89 -63.24
C PHE C 307 14.12 -41.20 -63.28
N LEU C 308 12.89 -41.12 -63.77
CA LEU C 308 12.01 -42.27 -63.92
C LEU C 308 11.90 -42.49 -65.43
N TYR C 309 12.10 -43.71 -65.90
CA TYR C 309 12.04 -43.96 -67.33
C TYR C 309 11.33 -45.25 -67.66
N SER C 310 10.93 -45.39 -68.92
CA SER C 310 10.25 -46.59 -69.38
C SER C 310 11.27 -47.64 -69.79
N PRO C 311 11.16 -48.86 -69.23
CA PRO C 311 12.12 -49.91 -69.60
C PRO C 311 11.94 -50.36 -71.05
N ASN C 312 10.88 -49.89 -71.70
CA ASN C 312 10.62 -50.25 -73.08
C ASN C 312 10.88 -49.13 -74.09
N MET C 313 11.74 -48.19 -73.75
CA MET C 313 12.07 -47.11 -74.68
C MET C 313 13.23 -47.65 -75.53
N MET C 314 13.78 -46.84 -76.42
CA MET C 314 14.90 -47.27 -77.24
C MET C 314 16.21 -47.16 -76.46
N ASN C 315 17.22 -47.94 -76.85
CA ASN C 315 18.50 -47.94 -76.14
C ASN C 315 19.36 -46.71 -76.43
N VAL C 316 19.71 -46.51 -77.69
CA VAL C 316 20.53 -45.36 -78.06
C VAL C 316 19.65 -44.23 -78.54
N LEU C 317 19.72 -43.10 -77.86
CA LEU C 317 18.90 -41.95 -78.23
C LEU C 317 19.50 -41.07 -79.31
N LYS C 318 18.61 -40.54 -80.15
CA LYS C 318 18.98 -39.62 -81.22
C LYS C 318 18.59 -38.26 -80.66
N ILE C 319 19.57 -37.38 -80.52
CA ILE C 319 19.38 -36.04 -79.95
C ILE C 319 19.80 -34.92 -80.92
N TRP C 320 19.35 -33.70 -80.62
CA TRP C 320 19.69 -32.53 -81.39
C TRP C 320 19.98 -31.40 -80.40
N GLU C 321 21.16 -30.82 -80.51
CA GLU C 321 21.59 -29.72 -79.64
C GLU C 321 21.38 -28.39 -80.34
N ILE C 322 20.68 -27.47 -79.68
CA ILE C 322 20.44 -26.16 -80.25
C ILE C 322 21.03 -25.09 -79.34
N ASP C 323 22.05 -24.39 -79.84
CA ASP C 323 22.69 -23.31 -79.08
C ASP C 323 21.88 -22.04 -79.34
N LEU C 324 21.16 -21.57 -78.32
CA LEU C 324 20.34 -20.38 -78.46
C LEU C 324 21.14 -19.09 -78.54
N ASN C 325 22.43 -19.16 -78.23
CA ASN C 325 23.30 -17.99 -78.28
C ASN C 325 23.79 -17.71 -79.70
N VAL C 326 23.46 -18.59 -80.63
CA VAL C 326 23.90 -18.46 -82.01
C VAL C 326 22.74 -18.39 -83.02
N LYS C 327 22.99 -17.70 -84.14
CA LYS C 327 22.01 -17.62 -85.21
C LYS C 327 22.76 -18.01 -86.47
N PRO C 328 22.10 -18.71 -87.41
CA PRO C 328 20.70 -19.15 -87.31
C PRO C 328 20.55 -20.28 -86.29
N VAL C 329 19.32 -20.69 -86.04
CA VAL C 329 19.06 -21.79 -85.10
C VAL C 329 19.47 -23.07 -85.81
N LYS C 330 20.35 -23.85 -85.19
CA LYS C 330 20.82 -25.09 -85.79
C LYS C 330 20.61 -26.32 -84.92
N PHE C 331 20.05 -27.36 -85.53
CA PHE C 331 19.80 -28.64 -84.85
C PHE C 331 21.02 -29.54 -85.05
N VAL C 332 21.95 -29.52 -84.10
CA VAL C 332 23.15 -30.34 -84.21
C VAL C 332 22.88 -31.77 -83.72
N GLU C 333 22.85 -32.73 -84.66
CA GLU C 333 22.59 -34.11 -84.30
C GLU C 333 23.68 -34.75 -83.45
N LYS C 334 23.27 -35.52 -82.46
CA LYS C 334 24.19 -36.20 -81.56
C LYS C 334 23.54 -37.52 -81.15
N LYS C 335 24.31 -38.42 -80.54
CA LYS C 335 23.79 -39.73 -80.13
C LYS C 335 24.36 -40.20 -78.82
N GLY C 336 23.57 -40.99 -78.10
CA GLY C 336 24.04 -41.51 -76.83
C GLY C 336 22.98 -42.26 -76.05
N THR C 337 23.42 -42.96 -75.02
CA THR C 337 22.50 -43.70 -74.17
C THR C 337 21.78 -42.67 -73.30
N LEU C 338 20.71 -43.09 -72.64
CA LEU C 338 19.97 -42.19 -71.78
C LEU C 338 20.91 -41.60 -70.73
N GLU C 339 21.77 -42.44 -70.17
CA GLU C 339 22.72 -41.97 -69.17
C GLU C 339 23.64 -40.89 -69.72
N GLU C 340 24.17 -41.12 -70.92
CA GLU C 340 25.08 -40.15 -71.56
C GLU C 340 24.39 -38.84 -71.86
N VAL C 341 23.17 -38.91 -72.40
CA VAL C 341 22.42 -37.70 -72.72
C VAL C 341 22.14 -36.90 -71.44
N LEU C 342 21.67 -37.57 -70.39
CA LEU C 342 21.37 -36.90 -69.14
C LEU C 342 22.63 -36.30 -68.51
N TYR C 343 23.72 -37.06 -68.56
CA TYR C 343 24.99 -36.58 -68.00
C TYR C 343 25.39 -35.26 -68.64
N SER C 344 25.18 -35.14 -69.95
CA SER C 344 25.54 -33.93 -70.69
C SER C 344 24.68 -32.72 -70.33
N ILE C 345 23.64 -32.94 -69.52
CA ILE C 345 22.76 -31.84 -69.12
C ILE C 345 22.95 -31.46 -67.65
N ILE C 346 22.96 -32.45 -66.77
CA ILE C 346 23.11 -32.18 -65.34
C ILE C 346 24.56 -32.23 -64.88
N ASP C 347 25.44 -32.73 -65.75
CA ASP C 347 26.86 -32.81 -65.46
C ASP C 347 27.20 -33.58 -64.19
N LYS C 348 26.55 -34.73 -64.02
CA LYS C 348 26.79 -35.59 -62.87
C LYS C 348 26.11 -36.91 -63.18
N LYS C 349 26.52 -37.98 -62.52
CA LYS C 349 25.92 -39.29 -62.79
C LYS C 349 24.44 -39.30 -62.48
N PRO C 350 23.61 -39.63 -63.48
CA PRO C 350 22.17 -39.67 -63.26
C PRO C 350 21.76 -41.01 -62.65
N ILE C 351 20.74 -40.99 -61.80
CA ILE C 351 20.24 -42.20 -61.18
C ILE C 351 18.96 -42.54 -61.93
N LEU C 352 18.96 -43.68 -62.60
CA LEU C 352 17.83 -44.10 -63.43
C LEU C 352 16.97 -45.17 -62.80
N ILE C 353 15.68 -44.86 -62.67
CA ILE C 353 14.71 -45.76 -62.06
C ILE C 353 13.65 -46.18 -63.09
N PRO C 354 13.58 -47.48 -63.41
CA PRO C 354 12.61 -47.97 -64.38
C PRO C 354 11.22 -48.16 -63.80
N ILE C 355 10.20 -48.02 -64.66
CA ILE C 355 8.83 -48.24 -64.24
C ILE C 355 8.73 -49.65 -63.67
N ALA C 356 8.12 -49.75 -62.50
CA ALA C 356 7.92 -51.03 -61.81
C ALA C 356 9.17 -51.58 -61.11
N GLY C 357 10.26 -50.82 -61.15
CA GLY C 357 11.48 -51.25 -60.50
C GLY C 357 12.34 -52.30 -61.21
N LYS C 358 13.60 -52.41 -60.81
CA LYS C 358 14.51 -53.37 -61.43
C LYS C 358 14.09 -54.82 -61.21
N GLY C 359 14.16 -55.61 -62.28
CA GLY C 359 13.80 -57.00 -62.18
C GLY C 359 12.31 -57.31 -62.25
N ALA C 360 11.48 -56.31 -62.44
CA ALA C 360 10.04 -56.52 -62.52
C ALA C 360 9.69 -57.37 -63.72
N ASN C 361 8.63 -58.19 -63.63
CA ASN C 361 8.24 -58.99 -64.78
C ASN C 361 7.45 -58.08 -65.75
N GLN C 362 7.26 -58.53 -66.99
CA GLN C 362 6.58 -57.71 -68.00
C GLN C 362 5.12 -57.37 -67.66
N LEU C 363 4.48 -58.22 -66.86
CA LEU C 363 3.09 -57.98 -66.47
C LEU C 363 2.99 -56.69 -65.64
N ASP C 364 3.86 -56.55 -64.65
CA ASP C 364 3.86 -55.37 -63.81
C ASP C 364 4.32 -54.14 -64.60
N ILE C 365 5.28 -54.33 -65.50
CA ILE C 365 5.74 -53.21 -66.30
C ILE C 365 4.58 -52.74 -67.18
N ASP C 366 3.88 -53.67 -67.80
CA ASP C 366 2.77 -53.32 -68.67
C ASP C 366 1.65 -52.60 -67.92
N ILE C 367 1.26 -53.09 -66.75
CA ILE C 367 0.17 -52.47 -66.01
C ILE C 367 0.50 -51.07 -65.50
N GLU C 368 1.71 -50.87 -64.95
CA GLU C 368 2.07 -49.56 -64.44
C GLU C 368 2.41 -48.56 -65.55
N THR C 369 2.69 -49.06 -66.74
CA THR C 369 2.96 -48.19 -67.87
C THR C 369 1.55 -47.74 -68.33
N HIS C 370 0.63 -48.70 -68.37
CA HIS C 370 -0.75 -48.42 -68.78
C HIS C 370 -1.34 -47.32 -67.88
N PHE C 371 -1.02 -47.34 -66.59
CA PHE C 371 -1.53 -46.31 -65.69
C PHE C 371 -0.62 -45.10 -65.50
N ASP C 372 0.13 -44.78 -66.56
CA ASP C 372 0.97 -43.59 -66.59
C ASP C 372 1.98 -43.47 -65.44
N GLY C 373 2.65 -44.58 -65.15
CA GLY C 373 3.62 -44.61 -64.07
C GLY C 373 4.75 -43.60 -64.04
N THR C 374 5.14 -43.02 -65.17
CA THR C 374 6.24 -42.06 -65.14
C THR C 374 5.77 -40.68 -64.74
N ASN C 375 4.52 -40.39 -65.00
CA ASN C 375 4.00 -39.06 -64.74
C ASN C 375 3.67 -38.57 -63.35
N TYR C 376 4.62 -38.70 -62.43
CA TYR C 376 4.44 -38.19 -61.08
C TYR C 376 4.68 -36.68 -61.21
N LEU C 377 4.06 -35.89 -60.33
CA LEU C 377 4.28 -34.44 -60.31
C LEU C 377 5.30 -34.21 -59.21
N THR C 378 6.41 -33.54 -59.53
CA THR C 378 7.44 -33.28 -58.53
C THR C 378 7.12 -31.91 -57.91
N ILE C 379 6.90 -31.88 -56.59
CA ILE C 379 6.57 -30.63 -55.92
C ILE C 379 7.73 -29.99 -55.19
N ALA C 380 8.84 -30.71 -55.11
CA ALA C 380 10.07 -30.21 -54.49
C ALA C 380 11.11 -31.25 -54.81
N PRO C 381 12.40 -30.88 -54.82
CA PRO C 381 13.44 -31.86 -55.13
C PRO C 381 13.31 -33.16 -54.33
N GLY C 382 13.07 -34.26 -55.03
CA GLY C 382 12.92 -35.53 -54.36
C GLY C 382 11.58 -35.81 -53.70
N VAL C 383 10.58 -34.97 -53.95
CA VAL C 383 9.24 -35.16 -53.36
C VAL C 383 8.21 -35.18 -54.50
N VAL C 384 7.53 -36.31 -54.66
CA VAL C 384 6.57 -36.46 -55.76
C VAL C 384 5.17 -36.85 -55.32
N VAL C 385 4.21 -36.68 -56.23
CA VAL C 385 2.80 -36.99 -55.99
C VAL C 385 2.29 -37.84 -57.15
N GLY C 386 1.58 -38.92 -56.83
CA GLY C 386 1.07 -39.80 -57.88
C GLY C 386 0.07 -40.83 -57.37
N TYR C 387 -0.39 -41.71 -58.27
CA TYR C 387 -1.37 -42.75 -57.92
C TYR C 387 -0.80 -43.85 -57.03
N GLU C 388 -1.58 -44.25 -56.04
CA GLU C 388 -1.13 -45.30 -55.13
C GLU C 388 -1.17 -46.67 -55.79
N ARG C 389 -1.99 -46.82 -56.84
CA ARG C 389 -2.08 -48.12 -57.50
C ARG C 389 -0.78 -48.59 -58.15
N ASN C 390 0.11 -47.67 -58.49
CA ASN C 390 1.38 -48.07 -59.11
C ASN C 390 2.41 -48.39 -58.01
N GLU C 391 2.13 -49.47 -57.29
CA GLU C 391 2.94 -49.91 -56.14
C GLU C 391 4.40 -50.29 -56.41
N LYS C 392 4.67 -50.94 -57.53
CA LYS C 392 6.03 -51.33 -57.83
C LYS C 392 6.90 -50.11 -58.13
N THR C 393 6.37 -49.17 -58.89
CA THR C 393 7.10 -47.97 -59.20
C THR C 393 7.31 -47.18 -57.91
N GLN C 394 6.25 -47.09 -57.11
CA GLN C 394 6.31 -46.36 -55.86
C GLN C 394 7.44 -46.90 -54.98
N LYS C 395 7.50 -48.22 -54.86
CA LYS C 395 8.52 -48.87 -54.05
C LYS C 395 9.92 -48.54 -54.54
N ALA C 396 10.14 -48.64 -55.85
CA ALA C 396 11.45 -48.32 -56.40
C ALA C 396 11.83 -46.86 -56.08
N LEU C 397 10.86 -45.96 -56.13
CA LEU C 397 11.12 -44.54 -55.85
C LEU C 397 11.54 -44.30 -54.40
N VAL C 398 10.85 -44.90 -53.44
CA VAL C 398 11.21 -44.69 -52.04
C VAL C 398 12.56 -45.34 -51.73
N GLU C 399 12.87 -46.45 -52.39
CA GLU C 399 14.15 -47.11 -52.14
C GLU C 399 15.28 -46.23 -52.70
N ALA C 400 14.95 -45.41 -53.70
CA ALA C 400 15.94 -44.51 -54.30
C ALA C 400 16.08 -43.23 -53.49
N GLY C 401 15.33 -43.12 -52.40
CA GLY C 401 15.41 -41.94 -51.55
C GLY C 401 14.40 -40.85 -51.86
N ILE C 402 13.46 -41.14 -52.74
CA ILE C 402 12.44 -40.15 -53.08
C ILE C 402 11.21 -40.28 -52.18
N LYS C 403 10.69 -39.14 -51.71
CA LYS C 403 9.51 -39.12 -50.84
C LYS C 403 8.25 -39.12 -51.71
N VAL C 404 7.38 -40.11 -51.50
CA VAL C 404 6.17 -40.22 -52.30
C VAL C 404 4.88 -39.90 -51.56
N LEU C 405 4.14 -38.92 -52.06
CA LEU C 405 2.87 -38.55 -51.47
C LEU C 405 1.82 -39.13 -52.43
N SER C 406 1.37 -40.34 -52.15
CA SER C 406 0.38 -40.97 -53.03
C SER C 406 -1.05 -40.61 -52.64
N PHE C 407 -1.96 -40.83 -53.58
CA PHE C 407 -3.36 -40.56 -53.34
C PHE C 407 -4.20 -41.57 -54.12
N ASN C 408 -5.40 -41.82 -53.63
CA ASN C 408 -6.28 -42.78 -54.28
C ASN C 408 -6.92 -42.20 -55.53
N GLY C 409 -6.62 -42.82 -56.67
CA GLY C 409 -7.20 -42.36 -57.92
C GLY C 409 -7.83 -43.52 -58.68
N SER C 410 -8.49 -44.41 -57.93
CA SER C 410 -9.12 -45.59 -58.52
C SER C 410 -9.96 -45.28 -59.77
N GLN C 411 -10.62 -44.13 -59.80
CA GLN C 411 -11.42 -43.76 -60.96
C GLN C 411 -10.65 -42.78 -61.86
N LEU C 412 -10.00 -41.78 -61.27
CA LEU C 412 -9.24 -40.79 -62.05
C LEU C 412 -8.23 -41.46 -62.97
N SER C 413 -7.53 -42.46 -62.46
CA SER C 413 -6.50 -43.16 -63.22
C SER C 413 -7.03 -43.81 -64.50
N LEU C 414 -8.34 -44.03 -64.58
CA LEU C 414 -8.94 -44.63 -65.78
C LEU C 414 -8.82 -43.67 -66.98
N GLY C 415 -8.49 -42.42 -66.68
CA GLY C 415 -8.33 -41.43 -67.73
C GLY C 415 -6.97 -41.56 -68.38
N MET C 416 -6.12 -42.43 -67.83
CA MET C 416 -4.80 -42.70 -68.38
C MET C 416 -3.75 -41.59 -68.19
N GLY C 417 -4.01 -40.65 -67.30
CA GLY C 417 -3.05 -39.58 -67.07
C GLY C 417 -2.85 -39.39 -65.58
N SER C 418 -1.60 -39.29 -65.16
CA SER C 418 -1.26 -39.13 -63.76
C SER C 418 -1.11 -37.67 -63.36
N ALA C 419 -0.59 -37.44 -62.15
CA ALA C 419 -0.44 -36.11 -61.57
C ALA C 419 0.24 -35.03 -62.42
N ARG C 420 1.31 -35.36 -63.11
CA ARG C 420 1.97 -34.36 -63.94
C ARG C 420 1.01 -33.90 -65.04
N CYS C 421 0.18 -34.82 -65.55
CA CYS C 421 -0.76 -34.50 -66.62
C CYS C 421 -1.91 -33.64 -66.12
N MET C 422 -2.23 -33.79 -64.84
CA MET C 422 -3.33 -33.05 -64.22
C MET C 422 -2.90 -31.75 -63.55
N SER C 423 -1.75 -31.22 -63.96
CA SER C 423 -1.27 -29.98 -63.39
C SER C 423 -0.39 -29.18 -64.33
N MET C 424 -0.30 -27.88 -64.07
CA MET C 424 0.55 -27.03 -64.87
C MET C 424 1.15 -25.98 -63.95
N PRO C 425 2.42 -26.18 -63.55
CA PRO C 425 3.14 -25.26 -62.66
C PRO C 425 3.14 -23.85 -63.24
N LEU C 426 2.87 -22.86 -62.40
CA LEU C 426 2.87 -21.47 -62.84
C LEU C 426 4.11 -20.81 -62.25
N ILE C 427 4.43 -21.17 -61.02
CA ILE C 427 5.61 -20.62 -60.33
C ILE C 427 6.34 -21.66 -59.49
N ARG C 428 7.64 -21.80 -59.72
CA ARG C 428 8.49 -22.69 -58.94
C ARG C 428 9.67 -21.87 -58.46
N GLU C 429 10.13 -22.16 -57.25
CA GLU C 429 11.29 -21.48 -56.69
C GLU C 429 12.48 -21.85 -57.58
N ASN C 430 13.23 -20.86 -58.05
CA ASN C 430 14.39 -21.15 -58.89
C ASN C 430 15.37 -22.03 -58.13
N LEU C 431 16.04 -22.92 -58.85
CA LEU C 431 17.03 -23.79 -58.25
C LEU C 431 18.32 -23.03 -58.00
N LYS C 432 19.10 -23.54 -57.04
CA LYS C 432 20.39 -22.96 -56.72
C LYS C 432 21.37 -24.09 -57.03
N LYS C 433 20.78 -25.21 -57.46
CA LYS C 433 21.47 -26.44 -57.83
C LYS C 433 22.42 -26.97 -56.76
N GLY D 35 -29.88 -81.11 -53.84
CA GLY D 35 -29.13 -79.88 -53.42
C GLY D 35 -29.45 -78.69 -54.31
N ILE D 36 -30.18 -78.92 -55.40
CA ILE D 36 -30.55 -77.85 -56.32
C ILE D 36 -32.07 -77.76 -56.45
N ASN D 37 -32.62 -76.57 -56.21
CA ASN D 37 -34.06 -76.34 -56.32
C ASN D 37 -34.32 -74.88 -56.68
N VAL D 38 -34.31 -74.58 -57.96
CA VAL D 38 -34.53 -73.22 -58.43
C VAL D 38 -35.68 -73.19 -59.44
N TYR D 39 -36.87 -72.89 -58.96
CA TYR D 39 -38.04 -72.86 -59.84
C TYR D 39 -38.61 -71.47 -60.10
N SER D 40 -37.73 -70.47 -60.14
CA SER D 40 -38.12 -69.09 -60.43
C SER D 40 -36.88 -68.20 -60.41
N GLU D 41 -37.06 -66.94 -60.75
CA GLU D 41 -35.97 -65.97 -60.78
C GLU D 41 -36.10 -65.06 -59.56
N ILE D 42 -37.26 -65.13 -58.90
CA ILE D 42 -37.56 -64.25 -57.78
C ILE D 42 -37.83 -64.84 -56.39
N GLY D 43 -38.07 -66.15 -56.31
CA GLY D 43 -38.35 -66.77 -55.03
C GLY D 43 -37.27 -66.48 -54.00
N GLU D 44 -37.67 -66.29 -52.74
CA GLU D 44 -36.70 -65.97 -51.70
C GLU D 44 -35.45 -66.86 -51.79
N LEU D 45 -34.31 -66.23 -51.99
CA LEU D 45 -33.05 -66.94 -52.15
C LEU D 45 -32.56 -67.52 -50.82
N LYS D 46 -32.27 -68.82 -50.82
CA LYS D 46 -31.79 -69.51 -49.62
C LYS D 46 -30.31 -69.88 -49.68
N GLU D 47 -29.85 -70.35 -50.84
CA GLU D 47 -28.45 -70.72 -51.02
C GLU D 47 -27.98 -70.24 -52.38
N VAL D 48 -26.80 -69.61 -52.42
CA VAL D 48 -26.27 -69.10 -53.68
C VAL D 48 -24.76 -69.32 -53.80
N LEU D 49 -24.30 -69.57 -55.03
CA LEU D 49 -22.87 -69.77 -55.28
C LEU D 49 -22.23 -68.49 -55.85
N VAL D 50 -21.14 -68.06 -55.22
CA VAL D 50 -20.40 -66.87 -55.64
C VAL D 50 -18.91 -67.18 -55.61
N HIS D 51 -18.11 -66.26 -56.13
CA HIS D 51 -16.65 -66.39 -56.12
C HIS D 51 -16.01 -65.01 -55.95
N THR D 52 -15.47 -64.76 -54.76
CA THR D 52 -14.80 -63.50 -54.50
C THR D 52 -13.48 -63.66 -55.26
N PRO D 53 -13.20 -62.75 -56.20
CA PRO D 53 -11.94 -62.87 -56.96
C PRO D 53 -10.67 -62.93 -56.14
N GLY D 54 -9.72 -63.71 -56.65
CA GLY D 54 -8.41 -63.87 -56.02
C GLY D 54 -7.35 -63.20 -56.90
N ASP D 55 -6.12 -63.70 -56.87
CA ASP D 55 -5.04 -63.10 -57.64
C ASP D 55 -5.22 -63.11 -59.16
N GLU D 56 -6.15 -63.91 -59.66
CA GLU D 56 -6.38 -63.96 -61.09
C GLU D 56 -6.70 -62.58 -61.68
N ILE D 57 -7.42 -61.74 -60.94
CA ILE D 57 -7.73 -60.42 -61.49
C ILE D 57 -6.55 -59.45 -61.40
N ARG D 58 -5.40 -59.95 -60.96
CA ARG D 58 -4.19 -59.13 -60.87
C ARG D 58 -3.29 -59.50 -62.06
N TYR D 59 -3.61 -60.59 -62.74
CA TYR D 59 -2.77 -61.07 -63.83
C TYR D 59 -3.24 -60.82 -65.25
N THR D 60 -4.07 -59.80 -65.44
CA THR D 60 -4.55 -59.47 -66.78
C THR D 60 -3.79 -58.26 -67.35
N ALA D 61 -2.89 -58.53 -68.29
CA ALA D 61 -2.12 -57.46 -68.93
C ALA D 61 -3.05 -56.59 -69.77
N PRO D 62 -2.80 -55.28 -69.82
CA PRO D 62 -3.70 -54.44 -70.63
C PRO D 62 -3.82 -54.85 -72.10
N SER D 63 -2.76 -55.44 -72.65
CA SER D 63 -2.80 -55.86 -74.04
C SER D 63 -3.56 -57.17 -74.23
N ARG D 64 -3.81 -57.89 -73.14
CA ARG D 64 -4.51 -59.18 -73.23
C ARG D 64 -5.98 -59.16 -72.83
N LEU D 65 -6.60 -57.99 -72.79
CA LEU D 65 -8.00 -57.91 -72.42
C LEU D 65 -8.85 -58.80 -73.31
N GLU D 66 -8.60 -58.77 -74.61
CA GLU D 66 -9.37 -59.61 -75.52
C GLU D 66 -8.97 -61.08 -75.42
N GLU D 67 -7.67 -61.34 -75.32
CA GLU D 67 -7.18 -62.71 -75.22
C GLU D 67 -7.78 -63.45 -74.02
N LEU D 68 -7.84 -62.77 -72.87
CA LEU D 68 -8.40 -63.35 -71.65
C LEU D 68 -9.89 -63.09 -71.58
N LEU D 69 -10.41 -62.43 -72.61
CA LEU D 69 -11.84 -62.12 -72.66
C LEU D 69 -12.36 -61.38 -71.44
N PHE D 70 -11.61 -60.40 -70.97
CA PHE D 70 -12.01 -59.59 -69.82
C PHE D 70 -12.03 -58.12 -70.29
N SER D 71 -12.85 -57.30 -69.66
CA SER D 71 -13.01 -55.91 -70.09
C SER D 71 -12.06 -54.78 -69.67
N ALA D 72 -11.34 -54.94 -68.56
CA ALA D 72 -10.41 -53.87 -68.14
C ALA D 72 -9.44 -54.29 -67.04
N VAL D 73 -8.47 -53.42 -66.75
CA VAL D 73 -7.50 -53.71 -65.70
C VAL D 73 -8.06 -53.12 -64.41
N LEU D 74 -8.37 -54.01 -63.46
CA LEU D 74 -8.95 -53.60 -62.19
C LEU D 74 -7.93 -53.30 -61.09
N LYS D 75 -8.32 -52.43 -60.16
CA LYS D 75 -7.47 -52.14 -59.01
C LYS D 75 -7.97 -53.26 -58.08
N ALA D 76 -7.28 -54.41 -58.16
CA ALA D 76 -7.63 -55.63 -57.44
C ALA D 76 -8.14 -55.56 -56.01
N ASP D 77 -7.33 -55.00 -55.10
CA ASP D 77 -7.73 -54.91 -53.71
C ASP D 77 -9.09 -54.23 -53.57
N THR D 78 -9.33 -53.22 -54.38
CA THR D 78 -10.59 -52.50 -54.29
C THR D 78 -11.76 -53.32 -54.83
N ALA D 79 -11.55 -54.02 -55.95
CA ALA D 79 -12.60 -54.84 -56.52
C ALA D 79 -12.94 -55.96 -55.54
N ILE D 80 -11.91 -56.50 -54.89
CA ILE D 80 -12.11 -57.58 -53.94
C ILE D 80 -12.97 -57.16 -52.75
N GLU D 81 -12.69 -55.98 -52.20
CA GLU D 81 -13.45 -55.47 -51.07
C GLU D 81 -14.88 -55.15 -51.48
N GLU D 82 -15.05 -54.67 -52.71
CA GLU D 82 -16.39 -54.38 -53.20
C GLU D 82 -17.19 -55.68 -53.32
N HIS D 83 -16.54 -56.76 -53.78
CA HIS D 83 -17.24 -58.03 -53.89
C HIS D 83 -17.66 -58.54 -52.51
N LYS D 84 -16.80 -58.37 -51.50
CA LYS D 84 -17.13 -58.77 -50.15
C LYS D 84 -18.33 -57.98 -49.65
N GLY D 85 -18.47 -56.74 -50.12
CA GLY D 85 -19.60 -55.91 -49.71
C GLY D 85 -20.88 -56.51 -50.29
N PHE D 86 -20.76 -56.99 -51.52
CA PHE D 86 -21.87 -57.65 -52.21
C PHE D 86 -22.27 -58.88 -51.38
N VAL D 87 -21.29 -59.69 -51.00
CA VAL D 87 -21.53 -60.90 -50.20
C VAL D 87 -22.22 -60.58 -48.88
N LYS D 88 -21.74 -59.54 -48.21
CA LYS D 88 -22.27 -59.14 -46.92
C LYS D 88 -23.76 -58.81 -46.99
N ILE D 89 -24.17 -58.13 -48.05
CA ILE D 89 -25.58 -57.79 -48.20
C ILE D 89 -26.41 -59.06 -48.31
N LEU D 90 -25.95 -60.02 -49.11
CA LEU D 90 -26.66 -61.29 -49.27
C LEU D 90 -26.79 -62.00 -47.92
N GLN D 91 -25.67 -62.08 -47.19
CA GLN D 91 -25.67 -62.74 -45.89
C GLN D 91 -26.60 -62.05 -44.89
N ASN D 92 -26.63 -60.72 -44.93
CA ASN D 92 -27.49 -59.96 -44.03
C ASN D 92 -28.97 -60.14 -44.33
N ASN D 93 -29.27 -60.78 -45.45
CA ASN D 93 -30.64 -61.03 -45.85
C ASN D 93 -30.98 -62.50 -45.64
N GLY D 94 -30.22 -63.14 -44.75
CA GLY D 94 -30.44 -64.54 -44.43
C GLY D 94 -30.07 -65.55 -45.49
N ILE D 95 -29.33 -65.12 -46.51
CA ILE D 95 -28.93 -66.05 -47.56
C ILE D 95 -27.62 -66.76 -47.22
N LYS D 96 -27.56 -68.05 -47.52
CA LYS D 96 -26.34 -68.80 -47.26
C LYS D 96 -25.47 -68.63 -48.51
N VAL D 97 -24.36 -67.92 -48.37
CA VAL D 97 -23.46 -67.68 -49.49
C VAL D 97 -22.33 -68.68 -49.51
N ILE D 98 -22.24 -69.42 -50.59
CA ILE D 98 -21.22 -70.44 -50.75
C ILE D 98 -20.13 -70.02 -51.74
N GLN D 99 -18.90 -70.04 -51.26
CA GLN D 99 -17.72 -69.67 -52.02
C GLN D 99 -17.31 -70.89 -52.89
N LEU D 100 -17.13 -70.69 -54.19
CA LEU D 100 -16.74 -71.79 -55.07
C LEU D 100 -15.50 -72.52 -54.58
N CYS D 101 -14.50 -71.77 -54.14
CA CYS D 101 -13.26 -72.38 -53.67
C CYS D 101 -13.47 -73.29 -52.46
N ASP D 102 -14.42 -72.92 -51.61
CA ASP D 102 -14.70 -73.74 -50.44
C ASP D 102 -15.48 -75.00 -50.83
N LEU D 103 -16.41 -74.85 -51.77
CA LEU D 103 -17.20 -75.99 -52.21
C LEU D 103 -16.30 -77.01 -52.90
N VAL D 104 -15.35 -76.54 -53.71
CA VAL D 104 -14.43 -77.43 -54.40
C VAL D 104 -13.50 -78.09 -53.38
N ALA D 105 -13.02 -77.30 -52.43
CA ALA D 105 -12.12 -77.81 -51.40
C ALA D 105 -12.80 -78.91 -50.61
N GLU D 106 -14.06 -78.67 -50.24
CA GLU D 106 -14.84 -79.64 -49.48
C GLU D 106 -14.95 -80.95 -50.27
N THR D 107 -15.27 -80.84 -51.55
CA THR D 107 -15.42 -82.01 -52.41
C THR D 107 -14.13 -82.81 -52.49
N TYR D 108 -13.02 -82.09 -52.64
CA TYR D 108 -11.71 -82.71 -52.73
C TYR D 108 -11.40 -83.58 -51.51
N GLU D 109 -11.68 -83.05 -50.32
CA GLU D 109 -11.41 -83.76 -49.07
C GLU D 109 -12.16 -85.10 -48.98
N LEU D 110 -13.34 -85.17 -49.57
CA LEU D 110 -14.17 -86.38 -49.55
C LEU D 110 -13.80 -87.39 -50.62
N CYS D 111 -13.00 -86.98 -51.60
CA CYS D 111 -12.61 -87.87 -52.70
C CYS D 111 -11.44 -88.79 -52.37
N SER D 112 -11.35 -89.88 -53.13
CA SER D 112 -10.27 -90.84 -52.96
C SER D 112 -9.02 -90.28 -53.62
N LYS D 113 -7.86 -90.77 -53.19
CA LYS D 113 -6.60 -90.31 -53.74
C LYS D 113 -6.58 -90.33 -55.27
N GLU D 114 -7.13 -91.38 -55.89
CA GLU D 114 -7.13 -91.46 -57.34
C GLU D 114 -8.05 -90.42 -57.99
N VAL D 115 -9.18 -90.12 -57.36
CA VAL D 115 -10.09 -89.13 -57.91
C VAL D 115 -9.47 -87.75 -57.73
N ARG D 116 -8.86 -87.53 -56.58
CA ARG D 116 -8.19 -86.26 -56.28
C ARG D 116 -7.14 -85.97 -57.35
N ASN D 117 -6.29 -86.97 -57.60
CA ASN D 117 -5.23 -86.84 -58.58
C ASN D 117 -5.81 -86.65 -59.97
N SER D 118 -6.95 -87.26 -60.22
CA SER D 118 -7.64 -87.17 -61.49
C SER D 118 -7.97 -85.70 -61.77
N PHE D 119 -8.36 -84.99 -60.73
CA PHE D 119 -8.72 -83.57 -60.79
C PHE D 119 -7.49 -82.71 -61.12
N ILE D 120 -6.40 -82.91 -60.40
CA ILE D 120 -5.18 -82.17 -60.64
C ILE D 120 -4.70 -82.39 -62.08
N GLU D 121 -4.67 -83.65 -62.50
CA GLU D 121 -4.24 -83.99 -63.84
C GLU D 121 -5.05 -83.30 -64.93
N GLN D 122 -6.37 -83.29 -64.80
CA GLN D 122 -7.21 -82.65 -65.80
C GLN D 122 -6.88 -81.16 -65.88
N TYR D 123 -6.69 -80.55 -64.71
CA TYR D 123 -6.38 -79.13 -64.62
C TYR D 123 -5.10 -78.84 -65.41
N LEU D 124 -4.07 -79.64 -65.14
CA LEU D 124 -2.80 -79.48 -65.83
C LEU D 124 -2.97 -79.66 -67.33
N ASP D 125 -3.82 -80.59 -67.73
CA ASP D 125 -4.04 -80.82 -69.15
C ASP D 125 -4.69 -79.62 -69.83
N GLU D 126 -5.64 -78.99 -69.12
CA GLU D 126 -6.35 -77.86 -69.70
C GLU D 126 -5.69 -76.49 -69.49
N ALA D 127 -4.54 -76.47 -68.82
CA ALA D 127 -3.85 -75.22 -68.57
C ALA D 127 -3.38 -74.49 -69.83
N LEU D 128 -3.40 -73.16 -69.77
CA LEU D 128 -2.95 -72.29 -70.85
C LEU D 128 -2.09 -71.20 -70.23
N PRO D 129 -0.89 -70.95 -70.78
CA PRO D 129 -0.31 -71.61 -71.96
C PRO D 129 -0.04 -73.08 -71.64
N VAL D 130 0.01 -73.92 -72.69
CA VAL D 130 0.28 -75.34 -72.50
C VAL D 130 1.57 -75.51 -71.69
N LEU D 131 1.57 -76.46 -70.78
CA LEU D 131 2.72 -76.70 -69.93
C LEU D 131 3.81 -77.54 -70.60
N LYS D 132 5.06 -77.10 -70.45
CA LYS D 132 6.19 -77.83 -71.01
C LYS D 132 6.42 -79.08 -70.17
N LYS D 133 6.86 -80.16 -70.81
CA LYS D 133 7.05 -81.42 -70.11
C LYS D 133 7.83 -81.34 -68.81
N GLU D 134 8.92 -80.57 -68.78
CA GLU D 134 9.70 -80.46 -67.55
C GLU D 134 9.18 -79.45 -66.54
N ILE D 135 8.16 -78.69 -66.91
CA ILE D 135 7.57 -77.71 -66.00
C ILE D 135 6.31 -78.27 -65.31
N ARG D 136 5.60 -79.14 -66.03
CA ARG D 136 4.39 -79.76 -65.50
C ARG D 136 4.59 -80.35 -64.10
N PRO D 137 5.60 -81.23 -63.92
CA PRO D 137 5.83 -81.81 -62.59
C PRO D 137 6.19 -80.78 -61.53
N VAL D 138 6.77 -79.66 -61.96
CA VAL D 138 7.14 -78.60 -61.02
C VAL D 138 5.88 -77.89 -60.52
N VAL D 139 4.90 -77.73 -61.42
CA VAL D 139 3.64 -77.10 -61.07
C VAL D 139 2.86 -78.02 -60.14
N LYS D 140 2.77 -79.30 -60.52
CA LYS D 140 2.05 -80.27 -59.72
C LYS D 140 2.53 -80.31 -58.28
N ASP D 141 3.85 -80.36 -58.06
CA ASP D 141 4.38 -80.38 -56.70
C ASP D 141 4.08 -79.08 -55.97
N TYR D 142 4.13 -77.96 -56.70
CA TYR D 142 3.84 -76.65 -56.11
C TYR D 142 2.41 -76.64 -55.58
N LEU D 143 1.47 -77.06 -56.42
CA LEU D 143 0.07 -77.11 -56.04
C LEU D 143 -0.17 -78.01 -54.81
N LEU D 144 0.48 -79.17 -54.80
CA LEU D 144 0.30 -80.12 -53.71
C LEU D 144 0.96 -79.69 -52.40
N SER D 145 1.79 -78.65 -52.44
CA SER D 145 2.47 -78.18 -51.24
C SER D 145 1.59 -77.20 -50.43
N PHE D 146 0.43 -76.84 -50.97
CA PHE D 146 -0.48 -75.92 -50.29
C PHE D 146 -1.65 -76.63 -49.64
N PRO D 147 -2.22 -76.03 -48.58
CA PRO D 147 -3.38 -76.64 -47.91
C PRO D 147 -4.49 -76.66 -48.97
N THR D 148 -5.42 -77.60 -48.87
CA THR D 148 -6.46 -77.74 -49.87
C THR D 148 -7.08 -76.48 -50.46
N VAL D 149 -7.67 -75.63 -49.63
CA VAL D 149 -8.32 -74.43 -50.13
C VAL D 149 -7.36 -73.48 -50.86
N GLN D 150 -6.15 -73.30 -50.32
CA GLN D 150 -5.17 -72.44 -50.97
C GLN D 150 -4.75 -73.06 -52.30
N MET D 151 -4.73 -74.39 -52.38
CA MET D 151 -4.33 -75.05 -53.61
C MET D 151 -5.37 -74.73 -54.67
N VAL D 152 -6.64 -74.88 -54.32
CA VAL D 152 -7.73 -74.60 -55.24
C VAL D 152 -7.65 -73.13 -55.72
N ARG D 153 -7.26 -72.23 -54.82
CA ARG D 153 -7.12 -70.81 -55.12
C ARG D 153 -6.00 -70.56 -56.13
N LYS D 154 -4.90 -71.34 -56.02
CA LYS D 154 -3.77 -71.20 -56.96
C LYS D 154 -4.22 -71.67 -58.33
N MET D 155 -4.99 -72.75 -58.36
CA MET D 155 -5.51 -73.28 -59.61
C MET D 155 -6.38 -72.22 -60.29
N MET D 156 -7.17 -71.51 -59.49
CA MET D 156 -8.05 -70.47 -59.99
C MET D 156 -7.31 -69.19 -60.40
N SER D 157 -6.31 -68.82 -59.62
CA SER D 157 -5.55 -67.59 -59.87
C SER D 157 -4.53 -67.68 -60.99
N GLY D 158 -4.02 -68.88 -61.25
CA GLY D 158 -2.99 -69.02 -62.25
C GLY D 158 -1.67 -68.94 -61.51
N ILE D 159 -0.57 -69.17 -62.20
CA ILE D 159 0.74 -69.14 -61.55
C ILE D 159 1.77 -68.30 -62.28
N LEU D 160 2.54 -67.52 -61.51
CA LEU D 160 3.59 -66.65 -62.04
C LEU D 160 4.93 -67.36 -62.11
N ALA D 161 5.72 -67.04 -63.12
CA ALA D 161 7.04 -67.63 -63.27
C ALA D 161 7.88 -67.39 -62.02
N ASN D 162 7.79 -66.21 -61.42
CA ASN D 162 8.54 -65.88 -60.20
C ASN D 162 8.26 -66.88 -59.08
N GLU D 163 7.00 -67.30 -58.98
CA GLU D 163 6.57 -68.24 -57.95
C GLU D 163 7.33 -69.56 -57.99
N LEU D 164 7.67 -70.01 -59.19
CA LEU D 164 8.39 -71.28 -59.36
C LEU D 164 9.88 -71.05 -59.58
N ASN D 165 10.31 -69.80 -59.42
CA ASN D 165 11.72 -69.43 -59.62
C ASN D 165 12.18 -69.77 -61.02
N ILE D 166 11.28 -69.62 -61.98
CA ILE D 166 11.58 -69.91 -63.38
C ILE D 166 11.83 -68.64 -64.19
N LYS D 167 12.78 -68.74 -65.12
CA LYS D 167 13.20 -67.65 -65.98
C LYS D 167 12.69 -67.82 -67.42
N GLN D 168 11.77 -66.97 -67.84
CA GLN D 168 11.24 -67.05 -69.20
C GLN D 168 10.61 -65.74 -69.65
N ASP D 169 10.14 -65.72 -70.91
CA ASP D 169 9.54 -64.53 -71.48
C ASP D 169 8.16 -64.24 -70.93
N ASN D 170 7.29 -65.25 -70.92
CA ASN D 170 5.94 -65.06 -70.42
C ASN D 170 5.97 -64.98 -68.90
N PRO D 171 5.50 -63.87 -68.31
CA PRO D 171 5.49 -63.71 -66.85
C PRO D 171 4.61 -64.73 -66.14
N LEU D 172 3.77 -65.40 -66.91
CA LEU D 172 2.86 -66.40 -66.39
C LEU D 172 3.16 -67.82 -66.87
N ILE D 173 3.17 -68.77 -65.93
CA ILE D 173 3.37 -70.18 -66.23
C ILE D 173 1.97 -70.69 -66.61
N ILE D 174 0.98 -70.26 -65.85
CA ILE D 174 -0.40 -70.63 -66.13
C ILE D 174 -1.28 -69.40 -65.96
N ASP D 175 -2.08 -69.08 -66.98
CA ASP D 175 -2.97 -67.94 -66.92
C ASP D 175 -4.01 -68.11 -65.82
N GLY D 176 -4.49 -66.99 -65.28
CA GLY D 176 -5.52 -67.08 -64.27
C GLY D 176 -6.84 -67.13 -65.03
N MET D 177 -7.94 -67.27 -64.29
CA MET D 177 -9.28 -67.29 -64.89
C MET D 177 -10.00 -66.10 -64.26
N PRO D 178 -9.74 -64.90 -64.78
CA PRO D 178 -10.35 -63.66 -64.27
C PRO D 178 -11.87 -63.61 -64.22
N ASN D 179 -12.53 -64.38 -65.08
CA ASN D 179 -13.99 -64.40 -65.14
C ASN D 179 -14.67 -65.35 -64.14
N LEU D 180 -13.88 -65.94 -63.25
CA LEU D 180 -14.44 -66.86 -62.27
C LEU D 180 -15.49 -66.22 -61.37
N TYR D 181 -15.36 -64.94 -61.06
CA TYR D 181 -16.35 -64.32 -60.18
C TYR D 181 -17.73 -64.19 -60.81
N PHE D 182 -17.84 -64.53 -62.08
CA PHE D 182 -19.13 -64.50 -62.77
C PHE D 182 -19.68 -65.94 -62.73
N THR D 183 -20.06 -66.38 -61.53
CA THR D 183 -20.56 -67.74 -61.34
C THR D 183 -21.84 -68.08 -62.11
N ARG D 184 -22.38 -67.10 -62.83
CA ARG D 184 -23.59 -67.31 -63.63
C ARG D 184 -23.30 -68.10 -64.90
N ASP D 185 -22.04 -68.17 -65.31
CA ASP D 185 -21.67 -68.84 -66.57
C ASP D 185 -21.35 -70.34 -66.64
N PRO D 186 -20.41 -70.82 -65.81
CA PRO D 186 -20.07 -72.25 -65.86
C PRO D 186 -21.27 -73.20 -65.89
N PHE D 187 -22.25 -72.97 -65.02
CA PHE D 187 -23.44 -73.81 -64.97
C PHE D 187 -24.62 -72.99 -64.46
N ALA D 188 -25.83 -73.38 -64.85
CA ALA D 188 -27.02 -72.67 -64.41
C ALA D 188 -28.04 -73.62 -63.80
N SER D 189 -28.50 -73.31 -62.60
CA SER D 189 -29.50 -74.13 -61.94
C SER D 189 -30.75 -74.07 -62.80
N MET D 190 -31.45 -75.19 -62.89
CA MET D 190 -32.62 -75.30 -63.74
C MET D 190 -33.63 -76.24 -63.08
N GLY D 191 -34.51 -75.68 -62.25
CA GLY D 191 -35.49 -76.50 -61.57
C GLY D 191 -34.82 -77.41 -60.55
N ASN D 192 -34.86 -78.71 -60.79
CA ASN D 192 -34.24 -79.68 -59.90
C ASN D 192 -32.92 -80.18 -60.46
N GLY D 193 -32.57 -79.70 -61.65
CA GLY D 193 -31.32 -80.11 -62.27
C GLY D 193 -30.45 -78.91 -62.64
N VAL D 194 -29.36 -79.17 -63.36
CA VAL D 194 -28.47 -78.11 -63.78
C VAL D 194 -28.04 -78.27 -65.21
N SER D 195 -27.61 -77.15 -65.80
CA SER D 195 -27.11 -77.14 -67.15
C SER D 195 -25.66 -76.71 -67.07
N ILE D 196 -24.75 -77.66 -67.27
CA ILE D 196 -23.33 -77.33 -67.27
C ILE D 196 -23.08 -76.85 -68.68
N ASN D 197 -22.93 -75.52 -68.81
CA ASN D 197 -22.77 -74.85 -70.09
C ASN D 197 -21.51 -75.04 -70.93
N CYS D 198 -21.69 -74.84 -72.23
CA CYS D 198 -20.61 -74.96 -73.20
C CYS D 198 -20.13 -73.56 -73.58
N MET D 199 -19.10 -73.09 -72.88
CA MET D 199 -18.51 -71.76 -73.11
C MET D 199 -17.97 -71.67 -74.55
N LYS D 200 -17.80 -70.47 -75.06
CA LYS D 200 -17.32 -70.30 -76.43
C LYS D 200 -15.81 -70.40 -76.60
N TYR D 201 -15.04 -69.60 -75.86
CA TYR D 201 -13.59 -69.62 -75.99
C TYR D 201 -12.86 -70.43 -74.90
N PRO D 202 -11.86 -71.24 -75.29
CA PRO D 202 -11.07 -72.08 -74.39
C PRO D 202 -10.63 -71.39 -73.09
N THR D 203 -10.38 -70.08 -73.15
CA THR D 203 -9.96 -69.35 -71.96
C THR D 203 -10.99 -69.51 -70.85
N ARG D 204 -12.26 -69.51 -71.24
CA ARG D 204 -13.34 -69.63 -70.26
C ARG D 204 -13.83 -71.05 -70.02
N LYS D 205 -13.55 -71.96 -70.97
CA LYS D 205 -13.97 -73.34 -70.82
C LYS D 205 -13.21 -73.97 -69.65
N ARG D 206 -12.06 -73.39 -69.31
CA ARG D 206 -11.24 -73.88 -68.21
C ARG D 206 -11.93 -73.74 -66.85
N GLU D 207 -12.91 -72.84 -66.77
CA GLU D 207 -13.62 -72.58 -65.53
C GLU D 207 -14.56 -73.70 -65.12
N VAL D 208 -15.12 -74.40 -66.11
CA VAL D 208 -16.06 -75.48 -65.85
C VAL D 208 -15.52 -76.61 -64.96
N ILE D 209 -14.22 -76.86 -65.01
CA ILE D 209 -13.65 -77.95 -64.23
C ILE D 209 -14.02 -77.95 -62.73
N PHE D 210 -14.14 -76.77 -62.14
CA PHE D 210 -14.43 -76.66 -60.71
C PHE D 210 -15.85 -77.06 -60.30
N SER D 211 -16.86 -76.43 -60.87
CA SER D 211 -18.21 -76.79 -60.48
C SER D 211 -18.53 -78.22 -60.98
N ARG D 212 -18.00 -78.60 -62.13
CA ARG D 212 -18.25 -79.93 -62.68
C ARG D 212 -17.69 -80.99 -61.73
N PHE D 213 -16.56 -80.68 -61.10
CA PHE D 213 -15.92 -81.59 -60.14
C PHE D 213 -16.85 -81.76 -58.94
N VAL D 214 -17.54 -80.69 -58.58
CA VAL D 214 -18.47 -80.71 -57.47
C VAL D 214 -19.73 -81.52 -57.81
N PHE D 215 -20.26 -81.35 -59.01
CA PHE D 215 -21.46 -82.08 -59.39
C PHE D 215 -21.19 -83.55 -59.71
N THR D 216 -19.92 -83.91 -59.76
CA THR D 216 -19.54 -85.28 -60.05
C THR D 216 -19.21 -86.09 -58.79
N ASN D 217 -18.63 -85.44 -57.79
CA ASN D 217 -18.24 -86.15 -56.58
C ASN D 217 -18.85 -85.73 -55.24
N ASN D 218 -19.34 -84.49 -55.12
CA ASN D 218 -19.91 -84.09 -53.84
C ASN D 218 -21.24 -84.78 -53.64
N PRO D 219 -21.38 -85.55 -52.55
CA PRO D 219 -22.62 -86.28 -52.23
C PRO D 219 -23.90 -85.46 -52.24
N LYS D 220 -23.77 -84.17 -51.91
CA LYS D 220 -24.93 -83.29 -51.87
C LYS D 220 -25.42 -82.87 -53.25
N TYR D 221 -24.54 -82.94 -54.25
CA TYR D 221 -24.92 -82.55 -55.61
C TYR D 221 -24.73 -83.65 -56.65
N LYS D 222 -23.98 -84.69 -56.29
CA LYS D 222 -23.68 -85.82 -57.15
C LYS D 222 -24.86 -86.37 -57.95
N ASN D 223 -26.04 -86.39 -57.33
CA ASN D 223 -27.23 -86.93 -57.99
C ASN D 223 -28.10 -85.91 -58.69
N THR D 224 -27.60 -84.70 -58.85
CA THR D 224 -28.37 -83.67 -59.53
C THR D 224 -28.41 -84.00 -61.02
N PRO D 225 -29.62 -84.10 -61.59
CA PRO D 225 -29.74 -84.41 -63.02
C PRO D 225 -29.16 -83.30 -63.90
N ARG D 226 -28.40 -83.67 -64.92
CA ARG D 226 -27.80 -82.70 -65.83
C ARG D 226 -28.60 -82.57 -67.11
N TYR D 227 -29.43 -81.54 -67.20
CA TYR D 227 -30.24 -81.34 -68.39
C TYR D 227 -29.38 -80.89 -69.57
N PHE D 228 -28.10 -80.70 -69.30
CA PHE D 228 -27.13 -80.34 -70.32
C PHE D 228 -25.75 -80.46 -69.72
N ASP D 229 -24.80 -80.95 -70.51
CA ASP D 229 -23.43 -81.11 -70.06
C ASP D 229 -22.56 -80.95 -71.29
N ILE D 230 -21.25 -80.82 -71.07
CA ILE D 230 -20.31 -80.64 -72.15
C ILE D 230 -19.92 -81.95 -72.81
N VAL D 231 -20.65 -83.03 -72.55
CA VAL D 231 -20.24 -84.30 -73.13
C VAL D 231 -21.24 -85.12 -73.95
N GLY D 232 -22.45 -85.33 -73.44
CA GLY D 232 -23.39 -86.15 -74.20
C GLY D 232 -24.60 -85.44 -74.79
N ASN D 233 -24.37 -84.27 -75.39
CA ASN D 233 -25.46 -83.50 -75.97
C ASN D 233 -25.03 -82.80 -77.25
N ASN D 234 -25.93 -81.98 -77.80
CA ASN D 234 -25.62 -81.26 -79.04
C ASN D 234 -25.82 -79.75 -78.90
N GLY D 235 -25.07 -78.99 -79.68
CA GLY D 235 -25.20 -77.55 -79.65
C GLY D 235 -24.43 -76.86 -78.54
N THR D 236 -24.71 -75.57 -78.37
CA THR D 236 -24.08 -74.76 -77.35
C THR D 236 -25.13 -73.98 -76.57
N ILE D 237 -24.78 -73.62 -75.34
CA ILE D 237 -25.69 -72.86 -74.49
C ILE D 237 -24.87 -72.18 -73.37
N GLU D 238 -25.25 -70.95 -73.02
CA GLU D 238 -24.55 -70.21 -71.97
C GLU D 238 -25.52 -69.68 -70.92
N GLY D 239 -25.01 -69.50 -69.71
CA GLY D 239 -25.81 -69.04 -68.59
C GLY D 239 -26.66 -67.79 -68.76
N GLY D 240 -26.16 -66.83 -69.51
CA GLY D 240 -26.89 -65.59 -69.72
C GLY D 240 -28.19 -65.77 -70.47
N ASP D 241 -28.37 -66.89 -71.15
CA ASP D 241 -29.60 -67.11 -71.90
C ASP D 241 -30.63 -67.94 -71.15
N ILE D 242 -30.29 -68.39 -69.94
CA ILE D 242 -31.19 -69.22 -69.15
C ILE D 242 -31.99 -68.54 -68.03
N PHE D 243 -33.31 -68.62 -68.11
CA PHE D 243 -34.19 -68.02 -67.11
C PHE D 243 -35.28 -69.01 -66.70
N ILE D 244 -35.67 -68.97 -65.43
CA ILE D 244 -36.72 -69.84 -64.90
C ILE D 244 -37.83 -68.94 -64.36
N TYR D 245 -38.90 -68.77 -65.14
CA TYR D 245 -40.01 -67.91 -64.71
C TYR D 245 -40.93 -68.47 -63.65
N ASN D 246 -41.22 -69.77 -63.71
CA ASN D 246 -42.08 -70.40 -62.69
C ASN D 246 -41.92 -71.92 -62.70
N SER D 247 -42.69 -72.58 -61.84
CA SER D 247 -42.62 -74.04 -61.71
C SER D 247 -42.82 -74.83 -62.99
N LYS D 248 -43.54 -74.24 -63.94
CA LYS D 248 -43.82 -74.94 -65.19
C LYS D 248 -43.14 -74.37 -66.43
N THR D 249 -42.67 -73.12 -66.34
CA THR D 249 -42.07 -72.49 -67.50
C THR D 249 -40.58 -72.13 -67.46
N LEU D 250 -39.87 -72.58 -68.48
CA LEU D 250 -38.45 -72.34 -68.65
C LEU D 250 -38.33 -71.37 -69.83
N VAL D 251 -37.52 -70.33 -69.69
CA VAL D 251 -37.33 -69.35 -70.77
C VAL D 251 -35.87 -69.30 -71.17
N ILE D 252 -35.60 -69.63 -72.43
CA ILE D 252 -34.23 -69.64 -72.94
C ILE D 252 -34.09 -68.81 -74.19
N GLY D 253 -33.01 -68.06 -74.26
CA GLY D 253 -32.81 -67.22 -75.42
C GLY D 253 -32.07 -67.92 -76.53
N ASN D 254 -32.53 -67.72 -77.76
CA ASN D 254 -31.87 -68.29 -78.93
C ASN D 254 -30.98 -67.16 -79.42
N SER D 255 -29.70 -67.24 -79.08
CA SER D 255 -28.76 -66.20 -79.46
C SER D 255 -27.57 -66.76 -80.20
N GLU D 256 -26.55 -65.91 -80.31
CA GLU D 256 -25.33 -66.29 -80.98
C GLU D 256 -24.57 -67.31 -80.13
N ARG D 257 -24.95 -67.42 -78.86
CA ARG D 257 -24.30 -68.36 -77.95
C ARG D 257 -25.14 -69.59 -77.60
N THR D 258 -26.44 -69.53 -77.84
CA THR D 258 -27.34 -70.65 -77.54
C THR D 258 -28.21 -71.00 -78.75
N ASN D 259 -28.03 -72.20 -79.29
CA ASN D 259 -28.79 -72.64 -80.47
C ASN D 259 -29.87 -73.67 -80.18
N PHE D 260 -30.72 -73.92 -81.18
CA PHE D 260 -31.83 -74.87 -81.07
C PHE D 260 -31.34 -76.27 -80.67
N ALA D 261 -30.18 -76.65 -81.17
CA ALA D 261 -29.61 -77.96 -80.85
C ALA D 261 -29.50 -78.18 -79.35
N ALA D 262 -28.93 -77.21 -78.65
CA ALA D 262 -28.77 -77.32 -77.21
C ALA D 262 -30.11 -77.27 -76.49
N ILE D 263 -31.03 -76.47 -77.00
CA ILE D 263 -32.35 -76.36 -76.40
C ILE D 263 -33.12 -77.67 -76.51
N GLU D 264 -32.97 -78.34 -77.64
CA GLU D 264 -33.64 -79.62 -77.85
C GLU D 264 -33.06 -80.66 -76.88
N SER D 265 -31.73 -80.65 -76.73
CA SER D 265 -31.07 -81.57 -75.81
C SER D 265 -31.64 -81.38 -74.42
N VAL D 266 -31.80 -80.11 -74.02
CA VAL D 266 -32.34 -79.76 -72.72
C VAL D 266 -33.77 -80.24 -72.59
N ALA D 267 -34.57 -80.02 -73.62
CA ALA D 267 -35.97 -80.44 -73.61
C ALA D 267 -36.12 -81.95 -73.41
N LYS D 268 -35.35 -82.73 -74.17
CA LYS D 268 -35.39 -84.18 -74.05
C LYS D 268 -34.94 -84.67 -72.68
N ASN D 269 -33.84 -84.12 -72.17
CA ASN D 269 -33.33 -84.52 -70.86
C ASN D 269 -34.34 -84.26 -69.76
N ILE D 270 -35.14 -83.20 -69.92
CA ILE D 270 -36.14 -82.86 -68.94
C ILE D 270 -37.30 -83.85 -69.03
N GLN D 271 -37.69 -84.21 -70.24
CA GLN D 271 -38.77 -85.16 -70.42
C GLN D 271 -38.44 -86.49 -69.76
N ALA D 272 -37.15 -86.83 -69.76
CA ALA D 272 -36.68 -88.08 -69.18
C ALA D 272 -36.59 -88.06 -67.65
N ASN D 273 -36.87 -86.91 -67.04
CA ASN D 273 -36.81 -86.80 -65.58
C ASN D 273 -38.22 -86.75 -64.99
N LYS D 274 -38.47 -87.65 -64.05
CA LYS D 274 -39.79 -87.77 -63.43
C LYS D 274 -40.15 -86.70 -62.40
N ASP D 275 -39.17 -86.25 -61.62
CA ASP D 275 -39.45 -85.25 -60.59
C ASP D 275 -39.62 -83.82 -61.10
N CYS D 276 -38.93 -83.48 -62.19
CA CYS D 276 -39.01 -82.13 -62.76
C CYS D 276 -40.45 -81.71 -63.05
N THR D 277 -40.78 -80.46 -62.70
CA THR D 277 -42.13 -79.94 -62.90
C THR D 277 -42.31 -79.07 -64.15
N PHE D 278 -41.22 -78.85 -64.90
CA PHE D 278 -41.30 -78.04 -66.11
C PHE D 278 -42.19 -78.73 -67.14
N GLU D 279 -43.05 -77.95 -67.77
CA GLU D 279 -43.97 -78.49 -68.78
C GLU D 279 -43.89 -77.69 -70.07
N ARG D 280 -43.15 -76.60 -70.05
CA ARG D 280 -43.07 -75.75 -71.21
C ARG D 280 -41.77 -74.96 -71.28
N ILE D 281 -41.32 -74.71 -72.51
CA ILE D 281 -40.11 -73.93 -72.75
C ILE D 281 -40.42 -72.84 -73.75
N VAL D 282 -40.16 -71.60 -73.39
CA VAL D 282 -40.39 -70.48 -74.29
C VAL D 282 -39.04 -69.98 -74.76
N VAL D 283 -38.79 -70.13 -76.06
CA VAL D 283 -37.52 -69.70 -76.65
C VAL D 283 -37.69 -68.32 -77.29
N ILE D 284 -36.85 -67.38 -76.85
CA ILE D 284 -36.91 -66.01 -77.37
C ILE D 284 -35.73 -65.73 -78.28
N ASN D 285 -36.01 -65.30 -79.50
CA ASN D 285 -34.95 -65.01 -80.45
C ASN D 285 -34.21 -63.76 -80.03
N VAL D 286 -32.89 -63.90 -79.80
CA VAL D 286 -32.07 -62.77 -79.39
C VAL D 286 -31.26 -62.22 -80.55
N PRO D 287 -31.56 -61.00 -80.99
CA PRO D 287 -30.86 -60.36 -82.12
C PRO D 287 -29.39 -59.99 -81.86
N PRO D 288 -28.54 -60.13 -82.90
CA PRO D 288 -27.11 -59.82 -82.82
C PRO D 288 -26.88 -58.33 -82.54
N MET D 289 -26.05 -58.04 -81.55
CA MET D 289 -25.74 -56.66 -81.20
C MET D 289 -24.28 -56.50 -80.82
N PRO D 290 -23.79 -55.25 -80.83
CA PRO D 290 -22.40 -54.97 -80.47
C PRO D 290 -22.21 -55.19 -78.97
N ASN D 291 -22.98 -54.43 -78.19
CA ASN D 291 -22.94 -54.47 -76.73
C ASN D 291 -23.62 -55.72 -76.16
N LEU D 292 -24.93 -55.77 -76.30
CA LEU D 292 -25.74 -56.87 -75.80
C LEU D 292 -25.33 -58.22 -76.37
N MET D 293 -25.52 -59.27 -75.57
CA MET D 293 -25.17 -60.63 -75.95
C MET D 293 -26.29 -61.63 -75.69
N HIS D 294 -26.40 -62.10 -74.46
CA HIS D 294 -27.43 -63.06 -74.11
C HIS D 294 -28.74 -62.39 -73.78
N LEU D 295 -29.77 -63.21 -73.62
CA LEU D 295 -31.10 -62.72 -73.29
C LEU D 295 -31.11 -61.84 -72.01
N ASP D 296 -30.21 -62.12 -71.06
CA ASP D 296 -30.15 -61.37 -69.81
C ASP D 296 -29.90 -59.86 -69.99
N THR D 297 -29.22 -59.48 -71.07
CA THR D 297 -28.95 -58.08 -71.33
C THR D 297 -30.13 -57.41 -72.03
N TRP D 298 -31.16 -58.18 -72.33
CA TRP D 298 -32.36 -57.64 -72.96
C TRP D 298 -33.57 -57.63 -72.03
N LEU D 299 -33.69 -58.65 -71.18
CA LEU D 299 -34.83 -58.76 -70.28
C LEU D 299 -34.54 -59.56 -69.00
N THR D 300 -35.01 -59.05 -67.86
CA THR D 300 -34.86 -59.75 -66.59
C THR D 300 -36.17 -59.61 -65.82
N MET D 301 -36.42 -60.56 -64.92
CA MET D 301 -37.65 -60.57 -64.13
C MET D 301 -37.30 -60.24 -62.68
N LEU D 302 -38.00 -59.25 -62.12
CA LEU D 302 -37.71 -58.81 -60.75
C LEU D 302 -38.82 -59.03 -59.73
N ASP D 303 -40.02 -59.34 -60.20
CA ASP D 303 -41.17 -59.57 -59.32
C ASP D 303 -42.15 -60.45 -60.11
N TYR D 304 -43.26 -60.83 -59.49
CA TYR D 304 -44.25 -61.66 -60.16
C TYR D 304 -44.70 -61.06 -61.50
N ASP D 305 -44.78 -59.74 -61.54
CA ASP D 305 -45.25 -59.04 -62.73
C ASP D 305 -44.42 -57.83 -63.13
N LYS D 306 -43.16 -57.78 -62.69
CA LYS D 306 -42.30 -56.65 -63.02
C LYS D 306 -41.04 -57.08 -63.76
N PHE D 307 -40.75 -56.41 -64.86
CA PHE D 307 -39.59 -56.74 -65.67
C PHE D 307 -38.77 -55.50 -66.04
N LEU D 308 -37.48 -55.72 -66.22
CA LEU D 308 -36.55 -54.66 -66.60
C LEU D 308 -36.09 -55.03 -68.00
N TYR D 309 -36.16 -54.08 -68.94
CA TYR D 309 -35.76 -54.39 -70.31
C TYR D 309 -34.93 -53.30 -70.96
N SER D 310 -34.27 -53.67 -72.05
CA SER D 310 -33.45 -52.73 -72.81
C SER D 310 -34.32 -51.96 -73.81
N PRO D 311 -34.35 -50.63 -73.71
CA PRO D 311 -35.17 -49.85 -74.65
C PRO D 311 -34.68 -49.97 -76.09
N ASN D 312 -33.51 -50.59 -76.25
CA ASN D 312 -32.92 -50.77 -77.56
C ASN D 312 -33.21 -52.15 -78.11
N MET D 313 -34.26 -52.78 -77.61
CA MET D 313 -34.62 -54.12 -78.07
C MET D 313 -35.62 -54.04 -79.22
N MET D 314 -35.75 -55.15 -79.95
CA MET D 314 -36.67 -55.20 -81.08
C MET D 314 -38.09 -54.97 -80.57
N ASN D 315 -38.95 -54.47 -81.44
CA ASN D 315 -40.32 -54.19 -81.04
C ASN D 315 -41.19 -55.46 -81.01
N VAL D 316 -41.16 -56.24 -82.10
CA VAL D 316 -41.92 -57.48 -82.15
C VAL D 316 -40.97 -58.64 -82.00
N LEU D 317 -41.25 -59.50 -81.02
CA LEU D 317 -40.41 -60.65 -80.74
C LEU D 317 -40.77 -61.89 -81.55
N LYS D 318 -39.76 -62.70 -81.83
CA LYS D 318 -39.94 -63.95 -82.54
C LYS D 318 -39.75 -65.02 -81.47
N ILE D 319 -40.82 -65.77 -81.19
CA ILE D 319 -40.81 -66.80 -80.16
C ILE D 319 -41.01 -68.22 -80.69
N TRP D 320 -40.71 -69.21 -79.85
CA TRP D 320 -40.88 -70.62 -80.18
C TRP D 320 -41.40 -71.31 -78.93
N GLU D 321 -42.59 -71.89 -79.02
CA GLU D 321 -43.21 -72.58 -77.90
C GLU D 321 -42.93 -74.07 -77.98
N ILE D 322 -42.45 -74.64 -76.88
CA ILE D 322 -42.16 -76.06 -76.84
C ILE D 322 -42.97 -76.72 -75.74
N ASP D 323 -43.88 -77.61 -76.14
CA ASP D 323 -44.72 -78.34 -75.20
C ASP D 323 -43.91 -79.56 -74.77
N LEU D 324 -43.48 -79.59 -73.51
CA LEU D 324 -42.69 -80.71 -73.01
C LEU D 324 -43.52 -81.98 -72.82
N ASN D 325 -44.83 -81.87 -73.04
CA ASN D 325 -45.73 -83.02 -72.91
C ASN D 325 -45.90 -83.66 -74.29
N VAL D 326 -45.14 -83.16 -75.26
CA VAL D 326 -45.21 -83.64 -76.64
C VAL D 326 -43.89 -84.25 -77.13
N LYS D 327 -43.99 -85.37 -77.83
CA LYS D 327 -42.82 -86.05 -78.38
C LYS D 327 -43.10 -86.42 -79.84
N PRO D 328 -42.14 -86.18 -80.74
CA PRO D 328 -40.83 -85.57 -80.45
C PRO D 328 -40.98 -84.09 -80.11
N VAL D 329 -39.88 -83.47 -79.72
CA VAL D 329 -39.88 -82.06 -79.35
C VAL D 329 -40.15 -81.19 -80.58
N LYS D 330 -41.03 -80.20 -80.43
CA LYS D 330 -41.36 -79.30 -81.54
C LYS D 330 -41.28 -77.81 -81.19
N PHE D 331 -40.60 -77.06 -82.06
CA PHE D 331 -40.42 -75.62 -81.92
C PHE D 331 -41.53 -74.88 -82.69
N VAL D 332 -42.65 -74.60 -82.03
CA VAL D 332 -43.75 -73.90 -82.68
C VAL D 332 -43.51 -72.39 -82.64
N GLU D 333 -43.12 -71.84 -83.79
CA GLU D 333 -42.83 -70.42 -83.92
C GLU D 333 -44.04 -69.53 -83.68
N LYS D 334 -43.81 -68.36 -83.10
CA LYS D 334 -44.87 -67.40 -82.81
C LYS D 334 -44.33 -65.96 -82.92
N LYS D 335 -45.20 -64.98 -82.77
CA LYS D 335 -44.81 -63.57 -82.85
C LYS D 335 -45.68 -62.69 -81.95
N GLY D 336 -45.07 -61.69 -81.34
CA GLY D 336 -45.81 -60.79 -80.46
C GLY D 336 -44.91 -59.75 -79.81
N THR D 337 -45.52 -58.76 -79.20
CA THR D 337 -44.77 -57.72 -78.51
C THR D 337 -44.27 -58.31 -77.20
N LEU D 338 -43.33 -57.61 -76.56
CA LEU D 338 -42.79 -58.08 -75.29
C LEU D 338 -43.94 -58.29 -74.32
N GLU D 339 -44.89 -57.36 -74.32
CA GLU D 339 -46.03 -57.43 -73.41
C GLU D 339 -46.88 -58.69 -73.67
N GLU D 340 -47.14 -58.96 -74.94
CA GLU D 340 -47.92 -60.12 -75.33
C GLU D 340 -47.24 -61.41 -74.90
N VAL D 341 -45.95 -61.51 -75.19
CA VAL D 341 -45.18 -62.69 -74.84
C VAL D 341 -45.18 -62.93 -73.32
N LEU D 342 -44.93 -61.88 -72.56
CA LEU D 342 -44.91 -62.01 -71.10
C LEU D 342 -46.27 -62.38 -70.55
N TYR D 343 -47.32 -61.77 -71.10
CA TYR D 343 -48.68 -62.05 -70.64
C TYR D 343 -49.00 -63.54 -70.77
N SER D 344 -48.57 -64.15 -71.89
CA SER D 344 -48.85 -65.55 -72.13
C SER D 344 -48.09 -66.48 -71.19
N ILE D 345 -47.26 -65.91 -70.31
CA ILE D 345 -46.52 -66.71 -69.37
C ILE D 345 -46.97 -66.49 -67.92
N ILE D 346 -47.13 -65.24 -67.53
CA ILE D 346 -47.55 -64.96 -66.16
C ILE D 346 -49.06 -64.78 -66.05
N ASP D 347 -49.70 -64.70 -67.21
CA ASP D 347 -51.15 -64.55 -67.28
C ASP D 347 -51.69 -63.39 -66.45
N LYS D 348 -51.09 -62.22 -66.65
CA LYS D 348 -51.49 -60.98 -65.99
C LYS D 348 -50.73 -59.85 -66.67
N LYS D 349 -51.23 -58.62 -66.55
CA LYS D 349 -50.54 -57.51 -67.20
C LYS D 349 -49.13 -57.31 -66.65
N PRO D 350 -48.12 -57.39 -67.52
CA PRO D 350 -46.74 -57.21 -67.06
C PRO D 350 -46.37 -55.73 -66.98
N ILE D 351 -45.62 -55.37 -65.93
CA ILE D 351 -45.16 -54.01 -65.75
C ILE D 351 -43.75 -53.97 -66.33
N LEU D 352 -43.57 -53.15 -67.37
CA LEU D 352 -42.29 -53.05 -68.06
C LEU D 352 -41.51 -51.79 -67.72
N ILE D 353 -40.31 -51.99 -67.19
CA ILE D 353 -39.44 -50.87 -66.81
C ILE D 353 -38.20 -50.85 -67.72
N PRO D 354 -38.01 -49.76 -68.47
CA PRO D 354 -36.85 -49.64 -69.37
C PRO D 354 -35.60 -49.15 -68.63
N ILE D 355 -34.43 -49.58 -69.08
CA ILE D 355 -33.17 -49.15 -68.48
C ILE D 355 -33.10 -47.63 -68.47
N ALA D 356 -32.71 -47.07 -67.33
CA ALA D 356 -32.58 -45.62 -67.17
C ALA D 356 -33.93 -44.91 -66.95
N GLY D 357 -35.02 -45.67 -67.01
CA GLY D 357 -36.33 -45.09 -66.80
C GLY D 357 -36.97 -44.44 -68.01
N LYS D 358 -38.28 -44.22 -67.94
CA LYS D 358 -39.00 -43.60 -69.04
C LYS D 358 -38.58 -42.16 -69.28
N GLY D 359 -38.42 -41.81 -70.56
CA GLY D 359 -38.04 -40.45 -70.91
C GLY D 359 -36.56 -40.15 -70.82
N ALA D 360 -35.76 -41.12 -70.38
CA ALA D 360 -34.32 -40.91 -70.27
C ALA D 360 -33.72 -40.55 -71.64
N ASN D 361 -32.67 -39.74 -71.65
CA ASN D 361 -32.02 -39.40 -72.91
C ASN D 361 -31.09 -40.56 -73.26
N GLN D 362 -30.67 -40.62 -74.52
CA GLN D 362 -29.82 -41.71 -74.99
C GLN D 362 -28.49 -41.84 -74.26
N LEU D 363 -27.99 -40.74 -73.71
CA LEU D 363 -26.72 -40.75 -72.99
C LEU D 363 -26.83 -41.64 -71.75
N ASP D 364 -27.87 -41.41 -70.96
CA ASP D 364 -28.07 -42.20 -69.75
C ASP D 364 -28.37 -43.67 -70.09
N ILE D 365 -29.14 -43.91 -71.14
CA ILE D 365 -29.45 -45.26 -71.54
C ILE D 365 -28.15 -45.98 -71.95
N ASP D 366 -27.31 -45.28 -72.70
CA ASP D 366 -26.06 -45.88 -73.14
C ASP D 366 -25.14 -46.22 -71.98
N ILE D 367 -24.97 -45.29 -71.05
CA ILE D 367 -24.09 -45.53 -69.92
C ILE D 367 -24.59 -46.65 -69.02
N GLU D 368 -25.86 -46.63 -68.64
CA GLU D 368 -26.36 -47.68 -67.77
C GLU D 368 -26.49 -49.03 -68.47
N THR D 369 -26.54 -49.03 -69.80
CA THR D 369 -26.60 -50.29 -70.54
C THR D 369 -25.17 -50.84 -70.49
N HIS D 370 -24.22 -49.96 -70.74
CA HIS D 370 -22.81 -50.31 -70.72
C HIS D 370 -22.45 -50.96 -69.38
N PHE D 371 -23.07 -50.49 -68.29
CA PHE D 371 -22.77 -51.07 -66.99
C PHE D 371 -23.74 -52.16 -66.53
N ASP D 372 -24.29 -52.88 -67.51
CA ASP D 372 -25.15 -54.03 -67.26
C ASP D 372 -26.38 -53.73 -66.40
N GLY D 373 -27.05 -52.60 -66.68
CA GLY D 373 -28.22 -52.20 -65.92
C GLY D 373 -29.39 -53.16 -65.72
N THR D 374 -29.56 -54.14 -66.60
CA THR D 374 -30.67 -55.07 -66.45
C THR D 374 -30.34 -56.21 -65.48
N ASN D 375 -29.06 -56.53 -65.34
CA ASN D 375 -28.66 -57.63 -64.50
C ASN D 375 -28.63 -57.51 -62.97
N TYR D 376 -29.76 -57.11 -62.40
CA TYR D 376 -29.87 -57.04 -60.95
C TYR D 376 -30.15 -58.48 -60.51
N LEU D 377 -29.78 -58.82 -59.28
CA LEU D 377 -30.06 -60.15 -58.77
C LEU D 377 -31.29 -59.99 -57.85
N THR D 378 -32.33 -60.76 -58.12
CA THR D 378 -33.56 -60.69 -57.31
C THR D 378 -33.39 -61.69 -56.17
N ILE D 379 -33.47 -61.21 -54.93
CA ILE D 379 -33.31 -62.10 -53.79
C ILE D 379 -34.63 -62.47 -53.09
N ALA D 380 -35.71 -61.85 -53.56
CA ALA D 380 -37.05 -62.10 -53.04
C ALA D 380 -37.97 -61.30 -53.94
N PRO D 381 -39.24 -61.69 -54.06
CA PRO D 381 -40.15 -60.95 -54.94
C PRO D 381 -40.13 -59.45 -54.71
N GLY D 382 -39.69 -58.70 -55.73
CA GLY D 382 -39.64 -57.25 -55.61
C GLY D 382 -38.47 -56.70 -54.82
N VAL D 383 -37.47 -57.53 -54.53
CA VAL D 383 -36.29 -57.09 -53.79
C VAL D 383 -35.04 -57.45 -54.59
N VAL D 384 -34.29 -56.43 -55.02
CA VAL D 384 -33.11 -56.65 -55.85
C VAL D 384 -31.78 -56.08 -55.32
N VAL D 385 -30.69 -56.59 -55.89
CA VAL D 385 -29.33 -56.17 -55.55
C VAL D 385 -28.56 -55.79 -56.82
N GLY D 386 -27.89 -54.63 -56.80
CA GLY D 386 -27.13 -54.17 -57.96
C GLY D 386 -26.21 -52.97 -57.69
N TYR D 387 -25.53 -52.50 -58.75
CA TYR D 387 -24.59 -51.37 -58.66
C TYR D 387 -25.29 -50.04 -58.42
N GLU D 388 -24.78 -49.28 -57.47
CA GLU D 388 -25.33 -47.97 -57.15
C GLU D 388 -25.08 -46.96 -58.25
N ARG D 389 -24.08 -47.20 -59.10
CA ARG D 389 -23.77 -46.25 -60.17
C ARG D 389 -24.90 -46.12 -61.19
N ASN D 390 -25.73 -47.14 -61.33
CA ASN D 390 -26.84 -47.05 -62.30
C ASN D 390 -28.04 -46.37 -61.64
N GLU D 391 -27.86 -45.09 -61.34
CA GLU D 391 -28.87 -44.27 -60.66
C GLU D 391 -30.24 -44.10 -61.33
N LYS D 392 -30.26 -43.88 -62.64
CA LYS D 392 -31.53 -43.70 -63.35
C LYS D 392 -32.37 -44.96 -63.29
N THR D 393 -31.74 -46.11 -63.53
CA THR D 393 -32.46 -47.38 -63.48
C THR D 393 -32.94 -47.62 -62.04
N GLN D 394 -32.05 -47.40 -61.07
CA GLN D 394 -32.43 -47.59 -59.68
C GLN D 394 -33.68 -46.78 -59.34
N LYS D 395 -33.68 -45.51 -59.72
CA LYS D 395 -34.81 -44.64 -59.45
C LYS D 395 -36.09 -45.19 -60.08
N ALA D 396 -36.01 -45.67 -61.31
CA ALA D 396 -37.18 -46.21 -62.00
C ALA D 396 -37.70 -47.44 -61.26
N LEU D 397 -36.79 -48.25 -60.75
CA LEU D 397 -37.19 -49.44 -60.02
C LEU D 397 -37.93 -49.13 -58.72
N VAL D 398 -37.42 -48.18 -57.93
CA VAL D 398 -38.08 -47.87 -56.67
C VAL D 398 -39.42 -47.19 -56.89
N GLU D 399 -39.54 -46.44 -57.98
CA GLU D 399 -40.80 -45.77 -58.27
C GLU D 399 -41.84 -46.82 -58.67
N ALA D 400 -41.37 -47.96 -59.17
CA ALA D 400 -42.27 -49.03 -59.56
C ALA D 400 -42.58 -49.93 -58.36
N GLY D 401 -42.11 -49.55 -57.19
CA GLY D 401 -42.38 -50.35 -55.99
C GLY D 401 -41.39 -51.46 -55.65
N ILE D 402 -40.27 -51.49 -56.35
CA ILE D 402 -39.24 -52.50 -56.09
C ILE D 402 -38.21 -51.97 -55.08
N LYS D 403 -37.83 -52.82 -54.13
CA LYS D 403 -36.85 -52.43 -53.12
C LYS D 403 -35.45 -52.71 -53.69
N VAL D 404 -34.58 -51.71 -53.68
CA VAL D 404 -33.24 -51.87 -54.21
C VAL D 404 -32.15 -51.82 -53.13
N LEU D 405 -31.37 -52.89 -53.06
CA LEU D 405 -30.26 -52.96 -52.11
C LEU D 405 -29.02 -52.77 -52.96
N SER D 406 -28.58 -51.52 -53.12
CA SER D 406 -27.42 -51.23 -53.94
C SER D 406 -26.10 -51.39 -53.20
N PHE D 407 -25.01 -51.49 -53.96
CA PHE D 407 -23.69 -51.58 -53.35
C PHE D 407 -22.67 -50.92 -54.27
N ASN D 408 -21.56 -50.47 -53.67
CA ASN D 408 -20.52 -49.80 -54.43
C ASN D 408 -19.66 -50.79 -55.19
N GLY D 409 -19.69 -50.71 -56.51
CA GLY D 409 -18.88 -51.59 -57.34
C GLY D 409 -18.08 -50.76 -58.32
N SER D 410 -17.57 -49.63 -57.84
CA SER D 410 -16.80 -48.72 -58.71
C SER D 410 -15.77 -49.44 -59.56
N GLN D 411 -15.17 -50.50 -59.02
CA GLN D 411 -14.18 -51.27 -59.79
C GLN D 411 -14.78 -52.53 -60.38
N LEU D 412 -15.56 -53.27 -59.58
CA LEU D 412 -16.19 -54.49 -60.04
C LEU D 412 -16.98 -54.28 -61.32
N SER D 413 -17.72 -53.18 -61.42
CA SER D 413 -18.52 -52.89 -62.60
C SER D 413 -17.70 -52.75 -63.88
N LEU D 414 -16.39 -52.55 -63.75
CA LEU D 414 -15.53 -52.44 -64.93
C LEU D 414 -15.47 -53.77 -65.67
N GLY D 415 -15.87 -54.83 -64.98
CA GLY D 415 -15.91 -56.17 -65.56
C GLY D 415 -17.12 -56.36 -66.46
N MET D 416 -17.99 -55.35 -66.52
CA MET D 416 -19.17 -55.37 -67.38
C MET D 416 -20.27 -56.35 -67.00
N GLY D 417 -20.24 -56.87 -65.78
CA GLY D 417 -21.28 -57.80 -65.35
C GLY D 417 -21.81 -57.35 -64.00
N SER D 418 -23.13 -57.36 -63.83
CA SER D 418 -23.72 -56.96 -62.56
C SER D 418 -23.99 -58.15 -61.63
N ALA D 419 -24.75 -57.93 -60.57
CA ALA D 419 -25.05 -58.96 -59.57
C ALA D 419 -25.61 -60.30 -60.09
N ARG D 420 -26.52 -60.28 -61.05
CA ARG D 420 -27.05 -61.55 -61.55
C ARG D 420 -25.92 -62.38 -62.16
N CYS D 421 -24.97 -61.70 -62.78
CA CYS D 421 -23.85 -62.38 -63.40
C CYS D 421 -22.85 -62.91 -62.40
N MET D 422 -22.80 -62.30 -61.21
CA MET D 422 -21.87 -62.69 -60.17
C MET D 422 -22.49 -63.66 -59.18
N SER D 423 -23.53 -64.36 -59.59
CA SER D 423 -24.18 -65.30 -58.69
C SER D 423 -24.90 -66.42 -59.42
N MET D 424 -25.06 -67.54 -58.71
CA MET D 424 -25.80 -68.67 -59.24
C MET D 424 -26.63 -69.25 -58.12
N PRO D 425 -27.93 -68.97 -58.14
CA PRO D 425 -28.83 -69.49 -57.11
C PRO D 425 -28.78 -71.02 -57.09
N LEU D 426 -28.72 -71.61 -55.90
CA LEU D 426 -28.69 -73.05 -55.76
C LEU D 426 -30.07 -73.48 -55.24
N ILE D 427 -30.60 -72.72 -54.29
CA ILE D 427 -31.91 -73.01 -53.72
C ILE D 427 -32.77 -71.77 -53.49
N ARG D 428 -33.96 -71.78 -54.07
CA ARG D 428 -34.93 -70.69 -53.92
C ARG D 428 -36.24 -71.27 -53.42
N GLU D 429 -36.91 -70.56 -52.52
CA GLU D 429 -38.18 -70.99 -51.98
C GLU D 429 -39.15 -71.06 -53.16
N ASN D 430 -39.88 -72.16 -53.31
CA ASN D 430 -40.81 -72.26 -54.42
C ASN D 430 -41.89 -71.21 -54.28
N LEU D 431 -42.34 -70.67 -55.40
CA LEU D 431 -43.39 -69.67 -55.38
C LEU D 431 -44.75 -70.30 -55.11
N LYS D 432 -45.65 -69.50 -54.55
CA LYS D 432 -47.00 -69.95 -54.29
C LYS D 432 -47.84 -69.08 -55.22
N LYS D 433 -47.14 -68.18 -55.90
CA LYS D 433 -47.70 -67.21 -56.86
C LYS D 433 -48.82 -66.36 -56.23
N GLY E 35 -25.77 -5.08 18.58
CA GLY E 35 -25.01 -4.34 17.51
C GLY E 35 -25.91 -3.66 16.49
N ILE E 36 -27.19 -4.03 16.47
CA ILE E 36 -28.15 -3.44 15.53
C ILE E 36 -29.32 -2.78 16.26
N ASN E 37 -29.55 -1.50 15.98
CA ASN E 37 -30.65 -0.75 16.59
C ASN E 37 -31.09 0.38 15.66
N VAL E 38 -32.04 0.07 14.79
CA VAL E 38 -32.56 1.01 13.82
C VAL E 38 -34.09 1.06 13.86
N TYR E 39 -34.63 2.01 14.61
CA TYR E 39 -36.07 2.14 14.75
C TYR E 39 -36.67 3.40 14.13
N SER E 40 -36.12 3.80 12.99
CA SER E 40 -36.60 4.96 12.25
C SER E 40 -35.72 5.14 11.04
N GLU E 41 -36.11 6.08 10.18
CA GLU E 41 -35.38 6.39 8.96
C GLU E 41 -34.61 7.68 9.19
N ILE E 42 -34.92 8.37 10.28
CA ILE E 42 -34.34 9.69 10.55
C ILE E 42 -33.54 9.93 11.82
N GLY E 43 -33.62 9.02 12.78
CA GLY E 43 -32.89 9.21 14.02
C GLY E 43 -31.41 9.47 13.81
N GLU E 44 -30.82 10.32 14.64
CA GLU E 44 -29.41 10.64 14.53
C GLU E 44 -28.59 9.36 14.30
N LEU E 45 -27.98 9.28 13.12
CA LEU E 45 -27.18 8.14 12.72
C LEU E 45 -25.86 8.05 13.50
N LYS E 46 -25.61 6.88 14.10
CA LYS E 46 -24.40 6.69 14.90
C LYS E 46 -23.41 5.74 14.25
N GLU E 47 -23.91 4.67 13.65
CA GLU E 47 -23.06 3.71 12.97
C GLU E 47 -23.69 3.28 11.66
N VAL E 48 -22.91 3.33 10.59
CA VAL E 48 -23.40 2.98 9.26
C VAL E 48 -22.42 2.13 8.45
N LEU E 49 -22.96 1.22 7.65
CA LEU E 49 -22.15 0.33 6.81
C LEU E 49 -22.10 0.80 5.35
N VAL E 50 -20.89 0.95 4.81
CA VAL E 50 -20.74 1.38 3.42
C VAL E 50 -19.67 0.50 2.78
N HIS E 51 -19.41 0.74 1.50
CA HIS E 51 -18.36 0.04 0.78
C HIS E 51 -17.81 0.95 -0.29
N THR E 52 -16.59 1.46 -0.10
CA THR E 52 -15.97 2.29 -1.11
C THR E 52 -15.59 1.29 -2.19
N PRO E 53 -16.06 1.50 -3.42
CA PRO E 53 -15.71 0.55 -4.48
C PRO E 53 -14.21 0.31 -4.71
N GLY E 54 -13.90 -0.93 -5.07
CA GLY E 54 -12.52 -1.34 -5.34
C GLY E 54 -12.38 -1.64 -6.82
N ASP E 55 -11.44 -2.51 -7.19
CA ASP E 55 -11.21 -2.83 -8.60
C ASP E 55 -12.41 -3.42 -9.34
N GLU E 56 -13.41 -3.92 -8.61
CA GLU E 56 -14.57 -4.47 -9.28
C GLU E 56 -15.23 -3.49 -10.27
N ILE E 57 -15.22 -2.19 -9.96
CA ILE E 57 -15.86 -1.25 -10.89
C ILE E 57 -14.96 -0.89 -12.07
N ARG E 58 -13.84 -1.59 -12.19
CA ARG E 58 -12.94 -1.37 -13.31
C ARG E 58 -13.11 -2.55 -14.26
N TYR E 59 -13.77 -3.61 -13.80
CA TYR E 59 -13.94 -4.83 -14.59
C TYR E 59 -15.27 -5.06 -15.30
N THR E 60 -16.02 -3.99 -15.56
CA THR E 60 -17.30 -4.15 -16.24
C THR E 60 -17.17 -3.76 -17.71
N ALA E 61 -17.13 -4.73 -18.61
CA ALA E 61 -17.03 -4.44 -20.04
C ALA E 61 -18.36 -3.80 -20.48
N PRO E 62 -18.31 -2.83 -21.41
CA PRO E 62 -19.52 -2.17 -21.88
C PRO E 62 -20.61 -3.10 -22.38
N SER E 63 -20.21 -4.26 -22.91
CA SER E 63 -21.18 -5.21 -23.41
C SER E 63 -21.83 -6.05 -22.32
N ARG E 64 -21.25 -6.02 -21.11
CA ARG E 64 -21.79 -6.81 -20.01
C ARG E 64 -22.54 -6.01 -18.94
N LEU E 65 -22.99 -4.81 -19.28
CA LEU E 65 -23.74 -4.00 -18.33
C LEU E 65 -24.97 -4.75 -17.82
N GLU E 66 -25.72 -5.38 -18.73
CA GLU E 66 -26.91 -6.14 -18.33
C GLU E 66 -26.56 -7.39 -17.56
N GLU E 67 -25.54 -8.09 -18.05
CA GLU E 67 -25.10 -9.33 -17.42
C GLU E 67 -24.68 -9.11 -15.98
N LEU E 68 -23.92 -8.05 -15.74
CA LEU E 68 -23.46 -7.75 -14.39
C LEU E 68 -24.47 -6.90 -13.65
N LEU E 69 -25.59 -6.62 -14.30
CA LEU E 69 -26.65 -5.82 -13.71
C LEU E 69 -26.15 -4.49 -13.19
N PHE E 70 -25.33 -3.80 -13.99
CA PHE E 70 -24.81 -2.50 -13.61
C PHE E 70 -25.16 -1.54 -14.74
N SER E 71 -25.34 -0.26 -14.41
CA SER E 71 -25.77 0.73 -15.40
C SER E 71 -24.80 1.43 -16.36
N ALA E 72 -23.52 1.53 -16.03
CA ALA E 72 -22.60 2.18 -16.95
C ALA E 72 -21.13 1.93 -16.64
N VAL E 73 -20.27 2.29 -17.59
CA VAL E 73 -18.84 2.12 -17.37
C VAL E 73 -18.33 3.39 -16.69
N LEU E 74 -17.89 3.27 -15.44
CA LEU E 74 -17.41 4.41 -14.68
C LEU E 74 -15.93 4.70 -14.86
N LYS E 75 -15.57 5.96 -14.62
CA LYS E 75 -14.18 6.37 -14.67
C LYS E 75 -13.80 6.09 -13.18
N ALA E 76 -13.42 4.84 -12.92
CA ALA E 76 -13.09 4.33 -11.59
C ALA E 76 -12.44 5.25 -10.58
N ASP E 77 -11.23 5.72 -10.85
CA ASP E 77 -10.53 6.59 -9.91
C ASP E 77 -11.41 7.73 -9.40
N THR E 78 -12.14 8.34 -10.32
CA THR E 78 -13.02 9.47 -10.02
C THR E 78 -14.19 9.03 -9.15
N ALA E 79 -14.82 7.92 -9.52
CA ALA E 79 -15.95 7.39 -8.76
C ALA E 79 -15.52 7.06 -7.33
N ILE E 80 -14.30 6.54 -7.20
CA ILE E 80 -13.78 6.18 -5.88
C ILE E 80 -13.55 7.42 -5.01
N GLU E 81 -12.95 8.46 -5.58
CA GLU E 81 -12.72 9.67 -4.81
C GLU E 81 -14.04 10.30 -4.41
N GLU E 82 -15.04 10.21 -5.28
CA GLU E 82 -16.34 10.79 -4.97
C GLU E 82 -17.03 10.07 -3.82
N HIS E 83 -16.84 8.76 -3.74
CA HIS E 83 -17.43 7.98 -2.65
C HIS E 83 -16.74 8.36 -1.34
N LYS E 84 -15.42 8.55 -1.40
CA LYS E 84 -14.67 8.94 -0.21
C LYS E 84 -15.17 10.29 0.30
N GLY E 85 -15.58 11.15 -0.63
CA GLY E 85 -16.08 12.46 -0.24
C GLY E 85 -17.40 12.29 0.51
N PHE E 86 -18.17 11.29 0.10
CA PHE E 86 -19.45 10.97 0.71
C PHE E 86 -19.18 10.44 2.13
N VAL E 87 -18.19 9.55 2.25
CA VAL E 87 -17.83 8.99 3.55
C VAL E 87 -17.38 10.09 4.51
N LYS E 88 -16.55 11.00 3.99
CA LYS E 88 -16.02 12.12 4.77
C LYS E 88 -17.13 12.96 5.40
N ILE E 89 -18.15 13.27 4.62
CA ILE E 89 -19.27 14.06 5.11
C ILE E 89 -19.92 13.36 6.30
N LEU E 90 -20.13 12.05 6.17
CA LEU E 90 -20.73 11.29 7.25
C LEU E 90 -19.84 11.33 8.50
N GLN E 91 -18.53 11.12 8.31
CA GLN E 91 -17.61 11.14 9.45
C GLN E 91 -17.57 12.51 10.12
N ASN E 92 -17.61 13.57 9.32
CA ASN E 92 -17.58 14.92 9.86
C ASN E 92 -18.82 15.23 10.67
N ASN E 93 -19.83 14.36 10.57
CA ASN E 93 -21.06 14.55 11.32
C ASN E 93 -21.14 13.61 12.51
N GLY E 94 -19.96 13.14 12.95
CA GLY E 94 -19.85 12.28 14.11
C GLY E 94 -20.34 10.86 13.91
N ILE E 95 -20.54 10.47 12.66
CA ILE E 95 -21.02 9.12 12.39
C ILE E 95 -19.86 8.14 12.27
N LYS E 96 -20.02 6.96 12.85
CA LYS E 96 -18.98 5.94 12.75
C LYS E 96 -19.24 5.21 11.42
N VAL E 97 -18.33 5.36 10.47
CA VAL E 97 -18.49 4.74 9.16
C VAL E 97 -17.68 3.46 9.08
N ILE E 98 -18.39 2.35 8.89
CA ILE E 98 -17.74 1.05 8.82
C ILE E 98 -17.69 0.50 7.41
N GLN E 99 -16.45 0.22 6.97
CA GLN E 99 -16.18 -0.33 5.66
C GLN E 99 -16.47 -1.85 5.69
N LEU E 100 -17.26 -2.35 4.73
CA LEU E 100 -17.59 -3.78 4.67
C LEU E 100 -16.37 -4.68 4.68
N CYS E 101 -15.33 -4.30 3.92
CA CYS E 101 -14.12 -5.10 3.87
C CYS E 101 -13.43 -5.18 5.24
N ASP E 102 -13.49 -4.11 6.03
CA ASP E 102 -12.87 -4.13 7.35
C ASP E 102 -13.66 -4.98 8.33
N LEU E 103 -14.98 -4.91 8.23
CA LEU E 103 -15.84 -5.67 9.12
C LEU E 103 -15.66 -7.16 8.87
N VAL E 104 -15.56 -7.52 7.60
CA VAL E 104 -15.36 -8.91 7.21
C VAL E 104 -13.99 -9.39 7.68
N ALA E 105 -12.97 -8.57 7.46
CA ALA E 105 -11.61 -8.92 7.84
C ALA E 105 -11.51 -9.12 9.33
N GLU E 106 -12.18 -8.26 10.10
CA GLU E 106 -12.17 -8.33 11.55
C GLU E 106 -12.84 -9.63 11.99
N THR E 107 -13.93 -10.00 11.32
CA THR E 107 -14.65 -11.21 11.66
C THR E 107 -13.79 -12.44 11.36
N TYR E 108 -13.07 -12.40 10.24
CA TYR E 108 -12.21 -13.49 9.81
C TYR E 108 -11.12 -13.79 10.85
N GLU E 109 -10.45 -12.75 11.33
CA GLU E 109 -9.37 -12.90 12.31
C GLU E 109 -9.84 -13.60 13.59
N LEU E 110 -11.12 -13.42 13.94
CA LEU E 110 -11.68 -13.99 15.14
C LEU E 110 -12.18 -15.41 14.99
N CYS E 111 -12.26 -15.89 13.76
CA CYS E 111 -12.75 -17.24 13.52
C CYS E 111 -11.68 -18.31 13.62
N SER E 112 -12.13 -19.55 13.76
CA SER E 112 -11.25 -20.70 13.84
C SER E 112 -10.80 -21.03 12.43
N LYS E 113 -9.71 -21.78 12.33
CA LYS E 113 -9.16 -22.16 11.04
C LYS E 113 -10.17 -22.84 10.14
N GLU E 114 -11.02 -23.68 10.73
CA GLU E 114 -12.02 -24.41 9.95
C GLU E 114 -13.14 -23.51 9.45
N VAL E 115 -13.53 -22.51 10.24
CA VAL E 115 -14.59 -21.58 9.84
C VAL E 115 -14.04 -20.63 8.77
N ARG E 116 -12.80 -20.19 8.95
CA ARG E 116 -12.17 -19.33 7.97
C ARG E 116 -12.17 -20.05 6.63
N ASN E 117 -11.63 -21.27 6.63
CA ASN E 117 -11.57 -22.07 5.43
C ASN E 117 -12.96 -22.28 4.83
N SER E 118 -13.95 -22.40 5.71
CA SER E 118 -15.32 -22.58 5.29
C SER E 118 -15.79 -21.40 4.44
N PHE E 119 -15.36 -20.20 4.84
CA PHE E 119 -15.70 -18.95 4.16
C PHE E 119 -15.07 -18.92 2.75
N ILE E 120 -13.78 -19.23 2.66
CA ILE E 120 -13.07 -19.25 1.39
C ILE E 120 -13.69 -20.25 0.41
N GLU E 121 -14.01 -21.43 0.93
CA GLU E 121 -14.61 -22.49 0.11
C GLU E 121 -15.96 -22.10 -0.46
N GLN E 122 -16.81 -21.46 0.36
CA GLN E 122 -18.12 -21.04 -0.11
C GLN E 122 -17.95 -20.03 -1.23
N TYR E 123 -17.00 -19.11 -1.04
CA TYR E 123 -16.72 -18.09 -2.03
C TYR E 123 -16.35 -18.74 -3.37
N LEU E 124 -15.46 -19.74 -3.31
CA LEU E 124 -15.03 -20.43 -4.51
C LEU E 124 -16.17 -21.18 -5.15
N ASP E 125 -17.08 -21.70 -4.34
CA ASP E 125 -18.22 -22.43 -4.86
C ASP E 125 -19.19 -21.52 -5.61
N GLU E 126 -19.36 -20.29 -5.10
CA GLU E 126 -20.30 -19.34 -5.70
C GLU E 126 -19.69 -18.44 -6.78
N ALA E 127 -18.39 -18.61 -7.01
CA ALA E 127 -17.69 -17.81 -8.01
C ALA E 127 -18.21 -18.02 -9.43
N LEU E 128 -18.25 -16.94 -10.19
CA LEU E 128 -18.69 -16.96 -11.58
C LEU E 128 -17.66 -16.14 -12.34
N PRO E 129 -17.21 -16.64 -13.51
CA PRO E 129 -17.60 -17.90 -14.15
C PRO E 129 -17.18 -19.05 -13.26
N VAL E 130 -17.87 -20.18 -13.36
CA VAL E 130 -17.53 -21.34 -12.56
C VAL E 130 -16.04 -21.67 -12.69
N LEU E 131 -15.41 -22.02 -11.58
CA LEU E 131 -13.99 -22.33 -11.58
C LEU E 131 -13.65 -23.74 -12.03
N LYS E 132 -12.72 -23.85 -12.98
CA LYS E 132 -12.30 -25.15 -13.50
C LYS E 132 -11.57 -25.87 -12.37
N LYS E 133 -11.67 -27.19 -12.33
CA LYS E 133 -11.03 -27.97 -11.26
C LYS E 133 -9.55 -27.66 -11.00
N GLU E 134 -8.76 -27.46 -12.05
CA GLU E 134 -7.34 -27.17 -11.81
C GLU E 134 -7.01 -25.70 -11.55
N ILE E 135 -7.98 -24.80 -11.77
CA ILE E 135 -7.74 -23.39 -11.52
C ILE E 135 -8.14 -23.02 -10.09
N ARG E 136 -9.13 -23.72 -9.55
CA ARG E 136 -9.63 -23.48 -8.20
C ARG E 136 -8.50 -23.43 -7.15
N PRO E 137 -7.63 -24.44 -7.12
CA PRO E 137 -6.54 -24.39 -6.13
C PRO E 137 -5.58 -23.23 -6.35
N VAL E 138 -5.45 -22.79 -7.60
CA VAL E 138 -4.57 -21.68 -7.90
C VAL E 138 -5.16 -20.39 -7.32
N VAL E 139 -6.47 -20.22 -7.46
CA VAL E 139 -7.14 -19.04 -6.92
C VAL E 139 -7.04 -19.06 -5.40
N LYS E 140 -7.28 -20.23 -4.79
CA LYS E 140 -7.23 -20.34 -3.34
C LYS E 140 -5.86 -19.95 -2.76
N ASP E 141 -4.77 -20.40 -3.39
CA ASP E 141 -3.45 -20.04 -2.89
C ASP E 141 -3.19 -18.56 -3.08
N TYR E 142 -3.66 -18.00 -4.19
CA TYR E 142 -3.49 -16.58 -4.46
C TYR E 142 -4.17 -15.75 -3.37
N LEU E 143 -5.43 -16.07 -3.06
CA LEU E 143 -6.15 -15.32 -2.05
C LEU E 143 -5.45 -15.41 -0.69
N LEU E 144 -5.01 -16.61 -0.32
CA LEU E 144 -4.34 -16.79 0.98
C LEU E 144 -2.98 -16.14 1.08
N SER E 145 -2.42 -15.70 -0.05
CA SER E 145 -1.11 -15.08 -0.01
C SER E 145 -1.16 -13.61 0.39
N PHE E 146 -2.36 -13.05 0.43
CA PHE E 146 -2.55 -11.64 0.78
C PHE E 146 -2.92 -11.44 2.25
N PRO E 147 -2.62 -10.25 2.79
CA PRO E 147 -2.97 -9.99 4.20
C PRO E 147 -4.51 -10.01 4.21
N THR E 148 -5.11 -10.30 5.35
CA THR E 148 -6.57 -10.43 5.44
C THR E 148 -7.44 -9.39 4.71
N VAL E 149 -7.28 -8.12 5.02
CA VAL E 149 -8.10 -7.11 4.37
C VAL E 149 -7.93 -7.11 2.84
N GLN E 150 -6.69 -7.26 2.36
CA GLN E 150 -6.45 -7.29 0.92
C GLN E 150 -7.07 -8.53 0.28
N MET E 151 -7.09 -9.63 1.01
CA MET E 151 -7.68 -10.86 0.50
C MET E 151 -9.17 -10.61 0.28
N VAL E 152 -9.82 -10.05 1.30
CA VAL E 152 -11.24 -9.75 1.24
C VAL E 152 -11.53 -8.85 0.02
N ARG E 153 -10.66 -7.87 -0.20
CA ARG E 153 -10.82 -6.96 -1.32
C ARG E 153 -10.71 -7.68 -2.66
N LYS E 154 -9.84 -8.69 -2.75
CA LYS E 154 -9.70 -9.46 -4.00
C LYS E 154 -10.95 -10.25 -4.25
N MET E 155 -11.55 -10.77 -3.18
CA MET E 155 -12.77 -11.56 -3.29
C MET E 155 -13.90 -10.68 -3.82
N MET E 156 -13.90 -9.43 -3.38
CA MET E 156 -14.92 -8.49 -3.79
C MET E 156 -14.67 -7.95 -5.20
N SER E 157 -13.41 -7.73 -5.53
CA SER E 157 -13.04 -7.18 -6.81
C SER E 157 -13.09 -8.13 -8.00
N GLY E 158 -12.91 -9.42 -7.73
CA GLY E 158 -12.87 -10.37 -8.82
C GLY E 158 -11.39 -10.54 -9.15
N ILE E 159 -11.07 -11.46 -10.05
CA ILE E 159 -9.68 -11.72 -10.40
C ILE E 159 -9.42 -11.83 -11.90
N LEU E 160 -8.38 -11.12 -12.34
CA LEU E 160 -7.98 -11.10 -13.74
C LEU E 160 -7.09 -12.29 -14.06
N ALA E 161 -7.21 -12.82 -15.27
CA ALA E 161 -6.39 -13.95 -15.67
C ALA E 161 -4.91 -13.56 -15.58
N ASN E 162 -4.59 -12.33 -15.99
CA ASN E 162 -3.21 -11.84 -15.96
C ASN E 162 -2.64 -12.00 -14.55
N GLU E 163 -3.47 -11.75 -13.54
CA GLU E 163 -3.03 -11.86 -12.15
C GLU E 163 -2.51 -13.24 -11.76
N LEU E 164 -3.05 -14.28 -12.37
CA LEU E 164 -2.63 -15.64 -12.05
C LEU E 164 -1.71 -16.24 -13.10
N ASN E 165 -1.26 -15.44 -14.07
CA ASN E 165 -0.38 -15.95 -15.10
C ASN E 165 -1.07 -16.92 -16.04
N ILE E 166 -2.37 -16.78 -16.21
CA ILE E 166 -3.12 -17.67 -17.09
C ILE E 166 -3.41 -16.98 -18.40
N LYS E 167 -3.08 -17.66 -19.48
CA LYS E 167 -3.32 -17.13 -20.80
C LYS E 167 -4.69 -17.62 -21.23
N GLN E 168 -5.50 -16.67 -21.69
CA GLN E 168 -6.85 -16.95 -22.18
C GLN E 168 -7.43 -15.63 -22.66
N ASP E 169 -8.40 -15.70 -23.56
CA ASP E 169 -9.01 -14.48 -24.09
C ASP E 169 -9.90 -13.78 -23.07
N ASN E 170 -10.66 -14.55 -22.28
CA ASN E 170 -11.52 -13.94 -21.25
C ASN E 170 -10.58 -13.40 -20.19
N PRO E 171 -10.53 -12.07 -20.05
CA PRO E 171 -9.65 -11.43 -19.07
C PRO E 171 -9.96 -11.74 -17.60
N LEU E 172 -11.17 -12.20 -17.30
CA LEU E 172 -11.55 -12.50 -15.91
C LEU E 172 -11.68 -13.98 -15.53
N ILE E 173 -11.00 -14.37 -14.46
CA ILE E 173 -11.07 -15.73 -13.92
C ILE E 173 -12.30 -15.77 -13.02
N ILE E 174 -12.52 -14.67 -12.31
CA ILE E 174 -13.68 -14.51 -11.45
C ILE E 174 -14.19 -13.08 -11.62
N ASP E 175 -15.48 -12.92 -11.89
CA ASP E 175 -16.05 -11.59 -12.07
C ASP E 175 -16.03 -10.81 -10.75
N GLY E 176 -16.02 -9.49 -10.83
CA GLY E 176 -16.07 -8.69 -9.63
C GLY E 176 -17.55 -8.53 -9.26
N MET E 177 -17.84 -7.88 -8.15
CA MET E 177 -19.22 -7.64 -7.73
C MET E 177 -19.34 -6.12 -7.69
N PRO E 178 -19.52 -5.49 -8.87
CA PRO E 178 -19.64 -4.03 -8.99
C PRO E 178 -20.68 -3.33 -8.14
N ASN E 179 -21.75 -4.05 -7.77
CA ASN E 179 -22.81 -3.47 -6.97
C ASN E 179 -22.57 -3.45 -5.45
N LEU E 180 -21.40 -3.89 -5.03
CA LEU E 180 -21.10 -3.93 -3.60
C LEU E 180 -21.23 -2.58 -2.88
N TYR E 181 -20.96 -1.48 -3.57
CA TYR E 181 -21.05 -0.19 -2.87
C TYR E 181 -22.50 0.18 -2.52
N PHE E 182 -23.44 -0.62 -3.02
CA PHE E 182 -24.85 -0.41 -2.69
C PHE E 182 -25.15 -1.32 -1.49
N THR E 183 -24.62 -0.96 -0.31
CA THR E 183 -24.82 -1.76 0.89
C THR E 183 -26.27 -1.84 1.38
N ARG E 184 -27.16 -1.11 0.71
CA ARG E 184 -28.58 -1.12 1.08
C ARG E 184 -29.25 -2.43 0.66
N ASP E 185 -28.62 -3.17 -0.24
CA ASP E 185 -29.23 -4.40 -0.74
C ASP E 185 -29.03 -5.76 -0.06
N PRO E 186 -27.78 -6.17 0.20
CA PRO E 186 -27.57 -7.48 0.85
C PRO E 186 -28.43 -7.76 2.08
N PHE E 187 -28.51 -6.79 3.00
CA PHE E 187 -29.33 -6.94 4.20
C PHE E 187 -29.84 -5.58 4.62
N ALA E 188 -30.93 -5.54 5.37
CA ALA E 188 -31.48 -4.29 5.84
C ALA E 188 -31.74 -4.37 7.34
N SER E 189 -31.23 -3.39 8.09
CA SER E 189 -31.45 -3.38 9.54
C SER E 189 -32.94 -3.19 9.74
N MET E 190 -33.47 -3.83 10.77
CA MET E 190 -34.89 -3.78 11.02
C MET E 190 -35.13 -3.80 12.53
N GLY E 191 -35.19 -2.62 13.14
CA GLY E 191 -35.39 -2.56 14.58
C GLY E 191 -34.18 -3.12 15.31
N ASN E 192 -34.36 -4.24 16.00
CA ASN E 192 -33.25 -4.88 16.73
C ASN E 192 -32.72 -6.07 15.93
N GLY E 193 -33.38 -6.38 14.82
CA GLY E 193 -32.96 -7.51 13.99
C GLY E 193 -32.58 -7.09 12.59
N VAL E 194 -32.40 -8.07 11.71
CA VAL E 194 -32.04 -7.78 10.32
C VAL E 194 -32.76 -8.65 9.33
N SER E 195 -32.85 -8.18 8.10
CA SER E 195 -33.45 -8.93 7.02
C SER E 195 -32.35 -9.15 5.97
N ILE E 196 -31.82 -10.37 5.93
CA ILE E 196 -30.79 -10.71 4.94
C ILE E 196 -31.62 -11.06 3.72
N ASN E 197 -31.63 -10.12 2.78
CA ASN E 197 -32.40 -10.18 1.57
C ASN E 197 -32.11 -11.22 0.50
N CYS E 198 -33.18 -11.56 -0.24
CA CYS E 198 -33.13 -12.54 -1.32
C CYS E 198 -33.00 -11.81 -2.65
N MET E 199 -31.76 -11.58 -3.09
CA MET E 199 -31.48 -10.89 -4.35
C MET E 199 -32.12 -11.66 -5.51
N LYS E 200 -32.33 -10.99 -6.64
CA LYS E 200 -32.96 -11.64 -7.79
C LYS E 200 -32.03 -12.47 -8.67
N TYR E 201 -30.99 -11.83 -9.21
CA TYR E 201 -30.08 -12.54 -10.09
C TYR E 201 -28.78 -13.01 -9.41
N PRO E 202 -28.33 -14.24 -9.71
CA PRO E 202 -27.12 -14.85 -9.15
C PRO E 202 -25.88 -13.94 -9.08
N THR E 203 -25.75 -13.03 -10.04
CA THR E 203 -24.61 -12.12 -10.04
C THR E 203 -24.56 -11.33 -8.74
N ARG E 204 -25.73 -10.94 -8.26
CA ARG E 204 -25.82 -10.15 -7.04
C ARG E 204 -25.98 -11.00 -5.78
N LYS E 205 -26.43 -12.24 -5.93
CA LYS E 205 -26.60 -13.13 -4.79
C LYS E 205 -25.24 -13.42 -4.17
N ARG E 206 -24.18 -13.32 -4.99
CA ARG E 206 -22.82 -13.55 -4.53
C ARG E 206 -22.37 -12.54 -3.47
N GLU E 207 -23.02 -11.38 -3.42
CA GLU E 207 -22.69 -10.32 -2.48
C GLU E 207 -23.06 -10.62 -1.03
N VAL E 208 -24.10 -11.44 -0.85
CA VAL E 208 -24.58 -11.78 0.49
C VAL E 208 -23.57 -12.48 1.38
N ILE E 209 -22.66 -13.24 0.78
CA ILE E 209 -21.68 -13.98 1.58
C ILE E 209 -20.93 -13.16 2.61
N PHE E 210 -20.60 -11.92 2.26
CA PHE E 210 -19.82 -11.09 3.16
C PHE E 210 -20.53 -10.70 4.45
N SER E 211 -21.64 -9.97 4.34
CA SER E 211 -22.37 -9.55 5.53
C SER E 211 -22.91 -10.77 6.31
N ARG E 212 -23.35 -11.79 5.59
CA ARG E 212 -23.88 -12.98 6.24
C ARG E 212 -22.79 -13.64 7.09
N PHE E 213 -21.55 -13.61 6.61
CA PHE E 213 -20.42 -14.17 7.35
C PHE E 213 -20.24 -13.38 8.65
N VAL E 214 -20.49 -12.07 8.59
CA VAL E 214 -20.38 -11.20 9.77
C VAL E 214 -21.49 -11.51 10.79
N PHE E 215 -22.73 -11.62 10.30
CA PHE E 215 -23.86 -11.91 11.18
C PHE E 215 -23.85 -13.34 11.72
N THR E 216 -22.96 -14.16 11.20
CA THR E 216 -22.89 -15.54 11.65
C THR E 216 -21.80 -15.76 12.68
N ASN E 217 -20.69 -15.03 12.52
CA ASN E 217 -19.54 -15.21 13.40
C ASN E 217 -19.07 -14.03 14.26
N ASN E 218 -19.25 -12.80 13.80
CA ASN E 218 -18.79 -11.67 14.62
C ASN E 218 -19.58 -11.61 15.92
N PRO E 219 -18.88 -11.71 17.07
CA PRO E 219 -19.55 -11.67 18.38
C PRO E 219 -20.47 -10.45 18.61
N LYS E 220 -20.15 -9.33 17.97
CA LYS E 220 -20.96 -8.12 18.10
C LYS E 220 -22.29 -8.19 17.33
N TYR E 221 -22.39 -9.08 16.36
CA TYR E 221 -23.63 -9.19 15.57
C TYR E 221 -24.22 -10.59 15.56
N LYS E 222 -23.40 -11.57 15.93
CA LYS E 222 -23.78 -12.97 15.96
C LYS E 222 -25.20 -13.24 16.47
N ASN E 223 -25.58 -12.58 17.55
CA ASN E 223 -26.89 -12.77 18.17
C ASN E 223 -28.03 -11.90 17.66
N THR E 224 -27.78 -11.16 16.58
CA THR E 224 -28.82 -10.32 16.01
C THR E 224 -29.87 -11.23 15.41
N PRO E 225 -31.14 -11.05 15.79
CA PRO E 225 -32.21 -11.90 15.24
C PRO E 225 -32.40 -11.63 13.76
N ARG E 226 -32.62 -12.68 12.99
CA ARG E 226 -32.82 -12.55 11.55
C ARG E 226 -34.32 -12.65 11.20
N TYR E 227 -34.98 -11.51 11.00
CA TYR E 227 -36.40 -11.55 10.67
C TYR E 227 -36.64 -12.04 9.25
N PHE E 228 -35.54 -12.29 8.54
CA PHE E 228 -35.59 -12.88 7.20
C PHE E 228 -34.18 -13.28 6.81
N ASP E 229 -34.06 -14.43 6.16
CA ASP E 229 -32.78 -14.93 5.72
C ASP E 229 -33.01 -15.71 4.45
N ILE E 230 -31.93 -16.03 3.75
CA ILE E 230 -32.05 -16.76 2.49
C ILE E 230 -32.22 -18.25 2.68
N VAL E 231 -32.48 -18.71 3.91
CA VAL E 231 -32.61 -20.14 4.12
C VAL E 231 -33.89 -20.71 4.77
N GLY E 232 -34.35 -20.14 5.88
CA GLY E 232 -35.53 -20.72 6.50
C GLY E 232 -36.84 -19.96 6.41
N ASN E 233 -37.10 -19.34 5.26
CA ASN E 233 -38.30 -18.55 5.06
C ASN E 233 -38.92 -18.76 3.70
N ASN E 234 -39.99 -18.01 3.43
CA ASN E 234 -40.69 -18.10 2.14
C ASN E 234 -40.74 -16.75 1.46
N GLY E 235 -40.84 -16.76 0.13
CA GLY E 235 -40.91 -15.54 -0.64
C GLY E 235 -39.58 -14.83 -0.90
N THR E 236 -39.68 -13.62 -1.42
CA THR E 236 -38.50 -12.81 -1.74
C THR E 236 -38.72 -11.39 -1.21
N ILE E 237 -37.62 -10.70 -0.93
CA ILE E 237 -37.69 -9.34 -0.41
C ILE E 237 -36.38 -8.62 -0.72
N GLU E 238 -36.46 -7.32 -0.98
CA GLU E 238 -35.26 -6.54 -1.26
C GLU E 238 -35.15 -5.28 -0.42
N GLY E 239 -33.92 -4.87 -0.13
CA GLY E 239 -33.67 -3.70 0.69
C GLY E 239 -34.41 -2.44 0.28
N GLY E 240 -34.62 -2.25 -1.01
CA GLY E 240 -35.31 -1.07 -1.49
C GLY E 240 -36.74 -0.93 -1.02
N ASP E 241 -37.35 -2.03 -0.60
CA ASP E 241 -38.74 -1.97 -0.14
C ASP E 241 -38.87 -1.85 1.38
N ILE E 242 -37.77 -1.88 2.12
CA ILE E 242 -37.87 -1.82 3.56
C ILE E 242 -37.62 -0.46 4.20
N PHE E 243 -38.61 0.02 4.96
CA PHE E 243 -38.56 1.30 5.66
C PHE E 243 -39.03 1.12 7.11
N ILE E 244 -38.39 1.87 8.02
CA ILE E 244 -38.76 1.82 9.43
C ILE E 244 -39.18 3.24 9.82
N TYR E 245 -40.48 3.48 9.93
CA TYR E 245 -40.96 4.81 10.26
C TYR E 245 -40.85 5.23 11.72
N ASN E 246 -41.04 4.29 12.64
CA ASN E 246 -40.93 4.57 14.07
C ASN E 246 -40.79 3.28 14.86
N SER E 247 -40.72 3.42 16.17
CA SER E 247 -40.56 2.30 17.08
C SER E 247 -41.57 1.18 16.93
N LYS E 248 -42.79 1.51 16.53
CA LYS E 248 -43.83 0.51 16.41
C LYS E 248 -44.25 0.17 14.98
N THR E 249 -43.82 0.97 14.02
CA THR E 249 -44.24 0.76 12.65
C THR E 249 -43.19 0.48 11.58
N LEU E 250 -43.37 -0.64 10.89
CA LEU E 250 -42.51 -1.07 9.80
C LEU E 250 -43.32 -0.81 8.53
N VAL E 251 -42.68 -0.26 7.50
CA VAL E 251 -43.36 0.00 6.22
C VAL E 251 -42.64 -0.77 5.11
N ILE E 252 -43.34 -1.70 4.47
CA ILE E 252 -42.75 -2.51 3.43
C ILE E 252 -43.51 -2.45 2.11
N GLY E 253 -42.80 -2.36 1.01
CA GLY E 253 -43.46 -2.30 -0.28
C GLY E 253 -43.72 -3.66 -0.90
N ASN E 254 -44.93 -3.87 -1.39
CA ASN E 254 -45.31 -5.11 -2.06
C ASN E 254 -45.05 -4.78 -3.53
N SER E 255 -43.86 -5.14 -4.01
CA SER E 255 -43.45 -4.86 -5.37
C SER E 255 -43.19 -6.12 -6.16
N GLU E 256 -42.50 -5.95 -7.28
CA GLU E 256 -42.13 -7.05 -8.15
C GLU E 256 -41.02 -7.88 -7.49
N ARG E 257 -40.32 -7.29 -6.52
CA ARG E 257 -39.22 -7.98 -5.85
C ARG E 257 -39.55 -8.43 -4.42
N THR E 258 -40.63 -7.90 -3.85
CA THR E 258 -41.04 -8.25 -2.49
C THR E 258 -42.51 -8.70 -2.46
N ASN E 259 -42.74 -9.96 -2.13
CA ASN E 259 -44.11 -10.49 -2.09
C ASN E 259 -44.66 -10.74 -0.67
N PHE E 260 -45.95 -11.07 -0.60
CA PHE E 260 -46.61 -11.32 0.68
C PHE E 260 -45.99 -12.45 1.51
N ALA E 261 -45.48 -13.47 0.82
CA ALA E 261 -44.88 -14.60 1.50
C ALA E 261 -43.70 -14.18 2.36
N ALA E 262 -42.84 -13.31 1.84
CA ALA E 262 -41.69 -12.85 2.61
C ALA E 262 -42.17 -11.91 3.72
N ILE E 263 -43.18 -11.11 3.44
CA ILE E 263 -43.70 -10.18 4.46
C ILE E 263 -44.29 -10.98 5.62
N GLU E 264 -44.95 -12.09 5.29
CA GLU E 264 -45.55 -12.92 6.33
C GLU E 264 -44.47 -13.57 7.18
N SER E 265 -43.40 -14.02 6.52
CA SER E 265 -42.29 -14.64 7.23
C SER E 265 -41.70 -13.62 8.21
N VAL E 266 -41.52 -12.38 7.75
CA VAL E 266 -40.97 -11.32 8.58
C VAL E 266 -41.88 -11.09 9.80
N ALA E 267 -43.18 -10.98 9.54
CA ALA E 267 -44.17 -10.75 10.59
C ALA E 267 -44.09 -11.82 11.67
N LYS E 268 -44.08 -13.08 11.26
CA LYS E 268 -44.02 -14.17 12.23
C LYS E 268 -42.72 -14.18 13.02
N ASN E 269 -41.60 -13.93 12.36
CA ASN E 269 -40.31 -13.92 13.06
C ASN E 269 -40.25 -12.79 14.08
N ILE E 270 -40.93 -11.68 13.78
CA ILE E 270 -40.96 -10.55 14.70
C ILE E 270 -41.85 -10.88 15.92
N GLN E 271 -42.94 -11.59 15.68
CA GLN E 271 -43.83 -11.97 16.77
C GLN E 271 -43.12 -12.91 17.75
N ALA E 272 -42.17 -13.69 17.24
CA ALA E 272 -41.42 -14.62 18.04
C ALA E 272 -40.30 -13.97 18.85
N ASN E 273 -40.02 -12.69 18.60
CA ASN E 273 -38.96 -12.00 19.33
C ASN E 273 -39.55 -11.12 20.43
N LYS E 274 -39.07 -11.32 21.65
CA LYS E 274 -39.55 -10.56 22.81
C LYS E 274 -39.11 -9.12 22.93
N ASP E 275 -37.86 -8.83 22.56
CA ASP E 275 -37.35 -7.47 22.68
C ASP E 275 -37.83 -6.48 21.61
N CYS E 276 -38.15 -6.98 20.41
CA CYS E 276 -38.60 -6.09 19.33
C CYS E 276 -39.83 -5.26 19.72
N THR E 277 -39.80 -3.97 19.40
CA THR E 277 -40.92 -3.10 19.72
C THR E 277 -41.93 -2.90 18.58
N PHE E 278 -41.70 -3.50 17.42
CA PHE E 278 -42.64 -3.35 16.32
C PHE E 278 -44.00 -3.97 16.68
N GLU E 279 -45.08 -3.28 16.33
CA GLU E 279 -46.44 -3.75 16.62
C GLU E 279 -47.28 -3.71 15.37
N ARG E 280 -46.75 -3.06 14.34
CA ARG E 280 -47.52 -2.90 13.12
C ARG E 280 -46.68 -2.88 11.85
N ILE E 281 -47.24 -3.41 10.77
CA ILE E 281 -46.56 -3.40 9.48
C ILE E 281 -47.55 -2.84 8.47
N VAL E 282 -47.13 -1.81 7.74
CA VAL E 282 -47.95 -1.22 6.70
C VAL E 282 -47.37 -1.60 5.35
N VAL E 283 -48.10 -2.42 4.60
CA VAL E 283 -47.66 -2.86 3.28
C VAL E 283 -48.22 -1.93 2.22
N ILE E 284 -47.36 -1.37 1.38
CA ILE E 284 -47.81 -0.47 0.32
C ILE E 284 -47.65 -1.16 -1.02
N ASN E 285 -48.74 -1.22 -1.76
CA ASN E 285 -48.71 -1.86 -3.07
C ASN E 285 -47.92 -0.95 -4.02
N VAL E 286 -46.89 -1.50 -4.64
CA VAL E 286 -46.07 -0.72 -5.54
C VAL E 286 -45.98 -1.44 -6.88
N PRO E 287 -46.98 -1.23 -7.74
CA PRO E 287 -47.01 -1.87 -9.05
C PRO E 287 -46.02 -1.16 -9.96
N PRO E 288 -45.64 -1.78 -11.09
CA PRO E 288 -44.70 -1.13 -11.99
C PRO E 288 -45.31 0.15 -12.54
N MET E 289 -44.51 1.20 -12.64
CA MET E 289 -44.96 2.48 -13.18
C MET E 289 -43.84 3.03 -14.04
N PRO E 290 -44.17 3.88 -15.03
CA PRO E 290 -43.13 4.44 -15.90
C PRO E 290 -42.02 5.16 -15.13
N ASN E 291 -40.79 4.73 -15.36
CA ASN E 291 -39.61 5.32 -14.74
C ASN E 291 -39.38 5.10 -13.24
N LEU E 292 -40.26 4.33 -12.60
CA LEU E 292 -40.11 4.06 -11.18
C LEU E 292 -39.82 2.58 -10.96
N MET E 293 -39.54 2.19 -9.71
CA MET E 293 -39.24 0.80 -9.44
C MET E 293 -39.88 0.32 -8.14
N HIS E 294 -39.13 0.28 -7.06
CA HIS E 294 -39.66 -0.18 -5.78
C HIS E 294 -40.12 0.99 -4.92
N LEU E 295 -40.67 0.68 -3.74
CA LEU E 295 -41.21 1.70 -2.85
C LEU E 295 -40.28 2.90 -2.69
N ASP E 296 -38.98 2.63 -2.59
CA ASP E 296 -38.03 3.71 -2.40
C ASP E 296 -38.05 4.76 -3.51
N THR E 297 -38.31 4.36 -4.75
CA THR E 297 -38.36 5.33 -5.84
C THR E 297 -39.67 6.11 -5.81
N TRP E 298 -40.61 5.66 -4.99
CA TRP E 298 -41.89 6.33 -4.84
C TRP E 298 -41.88 7.29 -3.64
N LEU E 299 -41.32 6.82 -2.52
CA LEU E 299 -41.37 7.59 -1.29
C LEU E 299 -40.27 7.34 -0.27
N THR E 300 -39.80 8.42 0.35
CA THR E 300 -38.78 8.35 1.39
C THR E 300 -39.14 9.35 2.48
N MET E 301 -38.66 9.09 3.70
CA MET E 301 -38.94 9.94 4.87
C MET E 301 -37.67 10.67 5.28
N LEU E 302 -37.76 12.00 5.39
CA LEU E 302 -36.61 12.86 5.70
C LEU E 302 -36.68 13.58 7.04
N ASP E 303 -37.87 13.65 7.64
CA ASP E 303 -38.06 14.30 8.94
C ASP E 303 -39.29 13.66 9.58
N TYR E 304 -39.66 14.08 10.78
CA TYR E 304 -40.83 13.50 11.45
C TYR E 304 -42.09 13.62 10.61
N ASP E 305 -42.19 14.71 9.86
CA ASP E 305 -43.38 14.95 9.07
C ASP E 305 -43.11 15.41 7.64
N LYS E 306 -41.91 15.14 7.13
CA LYS E 306 -41.57 15.53 5.76
C LYS E 306 -41.17 14.33 4.91
N PHE E 307 -41.74 14.27 3.70
CA PHE E 307 -41.47 13.17 2.79
C PHE E 307 -41.19 13.65 1.37
N LEU E 308 -40.39 12.88 0.65
CA LEU E 308 -40.03 13.16 -0.72
C LEU E 308 -40.73 12.09 -1.54
N TYR E 309 -41.49 12.48 -2.57
CA TYR E 309 -42.20 11.47 -3.35
C TYR E 309 -42.11 11.70 -4.85
N SER E 310 -42.36 10.66 -5.63
CA SER E 310 -42.32 10.79 -7.07
C SER E 310 -43.63 11.34 -7.57
N PRO E 311 -43.58 12.45 -8.33
CA PRO E 311 -44.82 13.02 -8.84
C PRO E 311 -45.50 12.13 -9.88
N ASN E 312 -44.86 11.03 -10.24
CA ASN E 312 -45.43 10.11 -11.22
C ASN E 312 -45.98 8.83 -10.60
N MET E 313 -46.11 8.81 -9.28
CA MET E 313 -46.64 7.63 -8.60
C MET E 313 -48.17 7.64 -8.71
N MET E 314 -48.81 6.53 -8.35
CA MET E 314 -50.26 6.47 -8.42
C MET E 314 -50.85 7.38 -7.35
N ASN E 315 -52.03 7.92 -7.65
CA ASN E 315 -52.70 8.84 -6.75
C ASN E 315 -53.30 8.18 -5.50
N VAL E 316 -54.03 7.09 -5.68
CA VAL E 316 -54.62 6.41 -4.54
C VAL E 316 -53.83 5.13 -4.31
N LEU E 317 -53.40 4.94 -3.08
CA LEU E 317 -52.62 3.77 -2.72
C LEU E 317 -53.46 2.63 -2.22
N LYS E 318 -53.00 1.42 -2.50
CA LYS E 318 -53.65 0.20 -2.03
C LYS E 318 -52.70 -0.22 -0.91
N ILE E 319 -53.23 -0.30 0.31
CA ILE E 319 -52.45 -0.65 1.49
C ILE E 319 -52.95 -1.92 2.18
N TRP E 320 -52.10 -2.49 3.02
CA TRP E 320 -52.43 -3.67 3.82
C TRP E 320 -51.90 -3.46 5.23
N GLU E 321 -52.81 -3.48 6.20
CA GLU E 321 -52.47 -3.30 7.62
C GLU E 321 -52.28 -4.64 8.31
N ILE E 322 -51.15 -4.82 8.97
CA ILE E 322 -50.88 -6.06 9.68
C ILE E 322 -50.67 -5.74 11.15
N ASP E 323 -51.56 -6.27 11.98
CA ASP E 323 -51.47 -6.07 13.43
C ASP E 323 -50.63 -7.22 13.97
N LEU E 324 -49.40 -6.90 14.36
CA LEU E 324 -48.47 -7.90 14.88
C LEU E 324 -48.85 -8.38 16.29
N ASN E 325 -49.69 -7.63 16.97
CA ASN E 325 -50.10 -7.99 18.33
C ASN E 325 -51.13 -9.12 18.33
N VAL E 326 -51.56 -9.51 17.13
CA VAL E 326 -52.55 -10.57 17.01
C VAL E 326 -52.17 -11.71 16.06
N LYS E 327 -52.60 -12.92 16.42
CA LYS E 327 -52.37 -14.11 15.61
C LYS E 327 -53.75 -14.57 15.16
N PRO E 328 -53.86 -15.09 13.93
CA PRO E 328 -52.77 -15.25 12.98
C PRO E 328 -52.54 -13.94 12.25
N VAL E 329 -51.46 -13.87 11.48
CA VAL E 329 -51.15 -12.66 10.74
C VAL E 329 -52.21 -12.43 9.67
N LYS E 330 -52.76 -11.22 9.59
CA LYS E 330 -53.76 -10.91 8.59
C LYS E 330 -53.48 -9.61 7.84
N PHE E 331 -53.52 -9.69 6.52
CA PHE E 331 -53.31 -8.55 5.64
C PHE E 331 -54.65 -7.84 5.46
N VAL E 332 -54.90 -6.78 6.22
CA VAL E 332 -56.17 -6.08 6.10
C VAL E 332 -56.09 -4.98 5.05
N GLU E 333 -56.67 -5.24 3.88
CA GLU E 333 -56.63 -4.29 2.78
C GLU E 333 -57.37 -2.98 3.06
N LYS E 334 -56.74 -1.88 2.66
CA LYS E 334 -57.28 -0.53 2.83
C LYS E 334 -56.90 0.32 1.62
N LYS E 335 -57.50 1.50 1.51
CA LYS E 335 -57.21 2.41 0.40
C LYS E 335 -57.09 3.82 0.92
N GLY E 336 -56.38 4.65 0.18
CA GLY E 336 -56.21 6.03 0.59
C GLY E 336 -55.16 6.79 -0.19
N THR E 337 -55.21 8.11 -0.09
CA THR E 337 -54.25 8.97 -0.77
C THR E 337 -52.94 8.90 0.03
N LEU E 338 -51.84 9.37 -0.57
CA LEU E 338 -50.56 9.33 0.10
C LEU E 338 -50.67 10.03 1.45
N GLU E 339 -51.32 11.18 1.45
CA GLU E 339 -51.49 11.96 2.65
C GLU E 339 -52.25 11.19 3.74
N GLU E 340 -53.33 10.52 3.34
CA GLU E 340 -54.12 9.74 4.29
C GLU E 340 -53.33 8.58 4.87
N VAL E 341 -52.63 7.83 4.02
CA VAL E 341 -51.84 6.72 4.50
C VAL E 341 -50.77 7.19 5.46
N LEU E 342 -50.08 8.27 5.12
CA LEU E 342 -49.04 8.77 5.99
C LEU E 342 -49.61 9.29 7.30
N TYR E 343 -50.73 9.99 7.23
CA TYR E 343 -51.36 10.53 8.43
C TYR E 343 -51.70 9.41 9.42
N SER E 344 -52.12 8.26 8.90
CA SER E 344 -52.49 7.14 9.74
C SER E 344 -51.28 6.50 10.43
N ILE E 345 -50.07 6.95 10.05
CA ILE E 345 -48.86 6.41 10.68
C ILE E 345 -48.22 7.43 11.61
N ILE E 346 -47.98 8.65 11.13
CA ILE E 346 -47.34 9.66 11.98
C ILE E 346 -48.34 10.45 12.81
N ASP E 347 -49.62 10.33 12.48
CA ASP E 347 -50.68 11.01 13.20
C ASP E 347 -50.51 12.53 13.25
N LYS E 348 -50.25 13.14 12.10
CA LYS E 348 -50.08 14.58 11.98
C LYS E 348 -49.99 14.86 10.48
N LYS E 349 -50.29 16.08 10.07
CA LYS E 349 -50.26 16.42 8.64
C LYS E 349 -48.88 16.21 8.04
N PRO E 350 -48.79 15.36 7.01
CA PRO E 350 -47.51 15.11 6.37
C PRO E 350 -47.21 16.18 5.33
N ILE E 351 -45.95 16.60 5.27
CA ILE E 351 -45.52 17.60 4.30
C ILE E 351 -44.92 16.82 3.15
N LEU E 352 -45.57 16.92 1.99
CA LEU E 352 -45.14 16.19 0.80
C LEU E 352 -44.39 17.05 -0.20
N ILE E 353 -43.15 16.64 -0.48
CA ILE E 353 -42.28 17.34 -1.42
C ILE E 353 -42.03 16.45 -2.64
N PRO E 354 -42.42 16.92 -3.84
CA PRO E 354 -42.25 16.17 -5.08
C PRO E 354 -40.86 16.32 -5.68
N ILE E 355 -40.36 15.27 -6.32
CA ILE E 355 -39.05 15.32 -6.97
C ILE E 355 -39.05 16.51 -7.92
N ALA E 356 -37.97 17.30 -7.89
CA ALA E 356 -37.80 18.46 -8.76
C ALA E 356 -38.57 19.70 -8.34
N GLY E 357 -39.38 19.57 -7.30
CA GLY E 357 -40.14 20.71 -6.82
C GLY E 357 -41.46 20.97 -7.53
N LYS E 358 -42.34 21.70 -6.86
CA LYS E 358 -43.65 22.00 -7.42
C LYS E 358 -43.57 22.88 -8.66
N GLY E 359 -44.33 22.49 -9.69
CA GLY E 359 -44.34 23.25 -10.92
C GLY E 359 -43.24 22.92 -11.90
N ALA E 360 -42.35 21.99 -11.54
CA ALA E 360 -41.26 21.59 -12.43
C ALA E 360 -41.85 21.01 -13.70
N ASN E 361 -41.16 21.17 -14.82
CA ASN E 361 -41.67 20.59 -16.05
C ASN E 361 -41.26 19.12 -16.02
N GLN E 362 -41.80 18.34 -16.94
CA GLN E 362 -41.52 16.91 -17.01
C GLN E 362 -40.06 16.57 -17.33
N LEU E 363 -39.35 17.49 -17.98
CA LEU E 363 -37.94 17.25 -18.33
C LEU E 363 -37.11 17.13 -17.05
N ASP E 364 -37.23 18.12 -16.17
CA ASP E 364 -36.49 18.11 -14.92
C ASP E 364 -36.92 16.93 -14.03
N ILE E 365 -38.22 16.62 -14.04
CA ILE E 365 -38.72 15.50 -13.25
C ILE E 365 -38.06 14.22 -13.75
N ASP E 366 -38.06 14.02 -15.06
CA ASP E 366 -37.47 12.82 -15.64
C ASP E 366 -35.98 12.69 -15.31
N ILE E 367 -35.23 13.77 -15.45
CA ILE E 367 -33.79 13.74 -15.20
C ILE E 367 -33.47 13.44 -13.74
N GLU E 368 -34.09 14.18 -12.83
CA GLU E 368 -33.83 13.98 -11.42
C GLU E 368 -34.39 12.66 -10.88
N THR E 369 -35.34 12.07 -11.61
CA THR E 369 -35.89 10.78 -11.21
C THR E 369 -34.85 9.74 -11.68
N HIS E 370 -34.33 9.96 -12.89
CA HIS E 370 -33.32 9.10 -13.48
C HIS E 370 -32.13 8.99 -12.53
N PHE E 371 -31.73 10.12 -11.95
CA PHE E 371 -30.60 10.11 -11.03
C PHE E 371 -30.95 9.86 -9.57
N ASP E 372 -31.97 9.02 -9.39
CA ASP E 372 -32.41 8.59 -8.06
C ASP E 372 -32.71 9.68 -7.04
N GLY E 373 -33.39 10.73 -7.49
CA GLY E 373 -33.71 11.86 -6.62
C GLY E 373 -34.38 11.66 -5.26
N THR E 374 -35.11 10.57 -5.05
CA THR E 374 -35.77 10.40 -3.75
C THR E 374 -34.83 9.81 -2.71
N ASN E 375 -33.85 9.04 -3.16
CA ASN E 375 -32.95 8.38 -2.24
C ASN E 375 -31.86 9.14 -1.50
N TYR E 376 -32.26 10.18 -0.77
CA TYR E 376 -31.33 10.93 0.05
C TYR E 376 -31.16 10.10 1.33
N LEU E 377 -29.99 10.18 1.96
CA LEU E 377 -29.79 9.46 3.21
C LEU E 377 -30.07 10.50 4.30
N THR E 378 -30.92 10.16 5.26
CA THR E 378 -31.23 11.10 6.34
C THR E 378 -30.31 10.72 7.50
N ILE E 379 -29.52 11.67 7.97
CA ILE E 379 -28.58 11.36 9.06
C ILE E 379 -29.02 11.90 10.41
N ALA E 380 -30.06 12.72 10.41
CA ALA E 380 -30.65 13.31 11.61
C ALA E 380 -31.98 13.90 11.14
N PRO E 381 -32.94 14.10 12.05
CA PRO E 381 -34.22 14.67 11.62
C PRO E 381 -34.07 15.95 10.82
N GLY E 382 -34.45 15.90 9.55
CA GLY E 382 -34.35 17.09 8.72
C GLY E 382 -32.97 17.42 8.17
N VAL E 383 -32.05 16.45 8.24
CA VAL E 383 -30.70 16.66 7.72
C VAL E 383 -30.40 15.50 6.76
N VAL E 384 -30.23 15.82 5.47
CA VAL E 384 -29.99 14.78 4.48
C VAL E 384 -28.70 14.92 3.65
N VAL E 385 -28.31 13.80 3.04
CA VAL E 385 -27.11 13.73 2.21
C VAL E 385 -27.50 13.18 0.85
N GLY E 386 -27.00 13.82 -0.22
CA GLY E 386 -27.32 13.38 -1.58
C GLY E 386 -26.52 14.07 -2.67
N TYR E 387 -26.77 13.69 -3.92
CA TYR E 387 -26.08 14.25 -5.09
C TYR E 387 -26.43 15.70 -5.35
N GLU E 388 -25.40 16.50 -5.61
CA GLU E 388 -25.57 17.91 -5.89
C GLU E 388 -26.21 18.14 -7.28
N ARG E 389 -26.09 17.17 -8.18
CA ARG E 389 -26.63 17.33 -9.53
C ARG E 389 -28.18 17.45 -9.56
N ASN E 390 -28.85 16.94 -8.54
CA ASN E 390 -30.31 17.04 -8.50
C ASN E 390 -30.70 18.37 -7.85
N GLU E 391 -30.35 19.44 -8.53
CA GLU E 391 -30.58 20.82 -8.06
C GLU E 391 -32.01 21.24 -7.76
N LYS E 392 -32.96 20.84 -8.60
CA LYS E 392 -34.34 21.22 -8.40
C LYS E 392 -34.86 20.62 -7.10
N THR E 393 -34.61 19.33 -6.91
CA THR E 393 -35.07 18.65 -5.71
C THR E 393 -34.39 19.25 -4.49
N GLN E 394 -33.08 19.47 -4.58
CA GLN E 394 -32.37 20.05 -3.45
C GLN E 394 -33.00 21.39 -3.05
N LYS E 395 -33.35 22.19 -4.04
CA LYS E 395 -33.96 23.49 -3.78
C LYS E 395 -35.30 23.32 -3.05
N ALA E 396 -36.13 22.39 -3.51
CA ALA E 396 -37.41 22.18 -2.86
C ALA E 396 -37.20 21.73 -1.40
N LEU E 397 -36.18 20.91 -1.16
CA LEU E 397 -35.92 20.44 0.19
C LEU E 397 -35.51 21.57 1.13
N VAL E 398 -34.59 22.44 0.70
CA VAL E 398 -34.17 23.54 1.57
C VAL E 398 -35.29 24.53 1.80
N GLU E 399 -36.16 24.73 0.80
CA GLU E 399 -37.28 25.66 0.97
C GLU E 399 -38.27 25.10 1.96
N ALA E 400 -38.27 23.78 2.13
CA ALA E 400 -39.17 23.11 3.07
C ALA E 400 -38.57 23.03 4.47
N GLY E 401 -37.39 23.62 4.63
CA GLY E 401 -36.74 23.62 5.93
C GLY E 401 -35.77 22.48 6.20
N ILE E 402 -35.47 21.69 5.19
CA ILE E 402 -34.55 20.58 5.36
C ILE E 402 -33.12 21.02 5.05
N LYS E 403 -32.16 20.57 5.87
CA LYS E 403 -30.74 20.90 5.66
C LYS E 403 -30.16 19.85 4.72
N VAL E 404 -29.55 20.30 3.62
CA VAL E 404 -28.99 19.37 2.66
C VAL E 404 -27.46 19.44 2.55
N LEU E 405 -26.80 18.32 2.82
CA LEU E 405 -25.34 18.24 2.71
C LEU E 405 -25.09 17.47 1.43
N SER E 406 -24.90 18.21 0.34
CA SER E 406 -24.67 17.59 -0.96
C SER E 406 -23.21 17.28 -1.21
N PHE E 407 -22.97 16.41 -2.19
CA PHE E 407 -21.61 16.05 -2.54
C PHE E 407 -21.57 15.76 -4.04
N ASN E 408 -20.39 15.89 -4.63
CA ASN E 408 -20.24 15.64 -6.06
C ASN E 408 -20.13 14.15 -6.34
N GLY E 409 -21.06 13.66 -7.13
CA GLY E 409 -21.06 12.26 -7.51
C GLY E 409 -21.22 12.18 -9.02
N SER E 410 -20.54 13.06 -9.73
CA SER E 410 -20.63 13.11 -11.19
C SER E 410 -20.44 11.73 -11.84
N GLN E 411 -19.63 10.87 -11.24
CA GLN E 411 -19.41 9.52 -11.78
C GLN E 411 -20.22 8.47 -11.03
N LEU E 412 -20.20 8.52 -9.70
CA LEU E 412 -20.96 7.58 -8.88
C LEU E 412 -22.42 7.54 -9.27
N SER E 413 -22.98 8.71 -9.54
CA SER E 413 -24.39 8.82 -9.91
C SER E 413 -24.76 8.03 -11.17
N LEU E 414 -23.77 7.66 -11.98
CA LEU E 414 -24.05 6.90 -13.19
C LEU E 414 -24.50 5.49 -12.83
N GLY E 415 -24.24 5.11 -11.58
CA GLY E 415 -24.64 3.79 -11.09
C GLY E 415 -26.13 3.71 -10.82
N MET E 416 -26.82 4.85 -10.89
CA MET E 416 -28.26 4.95 -10.68
C MET E 416 -28.77 4.83 -9.24
N GLY E 417 -27.87 4.87 -8.26
CA GLY E 417 -28.29 4.80 -6.87
C GLY E 417 -27.70 5.93 -6.07
N SER E 418 -28.52 6.57 -5.23
CA SER E 418 -28.06 7.70 -4.43
C SER E 418 -27.61 7.27 -3.02
N ALA E 419 -27.42 8.24 -2.12
CA ALA E 419 -26.91 7.98 -0.79
C ALA E 419 -27.62 6.89 0.03
N ARG E 420 -28.95 6.87 0.02
CA ARG E 420 -29.63 5.85 0.80
C ARG E 420 -29.25 4.45 0.28
N CYS E 421 -29.03 4.33 -1.03
CA CYS E 421 -28.67 3.06 -1.62
C CYS E 421 -27.24 2.64 -1.28
N MET E 422 -26.39 3.63 -1.05
CA MET E 422 -24.98 3.37 -0.75
C MET E 422 -24.69 3.30 0.74
N SER E 423 -25.71 2.98 1.54
CA SER E 423 -25.50 2.91 2.97
C SER E 423 -26.49 1.99 3.65
N MET E 424 -26.12 1.55 4.85
CA MET E 424 -27.01 0.71 5.63
C MET E 424 -26.80 1.04 7.10
N PRO E 425 -27.74 1.81 7.66
CA PRO E 425 -27.69 2.21 9.06
C PRO E 425 -27.56 0.97 9.93
N LEU E 426 -26.70 1.03 10.93
CA LEU E 426 -26.51 -0.07 11.87
C LEU E 426 -27.10 0.37 13.23
N ILE E 427 -26.81 1.62 13.60
CA ILE E 427 -27.34 2.16 14.85
C ILE E 427 -27.83 3.61 14.70
N ARG E 428 -29.07 3.84 15.10
CA ARG E 428 -29.65 5.18 15.07
C ARG E 428 -30.21 5.46 16.47
N GLU E 429 -30.06 6.71 16.92
CA GLU E 429 -30.56 7.12 18.22
C GLU E 429 -32.09 6.98 18.14
N ASN E 430 -32.69 6.31 19.09
CA ASN E 430 -34.15 6.15 19.07
C ASN E 430 -34.84 7.51 19.14
N LEU E 431 -35.97 7.62 18.45
CA LEU E 431 -36.72 8.86 18.45
C LEU E 431 -37.48 9.02 19.76
N LYS E 432 -37.78 10.26 20.10
CA LYS E 432 -38.55 10.58 21.30
C LYS E 432 -39.81 11.21 20.73
N LYS E 433 -39.78 11.37 19.40
CA LYS E 433 -40.85 11.97 18.60
C LYS E 433 -41.24 13.37 19.08
N GLY F 35 -10.46 30.99 -47.12
CA GLY F 35 -10.75 30.77 -45.67
C GLY F 35 -10.55 29.33 -45.24
N ILE F 36 -10.54 28.42 -46.21
CA ILE F 36 -10.36 26.99 -45.93
C ILE F 36 -9.11 26.43 -46.61
N ASN F 37 -8.27 25.78 -45.82
CA ASN F 37 -7.06 25.18 -46.35
C ASN F 37 -6.64 24.03 -45.43
N VAL F 38 -7.07 22.83 -45.80
CA VAL F 38 -6.77 21.65 -45.02
C VAL F 38 -6.32 20.52 -45.93
N TYR F 39 -5.01 20.37 -46.08
CA TYR F 39 -4.47 19.32 -46.94
C TYR F 39 -3.75 18.19 -46.21
N SER F 40 -4.24 17.85 -45.02
CA SER F 40 -3.66 16.76 -44.23
C SER F 40 -4.45 16.62 -42.93
N GLU F 41 -4.10 15.60 -42.16
CA GLU F 41 -4.76 15.34 -40.88
C GLU F 41 -3.82 15.77 -39.75
N ILE F 42 -2.56 16.00 -40.09
CA ILE F 42 -1.55 16.33 -39.09
C ILE F 42 -0.85 17.69 -39.14
N GLY F 43 -0.97 18.40 -40.25
CA GLY F 43 -0.31 19.69 -40.36
C GLY F 43 -0.62 20.64 -39.22
N GLU F 44 0.38 21.41 -38.78
CA GLU F 44 0.18 22.34 -37.68
C GLU F 44 -1.13 23.10 -37.85
N LEU F 45 -2.04 22.90 -36.89
CA LEU F 45 -3.35 23.50 -36.91
C LEU F 45 -3.29 25.00 -36.60
N LYS F 46 -3.91 25.80 -37.46
CA LYS F 46 -3.92 27.25 -37.29
C LYS F 46 -5.28 27.80 -36.92
N GLU F 47 -6.32 27.29 -37.57
CA GLU F 47 -7.68 27.73 -37.27
C GLU F 47 -8.57 26.50 -37.18
N VAL F 48 -9.42 26.45 -36.15
CA VAL F 48 -10.32 25.32 -35.96
C VAL F 48 -11.69 25.77 -35.43
N LEU F 49 -12.72 25.06 -35.85
CA LEU F 49 -14.10 25.38 -35.44
C LEU F 49 -14.57 24.40 -34.37
N VAL F 50 -15.09 24.94 -33.27
CA VAL F 50 -15.61 24.09 -32.20
C VAL F 50 -16.93 24.68 -31.75
N HIS F 51 -17.56 24.03 -30.77
CA HIS F 51 -18.80 24.51 -30.19
C HIS F 51 -18.91 24.05 -28.75
N THR F 52 -18.70 24.98 -27.82
CA THR F 52 -18.82 24.67 -26.41
C THR F 52 -20.33 24.53 -26.24
N PRO F 53 -20.78 23.38 -25.75
CA PRO F 53 -22.22 23.16 -25.56
C PRO F 53 -22.92 24.19 -24.69
N GLY F 54 -24.19 24.45 -25.04
CA GLY F 54 -25.02 25.38 -24.29
C GLY F 54 -26.16 24.61 -23.64
N ASP F 55 -27.27 25.29 -23.38
CA ASP F 55 -28.42 24.66 -22.74
C ASP F 55 -28.99 23.44 -23.45
N GLU F 56 -28.64 23.22 -24.70
CA GLU F 56 -29.18 22.07 -25.39
C GLU F 56 -28.85 20.74 -24.71
N ILE F 57 -27.68 20.64 -24.06
CA ILE F 57 -27.33 19.39 -23.39
C ILE F 57 -27.98 19.25 -22.01
N ARG F 58 -28.85 20.20 -21.70
CA ARG F 58 -29.60 20.20 -20.45
C ARG F 58 -31.03 19.74 -20.77
N TYR F 59 -31.38 19.70 -22.06
CA TYR F 59 -32.72 19.34 -22.47
C TYR F 59 -32.97 17.94 -23.02
N THR F 60 -32.10 16.98 -22.70
CA THR F 60 -32.31 15.63 -23.19
C THR F 60 -32.88 14.71 -22.10
N ALA F 61 -34.17 14.40 -22.20
CA ALA F 61 -34.80 13.51 -21.22
C ALA F 61 -34.19 12.12 -21.38
N PRO F 62 -34.01 11.40 -20.26
CA PRO F 62 -33.42 10.05 -20.37
C PRO F 62 -34.15 9.10 -21.31
N SER F 63 -35.45 9.28 -21.46
CA SER F 63 -36.22 8.42 -22.35
C SER F 63 -36.06 8.77 -23.82
N ARG F 64 -35.49 9.94 -24.10
CA ARG F 64 -35.32 10.40 -25.48
C ARG F 64 -33.90 10.29 -26.02
N LEU F 65 -33.04 9.55 -25.33
CA LEU F 65 -31.66 9.39 -25.78
C LEU F 65 -31.60 8.94 -27.25
N GLU F 66 -32.42 7.97 -27.62
CA GLU F 66 -32.42 7.50 -29.01
C GLU F 66 -33.10 8.51 -29.94
N GLU F 67 -34.20 9.10 -29.49
CA GLU F 67 -34.93 10.08 -30.28
C GLU F 67 -34.05 11.27 -30.67
N LEU F 68 -33.27 11.78 -29.71
CA LEU F 68 -32.37 12.90 -29.96
C LEU F 68 -31.01 12.41 -30.42
N LEU F 69 -30.90 11.09 -30.59
CA LEU F 69 -29.65 10.49 -31.05
C LEU F 69 -28.41 10.89 -30.24
N PHE F 70 -28.55 10.90 -28.92
CA PHE F 70 -27.45 11.22 -28.02
C PHE F 70 -27.26 10.04 -27.08
N SER F 71 -26.05 9.87 -26.54
CA SER F 71 -25.74 8.72 -25.70
C SER F 71 -26.05 8.69 -24.20
N ALA F 72 -26.17 9.83 -23.54
CA ALA F 72 -26.48 9.82 -22.10
C ALA F 72 -26.86 11.19 -21.53
N VAL F 73 -27.30 11.19 -20.28
CA VAL F 73 -27.69 12.44 -19.63
C VAL F 73 -26.46 13.00 -18.93
N LEU F 74 -26.00 14.14 -19.41
CA LEU F 74 -24.80 14.77 -18.87
C LEU F 74 -25.05 15.74 -17.72
N LYS F 75 -24.03 15.92 -16.89
CA LYS F 75 -24.11 16.87 -15.79
C LYS F 75 -23.57 18.10 -16.53
N ALA F 76 -24.49 18.79 -17.20
CA ALA F 76 -24.19 19.96 -18.03
C ALA F 76 -23.06 20.90 -17.62
N ASP F 77 -23.15 21.50 -16.44
CA ASP F 77 -22.12 22.43 -15.97
C ASP F 77 -20.73 21.83 -16.04
N THR F 78 -20.62 20.55 -15.69
CA THR F 78 -19.33 19.89 -15.69
C THR F 78 -18.83 19.65 -17.10
N ALA F 79 -19.72 19.19 -17.97
CA ALA F 79 -19.36 18.92 -19.37
C ALA F 79 -18.88 20.22 -20.02
N ILE F 80 -19.59 21.30 -19.75
CA ILE F 80 -19.23 22.59 -20.29
C ILE F 80 -17.83 23.03 -19.84
N GLU F 81 -17.52 22.89 -18.55
CA GLU F 81 -16.19 23.28 -18.10
C GLU F 81 -15.11 22.39 -18.72
N GLU F 82 -15.42 21.11 -18.90
CA GLU F 82 -14.45 20.21 -19.49
C GLU F 82 -14.17 20.63 -20.93
N HIS F 83 -15.20 21.05 -21.65
CA HIS F 83 -15.00 21.47 -23.03
C HIS F 83 -14.16 22.74 -23.08
N LYS F 84 -14.35 23.63 -22.10
CA LYS F 84 -13.55 24.84 -22.07
C LYS F 84 -12.08 24.48 -21.83
N GLY F 85 -11.86 23.38 -21.11
CA GLY F 85 -10.50 22.92 -20.84
C GLY F 85 -9.86 22.47 -22.14
N PHE F 86 -10.67 21.78 -22.95
CA PHE F 86 -10.24 21.29 -24.26
C PHE F 86 -9.85 22.49 -25.13
N VAL F 87 -10.71 23.50 -25.14
CA VAL F 87 -10.48 24.73 -25.90
C VAL F 87 -9.20 25.44 -25.45
N LYS F 88 -9.01 25.54 -24.14
CA LYS F 88 -7.83 26.20 -23.57
C LYS F 88 -6.52 25.57 -24.03
N ILE F 89 -6.49 24.25 -24.10
CA ILE F 89 -5.31 23.54 -24.55
C ILE F 89 -4.96 23.92 -25.98
N LEU F 90 -5.99 23.96 -26.84
CA LEU F 90 -5.77 24.32 -28.24
C LEU F 90 -5.24 25.76 -28.35
N GLN F 91 -5.83 26.67 -27.59
CA GLN F 91 -5.39 28.06 -27.63
C GLN F 91 -3.95 28.19 -27.12
N ASN F 92 -3.60 27.45 -26.06
CA ASN F 92 -2.25 27.52 -25.52
C ASN F 92 -1.21 27.00 -26.50
N ASN F 93 -1.67 26.32 -27.55
CA ASN F 93 -0.77 25.81 -28.58
C ASN F 93 -0.80 26.73 -29.81
N GLY F 94 -1.20 27.98 -29.59
CA GLY F 94 -1.23 28.95 -30.66
C GLY F 94 -2.30 28.77 -31.71
N ILE F 95 -3.29 27.93 -31.43
CA ILE F 95 -4.36 27.70 -32.38
C ILE F 95 -5.50 28.71 -32.22
N LYS F 96 -6.03 29.20 -33.33
CA LYS F 96 -7.15 30.14 -33.27
C LYS F 96 -8.42 29.31 -33.21
N VAL F 97 -9.11 29.37 -32.07
CA VAL F 97 -10.32 28.60 -31.86
C VAL F 97 -11.56 29.43 -32.13
N ILE F 98 -12.33 29.00 -33.12
CA ILE F 98 -13.55 29.72 -33.50
C ILE F 98 -14.81 29.01 -33.04
N GLN F 99 -15.60 29.73 -32.24
CA GLN F 99 -16.86 29.26 -31.68
C GLN F 99 -17.94 29.40 -32.78
N LEU F 100 -18.64 28.31 -33.09
CA LEU F 100 -19.68 28.33 -34.11
C LEU F 100 -20.70 29.45 -33.90
N CYS F 101 -21.13 29.66 -32.66
CA CYS F 101 -22.09 30.71 -32.36
C CYS F 101 -21.58 32.10 -32.71
N ASP F 102 -20.29 32.34 -32.51
CA ASP F 102 -19.73 33.65 -32.82
C ASP F 102 -19.58 33.83 -34.33
N LEU F 103 -19.23 32.76 -35.03
CA LEU F 103 -19.07 32.80 -36.47
C LEU F 103 -20.42 33.07 -37.14
N VAL F 104 -21.47 32.45 -36.62
CA VAL F 104 -22.81 32.65 -37.14
C VAL F 104 -23.28 34.07 -36.82
N ALA F 105 -23.04 34.52 -35.60
CA ALA F 105 -23.46 35.86 -35.21
C ALA F 105 -22.77 36.92 -36.05
N GLU F 106 -21.50 36.70 -36.35
CA GLU F 106 -20.73 37.63 -37.16
C GLU F 106 -21.31 37.70 -38.57
N THR F 107 -21.66 36.54 -39.13
CA THR F 107 -22.23 36.50 -40.46
C THR F 107 -23.56 37.23 -40.50
N TYR F 108 -24.40 36.98 -39.50
CA TYR F 108 -25.70 37.60 -39.38
C TYR F 108 -25.61 39.14 -39.44
N GLU F 109 -24.68 39.71 -38.69
CA GLU F 109 -24.51 41.17 -38.65
C GLU F 109 -24.20 41.77 -40.02
N LEU F 110 -23.49 41.03 -40.86
CA LEU F 110 -23.10 41.52 -42.18
C LEU F 110 -24.18 41.32 -43.24
N CYS F 111 -25.22 40.57 -42.89
CA CYS F 111 -26.29 40.31 -43.86
C CYS F 111 -27.36 41.37 -43.91
N SER F 112 -28.08 41.40 -45.04
CA SER F 112 -29.17 42.35 -45.25
C SER F 112 -30.38 41.88 -44.45
N LYS F 113 -31.29 42.80 -44.15
CA LYS F 113 -32.47 42.47 -43.37
C LYS F 113 -33.24 41.28 -43.96
N GLU F 114 -33.31 41.20 -45.28
CA GLU F 114 -34.03 40.11 -45.92
C GLU F 114 -33.31 38.77 -45.79
N VAL F 115 -31.98 38.78 -45.83
CA VAL F 115 -31.21 37.54 -45.68
C VAL F 115 -31.30 37.09 -44.23
N ARG F 116 -31.17 38.04 -43.31
CA ARG F 116 -31.27 37.75 -41.89
C ARG F 116 -32.59 37.02 -41.61
N ASN F 117 -33.69 37.66 -42.01
CA ASN F 117 -35.03 37.11 -41.81
C ASN F 117 -35.15 35.76 -42.50
N SER F 118 -34.47 35.60 -43.62
CA SER F 118 -34.48 34.35 -44.37
C SER F 118 -33.91 33.22 -43.51
N PHE F 119 -32.95 33.57 -42.66
CA PHE F 119 -32.28 32.63 -41.76
C PHE F 119 -33.25 32.21 -40.64
N ILE F 120 -33.86 33.20 -40.00
CA ILE F 120 -34.82 32.96 -38.92
C ILE F 120 -35.97 32.08 -39.41
N GLU F 121 -36.48 32.39 -40.60
CA GLU F 121 -37.59 31.65 -41.19
C GLU F 121 -37.25 30.18 -41.46
N GLN F 122 -36.08 29.93 -42.02
CA GLN F 122 -35.69 28.56 -42.32
C GLN F 122 -35.56 27.76 -41.02
N TYR F 123 -35.03 28.40 -39.98
CA TYR F 123 -34.89 27.76 -38.68
C TYR F 123 -36.27 27.33 -38.16
N LEU F 124 -37.22 28.28 -38.17
CA LEU F 124 -38.58 28.01 -37.70
C LEU F 124 -39.21 26.89 -38.52
N ASP F 125 -38.92 26.83 -39.81
CA ASP F 125 -39.46 25.78 -40.67
C ASP F 125 -38.94 24.40 -40.29
N GLU F 126 -37.64 24.31 -39.98
CA GLU F 126 -37.01 23.03 -39.65
C GLU F 126 -37.13 22.62 -38.18
N ALA F 127 -37.71 23.48 -37.37
CA ALA F 127 -37.87 23.21 -35.94
C ALA F 127 -38.66 21.93 -35.64
N LEU F 128 -38.27 21.26 -34.56
CA LEU F 128 -38.94 20.05 -34.12
C LEU F 128 -39.05 20.15 -32.60
N PRO F 129 -40.25 19.88 -32.05
CA PRO F 129 -41.46 19.48 -32.77
C PRO F 129 -41.94 20.62 -33.67
N VAL F 130 -42.70 20.27 -34.71
CA VAL F 130 -43.25 21.26 -35.63
C VAL F 130 -43.99 22.34 -34.84
N LEU F 131 -43.78 23.59 -35.22
CA LEU F 131 -44.41 24.71 -34.53
C LEU F 131 -45.86 24.94 -34.95
N LYS F 132 -46.72 25.20 -33.96
CA LYS F 132 -48.13 25.46 -34.24
C LYS F 132 -48.21 26.87 -34.79
N LYS F 133 -49.17 27.10 -35.70
CA LYS F 133 -49.33 28.40 -36.33
C LYS F 133 -49.34 29.59 -35.37
N GLU F 134 -50.05 29.48 -34.25
CA GLU F 134 -50.11 30.60 -33.31
C GLU F 134 -48.92 30.71 -32.37
N ILE F 135 -48.06 29.70 -32.34
CA ILE F 135 -46.89 29.73 -31.47
C ILE F 135 -45.65 30.25 -32.23
N ARG F 136 -45.61 29.96 -33.52
CA ARG F 136 -44.49 30.39 -34.37
C ARG F 136 -44.16 31.87 -34.18
N PRO F 137 -45.15 32.76 -34.41
CA PRO F 137 -44.84 34.19 -34.24
C PRO F 137 -44.35 34.56 -32.84
N VAL F 138 -44.76 33.78 -31.85
CA VAL F 138 -44.33 34.07 -30.48
C VAL F 138 -42.84 33.73 -30.35
N VAL F 139 -42.46 32.61 -30.98
CA VAL F 139 -41.08 32.17 -30.95
C VAL F 139 -40.21 33.20 -31.65
N LYS F 140 -40.65 33.63 -32.83
CA LYS F 140 -39.91 34.60 -33.62
C LYS F 140 -39.63 35.89 -32.86
N ASP F 141 -40.63 36.43 -32.18
CA ASP F 141 -40.41 37.66 -31.43
C ASP F 141 -39.46 37.42 -30.27
N TYR F 142 -39.57 36.23 -29.66
CA TYR F 142 -38.71 35.87 -28.54
C TYR F 142 -37.26 35.89 -29.01
N LEU F 143 -37.00 35.20 -30.12
CA LEU F 143 -35.67 35.13 -30.69
C LEU F 143 -35.09 36.51 -31.01
N LEU F 144 -35.91 37.36 -31.61
CA LEU F 144 -35.46 38.69 -32.00
C LEU F 144 -35.24 39.65 -30.85
N SER F 145 -35.73 39.30 -29.66
CA SER F 145 -35.57 40.17 -28.50
C SER F 145 -34.20 40.05 -27.84
N PHE F 146 -33.41 39.09 -28.32
CA PHE F 146 -32.08 38.84 -27.76
C PHE F 146 -30.97 39.43 -28.63
N PRO F 147 -29.83 39.77 -28.01
CA PRO F 147 -28.71 40.32 -28.78
C PRO F 147 -28.30 39.18 -29.72
N THR F 148 -27.73 39.52 -30.87
CA THR F 148 -27.36 38.51 -31.86
C THR F 148 -26.78 37.18 -31.39
N VAL F 149 -25.67 37.21 -30.66
CA VAL F 149 -25.05 35.97 -30.23
C VAL F 149 -25.98 35.14 -29.33
N GLN F 150 -26.66 35.81 -28.41
CA GLN F 150 -27.58 35.10 -27.53
C GLN F 150 -28.74 34.49 -28.33
N MET F 151 -29.19 35.21 -29.36
CA MET F 151 -30.27 34.69 -30.18
C MET F 151 -29.81 33.40 -30.84
N VAL F 152 -28.60 33.42 -31.38
CA VAL F 152 -28.04 32.24 -32.03
C VAL F 152 -27.97 31.07 -31.03
N ARG F 153 -27.57 31.37 -29.81
CA ARG F 153 -27.48 30.36 -28.76
C ARG F 153 -28.84 29.73 -28.48
N LYS F 154 -29.89 30.56 -28.47
CA LYS F 154 -31.25 30.06 -28.23
C LYS F 154 -31.67 29.13 -29.34
N MET F 155 -31.30 29.47 -30.57
CA MET F 155 -31.64 28.65 -31.70
C MET F 155 -30.96 27.29 -31.57
N MET F 156 -29.75 27.30 -31.02
CA MET F 156 -29.00 26.07 -30.86
C MET F 156 -29.48 25.27 -29.65
N SER F 157 -29.78 25.96 -28.56
CA SER F 157 -30.22 25.29 -27.34
C SER F 157 -31.63 24.71 -27.37
N GLY F 158 -32.53 25.36 -28.12
CA GLY F 158 -33.91 24.90 -28.17
C GLY F 158 -34.66 25.82 -27.22
N ILE F 159 -35.98 25.65 -27.11
CA ILE F 159 -36.76 26.52 -26.23
C ILE F 159 -37.78 25.78 -25.36
N LEU F 160 -37.77 26.12 -24.07
CA LEU F 160 -38.67 25.51 -23.10
C LEU F 160 -40.01 26.24 -23.09
N ALA F 161 -41.08 25.50 -22.90
CA ALA F 161 -42.41 26.10 -22.83
C ALA F 161 -42.45 27.16 -21.73
N ASN F 162 -41.75 26.92 -20.63
CA ASN F 162 -41.69 27.87 -19.51
C ASN F 162 -41.24 29.24 -19.97
N GLU F 163 -40.20 29.25 -20.78
CA GLU F 163 -39.63 30.49 -21.33
C GLU F 163 -40.68 31.38 -21.98
N LEU F 164 -41.63 30.77 -22.68
CA LEU F 164 -42.67 31.51 -23.38
C LEU F 164 -43.97 31.60 -22.58
N ASN F 165 -43.94 31.13 -21.35
CA ASN F 165 -45.12 31.14 -20.47
C ASN F 165 -46.26 30.30 -20.98
N ILE F 166 -45.92 29.22 -21.68
CA ILE F 166 -46.92 28.31 -22.23
C ILE F 166 -46.90 27.04 -21.38
N LYS F 167 -48.05 26.40 -21.17
CA LYS F 167 -48.09 25.14 -20.41
C LYS F 167 -48.78 24.09 -21.27
N GLN F 168 -48.07 23.02 -21.59
CA GLN F 168 -48.58 21.96 -22.44
C GLN F 168 -47.97 20.60 -22.09
N ASP F 169 -48.33 19.58 -22.87
CA ASP F 169 -47.82 18.22 -22.65
C ASP F 169 -46.29 18.23 -22.71
N ASN F 170 -45.75 18.54 -23.89
CA ASN F 170 -44.32 18.59 -24.13
C ASN F 170 -43.66 19.79 -23.43
N PRO F 171 -42.67 19.56 -22.56
CA PRO F 171 -41.99 20.65 -21.85
C PRO F 171 -41.13 21.52 -22.78
N LEU F 172 -40.91 21.05 -24.00
CA LEU F 172 -40.12 21.77 -24.98
C LEU F 172 -40.95 22.28 -26.17
N ILE F 173 -40.78 23.56 -26.50
CA ILE F 173 -41.47 24.15 -27.66
C ILE F 173 -40.64 23.76 -28.88
N ILE F 174 -39.31 23.84 -28.74
CA ILE F 174 -38.39 23.45 -29.81
C ILE F 174 -37.24 22.66 -29.19
N ASP F 175 -36.96 21.46 -29.72
CA ASP F 175 -35.88 20.64 -29.20
C ASP F 175 -34.52 21.31 -29.40
N GLY F 176 -33.58 21.02 -28.50
CA GLY F 176 -32.25 21.57 -28.66
C GLY F 176 -31.51 20.63 -29.59
N MET F 177 -30.29 20.99 -29.97
CA MET F 177 -29.48 20.15 -30.84
C MET F 177 -28.26 19.77 -30.01
N PRO F 178 -28.39 18.75 -29.16
CA PRO F 178 -27.30 18.30 -28.29
C PRO F 178 -25.98 17.89 -28.99
N ASN F 179 -26.06 17.45 -30.24
CA ASN F 179 -24.85 17.03 -30.95
C ASN F 179 -24.08 18.16 -31.61
N LEU F 180 -24.46 19.41 -31.36
CA LEU F 180 -23.75 20.54 -31.95
C LEU F 180 -22.28 20.61 -31.59
N TYR F 181 -21.89 20.20 -30.38
CA TYR F 181 -20.48 20.28 -30.02
C TYR F 181 -19.60 19.32 -30.83
N PHE F 182 -20.24 18.47 -31.64
CA PHE F 182 -19.49 17.56 -32.51
C PHE F 182 -19.42 18.26 -33.87
N THR F 183 -18.62 19.33 -33.95
CA THR F 183 -18.48 20.10 -35.19
C THR F 183 -17.86 19.34 -36.35
N ARG F 184 -17.51 18.08 -36.12
CA ARG F 184 -16.93 17.26 -37.18
C ARG F 184 -17.98 16.77 -38.18
N ASP F 185 -19.24 16.83 -37.80
CA ASP F 185 -20.31 16.30 -38.64
C ASP F 185 -21.02 17.17 -39.68
N PRO F 186 -21.51 18.37 -39.30
CA PRO F 186 -22.21 19.23 -40.26
C PRO F 186 -21.47 19.44 -41.60
N PHE F 187 -20.17 19.70 -41.55
CA PHE F 187 -19.38 19.88 -42.76
C PHE F 187 -17.94 19.49 -42.47
N ALA F 188 -17.22 19.09 -43.51
CA ALA F 188 -15.83 18.68 -43.36
C ALA F 188 -14.93 19.41 -44.35
N SER F 189 -13.88 20.06 -43.84
CA SER F 189 -12.94 20.76 -44.70
C SER F 189 -12.30 19.70 -45.59
N MET F 190 -12.07 20.08 -46.84
CA MET F 190 -11.51 19.14 -47.82
C MET F 190 -10.60 19.92 -48.77
N GLY F 191 -9.32 20.02 -48.41
CA GLY F 191 -8.37 20.75 -49.24
C GLY F 191 -8.70 22.23 -49.25
N ASN F 192 -9.11 22.75 -50.39
CA ASN F 192 -9.47 24.17 -50.51
C ASN F 192 -10.98 24.35 -50.50
N GLY F 193 -11.70 23.23 -50.44
CA GLY F 193 -13.15 23.28 -50.41
C GLY F 193 -13.75 22.61 -49.17
N VAL F 194 -15.05 22.40 -49.20
CA VAL F 194 -15.73 21.77 -48.07
C VAL F 194 -16.83 20.84 -48.54
N SER F 195 -17.18 19.90 -47.68
CA SER F 195 -18.23 18.95 -47.95
C SER F 195 -19.32 19.16 -46.91
N ILE F 196 -20.40 19.83 -47.29
CA ILE F 196 -21.51 20.05 -46.37
C ILE F 196 -22.28 18.74 -46.42
N ASN F 197 -22.07 17.94 -45.38
CA ASN F 197 -22.64 16.59 -45.24
C ASN F 197 -24.14 16.38 -45.15
N CYS F 198 -24.57 15.20 -45.59
CA CYS F 198 -25.97 14.82 -45.56
C CYS F 198 -26.19 13.88 -44.37
N MET F 199 -26.61 14.44 -43.24
CA MET F 199 -26.85 13.68 -42.01
C MET F 199 -27.95 12.65 -42.23
N LYS F 200 -28.01 11.63 -41.39
CA LYS F 200 -29.01 10.58 -41.54
C LYS F 200 -30.38 10.91 -40.99
N TYR F 201 -30.47 11.24 -39.71
CA TYR F 201 -31.77 11.55 -39.11
C TYR F 201 -32.07 13.04 -38.98
N PRO F 202 -33.32 13.45 -39.29
CA PRO F 202 -33.76 14.84 -39.23
C PRO F 202 -33.35 15.60 -37.96
N THR F 203 -33.26 14.90 -36.84
CA THR F 203 -32.86 15.56 -35.59
C THR F 203 -31.50 16.23 -35.73
N ARG F 204 -30.63 15.62 -36.52
CA ARG F 204 -29.29 16.16 -36.71
C ARG F 204 -29.12 16.99 -37.97
N LYS F 205 -30.02 16.83 -38.93
CA LYS F 205 -29.96 17.60 -40.16
C LYS F 205 -30.19 19.07 -39.83
N ARG F 206 -30.87 19.31 -38.71
CA ARG F 206 -31.18 20.69 -38.29
C ARG F 206 -29.91 21.47 -37.99
N GLU F 207 -28.83 20.76 -37.66
CA GLU F 207 -27.55 21.37 -37.31
C GLU F 207 -26.86 22.07 -38.47
N VAL F 208 -27.04 21.54 -39.68
CA VAL F 208 -26.41 22.09 -40.87
C VAL F 208 -26.72 23.55 -41.15
N ILE F 209 -27.91 24.01 -40.77
CA ILE F 209 -28.29 25.39 -41.04
C ILE F 209 -27.29 26.47 -40.63
N PHE F 210 -26.60 26.26 -39.51
CA PHE F 210 -25.65 27.24 -39.02
C PHE F 210 -24.38 27.41 -39.86
N SER F 211 -23.64 26.34 -40.07
CA SER F 211 -22.41 26.48 -40.86
C SER F 211 -22.74 26.82 -42.31
N ARG F 212 -23.83 26.25 -42.84
CA ARG F 212 -24.22 26.52 -44.22
C ARG F 212 -24.53 28.01 -44.37
N PHE F 213 -25.12 28.61 -43.35
CA PHE F 213 -25.43 30.04 -43.40
C PHE F 213 -24.11 30.81 -43.53
N VAL F 214 -23.07 30.30 -42.87
CA VAL F 214 -21.75 30.92 -42.91
C VAL F 214 -21.10 30.79 -44.28
N PHE F 215 -21.10 29.58 -44.83
CA PHE F 215 -20.49 29.35 -46.14
C PHE F 215 -21.26 29.98 -47.28
N THR F 216 -22.44 30.52 -46.97
CA THR F 216 -23.28 31.14 -47.97
C THR F 216 -23.19 32.66 -47.96
N ASN F 217 -23.02 33.25 -46.77
CA ASN F 217 -22.98 34.70 -46.67
C ASN F 217 -21.72 35.36 -46.12
N ASN F 218 -20.92 34.64 -45.33
CA ASN F 218 -19.72 35.27 -44.80
C ASN F 218 -18.70 35.47 -45.92
N PRO F 219 -18.26 36.73 -46.12
CA PRO F 219 -17.27 37.03 -47.17
C PRO F 219 -16.00 36.20 -47.14
N LYS F 220 -15.59 35.80 -45.93
CA LYS F 220 -14.37 35.01 -45.78
C LYS F 220 -14.53 33.55 -46.21
N TYR F 221 -15.77 33.05 -46.27
CA TYR F 221 -16.00 31.66 -46.65
C TYR F 221 -16.97 31.52 -47.83
N LYS F 222 -17.65 32.61 -48.16
CA LYS F 222 -18.62 32.66 -49.25
C LYS F 222 -18.19 31.98 -50.55
N ASN F 223 -16.93 32.16 -50.93
CA ASN F 223 -16.42 31.59 -52.17
C ASN F 223 -15.73 30.25 -52.05
N THR F 224 -15.89 29.59 -50.90
CA THR F 224 -15.29 28.28 -50.70
C THR F 224 -16.04 27.29 -51.56
N PRO F 225 -15.33 26.55 -52.43
CA PRO F 225 -16.00 25.56 -53.29
C PRO F 225 -16.58 24.40 -52.49
N ARG F 226 -17.83 24.05 -52.81
CA ARG F 226 -18.49 22.97 -52.12
C ARG F 226 -18.40 21.69 -52.93
N TYR F 227 -17.50 20.79 -52.54
CA TYR F 227 -17.34 19.53 -53.24
C TYR F 227 -18.49 18.59 -52.96
N PHE F 228 -19.37 19.02 -52.06
CA PHE F 228 -20.58 18.28 -51.71
C PHE F 228 -21.48 19.20 -50.92
N ASP F 229 -22.77 19.09 -51.17
CA ASP F 229 -23.75 19.92 -50.49
C ASP F 229 -25.02 19.11 -50.44
N ILE F 230 -25.96 19.56 -49.61
CA ILE F 230 -27.23 18.86 -49.46
C ILE F 230 -28.25 19.19 -50.56
N VAL F 231 -27.80 19.79 -51.66
CA VAL F 231 -28.73 20.17 -52.71
C VAL F 231 -28.49 19.71 -54.15
N GLY F 232 -27.30 19.91 -54.67
CA GLY F 232 -27.07 19.52 -56.06
C GLY F 232 -26.18 18.31 -56.29
N ASN F 233 -26.35 17.27 -55.49
CA ASN F 233 -25.53 16.08 -55.61
C ASN F 233 -26.32 14.80 -55.38
N ASN F 234 -25.63 13.67 -55.40
CA ASN F 234 -26.26 12.37 -55.19
C ASN F 234 -25.60 11.62 -54.06
N GLY F 235 -26.37 10.75 -53.39
CA GLY F 235 -25.85 9.96 -52.30
C GLY F 235 -25.82 10.65 -50.96
N THR F 236 -25.15 10.00 -50.00
CA THR F 236 -25.01 10.53 -48.63
C THR F 236 -23.56 10.41 -48.20
N ILE F 237 -23.16 11.30 -47.29
CA ILE F 237 -21.80 11.29 -46.79
C ILE F 237 -21.74 11.97 -45.41
N GLU F 238 -20.92 11.45 -44.52
CA GLU F 238 -20.80 12.05 -43.19
C GLU F 238 -19.34 12.32 -42.80
N GLY F 239 -19.15 13.31 -41.94
CA GLY F 239 -17.83 13.71 -41.51
C GLY F 239 -16.89 12.62 -41.01
N GLY F 240 -17.42 11.64 -40.31
CA GLY F 240 -16.58 10.57 -39.79
C GLY F 240 -15.87 9.73 -40.82
N ASP F 241 -16.32 9.79 -42.07
CA ASP F 241 -15.71 9.02 -43.15
C ASP F 241 -14.67 9.80 -43.97
N ILE F 242 -14.57 11.10 -43.74
CA ILE F 242 -13.65 11.93 -44.50
C ILE F 242 -12.28 12.23 -43.88
N PHE F 243 -11.22 11.81 -44.57
CA PHE F 243 -9.85 12.04 -44.12
C PHE F 243 -8.99 12.61 -45.25
N ILE F 244 -8.09 13.53 -44.90
CA ILE F 244 -7.18 14.11 -45.89
C ILE F 244 -5.76 13.68 -45.52
N TYR F 245 -5.21 12.72 -46.24
CA TYR F 245 -3.86 12.25 -45.90
C TYR F 245 -2.71 13.16 -46.36
N ASN F 246 -2.82 13.73 -47.55
CA ASN F 246 -1.79 14.64 -48.05
C ASN F 246 -2.32 15.52 -49.19
N SER F 247 -1.47 16.43 -49.68
CA SER F 247 -1.86 17.34 -50.75
C SER F 247 -2.51 16.70 -51.96
N LYS F 248 -2.20 15.44 -52.23
CA LYS F 248 -2.75 14.77 -53.39
C LYS F 248 -3.76 13.65 -53.13
N THR F 249 -3.77 13.13 -51.90
CA THR F 249 -4.65 12.02 -51.57
C THR F 249 -5.76 12.28 -50.56
N LEU F 250 -6.97 11.91 -50.96
CA LEU F 250 -8.16 12.04 -50.13
C LEU F 250 -8.60 10.62 -49.77
N VAL F 251 -8.83 10.35 -48.49
CA VAL F 251 -9.26 9.02 -48.05
C VAL F 251 -10.67 9.08 -47.49
N ILE F 252 -11.59 8.36 -48.13
CA ILE F 252 -12.99 8.34 -47.71
C ILE F 252 -13.45 6.92 -47.48
N GLY F 253 -14.30 6.75 -46.46
CA GLY F 253 -14.80 5.42 -46.17
C GLY F 253 -16.15 5.13 -46.80
N ASN F 254 -16.27 3.93 -47.36
CA ASN F 254 -17.54 3.50 -47.95
C ASN F 254 -18.22 2.76 -46.82
N SER F 255 -19.13 3.43 -46.13
CA SER F 255 -19.81 2.83 -45.01
C SER F 255 -21.32 2.85 -45.15
N GLU F 256 -21.98 2.60 -44.03
CA GLU F 256 -23.42 2.60 -43.97
C GLU F 256 -23.94 4.03 -44.10
N ARG F 257 -23.05 5.00 -43.87
CA ARG F 257 -23.42 6.41 -43.94
C ARG F 257 -22.89 7.13 -45.18
N THR F 258 -21.91 6.53 -45.85
CA THR F 258 -21.31 7.14 -47.04
C THR F 258 -21.24 6.14 -48.19
N ASN F 259 -21.94 6.42 -49.29
CA ASN F 259 -21.96 5.53 -50.46
C ASN F 259 -21.19 6.05 -51.66
N PHE F 260 -21.06 5.21 -52.68
CA PHE F 260 -20.34 5.55 -53.92
C PHE F 260 -20.92 6.77 -54.63
N ALA F 261 -22.24 6.93 -54.57
CA ALA F 261 -22.90 8.05 -55.23
C ALA F 261 -22.35 9.39 -54.77
N ALA F 262 -22.25 9.56 -53.45
CA ALA F 262 -21.73 10.80 -52.88
C ALA F 262 -20.24 10.94 -53.19
N ILE F 263 -19.50 9.84 -53.18
CA ILE F 263 -18.07 9.90 -53.47
C ILE F 263 -17.84 10.33 -54.91
N GLU F 264 -18.68 9.85 -55.83
CA GLU F 264 -18.56 10.24 -57.22
C GLU F 264 -18.86 11.72 -57.36
N SER F 265 -19.90 12.19 -56.69
CA SER F 265 -20.24 13.61 -56.74
C SER F 265 -19.04 14.44 -56.30
N VAL F 266 -18.39 14.00 -55.22
CA VAL F 266 -17.22 14.69 -54.69
C VAL F 266 -16.08 14.68 -55.71
N ALA F 267 -15.85 13.52 -56.31
CA ALA F 267 -14.80 13.37 -57.30
C ALA F 267 -14.97 14.34 -58.48
N LYS F 268 -16.18 14.37 -59.04
CA LYS F 268 -16.46 15.24 -60.16
C LYS F 268 -16.32 16.72 -59.81
N ASN F 269 -16.85 17.11 -58.66
CA ASN F 269 -16.77 18.49 -58.21
C ASN F 269 -15.32 18.94 -58.03
N ILE F 270 -14.45 18.01 -57.67
CA ILE F 270 -13.04 18.32 -57.47
C ILE F 270 -12.36 18.51 -58.83
N GLN F 271 -12.72 17.66 -59.78
CA GLN F 271 -12.15 17.73 -61.13
C GLN F 271 -12.51 19.07 -61.76
N ALA F 272 -13.66 19.62 -61.39
CA ALA F 272 -14.13 20.89 -61.93
C ALA F 272 -13.49 22.10 -61.26
N ASN F 273 -12.64 21.87 -60.27
CA ASN F 273 -11.97 22.96 -59.58
C ASN F 273 -10.50 23.00 -59.98
N LYS F 274 -10.04 24.18 -60.44
CA LYS F 274 -8.68 24.35 -60.90
C LYS F 274 -7.59 24.47 -59.83
N ASP F 275 -7.91 25.12 -58.72
CA ASP F 275 -6.93 25.29 -57.65
C ASP F 275 -6.65 24.06 -56.80
N CYS F 276 -7.64 23.18 -56.64
CA CYS F 276 -7.47 21.99 -55.82
C CYS F 276 -6.30 21.13 -56.29
N THR F 277 -5.51 20.64 -55.33
CA THR F 277 -4.36 19.82 -55.65
C THR F 277 -4.57 18.31 -55.54
N PHE F 278 -5.77 17.89 -55.12
CA PHE F 278 -6.06 16.46 -54.99
C PHE F 278 -5.98 15.81 -56.36
N GLU F 279 -5.39 14.62 -56.40
CA GLU F 279 -5.24 13.89 -57.66
C GLU F 279 -5.70 12.44 -57.52
N ARG F 280 -6.06 12.06 -56.30
CA ARG F 280 -6.44 10.69 -56.05
C ARG F 280 -7.35 10.53 -54.83
N ILE F 281 -8.25 9.56 -54.90
CA ILE F 281 -9.15 9.29 -53.79
C ILE F 281 -9.08 7.80 -53.48
N VAL F 282 -8.81 7.46 -52.24
CA VAL F 282 -8.75 6.05 -51.83
C VAL F 282 -9.98 5.75 -50.98
N VAL F 283 -10.87 4.90 -51.51
CA VAL F 283 -12.09 4.56 -50.80
C VAL F 283 -11.88 3.24 -50.06
N ILE F 284 -12.10 3.28 -48.75
CA ILE F 284 -11.95 2.10 -47.92
C ILE F 284 -13.32 1.57 -47.55
N ASN F 285 -13.52 0.28 -47.77
CA ASN F 285 -14.80 -0.35 -47.45
C ASN F 285 -14.95 -0.57 -45.95
N VAL F 286 -16.04 -0.02 -45.39
CA VAL F 286 -16.33 -0.13 -43.96
C VAL F 286 -17.65 -0.88 -43.77
N PRO F 287 -17.57 -2.20 -43.55
CA PRO F 287 -18.76 -3.05 -43.36
C PRO F 287 -19.64 -2.62 -42.19
N PRO F 288 -20.98 -2.60 -42.41
CA PRO F 288 -21.95 -2.21 -41.38
C PRO F 288 -21.97 -3.12 -40.16
N MET F 289 -20.81 -3.28 -39.51
CA MET F 289 -20.73 -4.12 -38.32
C MET F 289 -21.27 -3.32 -37.13
N PRO F 290 -21.54 -3.99 -35.99
CA PRO F 290 -22.08 -3.31 -34.81
C PRO F 290 -21.07 -2.34 -34.17
N ASN F 291 -21.54 -1.14 -33.83
CA ASN F 291 -20.68 -0.11 -33.22
C ASN F 291 -19.64 0.40 -34.21
N LEU F 292 -20.03 0.47 -35.49
CA LEU F 292 -19.15 0.92 -36.56
C LEU F 292 -19.95 1.68 -37.60
N MET F 293 -19.98 3.00 -37.47
CA MET F 293 -20.72 3.85 -38.39
C MET F 293 -19.82 4.56 -39.40
N HIS F 294 -18.57 4.81 -39.01
CA HIS F 294 -17.62 5.48 -39.89
C HIS F 294 -16.23 4.88 -39.81
N LEU F 295 -15.40 5.30 -40.74
CA LEU F 295 -14.01 4.85 -40.84
C LEU F 295 -13.13 5.36 -39.69
N ASP F 296 -13.51 6.50 -39.11
CA ASP F 296 -12.73 7.09 -38.03
C ASP F 296 -12.59 6.19 -36.81
N THR F 297 -13.61 5.40 -36.49
CA THR F 297 -13.52 4.52 -35.35
C THR F 297 -12.60 3.35 -35.70
N TRP F 298 -12.27 3.22 -36.98
CA TRP F 298 -11.42 2.14 -37.47
C TRP F 298 -9.96 2.55 -37.65
N LEU F 299 -9.71 3.77 -38.10
CA LEU F 299 -8.35 4.22 -38.35
C LEU F 299 -8.20 5.74 -38.35
N THR F 300 -7.15 6.23 -37.70
CA THR F 300 -6.84 7.67 -37.66
C THR F 300 -5.34 7.87 -37.88
N MET F 301 -4.99 9.02 -38.43
CA MET F 301 -3.59 9.35 -38.73
C MET F 301 -3.07 10.37 -37.73
N LEU F 302 -1.95 10.06 -37.09
CA LEU F 302 -1.40 10.95 -36.05
C LEU F 302 -0.03 11.56 -36.35
N ASP F 303 0.65 11.03 -37.37
CA ASP F 303 1.96 11.55 -37.76
C ASP F 303 2.17 11.14 -39.22
N TYR F 304 3.29 11.55 -39.81
CA TYR F 304 3.56 11.20 -41.21
C TYR F 304 3.45 9.71 -41.47
N ASP F 305 3.90 8.92 -40.49
CA ASP F 305 3.90 7.46 -40.63
C ASP F 305 3.30 6.71 -39.45
N LYS F 306 2.49 7.38 -38.63
CA LYS F 306 1.91 6.73 -37.46
C LYS F 306 0.38 6.73 -37.47
N PHE F 307 -0.19 5.56 -37.23
CA PHE F 307 -1.64 5.41 -37.23
C PHE F 307 -2.17 4.64 -36.03
N LEU F 308 -3.39 4.99 -35.64
CA LEU F 308 -4.08 4.37 -34.52
C LEU F 308 -5.24 3.59 -35.16
N TYR F 309 -5.36 2.31 -34.83
CA TYR F 309 -6.41 1.50 -35.43
C TYR F 309 -7.10 0.58 -34.43
N SER F 310 -8.29 0.14 -34.80
CA SER F 310 -9.08 -0.77 -33.98
C SER F 310 -8.62 -2.21 -34.18
N PRO F 311 -8.22 -2.89 -33.09
CA PRO F 311 -7.78 -4.27 -33.24
C PRO F 311 -8.93 -5.20 -33.69
N ASN F 312 -10.15 -4.67 -33.69
CA ASN F 312 -11.31 -5.45 -34.10
C ASN F 312 -11.72 -5.19 -35.54
N MET F 313 -10.83 -4.61 -36.34
CA MET F 313 -11.18 -4.35 -37.74
C MET F 313 -10.84 -5.59 -38.55
N MET F 314 -11.31 -5.63 -39.79
CA MET F 314 -11.06 -6.77 -40.65
C MET F 314 -9.58 -6.83 -41.00
N ASN F 315 -9.09 -8.03 -41.29
CA ASN F 315 -7.68 -8.23 -41.61
C ASN F 315 -7.28 -7.75 -43.01
N VAL F 316 -8.04 -8.15 -44.03
CA VAL F 316 -7.74 -7.73 -45.39
C VAL F 316 -8.78 -6.69 -45.80
N LEU F 317 -8.31 -5.53 -46.22
CA LEU F 317 -9.20 -4.46 -46.62
C LEU F 317 -9.59 -4.51 -48.10
N LYS F 318 -10.79 -3.97 -48.37
CA LYS F 318 -11.32 -3.88 -49.73
C LYS F 318 -11.25 -2.39 -50.06
N ILE F 319 -10.41 -2.04 -51.03
CA ILE F 319 -10.19 -0.64 -51.41
C ILE F 319 -10.66 -0.35 -52.84
N TRP F 320 -10.76 0.93 -53.15
CA TRP F 320 -11.16 1.42 -54.47
C TRP F 320 -10.31 2.63 -54.80
N GLU F 321 -9.52 2.54 -55.87
CA GLU F 321 -8.65 3.64 -56.29
C GLU F 321 -9.34 4.50 -57.35
N ILE F 322 -9.34 5.80 -57.14
CA ILE F 322 -9.97 6.72 -58.09
C ILE F 322 -8.94 7.74 -58.58
N ASP F 323 -8.61 7.66 -59.86
CA ASP F 323 -7.66 8.60 -60.46
C ASP F 323 -8.45 9.84 -60.86
N LEU F 324 -8.22 10.96 -60.18
CA LEU F 324 -8.94 12.17 -60.50
C LEU F 324 -8.51 12.80 -61.82
N ASN F 325 -7.43 12.28 -62.41
CA ASN F 325 -6.92 12.78 -63.68
C ASN F 325 -7.69 12.16 -64.83
N VAL F 326 -8.22 10.96 -64.60
CA VAL F 326 -8.97 10.24 -65.62
C VAL F 326 -10.47 10.49 -65.51
N LYS F 327 -11.13 10.54 -66.67
CA LYS F 327 -12.57 10.75 -66.72
C LYS F 327 -13.14 9.68 -67.65
N PRO F 328 -14.34 9.17 -67.34
CA PRO F 328 -15.13 9.57 -66.18
C PRO F 328 -14.62 8.87 -64.91
N VAL F 329 -14.98 9.41 -63.75
CA VAL F 329 -14.56 8.85 -62.48
C VAL F 329 -14.85 7.35 -62.42
N LYS F 330 -13.86 6.56 -62.00
CA LYS F 330 -14.02 5.11 -61.93
C LYS F 330 -13.40 4.51 -60.68
N PHE F 331 -14.15 3.62 -60.03
CA PHE F 331 -13.71 2.95 -58.80
C PHE F 331 -12.97 1.66 -59.14
N VAL F 332 -11.64 1.69 -59.03
CA VAL F 332 -10.84 0.52 -59.33
C VAL F 332 -10.58 -0.34 -58.09
N GLU F 333 -11.44 -1.32 -57.86
CA GLU F 333 -11.31 -2.21 -56.70
C GLU F 333 -9.90 -2.76 -56.54
N LYS F 334 -9.53 -3.04 -55.29
CA LYS F 334 -8.21 -3.58 -54.97
C LYS F 334 -8.32 -4.24 -53.59
N LYS F 335 -7.29 -4.97 -53.18
CA LYS F 335 -7.28 -5.66 -51.89
C LYS F 335 -5.90 -5.63 -51.24
N GLY F 336 -5.88 -5.69 -49.91
CA GLY F 336 -4.61 -5.68 -49.20
C GLY F 336 -4.78 -5.46 -47.70
N THR F 337 -3.71 -5.71 -46.95
CA THR F 337 -3.75 -5.52 -45.50
C THR F 337 -3.64 -4.03 -45.22
N LEU F 338 -3.94 -3.64 -43.98
CA LEU F 338 -3.87 -2.25 -43.59
C LEU F 338 -2.49 -1.69 -43.90
N GLU F 339 -1.45 -2.47 -43.61
CA GLU F 339 -0.10 -2.01 -43.87
C GLU F 339 0.16 -1.75 -45.34
N GLU F 340 -0.32 -2.65 -46.20
CA GLU F 340 -0.15 -2.52 -47.64
C GLU F 340 -0.90 -1.30 -48.20
N VAL F 341 -2.13 -1.10 -47.73
CA VAL F 341 -2.93 0.04 -48.18
C VAL F 341 -2.27 1.36 -47.79
N LEU F 342 -1.83 1.46 -46.55
CA LEU F 342 -1.19 2.67 -46.06
C LEU F 342 0.13 2.93 -46.77
N TYR F 343 0.90 1.87 -47.01
CA TYR F 343 2.18 2.00 -47.71
C TYR F 343 1.99 2.61 -49.09
N SER F 344 0.90 2.22 -49.77
CA SER F 344 0.63 2.72 -51.11
C SER F 344 0.24 4.19 -51.11
N ILE F 345 0.08 4.77 -49.92
CA ILE F 345 -0.30 6.17 -49.84
C ILE F 345 0.84 7.07 -49.36
N ILE F 346 1.48 6.69 -48.26
CA ILE F 346 2.58 7.46 -47.69
C ILE F 346 3.93 7.02 -48.24
N ASP F 347 3.95 5.88 -48.94
CA ASP F 347 5.15 5.34 -49.55
C ASP F 347 6.32 5.14 -48.59
N LYS F 348 6.04 4.56 -47.43
CA LYS F 348 7.03 4.28 -46.40
C LYS F 348 6.34 3.35 -45.41
N LYS F 349 7.12 2.61 -44.63
CA LYS F 349 6.54 1.66 -43.66
C LYS F 349 5.71 2.38 -42.61
N PRO F 350 4.42 2.02 -42.54
CA PRO F 350 3.53 2.64 -41.56
C PRO F 350 3.69 2.00 -40.18
N ILE F 351 3.61 2.81 -39.14
CA ILE F 351 3.71 2.32 -37.78
C ILE F 351 2.27 2.23 -37.30
N LEU F 352 1.84 1.01 -36.95
CA LEU F 352 0.47 0.79 -36.53
C LEU F 352 0.31 0.55 -35.03
N ILE F 353 -0.47 1.42 -34.40
CA ILE F 353 -0.73 1.35 -32.97
C ILE F 353 -2.18 0.95 -32.74
N PRO F 354 -2.41 -0.17 -32.06
CA PRO F 354 -3.77 -0.65 -31.78
C PRO F 354 -4.34 -0.01 -30.53
N ILE F 355 -5.67 0.13 -30.48
CA ILE F 355 -6.35 0.69 -29.32
C ILE F 355 -5.97 -0.12 -28.07
N ALA F 356 -5.63 0.57 -26.99
CA ALA F 356 -5.25 -0.07 -25.72
C ALA F 356 -3.83 -0.65 -25.73
N GLY F 357 -3.13 -0.55 -26.86
CA GLY F 357 -1.77 -1.07 -26.92
C GLY F 357 -1.65 -2.56 -27.19
N LYS F 358 -0.48 -2.98 -27.64
CA LYS F 358 -0.24 -4.39 -27.94
C LYS F 358 -0.27 -5.26 -26.70
N GLY F 359 -0.97 -6.39 -26.81
CA GLY F 359 -1.06 -7.31 -25.69
C GLY F 359 -2.16 -6.98 -24.70
N ALA F 360 -2.92 -5.92 -24.93
CA ALA F 360 -4.00 -5.56 -24.01
C ALA F 360 -5.06 -6.64 -24.02
N ASN F 361 -5.73 -6.85 -22.88
CA ASN F 361 -6.79 -7.85 -22.81
C ASN F 361 -8.04 -7.25 -23.46
N GLN F 362 -9.04 -8.08 -23.73
CA GLN F 362 -10.26 -7.61 -24.38
C GLN F 362 -11.04 -6.59 -23.57
N LEU F 363 -10.89 -6.64 -22.25
CA LEU F 363 -11.60 -5.72 -21.37
C LEU F 363 -11.14 -4.28 -21.63
N ASP F 364 -9.82 -4.08 -21.64
CA ASP F 364 -9.29 -2.75 -21.87
C ASP F 364 -9.57 -2.28 -23.31
N ILE F 365 -9.53 -3.20 -24.26
CA ILE F 365 -9.81 -2.86 -25.64
C ILE F 365 -11.27 -2.40 -25.75
N ASP F 366 -12.19 -3.16 -25.15
CA ASP F 366 -13.61 -2.83 -25.21
C ASP F 366 -13.96 -1.49 -24.59
N ILE F 367 -13.35 -1.19 -23.44
CA ILE F 367 -13.60 0.04 -22.74
C ILE F 367 -13.06 1.27 -23.47
N GLU F 368 -11.82 1.19 -23.93
CA GLU F 368 -11.24 2.32 -24.64
C GLU F 368 -11.82 2.48 -26.06
N THR F 369 -12.42 1.42 -26.58
CA THR F 369 -13.08 1.47 -27.89
C THR F 369 -14.41 2.18 -27.64
N HIS F 370 -15.07 1.79 -26.55
CA HIS F 370 -16.36 2.38 -26.16
C HIS F 370 -16.22 3.90 -26.00
N PHE F 371 -15.09 4.33 -25.47
CA PHE F 371 -14.86 5.76 -25.29
C PHE F 371 -14.11 6.43 -26.44
N ASP F 372 -14.37 5.96 -27.65
CA ASP F 372 -13.81 6.54 -28.85
C ASP F 372 -12.29 6.73 -28.83
N GLY F 373 -11.55 5.67 -28.49
CA GLY F 373 -10.10 5.72 -28.40
C GLY F 373 -9.27 6.14 -29.62
N THR F 374 -9.77 5.89 -30.83
CA THR F 374 -9.00 6.28 -32.01
C THR F 374 -9.13 7.76 -32.36
N ASN F 375 -10.23 8.39 -31.96
CA ASN F 375 -10.46 9.78 -32.34
C ASN F 375 -9.72 10.92 -31.64
N TYR F 376 -8.39 10.83 -31.58
CA TYR F 376 -7.58 11.90 -31.01
C TYR F 376 -7.50 12.98 -32.10
N LEU F 377 -7.38 14.24 -31.70
CA LEU F 377 -7.25 15.29 -32.70
C LEU F 377 -5.74 15.57 -32.80
N THR F 378 -5.20 15.53 -34.03
CA THR F 378 -3.77 15.81 -34.19
C THR F 378 -3.61 17.30 -34.48
N ILE F 379 -2.84 18.01 -33.66
CA ILE F 379 -2.67 19.45 -33.85
C ILE F 379 -1.33 19.83 -34.49
N ALA F 380 -0.47 18.83 -34.66
CA ALA F 380 0.84 18.99 -35.29
C ALA F 380 1.36 17.57 -35.47
N PRO F 381 2.26 17.36 -36.44
CA PRO F 381 2.78 16.01 -36.64
C PRO F 381 3.32 15.37 -35.35
N GLY F 382 2.67 14.30 -34.91
CA GLY F 382 3.10 13.61 -33.72
C GLY F 382 2.64 14.20 -32.42
N VAL F 383 1.72 15.18 -32.47
CA VAL F 383 1.20 15.80 -31.26
C VAL F 383 -0.32 15.67 -31.30
N VAL F 384 -0.89 14.96 -30.33
CA VAL F 384 -2.33 14.75 -30.27
C VAL F 384 -3.03 15.21 -28.97
N VAL F 385 -4.35 15.35 -29.05
CA VAL F 385 -5.20 15.79 -27.94
C VAL F 385 -6.35 14.79 -27.79
N GLY F 386 -6.64 14.38 -26.56
CA GLY F 386 -7.70 13.43 -26.31
C GLY F 386 -8.00 13.21 -24.83
N TYR F 387 -8.95 12.32 -24.54
CA TYR F 387 -9.36 12.02 -23.18
C TYR F 387 -8.32 11.29 -22.36
N GLU F 388 -8.11 11.74 -21.12
CA GLU F 388 -7.14 11.11 -20.22
C GLU F 388 -7.62 9.74 -19.75
N ARG F 389 -8.93 9.50 -19.79
CA ARG F 389 -9.46 8.23 -19.33
C ARG F 389 -8.97 7.03 -20.13
N ASN F 390 -8.60 7.26 -21.39
CA ASN F 390 -8.11 6.16 -22.22
C ASN F 390 -6.62 5.95 -22.02
N GLU F 391 -6.28 5.57 -20.80
CA GLU F 391 -4.90 5.35 -20.37
C GLU F 391 -4.03 4.36 -21.16
N LYS F 392 -4.57 3.20 -21.51
CA LYS F 392 -3.77 2.21 -22.23
C LYS F 392 -3.38 2.71 -23.62
N THR F 393 -4.33 3.31 -24.32
CA THR F 393 -4.06 3.83 -25.65
C THR F 393 -3.04 4.97 -25.54
N GLN F 394 -3.23 5.83 -24.54
CA GLN F 394 -2.33 6.96 -24.31
C GLN F 394 -0.89 6.46 -24.11
N LYS F 395 -0.73 5.42 -23.28
CA LYS F 395 0.57 4.84 -23.02
C LYS F 395 1.20 4.30 -24.30
N ALA F 396 0.41 3.61 -25.11
CA ALA F 396 0.92 3.06 -26.36
C ALA F 396 1.37 4.19 -27.29
N LEU F 397 0.62 5.29 -27.31
CA LEU F 397 0.99 6.42 -28.16
C LEU F 397 2.31 7.04 -27.71
N VAL F 398 2.47 7.32 -26.42
CA VAL F 398 3.72 7.93 -25.97
C VAL F 398 4.91 7.01 -26.20
N GLU F 399 4.71 5.69 -26.05
CA GLU F 399 5.81 4.76 -26.26
C GLU F 399 6.24 4.74 -27.71
N ALA F 400 5.31 5.11 -28.59
CA ALA F 400 5.57 5.14 -30.03
C ALA F 400 6.17 6.49 -30.45
N GLY F 401 6.42 7.37 -29.49
CA GLY F 401 7.02 8.66 -29.80
C GLY F 401 6.06 9.81 -30.02
N ILE F 402 4.78 9.59 -29.77
CA ILE F 402 3.80 10.64 -29.95
C ILE F 402 3.58 11.43 -28.65
N LYS F 403 3.50 12.75 -28.76
CA LYS F 403 3.26 13.61 -27.61
C LYS F 403 1.75 13.70 -27.40
N VAL F 404 1.30 13.39 -26.19
CA VAL F 404 -0.14 13.43 -25.89
C VAL F 404 -0.55 14.52 -24.90
N LEU F 405 -1.46 15.38 -25.34
CA LEU F 405 -1.96 16.45 -24.49
C LEU F 405 -3.38 16.05 -24.08
N SER F 406 -3.50 15.33 -22.97
CA SER F 406 -4.80 14.86 -22.49
C SER F 406 -5.56 15.92 -21.70
N PHE F 407 -6.85 15.68 -21.51
CA PHE F 407 -7.68 16.58 -20.73
C PHE F 407 -8.79 15.78 -20.09
N ASN F 408 -9.35 16.29 -19.01
CA ASN F 408 -10.41 15.58 -18.33
C ASN F 408 -11.74 15.77 -19.05
N GLY F 409 -12.31 14.65 -19.51
CA GLY F 409 -13.59 14.69 -20.17
C GLY F 409 -14.52 13.69 -19.52
N SER F 410 -14.43 13.57 -18.20
CA SER F 410 -15.25 12.62 -17.45
C SER F 410 -16.73 12.64 -17.84
N GLN F 411 -17.24 13.82 -18.20
CA GLN F 411 -18.65 13.95 -18.61
C GLN F 411 -18.77 14.01 -20.13
N LEU F 412 -17.93 14.81 -20.78
CA LEU F 412 -17.99 14.92 -22.24
C LEU F 412 -17.89 13.57 -22.93
N SER F 413 -17.01 12.71 -22.43
CA SER F 413 -16.80 11.40 -23.02
C SER F 413 -18.05 10.55 -23.04
N LEU F 414 -19.04 10.90 -22.21
CA LEU F 414 -20.30 10.13 -22.18
C LEU F 414 -21.04 10.32 -23.49
N GLY F 415 -20.66 11.35 -24.24
CA GLY F 415 -21.29 11.62 -25.52
C GLY F 415 -20.79 10.66 -26.58
N MET F 416 -19.77 9.88 -26.23
CA MET F 416 -19.21 8.88 -27.14
C MET F 416 -18.36 9.40 -28.32
N GLY F 417 -17.97 10.67 -28.26
CA GLY F 417 -17.13 11.22 -29.31
C GLY F 417 -15.93 11.87 -28.66
N SER F 418 -14.75 11.69 -29.24
CA SER F 418 -13.56 12.29 -28.67
C SER F 418 -13.17 13.61 -29.38
N ALA F 419 -11.95 14.07 -29.11
CA ALA F 419 -11.44 15.34 -29.67
C ALA F 419 -11.61 15.56 -31.17
N ARG F 420 -11.26 14.58 -32.00
CA ARG F 420 -11.42 14.77 -33.44
C ARG F 420 -12.89 15.02 -33.78
N CYS F 421 -13.79 14.40 -33.03
CA CYS F 421 -15.23 14.58 -33.29
C CYS F 421 -15.72 15.95 -32.85
N MET F 422 -15.04 16.53 -31.87
CA MET F 422 -15.43 17.84 -31.34
C MET F 422 -14.72 19.00 -32.02
N SER F 423 -14.19 18.76 -33.20
CA SER F 423 -13.49 19.80 -33.93
C SER F 423 -13.57 19.67 -35.44
N MET F 424 -13.35 20.80 -36.10
CA MET F 424 -13.31 20.84 -37.56
C MET F 424 -12.23 21.83 -37.98
N PRO F 425 -11.06 21.32 -38.35
CA PRO F 425 -9.95 22.16 -38.79
C PRO F 425 -10.40 23.02 -39.97
N LEU F 426 -10.02 24.29 -39.94
CA LEU F 426 -10.34 25.23 -41.00
C LEU F 426 -9.06 25.52 -41.80
N ILE F 427 -7.94 25.66 -41.09
CA ILE F 427 -6.66 25.93 -41.72
C ILE F 427 -5.50 25.20 -41.05
N ARG F 428 -4.79 24.40 -41.84
CA ARG F 428 -3.63 23.65 -41.37
C ARG F 428 -2.45 24.05 -42.26
N GLU F 429 -1.27 24.13 -41.66
CA GLU F 429 -0.05 24.47 -42.40
C GLU F 429 0.18 23.32 -43.39
N ASN F 430 0.39 23.63 -44.67
CA ASN F 430 0.62 22.56 -45.64
C ASN F 430 1.88 21.79 -45.27
N LEU F 431 1.86 20.49 -45.53
CA LEU F 431 3.02 19.66 -45.23
C LEU F 431 4.11 19.86 -46.27
N LYS F 432 5.34 19.57 -45.87
CA LYS F 432 6.47 19.66 -46.76
C LYS F 432 6.97 18.23 -46.83
N LYS F 433 6.29 17.39 -46.04
CA LYS F 433 6.55 15.95 -45.91
C LYS F 433 8.00 15.63 -45.57
N GLY G 35 -34.36 44.70 11.99
CA GLY G 35 -33.56 43.98 10.96
C GLY G 35 -32.36 43.26 11.53
N ILE G 36 -32.03 43.54 12.79
CA ILE G 36 -30.90 42.92 13.46
C ILE G 36 -31.35 42.24 14.75
N ASN G 37 -31.05 40.96 14.89
CA ASN G 37 -31.40 40.23 16.09
C ASN G 37 -30.42 39.07 16.29
N VAL G 38 -29.36 39.35 17.04
CA VAL G 38 -28.34 38.35 17.33
C VAL G 38 -28.05 38.27 18.82
N TYR G 39 -28.72 37.34 19.50
CA TYR G 39 -28.52 37.18 20.94
C TYR G 39 -27.80 35.90 21.33
N SER G 40 -26.80 35.52 20.55
CA SER G 40 -26.00 34.32 20.82
C SER G 40 -24.97 34.14 19.71
N GLU G 41 -24.08 33.17 19.90
CA GLU G 41 -23.06 32.86 18.90
C GLU G 41 -23.44 31.58 18.16
N ILE G 42 -24.40 30.84 18.72
CA ILE G 42 -24.80 29.55 18.18
C ILE G 42 -26.24 29.34 17.68
N GLY G 43 -27.15 30.27 17.99
CA GLY G 43 -28.52 30.12 17.56
C GLY G 43 -28.65 29.92 16.06
N GLU G 44 -29.58 29.07 15.63
CA GLU G 44 -29.78 28.80 14.22
C GLU G 44 -29.74 30.08 13.38
N LEU G 45 -28.71 30.20 12.56
CA LEU G 45 -28.51 31.38 11.71
C LEU G 45 -29.56 31.49 10.61
N LYS G 46 -30.17 32.67 10.49
CA LYS G 46 -31.20 32.90 9.49
C LYS G 46 -30.77 33.86 8.38
N GLU G 47 -30.07 34.93 8.76
CA GLU G 47 -29.60 35.90 7.78
C GLU G 47 -28.17 36.25 8.14
N VAL G 48 -27.30 36.30 7.14
CA VAL G 48 -25.89 36.60 7.38
C VAL G 48 -25.30 37.45 6.25
N LEU G 49 -24.41 38.36 6.61
CA LEU G 49 -23.77 39.23 5.63
C LEU G 49 -22.38 38.70 5.26
N VAL G 50 -22.10 38.62 3.97
CA VAL G 50 -20.80 38.16 3.50
C VAL G 50 -20.39 39.05 2.35
N HIS G 51 -19.20 38.80 1.82
CA HIS G 51 -18.70 39.53 0.65
C HIS G 51 -17.76 38.63 -0.14
N THR G 52 -18.21 38.19 -1.31
CA THR G 52 -17.38 37.37 -2.19
C THR G 52 -16.40 38.38 -2.76
N PRO G 53 -15.10 38.14 -2.56
CA PRO G 53 -14.10 39.08 -3.08
C PRO G 53 -14.23 39.40 -4.56
N GLY G 54 -13.88 40.64 -4.92
CA GLY G 54 -13.90 41.08 -6.30
C GLY G 54 -12.49 41.38 -6.75
N ASP G 55 -12.34 42.28 -7.72
CA ASP G 55 -11.02 42.62 -8.23
C ASP G 55 -10.01 43.18 -7.22
N GLU G 56 -10.48 43.56 -6.04
CA GLU G 56 -9.56 44.09 -5.05
C GLU G 56 -8.49 43.08 -4.63
N ILE G 57 -8.82 41.79 -4.61
CA ILE G 57 -7.81 40.81 -4.22
C ILE G 57 -6.83 40.52 -5.34
N ARG G 58 -6.98 41.23 -6.46
CA ARG G 58 -6.08 41.09 -7.60
C ARG G 58 -5.08 42.26 -7.61
N TYR G 59 -5.36 43.28 -6.79
CA TYR G 59 -4.52 44.47 -6.76
C TYR G 59 -3.52 44.62 -5.61
N THR G 60 -3.13 43.51 -4.98
CA THR G 60 -2.18 43.58 -3.87
C THR G 60 -0.77 43.19 -4.33
N ALA G 61 0.11 44.18 -4.49
CA ALA G 61 1.49 43.89 -4.89
C ALA G 61 2.19 43.15 -3.74
N PRO G 62 3.07 42.20 -4.07
CA PRO G 62 3.77 41.47 -3.00
C PRO G 62 4.54 42.34 -2.00
N SER G 63 4.99 43.51 -2.45
CA SER G 63 5.74 44.42 -1.58
C SER G 63 4.82 45.25 -0.67
N ARG G 64 3.53 45.26 -1.00
CA ARG G 64 2.55 46.05 -0.24
C ARG G 64 1.67 45.25 0.71
N LEU G 65 2.07 44.02 1.04
CA LEU G 65 1.27 43.22 1.96
C LEU G 65 1.05 43.94 3.29
N GLU G 66 2.10 44.52 3.86
CA GLU G 66 1.95 45.25 5.11
C GLU G 66 1.20 46.56 4.93
N GLU G 67 1.49 47.26 3.84
CA GLU G 67 0.83 48.54 3.56
C GLU G 67 -0.68 48.37 3.45
N LEU G 68 -1.12 47.33 2.73
CA LEU G 68 -2.54 47.07 2.56
C LEU G 68 -3.07 46.19 3.68
N LEU G 69 -2.19 45.87 4.63
CA LEU G 69 -2.56 45.04 5.79
C LEU G 69 -3.20 43.70 5.41
N PHE G 70 -2.66 43.04 4.38
CA PHE G 70 -3.16 41.73 3.94
C PHE G 70 -1.99 40.75 4.03
N SER G 71 -2.30 39.47 4.23
CA SER G 71 -1.25 38.45 4.41
C SER G 71 -0.51 37.76 3.25
N ALA G 72 -1.09 37.72 2.06
CA ALA G 72 -0.40 37.08 0.92
C ALA G 72 -1.05 37.38 -0.44
N VAL G 73 -0.35 37.01 -1.51
CA VAL G 73 -0.88 37.25 -2.86
C VAL G 73 -1.67 36.03 -3.28
N LEU G 74 -2.98 36.20 -3.44
CA LEU G 74 -3.85 35.10 -3.80
C LEU G 74 -4.05 34.86 -5.27
N LYS G 75 -4.43 33.63 -5.57
CA LYS G 75 -4.75 33.26 -6.95
C LYS G 75 -6.24 33.60 -6.97
N ALA G 76 -6.54 34.85 -7.30
CA ALA G 76 -7.89 35.41 -7.33
C ALA G 76 -9.05 34.52 -7.73
N ASP G 77 -9.03 34.02 -8.98
CA ASP G 77 -10.12 33.18 -9.47
C ASP G 77 -10.41 32.00 -8.57
N THR G 78 -9.35 31.40 -8.04
CA THR G 78 -9.53 30.24 -7.17
C THR G 78 -10.12 30.66 -5.83
N ALA G 79 -9.60 31.73 -5.24
CA ALA G 79 -10.10 32.19 -3.95
C ALA G 79 -11.58 32.54 -4.08
N ILE G 80 -11.94 33.13 -5.20
CA ILE G 80 -13.33 33.53 -5.43
C ILE G 80 -14.26 32.31 -5.50
N GLU G 81 -13.84 31.27 -6.22
CA GLU G 81 -14.65 30.07 -6.31
C GLU G 81 -14.78 29.39 -4.94
N GLU G 82 -13.71 29.44 -4.15
CA GLU G 82 -13.75 28.84 -2.83
C GLU G 82 -14.76 29.59 -1.95
N HIS G 83 -14.79 30.91 -2.07
CA HIS G 83 -15.73 31.69 -1.28
C HIS G 83 -17.16 31.35 -1.68
N LYS G 84 -17.39 31.16 -2.98
CA LYS G 84 -18.73 30.79 -3.43
C LYS G 84 -19.13 29.42 -2.86
N GLY G 85 -18.14 28.56 -2.68
CA GLY G 85 -18.41 27.25 -2.11
C GLY G 85 -18.86 27.42 -0.68
N PHE G 86 -18.22 28.36 0.02
CA PHE G 86 -18.55 28.69 1.42
C PHE G 86 -20.01 29.16 1.46
N VAL G 87 -20.34 30.09 0.58
CA VAL G 87 -21.67 30.66 0.48
C VAL G 87 -22.70 29.56 0.22
N LYS G 88 -22.37 28.67 -0.73
CA LYS G 88 -23.26 27.60 -1.10
C LYS G 88 -23.65 26.72 0.09
N ILE G 89 -22.68 26.38 0.93
CA ILE G 89 -22.97 25.55 2.09
C ILE G 89 -23.94 26.25 3.03
N LEU G 90 -23.76 27.55 3.23
CA LEU G 90 -24.65 28.31 4.10
C LEU G 90 -26.06 28.28 3.50
N GLN G 91 -26.17 28.54 2.20
CA GLN G 91 -27.48 28.53 1.56
C GLN G 91 -28.13 27.15 1.65
N ASN G 92 -27.32 26.10 1.49
CA ASN G 92 -27.86 24.74 1.56
C ASN G 92 -28.39 24.38 2.95
N ASN G 93 -28.06 25.22 3.93
CA ASN G 93 -28.54 25.00 5.28
C ASN G 93 -29.69 25.95 5.62
N GLY G 94 -30.33 26.48 4.58
CA GLY G 94 -31.46 27.36 4.75
C GLY G 94 -31.16 28.78 5.19
N ILE G 95 -29.89 29.17 5.17
CA ILE G 95 -29.50 30.52 5.57
C ILE G 95 -29.62 31.52 4.42
N LYS G 96 -30.17 32.70 4.70
CA LYS G 96 -30.28 33.73 3.69
C LYS G 96 -28.94 34.47 3.70
N VAL G 97 -28.20 34.35 2.61
CA VAL G 97 -26.88 34.98 2.50
C VAL G 97 -27.01 36.29 1.74
N ILE G 98 -26.63 37.38 2.40
CA ILE G 98 -26.69 38.70 1.79
C ILE G 98 -25.30 39.24 1.44
N GLN G 99 -25.15 39.58 0.16
CA GLN G 99 -23.91 40.12 -0.40
C GLN G 99 -23.84 41.62 -0.07
N LEU G 100 -22.74 42.06 0.53
CA LEU G 100 -22.57 43.48 0.89
C LEU G 100 -22.82 44.42 -0.30
N CYS G 101 -22.28 44.07 -1.47
CA CYS G 101 -22.46 44.88 -2.66
C CYS G 101 -23.93 45.04 -3.07
N ASP G 102 -24.74 44.00 -2.85
CA ASP G 102 -26.16 44.07 -3.20
C ASP G 102 -26.93 44.91 -2.19
N LEU G 103 -26.58 44.75 -0.91
CA LEU G 103 -27.24 45.51 0.14
C LEU G 103 -26.97 47.01 -0.07
N VAL G 104 -25.72 47.35 -0.39
CA VAL G 104 -25.36 48.73 -0.63
C VAL G 104 -26.05 49.26 -1.88
N ALA G 105 -26.09 48.46 -2.94
CA ALA G 105 -26.72 48.90 -4.17
C ALA G 105 -28.22 49.13 -3.94
N GLU G 106 -28.84 48.26 -3.16
CA GLU G 106 -30.26 48.33 -2.85
C GLU G 106 -30.56 49.63 -2.10
N THR G 107 -29.70 49.97 -1.16
CA THR G 107 -29.85 51.19 -0.37
C THR G 107 -29.74 52.41 -1.27
N TYR G 108 -28.73 52.40 -2.13
CA TYR G 108 -28.47 53.49 -3.05
C TYR G 108 -29.70 53.83 -3.90
N GLU G 109 -30.34 52.81 -4.46
CA GLU G 109 -31.52 53.00 -5.30
C GLU G 109 -32.66 53.73 -4.57
N LEU G 110 -32.80 53.46 -3.28
CA LEU G 110 -33.84 54.05 -2.47
C LEU G 110 -33.52 55.47 -1.98
N CYS G 111 -32.27 55.89 -2.11
CA CYS G 111 -31.87 57.21 -1.65
C CYS G 111 -32.16 58.33 -2.64
N SER G 112 -32.19 59.55 -2.13
CA SER G 112 -32.43 60.73 -2.95
C SER G 112 -31.16 61.07 -3.70
N LYS G 113 -31.28 61.84 -4.78
CA LYS G 113 -30.12 62.22 -5.57
C LYS G 113 -29.02 62.91 -4.75
N GLU G 114 -29.42 63.69 -3.76
CA GLU G 114 -28.45 64.38 -2.92
C GLU G 114 -27.73 63.44 -1.96
N VAL G 115 -28.45 62.44 -1.44
CA VAL G 115 -27.83 61.49 -0.53
C VAL G 115 -26.90 60.58 -1.32
N ARG G 116 -27.34 60.18 -2.51
CA ARG G 116 -26.56 59.32 -3.39
C ARG G 116 -25.21 59.99 -3.65
N ASN G 117 -25.28 61.24 -4.09
CA ASN G 117 -24.07 62.00 -4.37
C ASN G 117 -23.23 62.19 -3.11
N SER G 118 -23.89 62.23 -1.96
CA SER G 118 -23.22 62.38 -0.68
C SER G 118 -22.30 61.19 -0.44
N PHE G 119 -22.80 60.01 -0.82
CA PHE G 119 -22.09 58.76 -0.68
C PHE G 119 -20.84 58.73 -1.58
N ILE G 120 -21.04 59.07 -2.85
CA ILE G 120 -19.94 59.09 -3.80
C ILE G 120 -18.84 60.05 -3.37
N GLU G 121 -19.24 61.24 -2.91
CA GLU G 121 -18.29 62.26 -2.48
C GLU G 121 -17.46 61.80 -1.28
N GLN G 122 -18.09 61.15 -0.32
CA GLN G 122 -17.36 60.69 0.87
C GLN G 122 -16.35 59.64 0.44
N TYR G 123 -16.73 58.81 -0.52
CA TYR G 123 -15.83 57.77 -1.00
C TYR G 123 -14.58 58.41 -1.60
N LEU G 124 -14.80 59.40 -2.46
CA LEU G 124 -13.69 60.10 -3.10
C LEU G 124 -12.81 60.78 -2.07
N ASP G 125 -13.40 61.24 -0.97
CA ASP G 125 -12.63 61.92 0.07
C ASP G 125 -11.72 60.97 0.83
N GLU G 126 -12.22 59.78 1.11
CA GLU G 126 -11.44 58.80 1.86
C GLU G 126 -10.52 57.93 0.99
N ALA G 127 -10.57 58.12 -0.32
CA ALA G 127 -9.77 57.32 -1.23
C ALA G 127 -8.27 57.46 -0.98
N LEU G 128 -7.56 56.36 -1.20
CA LEU G 128 -6.11 56.32 -1.05
C LEU G 128 -5.53 55.52 -2.22
N PRO G 129 -4.47 56.04 -2.86
CA PRO G 129 -3.79 57.32 -2.56
C PRO G 129 -4.73 58.50 -2.80
N VAL G 130 -4.47 59.61 -2.11
CA VAL G 130 -5.29 60.81 -2.25
C VAL G 130 -5.45 61.20 -3.72
N LEU G 131 -6.67 61.54 -4.11
CA LEU G 131 -6.96 61.91 -5.49
C LEU G 131 -6.52 63.35 -5.84
N LYS G 132 -5.89 63.50 -7.01
CA LYS G 132 -5.46 64.82 -7.46
C LYS G 132 -6.71 65.56 -7.96
N LYS G 133 -6.75 66.87 -7.75
CA LYS G 133 -7.90 67.67 -8.15
C LYS G 133 -8.45 67.40 -9.55
N GLU G 134 -7.58 67.30 -10.55
CA GLU G 134 -8.05 67.06 -11.92
C GLU G 134 -8.39 65.61 -12.23
N ILE G 135 -8.05 64.70 -11.32
CA ILE G 135 -8.34 63.29 -11.51
C ILE G 135 -9.66 62.92 -10.85
N ARG G 136 -9.99 63.63 -9.78
CA ARG G 136 -11.22 63.38 -9.03
C ARG G 136 -12.47 63.34 -9.92
N PRO G 137 -12.70 64.40 -10.72
CA PRO G 137 -13.89 64.38 -11.58
C PRO G 137 -13.86 63.27 -12.64
N VAL G 138 -12.67 62.81 -13.02
CA VAL G 138 -12.56 61.73 -13.99
C VAL G 138 -13.02 60.43 -13.34
N VAL G 139 -12.64 60.26 -12.08
CA VAL G 139 -13.01 59.09 -11.30
C VAL G 139 -14.52 59.05 -11.12
N LYS G 140 -15.07 60.18 -10.73
CA LYS G 140 -16.50 60.30 -10.48
C LYS G 140 -17.35 59.96 -11.71
N ASP G 141 -16.98 60.48 -12.87
CA ASP G 141 -17.74 60.18 -14.07
C ASP G 141 -17.65 58.71 -14.40
N TYR G 142 -16.46 58.14 -14.20
CA TYR G 142 -16.22 56.72 -14.46
C TYR G 142 -17.18 55.89 -13.62
N LEU G 143 -17.19 56.16 -12.32
CA LEU G 143 -18.05 55.43 -11.40
C LEU G 143 -19.53 55.50 -11.79
N LEU G 144 -19.97 56.71 -12.14
CA LEU G 144 -21.36 56.93 -12.49
C LEU G 144 -21.78 56.35 -13.85
N SER G 145 -20.82 55.90 -14.64
CA SER G 145 -21.13 55.33 -15.95
C SER G 145 -21.51 53.85 -15.86
N PHE G 146 -21.36 53.28 -14.66
CA PHE G 146 -21.68 51.87 -14.43
C PHE G 146 -23.03 51.68 -13.75
N PRO G 147 -23.67 50.53 -14.01
CA PRO G 147 -24.97 50.27 -13.36
C PRO G 147 -24.68 50.26 -11.86
N THR G 148 -25.69 50.52 -11.04
CA THR G 148 -25.48 50.59 -9.59
C THR G 148 -24.57 49.54 -8.94
N VAL G 149 -24.91 48.27 -9.06
CA VAL G 149 -24.12 47.22 -8.42
C VAL G 149 -22.66 47.18 -8.90
N GLN G 150 -22.45 47.39 -10.20
CA GLN G 150 -21.10 47.39 -10.76
C GLN G 150 -20.32 48.59 -10.26
N MET G 151 -21.01 49.69 -10.03
CA MET G 151 -20.36 50.90 -9.52
C MET G 151 -19.86 50.63 -8.11
N VAL G 152 -20.70 49.98 -7.31
CA VAL G 152 -20.33 49.67 -5.93
C VAL G 152 -19.08 48.77 -5.95
N ARG G 153 -19.07 47.80 -6.86
CA ARG G 153 -17.97 46.86 -6.99
C ARG G 153 -16.67 47.57 -7.34
N LYS G 154 -16.75 48.61 -8.17
CA LYS G 154 -15.56 49.38 -8.55
C LYS G 154 -15.04 50.12 -7.33
N MET G 155 -15.96 50.65 -6.53
CA MET G 155 -15.59 51.38 -5.32
C MET G 155 -14.87 50.43 -4.36
N MET G 156 -15.32 49.18 -4.32
CA MET G 156 -14.72 48.18 -3.44
C MET G 156 -13.39 47.64 -3.97
N SER G 157 -13.34 47.44 -5.29
CA SER G 157 -12.14 46.89 -5.93
C SER G 157 -10.97 47.84 -6.08
N GLY G 158 -11.25 49.12 -6.22
CA GLY G 158 -10.20 50.09 -6.43
C GLY G 158 -10.18 50.35 -7.93
N ILE G 159 -9.35 51.29 -8.38
CA ILE G 159 -9.30 51.62 -9.81
C ILE G 159 -7.87 51.67 -10.35
N LEU G 160 -7.63 51.02 -11.49
CA LEU G 160 -6.32 51.00 -12.12
C LEU G 160 -6.16 52.21 -13.03
N ALA G 161 -4.94 52.73 -13.14
CA ALA G 161 -4.70 53.86 -14.00
C ALA G 161 -5.06 53.52 -15.45
N ASN G 162 -4.86 52.26 -15.85
CA ASN G 162 -5.19 51.82 -17.20
C ASN G 162 -6.66 52.08 -17.52
N GLU G 163 -7.52 51.76 -16.55
CA GLU G 163 -8.96 51.94 -16.69
C GLU G 163 -9.35 53.35 -17.12
N LEU G 164 -8.61 54.32 -16.60
CA LEU G 164 -8.90 55.73 -16.89
C LEU G 164 -8.00 56.27 -17.99
N ASN G 165 -7.25 55.38 -18.63
CA ASN G 165 -6.35 55.77 -19.70
C ASN G 165 -5.37 56.85 -19.23
N ILE G 166 -4.91 56.71 -17.99
CA ILE G 166 -3.95 57.63 -17.38
C ILE G 166 -2.58 56.97 -17.24
N LYS G 167 -1.53 57.79 -17.28
CA LYS G 167 -0.16 57.30 -17.16
C LYS G 167 0.61 57.98 -16.02
N GLN G 168 1.15 57.18 -15.11
CA GLN G 168 1.90 57.68 -13.96
C GLN G 168 2.76 56.54 -13.40
N ASP G 169 3.36 56.77 -12.24
CA ASP G 169 4.19 55.75 -11.60
C ASP G 169 3.34 54.64 -10.98
N ASN G 170 2.54 55.00 -9.98
CA ASN G 170 1.69 54.05 -9.30
C ASN G 170 0.64 53.53 -10.29
N PRO G 171 0.56 52.20 -10.47
CA PRO G 171 -0.41 51.60 -11.40
C PRO G 171 -1.86 51.71 -10.94
N LEU G 172 -2.06 52.06 -9.68
CA LEU G 172 -3.40 52.21 -9.10
C LEU G 172 -3.78 53.67 -8.84
N ILE G 173 -4.97 54.08 -9.28
CA ILE G 173 -5.44 55.44 -9.04
C ILE G 173 -6.04 55.43 -7.63
N ILE G 174 -6.71 54.32 -7.31
CA ILE G 174 -7.32 54.14 -6.00
C ILE G 174 -7.10 52.70 -5.56
N ASP G 175 -6.56 52.50 -4.36
CA ASP G 175 -6.32 51.15 -3.85
C ASP G 175 -7.64 50.42 -3.63
N GLY G 176 -7.57 49.10 -3.72
CA GLY G 176 -8.76 48.30 -3.48
C GLY G 176 -8.77 48.04 -1.98
N MET G 177 -9.83 47.42 -1.49
CA MET G 177 -9.96 47.11 -0.09
C MET G 177 -10.01 45.58 -0.01
N PRO G 178 -8.83 44.94 -0.12
CA PRO G 178 -8.74 43.47 -0.07
C PRO G 178 -9.38 42.75 1.11
N ASN G 179 -9.46 43.42 2.27
CA ASN G 179 -10.05 42.79 3.45
C ASN G 179 -11.59 42.83 3.50
N LEU G 180 -12.23 43.36 2.46
CA LEU G 180 -13.69 43.45 2.48
C LEU G 180 -14.39 42.11 2.71
N TYR G 181 -13.84 41.02 2.22
CA TYR G 181 -14.50 39.74 2.44
C TYR G 181 -14.54 39.31 3.91
N PHE G 182 -13.86 40.05 4.77
CA PHE G 182 -13.87 39.77 6.21
C PHE G 182 -14.95 40.69 6.81
N THR G 183 -16.21 40.38 6.52
CA THR G 183 -17.33 41.18 7.00
C THR G 183 -17.51 41.21 8.51
N ARG G 184 -16.66 40.49 9.23
CA ARG G 184 -16.74 40.47 10.69
C ARG G 184 -16.17 41.74 11.32
N ASP G 185 -15.40 42.51 10.55
CA ASP G 185 -14.75 43.70 11.09
C ASP G 185 -15.45 45.07 11.06
N PRO G 186 -15.95 45.52 9.91
CA PRO G 186 -16.63 46.82 9.83
C PRO G 186 -17.66 47.08 10.94
N PHE G 187 -18.49 46.09 11.23
CA PHE G 187 -19.48 46.25 12.28
C PHE G 187 -19.85 44.88 12.83
N ALA G 188 -20.31 44.84 14.07
CA ALA G 188 -20.69 43.59 14.69
C ALA G 188 -22.11 43.67 15.26
N SER G 189 -22.95 42.70 14.91
CA SER G 189 -24.30 42.68 15.43
C SER G 189 -24.19 42.48 16.93
N MET G 190 -25.07 43.13 17.67
CA MET G 190 -25.02 43.06 19.13
C MET G 190 -26.45 43.10 19.65
N GLY G 191 -27.05 41.93 19.83
CA GLY G 191 -28.41 41.86 20.32
C GLY G 191 -29.38 42.47 19.32
N ASN G 192 -29.97 43.61 19.66
CA ASN G 192 -30.91 44.28 18.78
C ASN G 192 -30.26 45.50 18.12
N GLY G 193 -29.00 45.74 18.48
CA GLY G 193 -28.28 46.86 17.91
C GLY G 193 -26.98 46.43 17.24
N VAL G 194 -26.17 47.41 16.84
CA VAL G 194 -24.91 47.10 16.18
C VAL G 194 -23.78 47.98 16.69
N SER G 195 -22.57 47.49 16.50
CA SER G 195 -21.39 48.22 16.91
C SER G 195 -20.59 48.51 15.66
N ILE G 196 -20.67 49.74 15.15
CA ILE G 196 -19.90 50.09 13.98
C ILE G 196 -18.51 50.40 14.53
N ASN G 197 -17.61 49.43 14.33
CA ASN G 197 -16.25 49.46 14.83
C ASN G 197 -15.27 50.52 14.34
N CYS G 198 -14.30 50.83 15.20
CA CYS G 198 -13.26 51.81 14.90
C CYS G 198 -11.98 51.04 14.56
N MET G 199 -11.75 50.84 13.26
CA MET G 199 -10.58 50.12 12.74
C MET G 199 -9.29 50.86 13.12
N LYS G 200 -8.16 50.16 13.08
CA LYS G 200 -6.90 50.77 13.46
C LYS G 200 -6.22 51.59 12.35
N TYR G 201 -5.94 50.95 11.21
CA TYR G 201 -5.27 51.66 10.12
C TYR G 201 -6.20 52.16 9.03
N PRO G 202 -6.01 53.43 8.59
CA PRO G 202 -6.81 54.08 7.55
C PRO G 202 -7.12 53.19 6.34
N THR G 203 -6.23 52.26 6.02
CA THR G 203 -6.45 51.36 4.89
C THR G 203 -7.73 50.56 5.07
N ARG G 204 -8.02 50.21 6.31
CA ARG G 204 -9.21 49.42 6.62
C ARG G 204 -10.40 50.25 7.07
N LYS G 205 -10.16 51.47 7.52
CA LYS G 205 -11.24 52.33 7.95
C LYS G 205 -12.10 52.70 6.75
N ARG G 206 -11.53 52.60 5.55
CA ARG G 206 -12.24 52.90 4.30
C ARG G 206 -13.40 51.95 4.06
N GLU G 207 -13.32 50.76 4.66
CA GLU G 207 -14.34 49.72 4.50
C GLU G 207 -15.67 50.04 5.17
N VAL G 208 -15.63 50.79 6.27
CA VAL G 208 -16.83 51.15 7.00
C VAL G 208 -17.90 51.92 6.22
N ILE G 209 -17.49 52.74 5.27
CA ILE G 209 -18.45 53.52 4.50
C ILE G 209 -19.62 52.73 3.90
N PHE G 210 -19.38 51.47 3.52
CA PHE G 210 -20.43 50.67 2.90
C PHE G 210 -21.57 50.26 3.84
N SER G 211 -21.24 49.56 4.91
CA SER G 211 -22.27 49.12 5.84
C SER G 211 -22.87 50.30 6.60
N ARG G 212 -22.07 51.35 6.83
CA ARG G 212 -22.55 52.52 7.55
C ARG G 212 -23.61 53.20 6.72
N PHE G 213 -23.40 53.21 5.41
CA PHE G 213 -24.34 53.80 4.45
C PHE G 213 -25.67 53.05 4.53
N VAL G 214 -25.60 51.74 4.77
CA VAL G 214 -26.78 50.90 4.86
C VAL G 214 -27.55 51.15 6.17
N PHE G 215 -26.82 51.24 7.27
CA PHE G 215 -27.45 51.49 8.57
C PHE G 215 -27.96 52.92 8.74
N THR G 216 -27.60 53.78 7.80
CA THR G 216 -28.02 55.17 7.85
C THR G 216 -29.23 55.45 6.95
N ASN G 217 -29.31 54.77 5.81
CA ASN G 217 -30.40 55.01 4.87
C ASN G 217 -31.36 53.87 4.55
N ASN G 218 -30.94 52.62 4.70
CA ASN G 218 -31.85 51.52 4.37
C ASN G 218 -32.95 51.43 5.42
N PRO G 219 -34.22 51.48 4.96
CA PRO G 219 -35.36 51.42 5.87
C PRO G 219 -35.39 50.20 6.79
N LYS G 220 -34.83 49.09 6.32
CA LYS G 220 -34.82 47.88 7.13
C LYS G 220 -33.81 47.92 8.28
N TYR G 221 -32.80 48.76 8.16
CA TYR G 221 -31.77 48.85 9.20
C TYR G 221 -31.60 50.25 9.80
N LYS G 222 -32.16 51.25 9.12
CA LYS G 222 -32.08 52.65 9.53
C LYS G 222 -32.28 52.90 11.03
N ASN G 223 -33.26 52.22 11.64
CA ASN G 223 -33.56 52.42 13.04
C ASN G 223 -32.85 51.48 14.00
N THR G 224 -31.80 50.81 13.52
CA THR G 224 -31.04 49.91 14.36
C THR G 224 -30.22 50.77 15.32
N PRO G 225 -30.35 50.53 16.63
CA PRO G 225 -29.59 51.31 17.61
C PRO G 225 -28.09 51.02 17.54
N ARG G 226 -27.28 52.06 17.53
CA ARG G 226 -25.83 51.89 17.44
C ARG G 226 -25.18 51.97 18.82
N TYR G 227 -24.86 50.82 19.39
CA TYR G 227 -24.23 50.80 20.71
C TYR G 227 -22.78 51.29 20.63
N PHE G 228 -22.35 51.58 19.41
CA PHE G 228 -21.03 52.14 19.18
C PHE G 228 -20.97 52.57 17.74
N ASP G 229 -20.30 53.69 17.50
CA ASP G 229 -20.15 54.22 16.16
C ASP G 229 -18.83 54.99 16.16
N ILE G 230 -18.37 55.36 14.98
CA ILE G 230 -17.11 56.07 14.84
C ILE G 230 -17.24 57.58 15.06
N VAL G 231 -18.36 58.03 15.63
CA VAL G 231 -18.51 59.46 15.80
C VAL G 231 -18.84 60.02 17.18
N GLY G 232 -19.80 59.43 17.89
CA GLY G 232 -20.13 59.98 19.18
C GLY G 232 -19.78 59.14 20.40
N ASN G 233 -18.60 58.54 20.40
CA ASN G 233 -18.19 57.72 21.53
C ASN G 233 -16.71 57.87 21.83
N ASN G 234 -16.23 57.08 22.77
CA ASN G 234 -14.81 57.13 23.16
C ASN G 234 -14.14 55.77 23.02
N GLY G 235 -12.83 55.79 22.79
CA GLY G 235 -12.06 54.57 22.67
C GLY G 235 -12.11 53.89 21.31
N THR G 236 -11.63 52.66 21.27
CA THR G 236 -11.60 51.88 20.05
C THR G 236 -12.11 50.46 20.31
N ILE G 237 -12.66 49.84 19.29
CA ILE G 237 -13.19 48.48 19.40
C ILE G 237 -13.20 47.82 18.02
N GLU G 238 -12.95 46.51 17.98
CA GLU G 238 -12.96 45.78 16.71
C GLU G 238 -13.80 44.51 16.81
N GLY G 239 -14.33 44.07 15.66
CA GLY G 239 -15.18 42.89 15.61
C GLY G 239 -14.66 41.62 16.25
N GLY G 240 -13.37 41.37 16.14
CA GLY G 240 -12.80 40.16 16.70
C GLY G 240 -12.91 40.04 18.21
N ASP G 241 -13.20 41.14 18.89
CA ASP G 241 -13.32 41.09 20.36
C ASP G 241 -14.75 41.01 20.87
N ILE G 242 -15.72 41.06 19.96
CA ILE G 242 -17.13 41.03 20.34
C ILE G 242 -17.81 39.67 20.21
N PHE G 243 -18.34 39.18 21.32
CA PHE G 243 -19.06 37.91 21.37
C PHE G 243 -20.37 38.05 22.15
N ILE G 244 -21.41 37.36 21.69
CA ILE G 244 -22.70 37.39 22.37
C ILE G 244 -22.98 35.97 22.85
N TYR G 245 -22.82 35.71 24.14
CA TYR G 245 -23.04 34.37 24.66
C TYR G 245 -24.51 33.96 24.87
N ASN G 246 -25.35 34.91 25.27
CA ASN G 246 -26.77 34.62 25.47
C ASN G 246 -27.59 35.91 25.53
N SER G 247 -28.89 35.77 25.74
CA SER G 247 -29.78 36.93 25.80
C SER G 247 -29.40 38.00 26.80
N LYS G 248 -28.71 37.61 27.87
CA LYS G 248 -28.34 38.56 28.92
C LYS G 248 -26.86 38.91 29.00
N THR G 249 -26.00 38.04 28.47
CA THR G 249 -24.57 38.28 28.57
C THR G 249 -23.81 38.60 27.29
N LEU G 250 -23.02 39.67 27.37
CA LEU G 250 -22.20 40.13 26.26
C LEU G 250 -20.75 39.90 26.71
N VAL G 251 -19.93 39.32 25.85
CA VAL G 251 -18.53 39.06 26.21
C VAL G 251 -17.61 39.82 25.26
N ILE G 252 -16.84 40.76 25.80
CA ILE G 252 -15.92 41.55 24.99
C ILE G 252 -14.50 41.43 25.50
N GLY G 253 -13.55 41.42 24.58
CA GLY G 253 -12.17 41.29 24.97
C GLY G 253 -11.48 42.63 25.11
N ASN G 254 -10.70 42.76 26.18
CA ASN G 254 -9.95 43.98 26.41
C ASN G 254 -8.58 43.67 25.83
N SER G 255 -8.38 44.11 24.59
CA SER G 255 -7.13 43.85 23.90
C SER G 255 -6.43 45.12 23.45
N GLU G 256 -5.43 44.91 22.59
CA GLU G 256 -4.65 46.00 22.04
C GLU G 256 -5.53 46.81 21.09
N ARG G 257 -6.63 46.22 20.66
CA ARG G 257 -7.55 46.89 19.73
C ARG G 257 -8.83 47.40 20.37
N THR G 258 -9.16 46.87 21.55
CA THR G 258 -10.38 47.29 22.24
C THR G 258 -10.06 47.67 23.68
N ASN G 259 -10.36 48.91 24.03
CA ASN G 259 -10.10 49.42 25.38
C ASN G 259 -11.35 49.66 26.23
N PHE G 260 -11.14 49.92 27.52
CA PHE G 260 -12.24 50.16 28.45
C PHE G 260 -13.13 51.33 28.02
N ALA G 261 -12.52 52.34 27.41
CA ALA G 261 -13.26 53.52 26.95
C ALA G 261 -14.41 53.15 26.03
N ALA G 262 -14.11 52.31 25.04
CA ALA G 262 -15.12 51.88 24.08
C ALA G 262 -16.14 50.97 24.76
N ILE G 263 -15.68 50.11 25.65
CA ILE G 263 -16.57 49.19 26.36
C ILE G 263 -17.57 49.96 27.22
N GLU G 264 -17.12 51.06 27.83
CA GLU G 264 -17.99 51.87 28.67
C GLU G 264 -19.04 52.53 27.79
N SER G 265 -18.60 53.07 26.65
CA SER G 265 -19.51 53.73 25.72
C SER G 265 -20.63 52.74 25.35
N VAL G 266 -20.24 51.50 25.06
CA VAL G 266 -21.18 50.46 24.68
C VAL G 266 -22.16 50.18 25.82
N ALA G 267 -21.61 50.07 27.03
CA ALA G 267 -22.42 49.80 28.21
C ALA G 267 -23.51 50.87 28.41
N LYS G 268 -23.11 52.13 28.36
CA LYS G 268 -24.04 53.24 28.52
C LYS G 268 -25.09 53.27 27.43
N ASN G 269 -24.67 53.10 26.18
CA ASN G 269 -25.60 53.12 25.06
C ASN G 269 -26.62 51.99 25.19
N ILE G 270 -26.23 50.89 25.79
CA ILE G 270 -27.14 49.75 25.99
C ILE G 270 -28.14 50.08 27.08
N GLN G 271 -27.67 50.68 28.17
CA GLN G 271 -28.54 51.05 29.27
C GLN G 271 -29.63 52.00 28.77
N ALA G 272 -29.30 52.83 27.79
CA ALA G 272 -30.23 53.80 27.22
C ALA G 272 -31.26 53.20 26.27
N ASN G 273 -31.15 51.90 26.00
CA ASN G 273 -32.10 51.24 25.11
C ASN G 273 -33.06 50.36 25.91
N LYS G 274 -34.35 50.56 25.69
CA LYS G 274 -35.38 49.84 26.42
C LYS G 274 -35.64 48.40 25.97
N ASP G 275 -35.53 48.15 24.67
CA ASP G 275 -35.78 46.81 24.12
C ASP G 275 -34.66 45.80 24.35
N CYS G 276 -33.41 46.26 24.36
CA CYS G 276 -32.26 45.38 24.55
C CYS G 276 -32.40 44.54 25.83
N THR G 277 -32.08 43.24 25.74
CA THR G 277 -32.18 42.33 26.88
C THR G 277 -30.86 42.08 27.64
N PHE G 278 -29.77 42.67 27.17
CA PHE G 278 -28.47 42.48 27.81
C PHE G 278 -28.52 43.06 29.22
N GLU G 279 -27.97 42.32 30.18
CA GLU G 279 -27.96 42.74 31.57
C GLU G 279 -26.56 42.68 32.16
N ARG G 280 -25.64 42.11 31.40
CA ARG G 280 -24.28 41.96 31.90
C ARG G 280 -23.23 41.92 30.79
N ILE G 281 -22.03 42.38 31.11
CA ILE G 281 -20.93 42.39 30.16
C ILE G 281 -19.70 41.81 30.86
N VAL G 282 -19.12 40.77 30.28
CA VAL G 282 -17.94 40.17 30.85
C VAL G 282 -16.76 40.55 29.97
N VAL G 283 -15.83 41.32 30.54
CA VAL G 283 -14.67 41.76 29.80
C VAL G 283 -13.50 40.85 30.13
N ILE G 284 -12.93 40.24 29.08
CA ILE G 284 -11.79 39.35 29.26
C ILE G 284 -10.53 40.05 28.80
N ASN G 285 -9.51 40.04 29.65
CA ASN G 285 -8.23 40.68 29.34
C ASN G 285 -7.42 39.82 28.38
N VAL G 286 -7.03 40.42 27.25
CA VAL G 286 -6.24 39.73 26.22
C VAL G 286 -4.91 40.48 26.02
N PRO G 287 -3.87 40.10 26.78
CA PRO G 287 -2.55 40.74 26.68
C PRO G 287 -1.94 40.72 25.28
N PRO G 288 -1.30 41.83 24.86
CA PRO G 288 -0.67 41.95 23.55
C PRO G 288 0.51 41.00 23.33
N MET G 289 0.31 39.72 23.63
CA MET G 289 1.35 38.71 23.46
C MET G 289 1.69 38.57 21.97
N PRO G 290 2.68 37.70 21.64
CA PRO G 290 3.06 37.50 20.25
C PRO G 290 1.86 37.12 19.36
N ASN G 291 1.48 38.05 18.48
CA ASN G 291 0.34 37.85 17.59
C ASN G 291 -0.95 37.81 18.40
N LEU G 292 -1.94 37.08 17.91
CA LEU G 292 -3.23 36.97 18.61
C LEU G 292 -3.68 38.35 19.12
N MET G 293 -4.21 39.14 18.20
CA MET G 293 -4.68 40.49 18.50
C MET G 293 -5.97 40.52 19.30
N HIS G 294 -7.01 39.85 18.79
CA HIS G 294 -8.30 39.82 19.46
C HIS G 294 -8.57 38.55 20.23
N LEU G 295 -9.66 38.57 20.98
CA LEU G 295 -10.09 37.45 21.79
C LEU G 295 -10.45 36.23 20.95
N ASP G 296 -11.01 36.47 19.77
CA ASP G 296 -11.44 35.38 18.89
C ASP G 296 -10.34 34.35 18.61
N THR G 297 -9.10 34.79 18.50
CA THR G 297 -8.02 33.84 18.25
C THR G 297 -7.64 33.11 19.54
N TRP G 298 -8.39 33.36 20.61
CA TRP G 298 -8.15 32.73 21.91
C TRP G 298 -9.31 31.80 22.31
N LEU G 299 -10.53 32.24 22.05
CA LEU G 299 -11.72 31.46 22.44
C LEU G 299 -12.95 31.72 21.58
N THR G 300 -13.67 30.66 21.25
CA THR G 300 -14.91 30.76 20.46
C THR G 300 -15.93 29.78 21.04
N MET G 301 -17.20 30.08 20.86
CA MET G 301 -18.29 29.25 21.37
C MET G 301 -18.97 28.51 20.21
N LEU G 302 -19.06 27.18 20.34
CA LEU G 302 -19.64 26.34 19.28
C LEU G 302 -20.95 25.64 19.63
N ASP G 303 -21.26 25.56 20.91
CA ASP G 303 -22.49 24.91 21.35
C ASP G 303 -22.85 25.52 22.71
N TYR G 304 -23.96 25.08 23.30
CA TYR G 304 -24.38 25.60 24.60
C TYR G 304 -23.28 25.48 25.65
N ASP G 305 -22.53 24.39 25.59
CA ASP G 305 -21.48 24.14 26.57
C ASP G 305 -20.15 23.69 25.96
N LYS G 306 -19.93 23.99 24.68
CA LYS G 306 -18.69 23.58 24.05
C LYS G 306 -17.92 24.78 23.50
N PHE G 307 -16.62 24.81 23.79
CA PHE G 307 -15.77 25.91 23.35
C PHE G 307 -14.47 25.43 22.74
N LEU G 308 -13.93 26.25 21.84
CA LEU G 308 -12.68 25.95 21.17
C LEU G 308 -11.70 27.01 21.67
N TYR G 309 -10.53 26.60 22.13
CA TYR G 309 -9.57 27.56 22.66
C TYR G 309 -8.12 27.29 22.27
N SER G 310 -7.30 28.33 22.31
CA SER G 310 -5.89 28.23 21.98
C SER G 310 -5.09 27.67 23.16
N PRO G 311 -4.42 26.53 22.97
CA PRO G 311 -3.64 25.96 24.07
C PRO G 311 -2.48 26.87 24.51
N ASN G 312 -2.26 27.95 23.76
CA ASN G 312 -1.19 28.88 24.07
C ASN G 312 -1.69 30.12 24.82
N MET G 313 -2.89 30.05 25.37
CA MET G 313 -3.41 31.20 26.09
C MET G 313 -2.94 31.13 27.54
N MET G 314 -3.14 32.21 28.29
CA MET G 314 -2.71 32.24 29.68
C MET G 314 -3.60 31.32 30.50
N ASN G 315 -3.05 30.80 31.59
CA ASN G 315 -3.78 29.86 32.45
C ASN G 315 -4.86 30.51 33.32
N VAL G 316 -4.52 31.58 34.02
CA VAL G 316 -5.48 32.28 34.86
C VAL G 316 -5.89 33.57 34.15
N LEU G 317 -7.20 33.74 33.97
CA LEU G 317 -7.72 34.92 33.29
C LEU G 317 -8.05 36.07 34.21
N LYS G 318 -7.90 37.28 33.66
CA LYS G 318 -8.21 38.51 34.37
C LYS G 318 -9.52 38.99 33.75
N ILE G 319 -10.59 39.00 34.55
CA ILE G 319 -11.91 39.41 34.07
C ILE G 319 -12.45 40.67 34.72
N TRP G 320 -13.46 41.26 34.09
CA TRP G 320 -14.12 42.45 34.60
C TRP G 320 -15.62 42.27 34.42
N GLU G 321 -16.35 42.29 35.53
CA GLU G 321 -17.81 42.13 35.53
C GLU G 321 -18.50 43.49 35.52
N ILE G 322 -19.40 43.69 34.57
CA ILE G 322 -20.15 44.94 34.47
C ILE G 322 -21.64 44.68 34.57
N ASP G 323 -22.24 45.14 35.66
CA ASP G 323 -23.68 44.97 35.88
C ASP G 323 -24.35 46.13 35.17
N LEU G 324 -25.07 45.85 34.09
CA LEU G 324 -25.75 46.89 33.33
C LEU G 324 -26.95 47.47 34.07
N ASN G 325 -27.30 46.86 35.18
CA ASN G 325 -28.43 47.32 36.00
C ASN G 325 -27.90 48.26 37.07
N VAL G 326 -26.74 48.86 36.80
CA VAL G 326 -26.11 49.77 37.74
C VAL G 326 -25.51 50.98 37.03
N LYS G 327 -25.91 52.17 37.49
CA LYS G 327 -25.41 53.42 36.94
C LYS G 327 -24.75 54.19 38.08
N PRO G 328 -23.51 54.68 37.87
CA PRO G 328 -22.73 54.54 36.63
C PRO G 328 -22.22 53.12 36.39
N VAL G 329 -21.45 52.97 35.32
CA VAL G 329 -20.86 51.68 34.94
C VAL G 329 -19.54 51.46 35.69
N LYS G 330 -19.40 50.30 36.33
CA LYS G 330 -18.19 50.00 37.09
C LYS G 330 -17.57 48.64 36.77
N PHE G 331 -16.36 48.66 36.22
CA PHE G 331 -15.62 47.45 35.86
C PHE G 331 -15.09 46.77 37.12
N VAL G 332 -15.70 45.65 37.50
CA VAL G 332 -15.28 44.91 38.69
C VAL G 332 -14.30 43.79 38.35
N GLU G 333 -13.04 43.96 38.75
CA GLU G 333 -12.02 42.97 38.47
C GLU G 333 -12.30 41.63 39.15
N LYS G 334 -11.81 40.55 38.56
CA LYS G 334 -12.02 39.20 39.07
C LYS G 334 -10.98 38.28 38.42
N LYS G 335 -10.72 37.12 39.04
CA LYS G 335 -9.73 36.18 38.50
C LYS G 335 -10.21 34.73 38.53
N GLY G 336 -9.78 33.96 37.54
CA GLY G 336 -10.16 32.56 37.46
C GLY G 336 -9.66 31.86 36.20
N THR G 337 -9.76 30.53 36.20
CA THR G 337 -9.35 29.75 35.05
C THR G 337 -10.44 29.88 33.99
N LEU G 338 -10.13 29.47 32.76
CA LEU G 338 -11.09 29.54 31.67
C LEU G 338 -12.37 28.81 32.08
N GLU G 339 -12.21 27.63 32.68
CA GLU G 339 -13.35 26.84 33.10
C GLU G 339 -14.24 27.59 34.09
N GLU G 340 -13.62 28.23 35.08
CA GLU G 340 -14.36 28.98 36.09
C GLU G 340 -15.09 30.18 35.48
N VAL G 341 -14.41 30.90 34.61
CA VAL G 341 -15.00 32.06 33.96
C VAL G 341 -16.22 31.66 33.12
N LEU G 342 -16.07 30.61 32.32
CA LEU G 342 -17.16 30.14 31.49
C LEU G 342 -18.32 29.61 32.34
N TYR G 343 -17.99 28.87 33.39
CA TYR G 343 -19.01 28.32 34.27
C TYR G 343 -19.91 29.43 34.83
N SER G 344 -19.29 30.56 35.14
CA SER G 344 -20.01 31.70 35.70
C SER G 344 -20.95 32.35 34.69
N ILE G 345 -20.88 31.93 33.44
CA ILE G 345 -21.74 32.49 32.41
C ILE G 345 -22.83 31.53 31.94
N ILE G 346 -22.44 30.29 31.65
CA ILE G 346 -23.40 29.30 31.17
C ILE G 346 -23.99 28.49 32.32
N ASP G 347 -23.38 28.59 33.50
CA ASP G 347 -23.85 27.90 34.69
C ASP G 347 -23.96 26.39 34.51
N LYS G 348 -22.91 25.79 33.94
CA LYS G 348 -22.84 24.36 33.72
C LYS G 348 -21.40 24.07 33.32
N LYS G 349 -20.95 22.83 33.50
CA LYS G 349 -19.57 22.47 33.16
C LYS G 349 -19.28 22.69 31.69
N PRO G 350 -18.29 23.55 31.39
CA PRO G 350 -17.93 23.81 30.00
C PRO G 350 -16.99 22.75 29.44
N ILE G 351 -17.22 22.36 28.19
CA ILE G 351 -16.39 21.38 27.52
C ILE G 351 -15.36 22.18 26.73
N LEU G 352 -14.09 22.01 27.07
CA LEU G 352 -13.01 22.73 26.42
C LEU G 352 -12.21 21.90 25.41
N ILE G 353 -12.20 22.38 24.16
CA ILE G 353 -11.51 21.72 23.07
C ILE G 353 -10.36 22.61 22.59
N PRO G 354 -9.12 22.14 22.72
CA PRO G 354 -7.93 22.89 22.29
C PRO G 354 -7.66 22.75 20.81
N ILE G 355 -7.09 23.80 20.21
CA ILE G 355 -6.73 23.76 18.80
C ILE G 355 -5.83 22.54 18.57
N ALA G 356 -6.08 21.82 17.48
CA ALA G 356 -5.29 20.63 17.12
C ALA G 356 -5.57 19.40 17.96
N GLY G 357 -6.45 19.53 18.95
CA GLY G 357 -6.80 18.38 19.78
C GLY G 357 -5.83 18.12 20.93
N LYS G 358 -6.29 17.33 21.89
CA LYS G 358 -5.47 17.00 23.06
C LYS G 358 -4.28 16.12 22.68
N GLY G 359 -3.11 16.47 23.22
CA GLY G 359 -1.91 15.70 22.95
C GLY G 359 -1.18 16.03 21.66
N ALA G 360 -1.71 16.96 20.88
CA ALA G 360 -1.10 17.36 19.61
C ALA G 360 0.29 17.94 19.88
N ASN G 361 1.23 17.77 18.93
CA ASN G 361 2.56 18.34 19.14
C ASN G 361 2.52 19.82 18.77
N GLN G 362 3.55 20.56 19.12
CA GLN G 362 3.60 22.00 18.86
C GLN G 362 3.58 22.38 17.37
N LEU G 363 3.98 21.46 16.51
CA LEU G 363 3.99 21.73 15.08
C LEU G 363 2.55 21.86 14.56
N ASP G 364 1.72 20.87 14.86
CA ASP G 364 0.32 20.91 14.44
C ASP G 364 -0.41 22.08 15.07
N ILE G 365 -0.11 22.35 16.34
CA ILE G 365 -0.74 23.48 17.03
C ILE G 365 -0.35 24.79 16.34
N ASP G 366 0.93 24.94 16.01
CA ASP G 366 1.39 26.15 15.34
C ASP G 366 0.75 26.35 13.98
N ILE G 367 0.70 25.28 13.18
CA ILE G 367 0.12 25.38 11.85
C ILE G 367 -1.36 25.69 11.87
N GLU G 368 -2.12 24.94 12.66
CA GLU G 368 -3.56 25.19 12.70
C GLU G 368 -3.92 26.48 13.41
N THR G 369 -3.00 27.01 14.20
CA THR G 369 -3.24 28.30 14.86
C THR G 369 -3.00 29.36 13.78
N HIS G 370 -1.95 29.15 13.01
CA HIS G 370 -1.59 30.06 11.93
C HIS G 370 -2.74 30.19 10.92
N PHE G 371 -3.50 29.11 10.72
CA PHE G 371 -4.61 29.18 9.78
C PHE G 371 -5.95 29.43 10.46
N ASP G 372 -5.90 30.19 11.55
CA ASP G 372 -7.08 30.62 12.29
C ASP G 372 -8.04 29.50 12.72
N GLY G 373 -7.50 28.45 13.32
CA GLY G 373 -8.28 27.31 13.75
C GLY G 373 -9.47 27.48 14.69
N THR G 374 -9.47 28.55 15.49
CA THR G 374 -10.60 28.74 16.40
C THR G 374 -11.79 29.39 15.72
N ASN G 375 -11.54 30.15 14.65
CA ASN G 375 -12.62 30.85 14.00
C ASN G 375 -13.62 30.12 13.10
N TYR G 376 -14.23 29.07 13.62
CA TYR G 376 -15.27 28.37 12.87
C TYR G 376 -16.52 29.21 13.05
N LEU G 377 -17.39 29.23 12.04
CA LEU G 377 -18.66 29.95 12.15
C LEU G 377 -19.69 28.92 12.58
N THR G 378 -20.43 29.21 13.65
CA THR G 378 -21.45 28.30 14.16
C THR G 378 -22.79 28.69 13.52
N ILE G 379 -23.42 27.75 12.81
CA ILE G 379 -24.68 28.05 12.15
C ILE G 379 -25.90 27.50 12.87
N ALA G 380 -25.64 26.71 13.91
CA ALA G 380 -26.70 26.12 14.73
C ALA G 380 -25.95 25.50 15.89
N PRO G 381 -26.63 25.28 17.03
CA PRO G 381 -25.93 24.68 18.17
C PRO G 381 -25.20 23.38 17.82
N GLY G 382 -23.89 23.38 17.97
CA GLY G 382 -23.11 22.20 17.67
C GLY G 382 -22.85 21.90 16.21
N VAL G 383 -23.14 22.86 15.33
CA VAL G 383 -22.91 22.70 13.90
C VAL G 383 -22.04 23.87 13.44
N VAL G 384 -20.82 23.58 12.98
CA VAL G 384 -19.90 24.63 12.54
C VAL G 384 -19.38 24.50 11.11
N VAL G 385 -18.86 25.62 10.60
CA VAL G 385 -18.32 25.69 9.25
C VAL G 385 -16.89 26.22 9.32
N GLY G 386 -15.98 25.57 8.60
CA GLY G 386 -14.59 26.00 8.61
C GLY G 386 -13.72 25.32 7.56
N TYR G 387 -12.44 25.72 7.54
CA TYR G 387 -11.48 25.19 6.58
C TYR G 387 -11.17 23.71 6.81
N GLU G 388 -11.13 22.93 5.73
CA GLU G 388 -10.83 21.50 5.81
C GLU G 388 -9.35 21.25 6.10
N ARG G 389 -8.49 22.23 5.82
CA ARG G 389 -7.06 22.03 6.05
C ARG G 389 -6.70 21.85 7.53
N ASN G 390 -7.52 22.37 8.44
CA ASN G 390 -7.24 22.22 9.86
C ASN G 390 -7.80 20.89 10.38
N GLU G 391 -7.22 19.81 9.86
CA GLU G 391 -7.65 18.45 10.18
C GLU G 391 -7.66 18.02 11.64
N LYS G 392 -6.59 18.33 12.37
CA LYS G 392 -6.50 17.95 13.78
C LYS G 392 -7.60 18.60 14.61
N THR G 393 -7.83 19.89 14.39
CA THR G 393 -8.88 20.59 15.11
C THR G 393 -10.23 19.98 14.73
N GLN G 394 -10.43 19.76 13.43
CA GLN G 394 -11.67 19.18 12.94
C GLN G 394 -11.95 17.85 13.63
N LYS G 395 -10.91 17.02 13.74
CA LYS G 395 -11.06 15.72 14.38
C LYS G 395 -11.49 15.86 15.84
N ALA G 396 -10.86 16.78 16.55
CA ALA G 396 -11.19 17.02 17.95
C ALA G 396 -12.64 17.45 18.10
N LEU G 397 -13.11 18.30 17.19
CA LEU G 397 -14.48 18.77 17.23
C LEU G 397 -15.51 17.64 17.03
N VAL G 398 -15.31 16.79 16.02
CA VAL G 398 -16.30 15.73 15.79
C VAL G 398 -16.29 14.70 16.90
N GLU G 399 -15.13 14.52 17.54
CA GLU G 399 -15.03 13.57 18.64
C GLU G 399 -15.77 14.13 19.82
N ALA G 400 -15.90 15.45 19.87
CA ALA G 400 -16.61 16.10 20.97
C ALA G 400 -18.10 16.22 20.70
N GLY G 401 -18.58 15.63 19.59
CA GLY G 401 -19.99 15.66 19.26
C GLY G 401 -20.45 16.78 18.37
N ILE G 402 -19.52 17.58 17.85
CA ILE G 402 -19.86 18.69 16.97
C ILE G 402 -19.84 18.30 15.50
N LYS G 403 -20.88 18.69 14.76
CA LYS G 403 -20.95 18.40 13.33
C LYS G 403 -20.15 19.45 12.59
N VAL G 404 -19.21 19.02 11.74
CA VAL G 404 -18.39 19.97 10.99
C VAL G 404 -18.66 19.94 9.50
N LEU G 405 -19.02 21.09 8.95
CA LEU G 405 -19.28 21.23 7.52
C LEU G 405 -18.07 21.99 7.00
N SER G 406 -17.05 21.25 6.55
CA SER G 406 -15.84 21.87 6.03
C SER G 406 -15.92 22.22 4.56
N PHE G 407 -15.04 23.10 4.10
CA PHE G 407 -14.98 23.48 2.70
C PHE G 407 -13.53 23.76 2.35
N ASN G 408 -13.20 23.66 1.06
CA ASN G 408 -11.85 23.88 0.61
C ASN G 408 -11.58 25.38 0.53
N GLY G 409 -10.56 25.82 1.27
CA GLY G 409 -10.18 27.22 1.26
C GLY G 409 -8.68 27.34 1.06
N SER G 410 -8.13 26.46 0.22
CA SER G 410 -6.70 26.43 -0.04
C SER G 410 -6.11 27.83 -0.29
N GLN G 411 -6.86 28.69 -0.99
CA GLN G 411 -6.39 30.05 -1.27
C GLN G 411 -6.94 31.06 -0.27
N LEU G 412 -8.23 30.96 0.05
CA LEU G 412 -8.87 31.88 1.00
C LEU G 412 -8.15 31.92 2.34
N SER G 413 -7.76 30.75 2.82
CA SER G 413 -7.08 30.65 4.10
C SER G 413 -5.77 31.42 4.16
N LEU G 414 -5.21 31.75 3.01
CA LEU G 414 -3.95 32.50 2.97
C LEU G 414 -4.18 33.88 3.55
N GLY G 415 -5.45 34.28 3.63
CA GLY G 415 -5.82 35.57 4.16
C GLY G 415 -5.76 35.61 5.67
N MET G 416 -5.52 34.44 6.28
CA MET G 416 -5.40 34.33 7.73
C MET G 416 -6.70 34.47 8.53
N GLY G 417 -7.84 34.45 7.84
CA GLY G 417 -9.12 34.57 8.52
C GLY G 417 -10.04 33.44 8.12
N SER G 418 -10.65 32.78 9.10
CA SER G 418 -11.55 31.68 8.79
C SER G 418 -13.00 32.15 8.62
N ALA G 419 -13.91 31.19 8.62
CA ALA G 419 -15.34 31.42 8.43
C ALA G 419 -15.98 32.48 9.32
N ARG G 420 -15.70 32.46 10.62
CA ARG G 420 -16.29 33.47 11.50
C ARG G 420 -15.88 34.87 11.05
N CYS G 421 -14.66 35.00 10.55
CA CYS G 421 -14.16 36.30 10.09
C CYS G 421 -14.80 36.72 8.77
N MET G 422 -15.22 35.75 7.98
CA MET G 422 -15.81 36.05 6.68
C MET G 422 -17.33 36.17 6.74
N SER G 423 -17.86 36.39 7.93
CA SER G 423 -19.30 36.51 8.06
C SER G 423 -19.74 37.41 9.21
N MET G 424 -20.96 37.93 9.08
CA MET G 424 -21.54 38.76 10.14
C MET G 424 -23.02 38.42 10.25
N PRO G 425 -23.36 37.61 11.26
CA PRO G 425 -24.76 37.23 11.45
C PRO G 425 -25.63 38.49 11.59
N LEU G 426 -26.80 38.49 10.96
CA LEU G 426 -27.73 39.60 11.03
C LEU G 426 -28.92 39.16 11.88
N ILE G 427 -29.31 37.90 11.72
CA ILE G 427 -30.42 37.34 12.47
C ILE G 427 -30.20 35.88 12.86
N ARG G 428 -30.32 35.60 14.15
CA ARG G 428 -30.19 34.25 14.66
C ARG G 428 -31.45 33.97 15.49
N GLU G 429 -31.91 32.73 15.45
CA GLU G 429 -33.09 32.34 16.22
C GLU G 429 -32.68 32.44 17.69
N ASN G 430 -33.49 33.11 18.51
CA ASN G 430 -33.14 33.23 19.92
C ASN G 430 -33.07 31.87 20.59
N LEU G 431 -32.15 31.73 21.54
CA LEU G 431 -32.00 30.48 22.24
C LEU G 431 -33.13 30.31 23.25
N LYS G 432 -33.42 29.06 23.58
CA LYS G 432 -34.43 28.73 24.56
C LYS G 432 -33.63 28.05 25.64
N LYS G 433 -32.34 27.90 25.34
CA LYS G 433 -31.34 27.27 26.22
C LYS G 433 -31.76 25.87 26.68
N GLY H 35 25.84 8.83 -18.76
CA GLY H 35 24.41 9.00 -18.31
C GLY H 35 23.92 10.45 -18.34
N ILE H 36 24.84 11.38 -18.60
CA ILE H 36 24.51 12.80 -18.65
C ILE H 36 24.91 13.43 -19.99
N ASN H 37 23.95 14.08 -20.62
CA ASN H 37 24.20 14.74 -21.89
C ASN H 37 23.20 15.87 -22.10
N VAL H 38 23.59 17.06 -21.67
CA VAL H 38 22.75 18.25 -21.77
C VAL H 38 23.53 19.37 -22.41
N TYR H 39 23.36 19.55 -23.72
CA TYR H 39 24.07 20.60 -24.44
C TYR H 39 23.19 21.73 -24.93
N SER H 40 22.16 22.05 -24.17
CA SER H 40 21.24 23.15 -24.50
C SER H 40 20.18 23.30 -23.41
N GLU H 41 19.35 24.34 -23.55
CA GLU H 41 18.28 24.59 -22.60
C GLU H 41 16.95 24.17 -23.23
N ILE H 42 16.98 23.91 -24.55
CA ILE H 42 15.77 23.61 -25.29
C ILE H 42 15.66 22.28 -26.04
N GLY H 43 16.77 21.58 -26.21
CA GLY H 43 16.73 20.31 -26.91
C GLY H 43 15.71 19.34 -26.35
N GLU H 44 15.02 18.61 -27.23
CA GLU H 44 14.01 17.65 -26.79
C GLU H 44 14.49 16.87 -25.56
N LEU H 45 13.76 17.05 -24.47
CA LEU H 45 14.08 16.41 -23.20
C LEU H 45 13.77 14.93 -23.20
N LYS H 46 14.75 14.11 -22.84
CA LYS H 46 14.57 12.66 -22.83
C LYS H 46 14.50 12.07 -21.42
N GLU H 47 15.38 12.55 -20.55
CA GLU H 47 15.41 12.07 -19.17
C GLU H 47 15.54 13.27 -18.25
N VAL H 48 14.75 13.29 -17.18
CA VAL H 48 14.80 14.41 -16.26
C VAL H 48 14.64 13.96 -14.82
N LEU H 49 15.31 14.65 -13.90
CA LEU H 49 15.26 14.32 -12.48
C LEU H 49 14.30 15.26 -11.77
N VAL H 50 13.38 14.68 -11.01
CA VAL H 50 12.43 15.47 -10.22
C VAL H 50 12.30 14.87 -8.83
N HIS H 51 11.51 15.52 -7.97
CA HIS H 51 11.24 15.01 -6.63
C HIS H 51 9.85 15.46 -6.21
N THR H 52 8.93 14.51 -6.13
CA THR H 52 7.58 14.81 -5.69
C THR H 52 7.75 14.93 -4.18
N PRO H 53 7.37 16.08 -3.61
CA PRO H 53 7.51 16.26 -2.16
C PRO H 53 6.81 15.22 -1.29
N GLY H 54 7.46 14.92 -0.16
CA GLY H 54 6.93 13.96 0.78
C GLY H 54 6.56 14.68 2.05
N ASP H 55 6.62 13.98 3.18
CA ASP H 55 6.26 14.58 4.45
C ASP H 55 7.06 15.80 4.87
N GLU H 56 8.20 16.03 4.23
CA GLU H 56 9.00 17.20 4.62
C GLU H 56 8.21 18.51 4.50
N ILE H 57 7.33 18.62 3.50
CA ILE H 57 6.58 19.86 3.36
C ILE H 57 5.41 19.97 4.32
N ARG H 58 5.34 19.02 5.25
CA ARG H 58 4.31 19.02 6.29
C ARG H 58 4.96 19.47 7.60
N TYR H 59 6.30 19.51 7.62
CA TYR H 59 7.02 19.85 8.84
C TYR H 59 7.62 21.24 8.95
N THR H 60 7.07 22.20 8.22
CA THR H 60 7.60 23.55 8.30
C THR H 60 6.68 24.44 9.15
N ALA H 61 7.09 24.71 10.37
CA ALA H 61 6.32 25.57 11.27
C ALA H 61 6.31 27.00 10.69
N PRO H 62 5.21 27.71 10.83
CA PRO H 62 5.13 29.08 10.31
C PRO H 62 6.23 30.03 10.80
N SER H 63 6.73 29.80 12.02
CA SER H 63 7.77 30.66 12.55
C SER H 63 9.15 30.28 12.02
N ARG H 64 9.26 29.12 11.38
CA ARG H 64 10.54 28.65 10.86
C ARG H 64 10.74 28.79 9.36
N LEU H 65 9.90 29.59 8.70
CA LEU H 65 10.03 29.77 7.26
C LEU H 65 11.43 30.22 6.88
N GLU H 66 11.98 31.21 7.60
CA GLU H 66 13.33 31.70 7.31
C GLU H 66 14.40 30.69 7.71
N GLU H 67 14.20 30.05 8.86
CA GLU H 67 15.16 29.06 9.34
C GLU H 67 15.33 27.90 8.38
N LEU H 68 14.21 27.43 7.82
CA LEU H 68 14.24 26.33 6.87
C LEU H 68 14.39 26.84 5.44
N LEU H 69 14.51 28.15 5.30
CA LEU H 69 14.68 28.78 4.00
C LEU H 69 13.57 28.40 2.99
N PHE H 70 12.33 28.36 3.48
CA PHE H 70 11.19 28.05 2.62
C PHE H 70 10.23 29.23 2.70
N SER H 71 9.46 29.45 1.65
CA SER H 71 8.58 30.61 1.60
C SER H 71 7.18 30.61 2.21
N ALA H 72 6.58 29.45 2.47
CA ALA H 72 5.23 29.44 3.06
C ALA H 72 4.80 28.08 3.57
N VAL H 73 3.67 28.06 4.28
CA VAL H 73 3.13 26.82 4.80
C VAL H 73 2.14 26.28 3.77
N LEU H 74 2.47 25.14 3.18
CA LEU H 74 1.64 24.56 2.13
C LEU H 74 0.58 23.59 2.63
N LYS H 75 -0.47 23.44 1.83
CA LYS H 75 -1.51 22.48 2.13
C LYS H 75 -0.92 21.27 1.40
N ALA H 76 -0.11 20.50 2.12
CA ALA H 76 0.62 19.36 1.59
C ALA H 76 -0.04 18.45 0.55
N ASP H 77 -1.17 17.84 0.91
CA ASP H 77 -1.85 16.94 -0.02
C ASP H 77 -2.10 17.58 -1.37
N THR H 78 -2.46 18.85 -1.36
CA THR H 78 -2.75 19.58 -2.58
C THR H 78 -1.50 19.85 -3.41
N ALA H 79 -0.45 20.36 -2.75
CA ALA H 79 0.80 20.63 -3.44
C ALA H 79 1.33 19.33 -4.06
N ILE H 80 1.22 18.22 -3.33
CA ILE H 80 1.71 16.94 -3.83
C ILE H 80 0.96 16.50 -5.09
N GLU H 81 -0.36 16.60 -5.09
CA GLU H 81 -1.14 16.23 -6.27
C GLU H 81 -0.82 17.14 -7.45
N GLU H 82 -0.57 18.42 -7.17
CA GLU H 82 -0.23 19.36 -8.24
C GLU H 82 1.11 18.99 -8.86
N HIS H 83 2.06 18.53 -8.02
CA HIS H 83 3.36 18.15 -8.54
C HIS H 83 3.22 16.90 -9.42
N LYS H 84 2.32 16.01 -9.03
CA LYS H 84 2.10 14.79 -9.81
C LYS H 84 1.52 15.17 -11.15
N GLY H 85 0.73 16.24 -11.19
CA GLY H 85 0.17 16.69 -12.45
C GLY H 85 1.28 17.21 -13.36
N PHE H 86 2.27 17.84 -12.74
CA PHE H 86 3.42 18.37 -13.47
C PHE H 86 4.17 17.18 -14.09
N VAL H 87 4.41 16.15 -13.26
CA VAL H 87 5.11 14.95 -13.70
C VAL H 87 4.38 14.27 -14.86
N LYS H 88 3.07 14.15 -14.74
CA LYS H 88 2.24 13.52 -15.75
C LYS H 88 2.39 14.19 -17.11
N ILE H 89 2.43 15.52 -17.13
CA ILE H 89 2.58 16.24 -18.38
C ILE H 89 3.92 15.88 -19.05
N LEU H 90 4.99 15.84 -18.27
CA LEU H 90 6.30 15.50 -18.81
C LEU H 90 6.27 14.08 -19.36
N GLN H 91 5.64 13.16 -18.63
CA GLN H 91 5.56 11.78 -19.07
C GLN H 91 4.74 11.64 -20.35
N ASN H 92 3.66 12.42 -20.47
CA ASN H 92 2.81 12.37 -21.64
C ASN H 92 3.49 12.96 -22.87
N ASN H 93 4.67 13.54 -22.66
CA ASN H 93 5.45 14.08 -23.77
C ASN H 93 6.65 13.19 -24.07
N GLY H 94 6.56 11.92 -23.66
CA GLY H 94 7.62 10.97 -23.94
C GLY H 94 8.88 11.13 -23.12
N ILE H 95 8.81 11.91 -22.04
CA ILE H 95 9.96 12.12 -21.19
C ILE H 95 10.07 11.07 -20.08
N LYS H 96 11.27 10.57 -19.85
CA LYS H 96 11.47 9.61 -18.79
C LYS H 96 11.69 10.42 -17.53
N VAL H 97 10.71 10.38 -16.62
CA VAL H 97 10.81 11.13 -15.37
C VAL H 97 11.37 10.24 -14.26
N ILE H 98 12.50 10.63 -13.73
CA ILE H 98 13.16 9.89 -12.67
C ILE H 98 13.03 10.59 -11.32
N GLN H 99 12.49 9.84 -10.38
CA GLN H 99 12.25 10.30 -9.02
C GLN H 99 13.56 10.18 -8.22
N LEU H 100 13.99 11.26 -7.56
CA LEU H 100 15.23 11.23 -6.79
C LEU H 100 15.28 10.08 -5.77
N CYS H 101 14.17 9.83 -5.08
CA CYS H 101 14.14 8.76 -4.09
C CYS H 101 14.39 7.38 -4.72
N ASP H 102 13.87 7.16 -5.93
CA ASP H 102 14.06 5.87 -6.58
C ASP H 102 15.50 5.71 -7.07
N LEU H 103 16.07 6.78 -7.60
CA LEU H 103 17.43 6.74 -8.09
C LEU H 103 18.37 6.45 -6.91
N VAL H 104 18.14 7.09 -5.77
CA VAL H 104 18.97 6.87 -4.59
C VAL H 104 18.78 5.42 -4.07
N ALA H 105 17.53 4.96 -4.02
CA ALA H 105 17.24 3.61 -3.56
C ALA H 105 17.96 2.58 -4.44
N GLU H 106 17.86 2.78 -5.75
CA GLU H 106 18.48 1.89 -6.72
C GLU H 106 20.00 1.83 -6.51
N THR H 107 20.62 2.97 -6.24
CA THR H 107 22.06 3.04 -6.01
C THR H 107 22.42 2.28 -4.73
N TYR H 108 21.62 2.48 -3.70
CA TYR H 108 21.84 1.84 -2.41
C TYR H 108 21.89 0.32 -2.52
N GLU H 109 20.93 -0.25 -3.26
CA GLU H 109 20.85 -1.69 -3.44
C GLU H 109 22.09 -2.28 -4.11
N LEU H 110 22.73 -1.49 -4.96
CA LEU H 110 23.93 -1.93 -5.67
C LEU H 110 25.21 -1.75 -4.86
N CYS H 111 25.13 -1.03 -3.76
CA CYS H 111 26.31 -0.80 -2.94
C CYS H 111 26.64 -1.90 -1.93
N SER H 112 27.90 -1.93 -1.52
CA SER H 112 28.37 -2.91 -0.55
C SER H 112 27.87 -2.48 0.83
N LYS H 113 27.79 -3.43 1.75
CA LYS H 113 27.31 -3.12 3.08
C LYS H 113 28.05 -1.97 3.73
N GLU H 114 29.36 -1.88 3.52
CA GLU H 114 30.14 -0.79 4.12
C GLU H 114 29.83 0.56 3.49
N VAL H 115 29.62 0.58 2.18
CA VAL H 115 29.30 1.83 1.49
C VAL H 115 27.89 2.27 1.90
N ARG H 116 26.96 1.31 2.00
CA ARG H 116 25.59 1.61 2.41
C ARG H 116 25.62 2.28 3.77
N ASN H 117 26.31 1.64 4.71
CA ASN H 117 26.42 2.16 6.06
C ASN H 117 27.09 3.53 6.07
N SER H 118 28.04 3.71 5.16
CA SER H 118 28.75 4.98 5.03
C SER H 118 27.74 6.10 4.73
N PHE H 119 26.75 5.76 3.92
CA PHE H 119 25.70 6.69 3.51
C PHE H 119 24.86 7.10 4.73
N ILE H 120 24.35 6.10 5.44
CA ILE H 120 23.55 6.33 6.63
C ILE H 120 24.29 7.20 7.66
N GLU H 121 25.55 6.85 7.91
CA GLU H 121 26.39 7.57 8.88
C GLU H 121 26.58 9.04 8.52
N GLN H 122 26.85 9.31 7.25
CA GLN H 122 27.03 10.69 6.82
C GLN H 122 25.74 11.47 7.03
N TYR H 123 24.61 10.82 6.76
CA TYR H 123 23.31 11.46 6.94
C TYR H 123 23.16 11.87 8.40
N LEU H 124 23.44 10.92 9.29
CA LEU H 124 23.32 11.16 10.72
C LEU H 124 24.24 12.29 11.17
N ASP H 125 25.42 12.37 10.57
CA ASP H 125 26.37 13.40 10.93
C ASP H 125 25.90 14.79 10.50
N GLU H 126 25.26 14.89 9.34
CA GLU H 126 24.79 16.18 8.84
C GLU H 126 23.39 16.56 9.31
N ALA H 127 22.75 15.67 10.06
CA ALA H 127 21.40 15.94 10.57
C ALA H 127 21.28 17.19 11.42
N LEU H 128 20.14 17.85 11.31
CA LEU H 128 19.87 19.05 12.09
C LEU H 128 18.42 18.95 12.58
N PRO H 129 18.18 19.24 13.87
CA PRO H 129 19.18 19.63 14.88
C PRO H 129 20.14 18.48 15.15
N VAL H 130 21.34 18.80 15.63
CA VAL H 130 22.34 17.79 15.94
C VAL H 130 21.74 16.67 16.79
N LEU H 131 22.08 15.43 16.46
CA LEU H 131 21.57 14.28 17.19
C LEU H 131 22.31 14.03 18.51
N LYS H 132 21.56 13.77 19.56
CA LYS H 132 22.14 13.47 20.87
C LYS H 132 22.70 12.05 20.81
N LYS H 133 23.85 11.83 21.46
CA LYS H 133 24.50 10.52 21.45
C LYS H 133 23.58 9.32 21.66
N GLU H 134 22.66 9.40 22.62
CA GLU H 134 21.76 8.27 22.88
C GLU H 134 20.57 8.18 21.93
N ILE H 135 20.33 9.22 21.15
CA ILE H 135 19.21 9.23 20.21
C ILE H 135 19.66 8.74 18.83
N ARG H 136 20.91 9.05 18.48
CA ARG H 136 21.48 8.64 17.20
C ARG H 136 21.24 7.17 16.86
N PRO H 137 21.61 6.25 17.77
CA PRO H 137 21.39 4.82 17.47
C PRO H 137 19.91 4.46 17.34
N VAL H 138 19.03 5.24 17.96
CA VAL H 138 17.59 5.01 17.89
C VAL H 138 17.10 5.36 16.50
N VAL H 139 17.62 6.46 15.96
CA VAL H 139 17.28 6.93 14.62
C VAL H 139 17.77 5.92 13.59
N LYS H 140 19.01 5.50 13.74
CA LYS H 140 19.62 4.55 12.81
C LYS H 140 18.84 3.24 12.70
N ASP H 141 18.40 2.70 13.84
CA ASP H 141 17.62 1.46 13.81
C ASP H 141 16.27 1.69 13.16
N TYR H 142 15.70 2.87 13.39
CA TYR H 142 14.41 3.24 12.82
C TYR H 142 14.50 3.26 11.30
N LEU H 143 15.50 3.97 10.79
CA LEU H 143 15.69 4.07 9.34
C LEU H 143 15.91 2.70 8.71
N LEU H 144 16.72 1.86 9.35
CA LEU H 144 17.01 0.53 8.82
C LEU H 144 15.86 -0.46 8.86
N SER H 145 14.80 -0.13 9.60
CA SER H 145 13.64 -1.01 9.71
C SER H 145 12.66 -0.88 8.54
N PHE H 146 12.90 0.12 7.69
CA PHE H 146 12.04 0.38 6.54
C PHE H 146 12.64 -0.19 5.26
N PRO H 147 11.78 -0.50 4.27
CA PRO H 147 12.30 -1.03 3.00
C PRO H 147 13.14 0.12 2.43
N THR H 148 14.08 -0.18 1.55
CA THR H 148 14.96 0.85 0.98
C THR H 148 14.34 2.20 0.57
N VAL H 149 13.40 2.20 -0.38
CA VAL H 149 12.82 3.45 -0.83
C VAL H 149 12.15 4.23 0.31
N GLN H 150 11.43 3.54 1.18
CA GLN H 150 10.78 4.23 2.30
C GLN H 150 11.82 4.80 3.25
N MET H 151 12.97 4.13 3.37
CA MET H 151 14.02 4.64 4.24
C MET H 151 14.57 5.96 3.68
N VAL H 152 14.81 5.98 2.36
CA VAL H 152 15.30 7.18 1.71
C VAL H 152 14.28 8.31 1.92
N ARG H 153 13.00 8.00 1.81
CA ARG H 153 11.95 9.00 2.00
C ARG H 153 11.97 9.58 3.41
N LYS H 154 12.26 8.76 4.41
CA LYS H 154 12.31 9.22 5.80
C LYS H 154 13.49 10.16 5.98
N MET H 155 14.61 9.83 5.32
CA MET H 155 15.78 10.67 5.42
C MET H 155 15.45 12.03 4.81
N MET H 156 14.66 12.00 3.75
CA MET H 156 14.27 13.23 3.06
C MET H 156 13.21 14.04 3.82
N SER H 157 12.25 13.35 4.42
CA SER H 157 11.16 14.01 5.13
C SER H 157 11.52 14.55 6.51
N GLY H 158 12.47 13.90 7.18
CA GLY H 158 12.82 14.32 8.53
C GLY H 158 12.10 13.36 9.45
N ILE H 159 12.35 13.47 10.75
CA ILE H 159 11.70 12.56 11.69
C ILE H 159 11.06 13.27 12.89
N LEU H 160 9.80 12.90 13.16
CA LEU H 160 9.04 13.47 14.26
C LEU H 160 9.34 12.71 15.56
N ALA H 161 9.44 13.45 16.66
CA ALA H 161 9.70 12.83 17.95
C ALA H 161 8.66 11.73 18.21
N ASN H 162 7.42 11.99 17.84
CA ASN H 162 6.33 11.01 18.02
C ASN H 162 6.67 9.67 17.42
N GLU H 163 7.28 9.71 16.23
CA GLU H 163 7.67 8.50 15.51
C GLU H 163 8.58 7.58 16.31
N LEU H 164 9.44 8.16 17.13
CA LEU H 164 10.37 7.40 17.96
C LEU H 164 9.89 7.24 19.40
N ASN H 165 8.67 7.69 19.67
CA ASN H 165 8.09 7.62 20.99
C ASN H 165 8.87 8.40 22.03
N ILE H 166 9.41 9.54 21.62
CA ILE H 166 10.15 10.42 22.51
C ILE H 166 9.22 11.62 22.60
N LYS H 167 8.64 11.92 23.76
CA LYS H 167 7.75 13.08 23.80
C LYS H 167 8.53 14.33 24.24
N GLN H 168 8.45 15.40 23.45
CA GLN H 168 9.17 16.63 23.79
C GLN H 168 8.60 17.89 23.14
N ASP H 169 9.08 19.05 23.59
CA ASP H 169 8.65 20.34 23.06
C ASP H 169 8.90 20.47 21.56
N ASN H 170 10.11 20.14 21.11
CA ASN H 170 10.41 20.20 19.69
C ASN H 170 9.84 18.91 19.11
N PRO H 171 8.82 19.02 18.24
CA PRO H 171 8.22 17.81 17.65
C PRO H 171 9.12 17.10 16.65
N LEU H 172 10.22 17.75 16.26
CA LEU H 172 11.16 17.17 15.30
C LEU H 172 12.49 16.69 15.85
N ILE H 173 12.83 15.42 15.58
CA ILE H 173 14.10 14.86 16.00
C ILE H 173 15.11 15.29 14.93
N ILE H 174 14.67 15.26 13.67
CA ILE H 174 15.49 15.68 12.53
C ILE H 174 14.61 16.47 11.57
N ASP H 175 15.05 17.67 11.20
CA ASP H 175 14.29 18.50 10.28
C ASP H 175 14.18 17.85 8.90
N GLY H 176 13.10 18.16 8.19
CA GLY H 176 12.95 17.63 6.85
C GLY H 176 13.67 18.59 5.94
N MET H 177 13.73 18.25 4.65
CA MET H 177 14.39 19.11 3.67
C MET H 177 13.30 19.51 2.67
N PRO H 178 12.47 20.51 3.03
CA PRO H 178 11.37 20.99 2.18
C PRO H 178 11.74 21.41 0.75
N ASN H 179 12.93 21.95 0.56
CA ASN H 179 13.39 22.40 -0.76
C ASN H 179 13.82 21.27 -1.71
N LEU H 180 13.70 20.02 -1.28
CA LEU H 180 14.11 18.92 -2.14
C LEU H 180 13.42 18.86 -3.50
N TYR H 181 12.16 19.29 -3.59
CA TYR H 181 11.48 19.22 -4.87
C TYR H 181 12.05 20.17 -5.90
N PHE H 182 12.98 21.03 -5.46
CA PHE H 182 13.68 21.96 -6.36
C PHE H 182 15.00 21.27 -6.78
N THR H 183 14.88 20.23 -7.60
CA THR H 183 16.05 19.48 -8.05
C THR H 183 17.02 20.25 -8.91
N ARG H 184 16.72 21.50 -9.18
CA ARG H 184 17.59 22.35 -9.98
C ARG H 184 18.80 22.82 -9.14
N ASP H 185 18.72 22.73 -7.82
CA ASP H 185 19.80 23.23 -6.96
C ASP H 185 20.97 22.36 -6.53
N PRO H 186 20.72 21.13 -6.06
CA PRO H 186 21.85 20.28 -5.63
C PRO H 186 22.96 20.10 -6.66
N PHE H 187 22.57 19.87 -7.91
CA PHE H 187 23.56 19.72 -8.98
C PHE H 187 22.93 20.15 -10.32
N ALA H 188 23.76 20.57 -11.25
CA ALA H 188 23.27 20.99 -12.55
C ALA H 188 24.02 20.27 -13.65
N SER H 189 23.29 19.66 -14.56
CA SER H 189 23.92 18.97 -15.68
C SER H 189 24.64 20.03 -16.49
N MET H 190 25.81 19.68 -17.01
CA MET H 190 26.62 20.63 -17.77
C MET H 190 27.33 19.89 -18.92
N GLY H 191 26.66 19.79 -20.05
CA GLY H 191 27.23 19.09 -21.19
C GLY H 191 27.31 17.60 -20.90
N ASN H 192 28.54 17.08 -20.83
CA ASN H 192 28.75 15.66 -20.54
C ASN H 192 29.11 15.46 -19.07
N GLY H 193 29.13 16.55 -18.30
CA GLY H 193 29.48 16.45 -16.90
C GLY H 193 28.46 17.15 -16.00
N VAL H 194 28.80 17.27 -14.72
CA VAL H 194 27.91 17.92 -13.78
C VAL H 194 28.65 18.88 -12.87
N SER H 195 27.87 19.76 -12.24
CA SER H 195 28.37 20.72 -11.29
C SER H 195 27.59 20.47 -10.00
N ILE H 196 28.21 19.80 -9.05
CA ILE H 196 27.57 19.54 -7.76
C ILE H 196 27.81 20.84 -7.02
N ASN H 197 26.74 21.62 -6.90
CA ASN H 197 26.75 22.95 -6.32
C ASN H 197 27.04 23.12 -4.83
N CYS H 198 27.53 24.31 -4.49
CA CYS H 198 27.87 24.69 -3.13
C CYS H 198 26.76 25.61 -2.60
N MET H 199 25.78 25.02 -1.92
CA MET H 199 24.64 25.76 -1.36
C MET H 199 25.14 26.78 -0.33
N LYS H 200 24.31 27.78 -0.03
CA LYS H 200 24.71 28.80 0.92
C LYS H 200 24.51 28.42 2.39
N TYR H 201 23.28 28.11 2.79
CA TYR H 201 23.02 27.76 4.18
C TYR H 201 22.96 26.27 4.45
N PRO H 202 23.53 25.83 5.59
CA PRO H 202 23.57 24.42 6.02
C PRO H 202 22.27 23.64 5.87
N THR H 203 21.14 24.31 6.05
CA THR H 203 19.84 23.63 5.94
C THR H 203 19.68 23.01 4.55
N ARG H 204 20.20 23.70 3.55
CA ARG H 204 20.09 23.22 2.18
C ARG H 204 21.28 22.40 1.71
N LYS H 205 22.41 22.51 2.39
CA LYS H 205 23.60 21.75 2.02
C LYS H 205 23.36 20.27 2.32
N ARG H 206 22.39 19.99 3.18
CA ARG H 206 22.07 18.61 3.53
C ARG H 206 21.45 17.88 2.33
N GLU H 207 20.90 18.63 1.40
CA GLU H 207 20.25 18.04 0.22
C GLU H 207 21.22 17.36 -0.75
N VAL H 208 22.45 17.87 -0.82
CA VAL H 208 23.45 17.33 -1.72
C VAL H 208 23.80 15.86 -1.52
N ILE H 209 23.71 15.36 -0.29
CA ILE H 209 24.06 13.97 -0.02
C ILE H 209 23.40 12.94 -0.94
N PHE H 210 22.13 13.17 -1.31
CA PHE H 210 21.41 12.21 -2.15
C PHE H 210 21.93 12.03 -3.57
N SER H 211 21.96 13.11 -4.34
CA SER H 211 22.45 13.02 -5.70
C SER H 211 23.96 12.73 -5.73
N ARG H 212 24.69 13.24 -4.74
CA ARG H 212 26.13 13.00 -4.67
C ARG H 212 26.40 11.51 -4.48
N PHE H 213 25.53 10.85 -3.73
CA PHE H 213 25.65 9.43 -3.48
C PHE H 213 25.50 8.70 -4.81
N VAL H 214 24.56 9.19 -5.63
CA VAL H 214 24.31 8.59 -6.95
C VAL H 214 25.49 8.77 -7.88
N PHE H 215 26.05 9.98 -7.94
CA PHE H 215 27.17 10.24 -8.83
C PHE H 215 28.47 9.60 -8.37
N THR H 216 28.47 9.07 -7.17
CA THR H 216 29.65 8.45 -6.62
C THR H 216 29.61 6.93 -6.74
N ASN H 217 28.42 6.35 -6.66
CA ASN H 217 28.29 4.90 -6.69
C ASN H 217 27.46 4.25 -7.79
N ASN H 218 26.50 4.96 -8.35
CA ASN H 218 25.68 4.36 -9.40
C ASN H 218 26.52 4.18 -10.67
N PRO H 219 26.63 2.95 -11.18
CA PRO H 219 27.41 2.67 -12.39
C PRO H 219 27.04 3.52 -13.61
N LYS H 220 25.79 3.92 -13.70
CA LYS H 220 25.35 4.72 -14.84
C LYS H 220 25.83 6.17 -14.77
N TYR H 221 26.18 6.65 -13.57
CA TYR H 221 26.62 8.05 -13.41
C TYR H 221 28.00 8.19 -12.76
N LYS H 222 28.48 7.10 -12.16
CA LYS H 222 29.77 7.07 -11.47
C LYS H 222 30.91 7.74 -12.26
N ASN H 223 30.92 7.59 -13.58
CA ASN H 223 31.99 8.15 -14.39
C ASN H 223 31.73 9.53 -14.97
N THR H 224 30.68 10.19 -14.52
CA THR H 224 30.37 11.52 -15.02
C THR H 224 31.39 12.49 -14.46
N PRO H 225 32.07 13.24 -15.33
CA PRO H 225 33.07 14.20 -14.84
C PRO H 225 32.41 15.33 -14.06
N ARG H 226 32.99 15.70 -12.92
CA ARG H 226 32.46 16.76 -12.08
C ARG H 226 33.22 18.06 -12.34
N TYR H 227 32.61 18.95 -13.11
CA TYR H 227 33.25 20.23 -13.41
C TYR H 227 33.25 21.15 -12.21
N PHE H 228 32.59 20.68 -11.14
CA PHE H 228 32.56 21.38 -9.87
C PHE H 228 32.02 20.42 -8.84
N ASP H 229 32.53 20.50 -7.62
CA ASP H 229 32.10 19.64 -6.53
C ASP H 229 32.34 20.42 -5.26
N ILE H 230 31.80 19.94 -4.16
CA ILE H 230 31.94 20.63 -2.88
C ILE H 230 33.26 20.30 -2.19
N VAL H 231 34.19 19.64 -2.88
CA VAL H 231 35.44 19.28 -2.22
C VAL H 231 36.78 19.74 -2.79
N GLY H 232 37.00 19.60 -4.10
CA GLY H 232 38.30 20.01 -4.62
C GLY H 232 38.35 21.22 -5.53
N ASN H 233 37.61 22.27 -5.17
CA ASN H 233 37.56 23.48 -6.00
C ASN H 233 37.51 24.73 -5.13
N ASN H 234 37.37 25.88 -5.75
CA ASN H 234 37.30 27.15 -5.02
C ASN H 234 36.03 27.91 -5.37
N GLY H 235 35.56 28.72 -4.43
CA GLY H 235 34.37 29.52 -4.66
C GLY H 235 33.04 28.84 -4.39
N THR H 236 31.98 29.50 -4.83
CA THR H 236 30.62 28.99 -4.65
C THR H 236 29.85 29.12 -5.96
N ILE H 237 28.88 28.24 -6.15
CA ILE H 237 28.06 28.28 -7.35
C ILE H 237 26.72 27.60 -7.08
N GLU H 238 25.64 28.13 -7.66
CA GLU H 238 24.32 27.55 -7.48
C GLU H 238 23.62 27.29 -8.82
N GLY H 239 22.77 26.28 -8.84
CA GLY H 239 22.06 25.91 -10.06
C GLY H 239 21.33 27.01 -10.81
N GLY H 240 20.78 27.98 -10.09
CA GLY H 240 20.04 29.05 -10.73
C GLY H 240 20.86 29.92 -11.67
N ASP H 241 22.18 29.88 -11.52
CA ASP H 241 23.04 30.69 -12.37
C ASP H 241 23.62 29.95 -13.57
N ILE H 242 23.33 28.65 -13.68
CA ILE H 242 23.88 27.84 -14.76
C ILE H 242 22.93 27.61 -15.95
N PHE H 243 23.40 27.96 -17.14
CA PHE H 243 22.65 27.78 -18.38
C PHE H 243 23.55 27.24 -19.49
N ILE H 244 22.99 26.37 -20.32
CA ILE H 244 23.73 25.81 -21.45
C ILE H 244 23.01 26.25 -22.74
N TYR H 245 23.56 27.25 -23.42
CA TYR H 245 22.91 27.74 -24.63
C TYR H 245 23.09 26.88 -25.87
N ASN H 246 24.27 26.29 -26.04
CA ASN H 246 24.53 25.39 -27.18
C ASN H 246 25.76 24.51 -26.94
N SER H 247 26.06 23.65 -27.90
CA SER H 247 27.18 22.72 -27.80
C SER H 247 28.52 23.35 -27.40
N LYS H 248 28.72 24.61 -27.76
CA LYS H 248 29.97 25.27 -27.48
C LYS H 248 29.94 26.35 -26.42
N THR H 249 28.74 26.80 -26.04
CA THR H 249 28.63 27.90 -25.09
C THR H 249 27.90 27.64 -23.78
N LEU H 250 28.58 27.96 -22.70
CA LEU H 250 28.06 27.80 -21.36
C LEU H 250 27.82 29.22 -20.87
N VAL H 251 26.66 29.48 -20.25
CA VAL H 251 26.35 30.83 -19.76
C VAL H 251 26.14 30.77 -18.25
N ILE H 252 27.00 31.47 -17.51
CA ILE H 252 26.92 31.47 -16.05
C ILE H 252 26.79 32.85 -15.47
N GLY H 253 25.92 32.98 -14.48
CA GLY H 253 25.75 34.28 -13.85
C GLY H 253 26.72 34.53 -12.71
N ASN H 254 27.29 35.74 -12.67
CA ASN H 254 28.18 36.11 -11.58
C ASN H 254 27.28 36.88 -10.63
N SER H 255 26.77 36.18 -9.62
CA SER H 255 25.86 36.79 -8.67
C SER H 255 26.36 36.71 -7.25
N GLU H 256 25.45 36.97 -6.32
CA GLU H 256 25.75 36.94 -4.90
C GLU H 256 26.03 35.51 -4.47
N ARG H 257 25.60 34.55 -5.29
CA ARG H 257 25.77 33.14 -4.97
C ARG H 257 26.83 32.42 -5.82
N THR H 258 27.18 33.01 -6.96
CA THR H 258 28.19 32.41 -7.83
C THR H 258 29.29 33.40 -8.14
N ASN H 259 30.51 33.08 -7.70
CA ASN H 259 31.67 33.97 -7.90
C ASN H 259 32.69 33.50 -8.94
N PHE H 260 33.60 34.41 -9.30
CA PHE H 260 34.64 34.13 -10.29
C PHE H 260 35.48 32.90 -9.98
N ALA H 261 35.74 32.69 -8.69
CA ALA H 261 36.53 31.55 -8.26
C ALA H 261 35.94 30.23 -8.70
N ALA H 262 34.64 30.06 -8.51
CA ALA H 262 33.98 28.82 -8.90
C ALA H 262 33.92 28.70 -10.42
N ILE H 263 33.73 29.84 -11.09
CA ILE H 263 33.65 29.82 -12.54
C ILE H 263 34.99 29.41 -13.12
N GLU H 264 36.07 29.81 -12.47
CA GLU H 264 37.41 29.46 -12.95
C GLU H 264 37.64 27.96 -12.74
N SER H 265 37.20 27.45 -11.60
CA SER H 265 37.35 26.04 -11.31
C SER H 265 36.64 25.25 -12.39
N VAL H 266 35.44 25.69 -12.75
CA VAL H 266 34.65 25.03 -13.78
C VAL H 266 35.38 25.06 -15.12
N ALA H 267 35.89 26.23 -15.49
CA ALA H 267 36.62 26.40 -16.75
C ALA H 267 37.81 25.43 -16.84
N LYS H 268 38.64 25.43 -15.81
CA LYS H 268 39.81 24.55 -15.81
C LYS H 268 39.44 23.07 -15.88
N ASN H 269 38.38 22.68 -15.17
CA ASN H 269 37.94 21.28 -15.16
C ASN H 269 37.44 20.86 -16.55
N ILE H 270 36.85 21.80 -17.27
CA ILE H 270 36.34 21.52 -18.61
C ILE H 270 37.51 21.37 -19.58
N GLN H 271 38.53 22.21 -19.41
CA GLN H 271 39.71 22.16 -20.28
C GLN H 271 40.41 20.81 -20.15
N ALA H 272 40.40 20.26 -18.94
CA ALA H 272 41.03 18.96 -18.67
C ALA H 272 40.26 17.76 -19.22
N ASN H 273 39.03 17.98 -19.68
CA ASN H 273 38.21 16.90 -20.21
C ASN H 273 38.29 16.88 -21.73
N LYS H 274 38.53 15.70 -22.29
CA LYS H 274 38.66 15.55 -23.74
C LYS H 274 37.36 15.48 -24.54
N ASP H 275 36.34 14.88 -23.97
CA ASP H 275 35.08 14.73 -24.69
C ASP H 275 34.20 15.97 -24.72
N CYS H 276 34.26 16.79 -23.68
CA CYS H 276 33.44 17.99 -23.62
C CYS H 276 33.59 18.90 -24.85
N THR H 277 32.46 19.41 -25.36
CA THR H 277 32.49 20.26 -26.53
C THR H 277 32.42 21.76 -26.25
N PHE H 278 32.34 22.13 -24.98
CA PHE H 278 32.29 23.55 -24.62
C PHE H 278 33.60 24.23 -25.00
N GLU H 279 33.50 25.40 -25.62
CA GLU H 279 34.68 26.14 -26.06
C GLU H 279 34.65 27.55 -25.50
N ARG H 280 33.53 27.92 -24.90
CA ARG H 280 33.36 29.27 -24.41
C ARG H 280 32.41 29.40 -23.23
N ILE H 281 32.70 30.35 -22.34
CA ILE H 281 31.84 30.62 -21.20
C ILE H 281 31.54 32.11 -21.17
N VAL H 282 30.27 32.46 -21.17
CA VAL H 282 29.86 33.86 -21.11
C VAL H 282 29.35 34.12 -19.70
N VAL H 283 30.07 34.95 -18.96
CA VAL H 283 29.68 35.27 -17.58
C VAL H 283 28.91 36.58 -17.57
N ILE H 284 27.70 36.53 -17.03
CA ILE H 284 26.85 37.71 -16.95
C ILE H 284 26.79 38.22 -15.51
N ASN H 285 27.11 39.49 -15.33
CA ASN H 285 27.08 40.10 -14.00
C ASN H 285 25.62 40.22 -13.55
N VAL H 286 25.31 39.55 -12.45
CA VAL H 286 23.96 39.53 -11.89
C VAL H 286 23.97 39.97 -10.43
N PRO H 287 23.98 41.29 -10.19
CA PRO H 287 23.99 41.79 -8.81
C PRO H 287 22.56 41.73 -8.26
N PRO H 288 22.42 41.77 -6.93
CA PRO H 288 21.08 41.74 -6.35
C PRO H 288 20.24 42.92 -6.84
N MET H 289 18.99 42.65 -7.18
CA MET H 289 18.08 43.69 -7.65
C MET H 289 16.72 43.49 -6.98
N PRO H 290 15.91 44.55 -6.93
CA PRO H 290 14.58 44.44 -6.29
C PRO H 290 13.73 43.34 -6.95
N ASN H 291 13.24 42.42 -6.14
CA ASN H 291 12.39 41.31 -6.62
C ASN H 291 13.09 40.22 -7.41
N LEU H 292 14.39 40.37 -7.66
CA LEU H 292 15.11 39.35 -8.44
C LEU H 292 16.14 38.61 -7.60
N MET H 293 16.74 37.58 -8.17
CA MET H 293 17.73 36.79 -7.44
C MET H 293 18.91 36.39 -8.33
N HIS H 294 18.94 35.13 -8.77
CA HIS H 294 20.02 34.64 -9.64
C HIS H 294 19.74 35.00 -11.09
N LEU H 295 20.61 34.54 -11.98
CA LEU H 295 20.47 34.83 -13.40
C LEU H 295 19.14 34.34 -13.98
N ASP H 296 18.65 33.21 -13.48
CA ASP H 296 17.41 32.64 -13.99
C ASP H 296 16.18 33.54 -13.85
N THR H 297 16.18 34.39 -12.82
CA THR H 297 15.06 35.30 -12.60
C THR H 297 15.15 36.49 -13.57
N TRP H 298 16.31 36.68 -14.17
CA TRP H 298 16.51 37.77 -15.13
C TRP H 298 16.23 37.30 -16.56
N LEU H 299 16.75 36.13 -16.90
CA LEU H 299 16.65 35.61 -18.27
C LEU H 299 16.65 34.09 -18.43
N THR H 300 15.83 33.60 -19.34
CA THR H 300 15.74 32.17 -19.65
C THR H 300 15.55 32.02 -21.16
N MET H 301 16.01 30.89 -21.71
CA MET H 301 15.93 30.60 -23.13
C MET H 301 14.85 29.55 -23.40
N LEU H 302 13.94 29.84 -24.34
CA LEU H 302 12.83 28.95 -24.63
C LEU H 302 12.79 28.35 -26.03
N ASP H 303 13.59 28.91 -26.93
CA ASP H 303 13.66 28.43 -28.31
C ASP H 303 15.02 28.85 -28.86
N TYR H 304 15.32 28.50 -30.11
CA TYR H 304 16.61 28.87 -30.70
C TYR H 304 16.86 30.36 -30.61
N ASP H 305 15.81 31.16 -30.79
CA ASP H 305 15.95 32.61 -30.77
C ASP H 305 14.93 33.36 -29.91
N LYS H 306 14.34 32.68 -28.95
CA LYS H 306 13.34 33.33 -28.10
C LYS H 306 13.74 33.29 -26.62
N PHE H 307 13.63 34.43 -25.96
CA PHE H 307 14.01 34.50 -24.55
C PHE H 307 12.94 35.24 -23.74
N LEU H 308 12.87 34.88 -22.46
CA LEU H 308 11.94 35.48 -21.53
C LEU H 308 12.83 36.25 -20.54
N TYR H 309 12.55 37.52 -20.30
CA TYR H 309 13.38 38.33 -19.41
C TYR H 309 12.56 39.23 -18.50
N SER H 310 13.18 39.64 -17.39
CA SER H 310 12.53 40.52 -16.43
C SER H 310 12.61 41.99 -16.87
N PRO H 311 11.46 42.66 -16.99
CA PRO H 311 11.49 44.06 -17.40
C PRO H 311 12.18 44.96 -16.38
N ASN H 312 12.50 44.40 -15.20
CA ASN H 312 13.18 45.14 -14.16
C ASN H 312 14.68 44.82 -14.04
N MET H 313 15.26 44.25 -15.09
CA MET H 313 16.69 43.95 -15.06
C MET H 313 17.42 45.20 -15.52
N MET H 314 18.75 45.20 -15.41
CA MET H 314 19.54 46.35 -15.83
C MET H 314 19.54 46.46 -17.35
N ASN H 315 19.61 47.68 -17.87
CA ASN H 315 19.59 47.94 -19.31
C ASN H 315 20.87 47.49 -20.01
N VAL H 316 22.03 47.91 -19.50
CA VAL H 316 23.29 47.51 -20.10
C VAL H 316 23.94 46.43 -19.25
N LEU H 317 24.32 45.34 -19.88
CA LEU H 317 24.94 44.24 -19.14
C LEU H 317 26.46 44.27 -19.11
N LYS H 318 27.01 43.79 -17.99
CA LYS H 318 28.44 43.69 -17.81
C LYS H 318 28.73 42.21 -18.02
N ILE H 319 29.51 41.90 -19.05
CA ILE H 319 29.83 40.52 -19.41
C ILE H 319 31.32 40.21 -19.34
N TRP H 320 31.64 38.91 -19.30
CA TRP H 320 33.02 38.44 -19.29
C TRP H 320 33.10 37.26 -20.23
N GLU H 321 33.98 37.35 -21.22
CA GLU H 321 34.16 36.28 -22.20
C GLU H 321 35.36 35.42 -21.80
N ILE H 322 35.14 34.11 -21.70
CA ILE H 322 36.20 33.18 -21.36
C ILE H 322 36.42 32.21 -22.51
N ASP H 323 37.58 32.29 -23.15
CA ASP H 323 37.93 31.40 -24.25
C ASP H 323 38.54 30.14 -23.64
N LEU H 324 37.80 29.04 -23.67
CA LEU H 324 38.29 27.78 -23.10
C LEU H 324 39.39 27.13 -23.91
N ASN H 325 39.53 27.55 -25.15
CA ASN H 325 40.56 27.01 -26.03
C ASN H 325 41.94 27.60 -25.73
N VAL H 326 42.00 28.47 -24.72
CA VAL H 326 43.26 29.10 -24.37
C VAL H 326 43.57 29.05 -22.88
N LYS H 327 44.85 28.91 -22.57
CA LYS H 327 45.33 28.88 -21.20
C LYS H 327 46.29 30.05 -21.02
N PRO H 328 46.28 30.69 -19.84
CA PRO H 328 45.41 30.30 -18.73
C PRO H 328 44.02 30.88 -18.98
N VAL H 329 43.13 30.66 -18.03
CA VAL H 329 41.77 31.16 -18.12
C VAL H 329 41.73 32.62 -17.73
N LYS H 330 41.17 33.45 -18.62
CA LYS H 330 41.06 34.88 -18.37
C LYS H 330 39.64 35.37 -18.67
N PHE H 331 39.14 36.26 -17.81
CA PHE H 331 37.81 36.83 -17.97
C PHE H 331 37.94 38.14 -18.74
N VAL H 332 37.50 38.16 -19.99
CA VAL H 332 37.59 39.39 -20.79
C VAL H 332 36.31 40.19 -20.67
N GLU H 333 36.36 41.25 -19.86
CA GLU H 333 35.19 42.09 -19.64
C GLU H 333 34.71 42.78 -20.91
N LYS H 334 33.40 42.78 -21.08
CA LYS H 334 32.76 43.40 -22.24
C LYS H 334 31.49 44.07 -21.72
N LYS H 335 30.75 44.71 -22.62
CA LYS H 335 29.51 45.39 -22.24
C LYS H 335 28.54 45.46 -23.42
N GLY H 336 27.25 45.55 -23.10
CA GLY H 336 26.26 45.63 -24.17
C GLY H 336 24.85 45.40 -23.69
N THR H 337 23.89 45.69 -24.55
CA THR H 337 22.48 45.49 -24.22
C THR H 337 22.20 43.99 -24.25
N LEU H 338 21.05 43.59 -23.70
CA LEU H 338 20.68 42.18 -23.69
C LEU H 338 20.72 41.65 -25.11
N GLU H 339 20.15 42.41 -26.04
CA GLU H 339 20.11 42.01 -27.44
C GLU H 339 21.50 41.77 -28.02
N GLU H 340 22.43 42.69 -27.76
CA GLU H 340 23.79 42.57 -28.27
C GLU H 340 24.49 41.34 -27.72
N VAL H 341 24.34 41.10 -26.42
CA VAL H 341 24.94 39.96 -25.77
C VAL H 341 24.40 38.65 -26.31
N LEU H 342 23.08 38.56 -26.47
CA LEU H 342 22.46 37.36 -26.99
C LEU H 342 22.83 37.13 -28.45
N TYR H 343 22.89 38.21 -29.22
CA TYR H 343 23.25 38.09 -30.64
C TYR H 343 24.64 37.49 -30.79
N SER H 344 25.56 37.86 -29.91
CA SER H 344 26.93 37.37 -29.97
C SER H 344 27.01 35.90 -29.61
N ILE H 345 25.90 35.32 -29.17
CA ILE H 345 25.91 33.91 -28.82
C ILE H 345 25.17 33.05 -29.83
N ILE H 346 23.97 33.47 -30.20
CA ILE H 346 23.16 32.70 -31.17
C ILE H 346 23.36 33.15 -32.60
N ASP H 347 24.05 34.28 -32.78
CA ASP H 347 24.35 34.84 -34.08
C ASP H 347 23.14 35.05 -34.98
N LYS H 348 22.10 35.66 -34.42
CA LYS H 348 20.86 35.97 -35.14
C LYS H 348 20.08 36.88 -34.22
N LYS H 349 19.10 37.60 -34.75
CA LYS H 349 18.31 38.51 -33.94
C LYS H 349 17.49 37.77 -32.90
N PRO H 350 17.69 38.10 -31.60
CA PRO H 350 16.95 37.44 -30.53
C PRO H 350 15.57 38.06 -30.34
N ILE H 351 14.58 37.24 -30.04
CA ILE H 351 13.23 37.72 -29.79
C ILE H 351 13.09 37.80 -28.27
N LEU H 352 12.90 39.01 -27.75
CA LEU H 352 12.80 39.21 -26.33
C LEU H 352 11.37 39.39 -25.85
N ILE H 353 10.96 38.54 -24.91
CA ILE H 353 9.61 38.57 -24.35
C ILE H 353 9.70 38.90 -22.88
N PRO H 354 9.10 40.03 -22.46
CA PRO H 354 9.11 40.48 -21.06
C PRO H 354 8.03 39.81 -20.21
N ILE H 355 8.34 39.58 -18.93
CA ILE H 355 7.38 39.01 -18.00
C ILE H 355 6.11 39.87 -18.02
N ALA H 356 4.96 39.21 -18.08
CA ALA H 356 3.66 39.90 -18.12
C ALA H 356 3.32 40.50 -19.49
N GLY H 357 4.24 40.43 -20.44
CA GLY H 357 3.94 40.96 -21.75
C GLY H 357 4.14 42.45 -21.92
N LYS H 358 4.30 42.89 -23.16
CA LYS H 358 4.52 44.30 -23.47
C LYS H 358 3.33 45.17 -23.08
N GLY H 359 3.62 46.28 -22.40
CA GLY H 359 2.58 47.19 -21.99
C GLY H 359 1.91 46.84 -20.66
N ALA H 360 2.37 45.78 -20.00
CA ALA H 360 1.78 45.39 -18.72
C ALA H 360 2.06 46.47 -17.68
N ASN H 361 1.14 46.67 -16.74
CA ASN H 361 1.39 47.67 -15.70
C ASN H 361 2.33 47.01 -14.69
N GLN H 362 2.84 47.78 -13.74
CA GLN H 362 3.78 47.26 -12.76
C GLN H 362 3.16 46.31 -11.75
N LEU H 363 1.85 46.37 -11.55
CA LEU H 363 1.20 45.46 -10.62
C LEU H 363 1.31 44.02 -11.16
N ASP H 364 0.94 43.82 -12.42
CA ASP H 364 1.01 42.51 -13.05
C ASP H 364 2.45 42.01 -13.15
N ILE H 365 3.37 42.92 -13.44
CA ILE H 365 4.79 42.54 -13.54
C ILE H 365 5.26 42.04 -12.17
N ASP H 366 4.92 42.77 -11.12
CA ASP H 366 5.32 42.39 -9.77
C ASP H 366 4.77 41.02 -9.36
N ILE H 367 3.48 40.78 -9.63
CA ILE H 367 2.85 39.53 -9.29
C ILE H 367 3.42 38.34 -10.05
N GLU H 368 3.54 38.44 -11.36
CA GLU H 368 4.07 37.33 -12.12
C GLU H 368 5.58 37.12 -11.90
N THR H 369 6.26 38.15 -11.39
CA THR H 369 7.68 38.08 -11.08
C THR H 369 7.79 37.32 -9.77
N HIS H 370 6.89 37.67 -8.85
CA HIS H 370 6.83 37.05 -7.54
C HIS H 370 6.60 35.54 -7.67
N PHE H 371 5.80 35.14 -8.65
CA PHE H 371 5.54 33.72 -8.84
C PHE H 371 6.44 33.05 -9.87
N ASP H 372 7.69 33.52 -9.93
CA ASP H 372 8.73 32.94 -10.76
C ASP H 372 8.40 32.82 -12.26
N GLY H 373 7.80 33.85 -12.83
CA GLY H 373 7.41 33.84 -14.22
C GLY H 373 8.40 33.47 -15.32
N THR H 374 9.69 33.75 -15.13
CA THR H 374 10.66 33.41 -16.17
C THR H 374 11.03 31.95 -16.17
N ASN H 375 10.91 31.29 -15.03
CA ASN H 375 11.32 29.91 -14.92
C ASN H 375 10.46 28.79 -15.50
N TYR H 376 10.13 28.92 -16.79
CA TYR H 376 9.40 27.86 -17.46
C TYR H 376 10.45 26.79 -17.81
N LEU H 377 10.04 25.53 -17.89
CA LEU H 377 10.97 24.48 -18.28
C LEU H 377 10.71 24.24 -19.77
N THR H 378 11.75 24.27 -20.59
CA THR H 378 11.59 24.03 -22.01
C THR H 378 11.82 22.54 -22.27
N ILE H 379 10.82 21.85 -22.83
CA ILE H 379 10.94 20.42 -23.09
C ILE H 379 11.22 20.10 -24.56
N ALA H 380 11.19 21.12 -25.39
CA ALA H 380 11.50 21.01 -26.82
C ALA H 380 11.56 22.43 -27.33
N PRO H 381 12.28 22.66 -28.43
CA PRO H 381 12.36 24.03 -28.95
C PRO H 381 10.97 24.67 -29.14
N GLY H 382 10.71 25.73 -28.39
CA GLY H 382 9.43 26.41 -28.49
C GLY H 382 8.26 25.76 -27.75
N VAL H 383 8.55 24.81 -26.86
CA VAL H 383 7.51 24.15 -26.08
C VAL H 383 7.90 24.20 -24.60
N VAL H 384 7.09 24.89 -23.80
CA VAL H 384 7.38 25.06 -22.37
C VAL H 384 6.29 24.60 -21.40
N VAL H 385 6.70 24.39 -20.15
CA VAL H 385 5.83 23.94 -19.06
C VAL H 385 5.95 24.90 -17.88
N GLY H 386 4.80 25.35 -17.35
CA GLY H 386 4.80 26.30 -16.23
C GLY H 386 3.44 26.52 -15.61
N TYR H 387 3.40 27.35 -14.57
CA TYR H 387 2.17 27.64 -13.84
C TYR H 387 1.11 28.39 -14.64
N GLU H 388 -0.14 27.96 -14.54
CA GLU H 388 -1.22 28.62 -15.27
C GLU H 388 -1.55 30.00 -14.69
N ARG H 389 -1.24 30.21 -13.41
CA ARG H 389 -1.55 31.48 -12.78
C ARG H 389 -0.85 32.69 -13.42
N ASN H 390 0.29 32.48 -14.06
CA ASN H 390 0.98 33.60 -14.72
C ASN H 390 0.42 33.80 -16.13
N GLU H 391 -0.85 34.17 -16.18
CA GLU H 391 -1.59 34.37 -17.43
C GLU H 391 -1.05 35.40 -18.41
N LYS H 392 -0.61 36.55 -17.92
CA LYS H 392 -0.08 37.60 -18.78
C LYS H 392 1.18 37.13 -19.51
N THR H 393 2.09 36.49 -18.77
CA THR H 393 3.31 35.96 -19.36
C THR H 393 2.93 34.87 -20.36
N GLN H 394 2.01 34.00 -19.97
CA GLN H 394 1.57 32.90 -20.83
C GLN H 394 1.07 33.44 -22.17
N LYS H 395 0.24 34.48 -22.10
CA LYS H 395 -0.34 35.07 -23.30
C LYS H 395 0.75 35.62 -24.22
N ALA H 396 1.73 36.32 -23.63
CA ALA H 396 2.82 36.86 -24.43
C ALA H 396 3.60 35.72 -25.11
N LEU H 397 3.80 34.61 -24.41
CA LEU H 397 4.52 33.48 -24.98
C LEU H 397 3.80 32.86 -26.17
N VAL H 398 2.49 32.64 -26.06
CA VAL H 398 1.77 32.03 -27.18
C VAL H 398 1.71 32.97 -28.38
N GLU H 399 1.57 34.27 -28.11
CA GLU H 399 1.53 35.23 -29.19
C GLU H 399 2.86 35.24 -29.93
N ALA H 400 3.94 34.89 -29.23
CA ALA H 400 5.27 34.86 -29.83
C ALA H 400 5.55 33.54 -30.55
N GLY H 401 4.54 32.66 -30.57
CA GLY H 401 4.70 31.40 -31.26
C GLY H 401 5.14 30.23 -30.41
N ILE H 402 5.23 30.42 -29.11
CA ILE H 402 5.64 29.33 -28.22
C ILE H 402 4.41 28.56 -27.72
N LYS H 403 4.52 27.24 -27.70
CA LYS H 403 3.45 26.37 -27.20
C LYS H 403 3.60 26.25 -25.68
N VAL H 404 2.53 26.53 -24.96
CA VAL H 404 2.57 26.47 -23.50
C VAL H 404 1.74 25.33 -22.89
N LEU H 405 2.40 24.45 -22.16
CA LEU H 405 1.71 23.36 -21.50
C LEU H 405 1.67 23.73 -20.01
N SER H 406 0.61 24.44 -19.61
CA SER H 406 0.46 24.89 -18.23
C SER H 406 -0.16 23.83 -17.33
N PHE H 407 -0.02 24.02 -16.02
CA PHE H 407 -0.59 23.12 -15.04
C PHE H 407 -0.95 23.93 -13.79
N ASN H 408 -1.89 23.41 -13.00
CA ASN H 408 -2.33 24.08 -11.79
C ASN H 408 -1.31 23.89 -10.67
N GLY H 409 -0.77 24.99 -10.17
CA GLY H 409 0.18 24.90 -9.08
C GLY H 409 -0.23 25.88 -7.99
N SER H 410 -1.54 26.00 -7.79
CA SER H 410 -2.09 26.92 -6.79
C SER H 410 -1.37 26.87 -5.45
N GLN H 411 -0.92 25.69 -5.05
CA GLN H 411 -0.18 25.54 -3.79
C GLN H 411 1.33 25.45 -4.05
N LEU H 412 1.75 24.65 -5.04
CA LEU H 412 3.16 24.50 -5.36
C LEU H 412 3.85 25.84 -5.56
N SER H 413 3.19 26.73 -6.29
CA SER H 413 3.72 28.07 -6.57
C SER H 413 4.03 28.91 -5.34
N LEU H 414 3.47 28.55 -4.19
CA LEU H 414 3.74 29.30 -2.97
C LEU H 414 5.20 29.10 -2.55
N GLY H 415 5.83 28.08 -3.11
CA GLY H 415 7.22 27.80 -2.82
C GLY H 415 8.16 28.74 -3.57
N MET H 416 7.59 29.56 -4.45
CA MET H 416 8.34 30.57 -5.20
C MET H 416 9.25 30.05 -6.34
N GLY H 417 9.12 28.78 -6.69
CA GLY H 417 9.94 28.24 -7.75
C GLY H 417 9.05 27.57 -8.81
N SER H 418 9.30 27.86 -10.07
CA SER H 418 8.49 27.29 -11.15
C SER H 418 9.09 25.98 -11.70
N ALA H 419 8.59 25.54 -12.85
CA ALA H 419 9.01 24.28 -13.46
C ALA H 419 10.53 24.07 -13.66
N ARG H 420 11.25 25.08 -14.15
CA ARG H 420 12.67 24.90 -14.36
C ARG H 420 13.37 24.60 -13.02
N CYS H 421 12.83 25.16 -11.93
CA CYS H 421 13.41 24.96 -10.61
C CYS H 421 13.10 23.57 -10.07
N MET H 422 11.96 23.01 -10.50
CA MET H 422 11.54 21.70 -10.04
C MET H 422 12.02 20.59 -10.93
N SER H 423 13.08 20.86 -11.69
CA SER H 423 13.60 19.85 -12.58
C SER H 423 15.08 19.98 -12.86
N MET H 424 15.67 18.85 -13.27
CA MET H 424 17.07 18.83 -13.67
C MET H 424 17.22 17.88 -14.84
N PRO H 425 17.32 18.43 -16.05
CA PRO H 425 17.47 17.57 -17.23
C PRO H 425 18.74 16.73 -17.08
N LEU H 426 18.65 15.47 -17.48
CA LEU H 426 19.79 14.57 -17.42
C LEU H 426 20.24 14.29 -18.85
N ILE H 427 19.27 14.14 -19.76
CA ILE H 427 19.57 13.91 -21.17
C ILE H 427 18.65 14.68 -22.11
N ARG H 428 19.26 15.44 -23.02
CA ARG H 428 18.52 16.22 -24.01
C ARG H 428 19.10 15.87 -25.37
N GLU H 429 18.23 15.84 -26.38
CA GLU H 429 18.67 15.55 -27.73
C GLU H 429 19.56 16.72 -28.17
N ASN H 430 20.75 16.43 -28.66
CA ASN H 430 21.64 17.49 -29.10
C ASN H 430 20.99 18.30 -30.22
N LEU H 431 21.25 19.60 -30.23
CA LEU H 431 20.67 20.45 -31.25
C LEU H 431 21.42 20.30 -32.57
N LYS H 432 20.71 20.56 -33.66
CA LYS H 432 21.31 20.51 -34.98
C LYS H 432 21.26 21.96 -35.45
N LYS H 433 20.67 22.79 -34.59
CA LYS H 433 20.47 24.22 -34.80
C LYS H 433 19.77 24.50 -36.13
N GLY I 35 11.04 -11.96 58.37
CA GLY I 35 11.84 -10.70 58.40
C GLY I 35 11.57 -9.77 57.22
N ILE I 36 10.94 -10.29 56.17
CA ILE I 36 10.62 -9.49 55.00
C ILE I 36 9.12 -9.49 54.72
N ASN I 37 8.54 -8.29 54.59
CA ASN I 37 7.12 -8.17 54.29
C ASN I 37 6.87 -6.85 53.60
N VAL I 38 6.89 -6.88 52.28
CA VAL I 38 6.69 -5.69 51.47
C VAL I 38 5.66 -5.94 50.37
N TYR I 39 4.40 -5.60 50.65
CA TYR I 39 3.34 -5.82 49.67
C TYR I 39 2.76 -4.55 49.05
N SER I 40 3.63 -3.57 48.79
CA SER I 40 3.23 -2.30 48.18
C SER I 40 4.44 -1.37 48.08
N GLU I 41 4.22 -0.21 47.47
CA GLU I 41 5.26 0.78 47.31
C GLU I 41 4.99 1.94 48.28
N ILE I 42 3.79 1.97 48.84
CA ILE I 42 3.40 3.07 49.70
C ILE I 42 3.03 2.82 51.16
N GLY I 43 2.80 1.56 51.53
CA GLY I 43 2.43 1.26 52.90
C GLY I 43 3.41 1.84 53.91
N GLU I 44 2.90 2.29 55.05
CA GLU I 44 3.74 2.86 56.09
C GLU I 44 5.01 2.01 56.31
N LEU I 45 6.16 2.61 56.01
CA LEU I 45 7.46 1.95 56.14
C LEU I 45 7.86 1.75 57.60
N LYS I 46 8.21 0.51 57.96
CA LYS I 46 8.60 0.19 59.33
C LYS I 46 10.08 -0.15 59.48
N GLU I 47 10.63 -0.86 58.50
CA GLU I 47 12.04 -1.24 58.52
C GLU I 47 12.61 -1.07 57.13
N VAL I 48 13.74 -0.36 57.04
CA VAL I 48 14.38 -0.11 55.74
C VAL I 48 15.90 -0.27 55.80
N LEU I 49 16.48 -0.73 54.69
CA LEU I 49 17.91 -0.95 54.60
C LEU I 49 18.57 0.17 53.81
N VAL I 50 19.64 0.73 54.38
CA VAL I 50 20.39 1.78 53.72
C VAL I 50 21.87 1.54 53.97
N HIS I 51 22.69 2.37 53.34
CA HIS I 51 24.13 2.30 53.52
C HIS I 51 24.69 3.71 53.42
N THR I 52 25.15 4.25 54.54
CA THR I 52 25.75 5.57 54.54
C THR I 52 27.12 5.30 53.93
N PRO I 53 27.46 6.00 52.84
CA PRO I 53 28.76 5.77 52.22
C PRO I 53 29.97 5.96 53.12
N GLY I 54 30.98 5.13 52.89
CA GLY I 54 32.23 5.19 53.63
C GLY I 54 33.36 5.64 52.73
N ASP I 55 34.59 5.25 53.03
CA ASP I 55 35.74 5.66 52.24
C ASP I 55 35.69 5.31 50.75
N GLU I 56 34.83 4.37 50.39
CA GLU I 56 34.73 3.98 48.99
C GLU I 56 34.43 5.16 48.07
N ILE I 57 33.65 6.15 48.52
CA ILE I 57 33.36 7.28 47.65
C ILE I 57 34.49 8.31 47.64
N ARG I 58 35.62 7.96 48.26
CA ARG I 58 36.79 8.83 48.27
C ARG I 58 37.82 8.25 47.29
N TYR I 59 37.60 7.01 46.87
CA TYR I 59 38.55 6.32 46.00
C TYR I 59 38.20 6.23 44.52
N THR I 60 37.37 7.15 44.03
CA THR I 60 37.01 7.14 42.62
C THR I 60 37.81 8.20 41.86
N ALA I 61 38.82 7.78 41.11
CA ALA I 61 39.61 8.74 40.34
C ALA I 61 38.73 9.26 39.19
N PRO I 62 38.91 10.53 38.82
CA PRO I 62 38.11 11.11 37.74
C PRO I 62 38.14 10.35 36.41
N SER I 63 39.23 9.66 36.12
CA SER I 63 39.38 8.90 34.87
C SER I 63 38.72 7.52 34.94
N ARG I 64 38.33 7.10 36.13
CA ARG I 64 37.72 5.80 36.31
C ARG I 64 36.21 5.83 36.57
N LEU I 65 35.57 6.95 36.28
CA LEU I 65 34.14 7.06 36.48
C LEU I 65 33.38 5.95 35.75
N GLU I 66 33.75 5.70 34.48
CA GLU I 66 33.11 4.65 33.71
C GLU I 66 33.48 3.26 34.23
N GLU I 67 34.77 3.07 34.51
CA GLU I 67 35.28 1.80 35.00
C GLU I 67 34.59 1.36 36.29
N LEU I 68 34.38 2.30 37.20
CA LEU I 68 33.74 2.01 38.47
C LEU I 68 32.23 2.19 38.37
N LEU I 69 31.75 2.55 37.18
CA LEU I 69 30.33 2.77 36.94
C LEU I 69 29.70 3.76 37.92
N PHE I 70 30.38 4.88 38.13
CA PHE I 70 29.88 5.92 39.03
C PHE I 70 29.89 7.24 38.24
N SER I 71 28.95 8.13 38.56
CA SER I 71 28.80 9.38 37.83
C SER I 71 29.71 10.58 38.07
N ALA I 72 30.28 10.73 39.24
CA ALA I 72 31.16 11.88 39.48
C ALA I 72 32.03 11.77 40.72
N VAL I 73 32.96 12.72 40.85
CA VAL I 73 33.85 12.75 42.00
C VAL I 73 33.13 13.59 43.05
N LEU I 74 32.80 12.98 44.18
CA LEU I 74 32.08 13.67 45.23
C LEU I 74 32.99 14.25 46.30
N LYS I 75 32.50 15.28 46.98
CA LYS I 75 33.21 15.88 48.10
C LYS I 75 32.70 15.01 49.25
N ALA I 76 33.36 13.87 49.43
CA ALA I 76 32.99 12.86 50.42
C ALA I 76 32.33 13.29 51.73
N ASP I 77 33.05 14.08 52.54
CA ASP I 77 32.51 14.51 53.83
C ASP I 77 31.13 15.11 53.71
N THR I 78 30.91 15.94 52.71
CA THR I 78 29.63 16.59 52.52
C THR I 78 28.54 15.60 52.12
N ALA I 79 28.87 14.69 51.20
CA ALA I 79 27.92 13.69 50.74
C ALA I 79 27.49 12.82 51.92
N ILE I 80 28.47 12.43 52.72
CA ILE I 80 28.19 11.59 53.88
C ILE I 80 27.25 12.30 54.86
N GLU I 81 27.48 13.58 55.13
CA GLU I 81 26.60 14.30 56.05
C GLU I 81 25.19 14.41 55.47
N GLU I 82 25.10 14.57 54.16
CA GLU I 82 23.81 14.68 53.51
C GLU I 82 23.04 13.38 53.62
N HIS I 83 23.75 12.26 53.49
CA HIS I 83 23.10 10.97 53.60
C HIS I 83 22.57 10.79 55.02
N LYS I 84 23.35 11.24 56.00
CA LYS I 84 22.92 11.13 57.39
C LYS I 84 21.65 11.96 57.60
N GLY I 85 21.53 13.06 56.85
CA GLY I 85 20.34 13.89 56.97
C GLY I 85 19.14 13.13 56.47
N PHE I 86 19.36 12.36 55.40
CA PHE I 86 18.33 11.53 54.78
C PHE I 86 17.87 10.48 55.80
N VAL I 87 18.84 9.83 56.44
CA VAL I 87 18.56 8.83 57.45
C VAL I 87 17.79 9.40 58.64
N LYS I 88 18.18 10.59 59.08
CA LYS I 88 17.53 11.23 60.21
C LYS I 88 16.04 11.46 59.96
N ILE I 89 15.70 11.91 58.75
CA ILE I 89 14.30 12.13 58.41
C ILE I 89 13.50 10.83 58.51
N LEU I 90 14.09 9.74 58.02
CA LEU I 90 13.40 8.46 58.09
C LEU I 90 13.19 8.05 59.55
N GLN I 91 14.20 8.24 60.37
CA GLN I 91 14.10 7.89 61.79
C GLN I 91 13.08 8.76 62.51
N ASN I 92 13.04 10.05 62.17
CA ASN I 92 12.10 10.95 62.82
C ASN I 92 10.66 10.62 62.45
N ASN I 93 10.48 9.76 61.46
CA ASN I 93 9.15 9.34 61.05
C ASN I 93 8.83 7.95 61.58
N GLY I 94 9.54 7.56 62.63
CA GLY I 94 9.31 6.27 63.26
C GLY I 94 9.79 5.06 62.50
N ILE I 95 10.59 5.28 61.45
CA ILE I 95 11.10 4.16 60.67
C ILE I 95 12.39 3.62 61.30
N LYS I 96 12.53 2.29 61.31
CA LYS I 96 13.74 1.65 61.84
C LYS I 96 14.73 1.56 60.69
N VAL I 97 15.78 2.38 60.74
CA VAL I 97 16.77 2.38 59.67
C VAL I 97 17.93 1.44 59.98
N ILE I 98 18.12 0.45 59.11
CA ILE I 98 19.17 -0.52 59.30
C ILE I 98 20.33 -0.30 58.34
N GLN I 99 21.51 -0.20 58.93
CA GLN I 99 22.74 0.02 58.20
C GLN I 99 23.27 -1.33 57.68
N LEU I 100 23.58 -1.41 56.38
CA LEU I 100 24.09 -2.65 55.79
C LEU I 100 25.31 -3.20 56.52
N CYS I 101 26.23 -2.31 56.92
CA CYS I 101 27.43 -2.75 57.63
C CYS I 101 27.11 -3.37 58.99
N ASP I 102 26.11 -2.84 59.69
CA ASP I 102 25.73 -3.40 60.99
C ASP I 102 25.02 -4.73 60.83
N LEU I 103 24.17 -4.85 59.81
CA LEU I 103 23.45 -6.09 59.60
C LEU I 103 24.43 -7.22 59.27
N VAL I 104 25.43 -6.92 58.45
CA VAL I 104 26.45 -7.90 58.07
C VAL I 104 27.28 -8.27 59.30
N ALA I 105 27.69 -7.27 60.06
CA ALA I 105 28.49 -7.49 61.26
C ALA I 105 27.74 -8.38 62.26
N GLU I 106 26.45 -8.10 62.42
CA GLU I 106 25.61 -8.86 63.33
C GLU I 106 25.54 -10.31 62.87
N THR I 107 25.42 -10.53 61.57
CA THR I 107 25.35 -11.87 61.01
C THR I 107 26.67 -12.61 61.26
N TYR I 108 27.77 -11.91 60.99
CA TYR I 108 29.10 -12.48 61.17
C TYR I 108 29.34 -13.00 62.59
N GLU I 109 28.95 -12.23 63.59
CA GLU I 109 29.13 -12.63 64.99
C GLU I 109 28.40 -13.93 65.33
N LEU I 110 27.26 -14.15 64.68
CA LEU I 110 26.46 -15.35 64.92
C LEU I 110 26.93 -16.59 64.18
N CYS I 111 27.81 -16.41 63.19
CA CYS I 111 28.30 -17.52 62.40
C CYS I 111 29.46 -18.28 63.03
N SER I 112 29.64 -19.52 62.57
CA SER I 112 30.72 -20.39 63.05
C SER I 112 32.02 -19.91 62.42
N LYS I 113 33.15 -20.29 63.02
CA LYS I 113 34.44 -19.88 62.51
C LYS I 113 34.64 -20.26 61.04
N GLU I 114 34.12 -21.43 60.64
CA GLU I 114 34.25 -21.86 59.25
C GLU I 114 33.39 -21.05 58.29
N VAL I 115 32.20 -20.64 58.72
CA VAL I 115 31.35 -19.83 57.84
C VAL I 115 31.90 -18.42 57.75
N ARG I 116 32.43 -17.91 58.87
CA ARG I 116 33.04 -16.59 58.90
C ARG I 116 34.17 -16.54 57.88
N ASN I 117 35.07 -17.51 57.99
CA ASN I 117 36.22 -17.59 57.10
C ASN I 117 35.75 -17.78 55.66
N SER I 118 34.63 -18.46 55.50
CA SER I 118 34.03 -18.71 54.19
C SER I 118 33.71 -17.37 53.51
N PHE I 119 33.20 -16.44 54.31
CA PHE I 119 32.82 -15.09 53.90
C PHE I 119 34.04 -14.28 53.46
N ILE I 120 35.07 -14.27 54.31
CA ILE I 120 36.30 -13.54 53.99
C ILE I 120 36.93 -14.07 52.71
N GLU I 121 37.02 -15.39 52.60
CA GLU I 121 37.60 -16.03 51.42
C GLU I 121 36.89 -15.67 50.13
N GLN I 122 35.56 -15.67 50.15
CA GLN I 122 34.80 -15.33 48.95
C GLN I 122 35.09 -13.89 48.57
N TYR I 123 35.17 -13.01 49.57
CA TYR I 123 35.46 -11.60 49.32
C TYR I 123 36.80 -11.46 48.61
N LEU I 124 37.83 -12.13 49.13
CA LEU I 124 39.15 -12.08 48.52
C LEU I 124 39.13 -12.62 47.10
N ASP I 125 38.30 -13.64 46.87
CA ASP I 125 38.19 -14.23 45.54
C ASP I 125 37.60 -13.27 44.53
N GLU I 126 36.60 -12.50 44.96
CA GLU I 126 35.92 -11.55 44.08
C GLU I 126 36.55 -10.16 44.02
N ALA I 127 37.61 -9.93 44.77
CA ALA I 127 38.25 -8.63 44.78
C ALA I 127 38.83 -8.21 43.43
N LEU I 128 38.77 -6.91 43.16
CA LEU I 128 39.32 -6.34 41.95
C LEU I 128 40.07 -5.07 42.31
N PRO I 129 41.29 -4.89 41.80
CA PRO I 129 42.03 -5.79 40.90
C PRO I 129 42.32 -7.12 41.58
N VAL I 130 42.47 -8.18 40.78
CA VAL I 130 42.76 -9.51 41.31
C VAL I 130 43.98 -9.47 42.22
N LEU I 131 43.88 -10.13 43.37
CA LEU I 131 44.95 -10.15 44.37
C LEU I 131 46.09 -11.10 44.03
N LYS I 132 47.32 -10.59 44.08
CA LYS I 132 48.49 -11.41 43.82
C LYS I 132 48.63 -12.40 44.98
N LYS I 133 49.10 -13.60 44.68
CA LYS I 133 49.25 -14.63 45.70
C LYS I 133 49.93 -14.19 46.98
N GLU I 134 50.99 -13.40 46.91
CA GLU I 134 51.66 -12.98 48.14
C GLU I 134 51.05 -11.78 48.85
N ILE I 135 50.11 -11.12 48.19
CA ILE I 135 49.45 -9.97 48.79
C ILE I 135 48.14 -10.39 49.47
N ARG I 136 47.54 -11.46 48.96
CA ARG I 136 46.29 -11.98 49.50
C ARG I 136 46.33 -12.21 51.01
N PRO I 137 47.37 -12.91 51.51
CA PRO I 137 47.45 -13.15 52.94
C PRO I 137 47.67 -11.87 53.74
N VAL I 138 48.28 -10.87 53.11
CA VAL I 138 48.51 -9.60 53.80
C VAL I 138 47.20 -8.85 53.99
N VAL I 139 46.33 -8.93 52.99
CA VAL I 139 45.02 -8.29 53.05
C VAL I 139 44.16 -8.99 54.10
N LYS I 140 44.20 -10.32 54.10
CA LYS I 140 43.42 -11.11 55.06
C LYS I 140 43.78 -10.80 56.52
N ASP I 141 45.07 -10.74 56.83
CA ASP I 141 45.46 -10.43 58.21
C ASP I 141 45.02 -9.01 58.57
N TYR I 142 45.12 -8.11 57.60
CA TYR I 142 44.72 -6.72 57.81
C TYR I 142 43.25 -6.66 58.20
N LEU I 143 42.41 -7.30 57.40
CA LEU I 143 40.97 -7.33 57.65
C LEU I 143 40.63 -7.89 59.04
N LEU I 144 41.26 -9.00 59.39
CA LEU I 144 41.00 -9.65 60.66
C LEU I 144 41.54 -8.88 61.87
N SER I 145 42.37 -7.86 61.63
CA SER I 145 42.92 -7.09 62.75
C SER I 145 41.94 -6.02 63.26
N PHE I 146 40.85 -5.81 62.53
CA PHE I 146 39.85 -4.82 62.90
C PHE I 146 38.63 -5.41 63.60
N PRO I 147 37.94 -4.61 64.43
CA PRO I 147 36.74 -5.10 65.11
C PRO I 147 35.75 -5.39 63.98
N THR I 148 34.87 -6.36 64.17
CA THR I 148 33.91 -6.77 63.15
C THR I 148 33.34 -5.68 62.22
N VAL I 149 32.61 -4.73 62.77
CA VAL I 149 32.01 -3.68 61.93
C VAL I 149 33.02 -2.89 61.11
N GLN I 150 34.17 -2.58 61.71
CA GLN I 150 35.20 -1.84 60.98
C GLN I 150 35.77 -2.71 59.85
N MET I 151 35.84 -4.01 60.10
CA MET I 151 36.34 -4.91 59.08
C MET I 151 35.39 -4.89 57.89
N VAL I 152 34.10 -4.98 58.17
CA VAL I 152 33.09 -4.96 57.11
C VAL I 152 33.19 -3.66 56.30
N ARG I 153 33.45 -2.56 57.00
CA ARG I 153 33.59 -1.26 56.34
C ARG I 153 34.82 -1.22 55.43
N LYS I 154 35.89 -1.91 55.81
CA LYS I 154 37.11 -1.95 54.98
C LYS I 154 36.80 -2.73 53.73
N MET I 155 36.03 -3.81 53.89
CA MET I 155 35.66 -4.65 52.75
C MET I 155 34.84 -3.84 51.75
N MET I 156 33.97 -2.98 52.29
CA MET I 156 33.12 -2.14 51.45
C MET I 156 33.88 -0.96 50.84
N SER I 157 34.78 -0.38 51.61
CA SER I 157 35.53 0.78 51.15
C SER I 157 36.65 0.52 50.16
N GLY I 158 37.24 -0.68 50.23
CA GLY I 158 38.36 -0.98 49.37
C GLY I 158 39.61 -0.70 50.19
N ILE I 159 40.78 -1.05 49.67
CA ILE I 159 42.01 -0.85 50.41
C ILE I 159 43.11 -0.14 49.62
N LEU I 160 43.72 0.85 50.26
CA LEU I 160 44.78 1.63 49.64
C LEU I 160 46.12 0.92 49.83
N ALA I 161 47.00 1.06 48.84
CA ALA I 161 48.32 0.46 48.92
C ALA I 161 49.05 0.98 50.16
N ASN I 162 48.91 2.27 50.44
CA ASN I 162 49.55 2.88 51.60
C ASN I 162 49.19 2.17 52.90
N GLU I 163 47.92 1.79 53.03
CA GLU I 163 47.43 1.08 54.22
C GLU I 163 48.20 -0.19 54.55
N LEU I 164 48.68 -0.87 53.52
CA LEU I 164 49.42 -2.12 53.70
C LEU I 164 50.92 -1.94 53.59
N ASN I 165 51.38 -0.69 53.52
CA ASN I 165 52.81 -0.42 53.41
C ASN I 165 53.41 -0.96 52.12
N ILE I 166 52.59 -1.02 51.07
CA ILE I 166 53.03 -1.52 49.78
C ILE I 166 53.27 -0.36 48.80
N LYS I 167 54.40 -0.39 48.11
CA LYS I 167 54.70 0.66 47.14
C LYS I 167 54.32 0.22 45.73
N GLN I 168 53.70 1.13 44.99
CA GLN I 168 53.27 0.88 43.62
C GLN I 168 52.57 2.14 43.15
N ASP I 169 52.56 2.39 41.84
CA ASP I 169 51.90 3.55 41.30
C ASP I 169 50.37 3.49 41.45
N ASN I 170 49.77 2.31 41.32
CA ASN I 170 48.31 2.22 41.49
C ASN I 170 48.03 2.37 42.98
N PRO I 171 47.31 3.44 43.37
CA PRO I 171 46.97 3.69 44.77
C PRO I 171 46.09 2.65 45.47
N LEU I 172 45.40 1.82 44.71
CA LEU I 172 44.49 0.83 45.29
C LEU I 172 44.87 -0.64 45.13
N ILE I 173 44.85 -1.38 46.25
CA ILE I 173 45.11 -2.82 46.24
C ILE I 173 43.79 -3.47 45.89
N ILE I 174 42.70 -2.92 46.45
CA ILE I 174 41.35 -3.42 46.19
C ILE I 174 40.43 -2.21 45.98
N ASP I 175 39.70 -2.20 44.88
CA ASP I 175 38.78 -1.10 44.59
C ASP I 175 37.64 -1.07 45.60
N GLY I 176 37.08 0.12 45.83
CA GLY I 176 35.96 0.22 46.74
C GLY I 176 34.71 -0.06 45.91
N MET I 177 33.55 -0.05 46.56
CA MET I 177 32.28 -0.26 45.86
C MET I 177 31.47 1.01 46.12
N PRO I 178 31.77 2.07 45.36
CA PRO I 178 31.08 3.35 45.50
C PRO I 178 29.56 3.33 45.42
N ASN I 179 29.01 2.34 44.73
CA ASN I 179 27.55 2.25 44.57
C ASN I 179 26.82 1.57 45.71
N LEU I 180 27.55 1.17 46.75
CA LEU I 180 26.91 0.50 47.88
C LEU I 180 25.77 1.28 48.52
N TYR I 181 25.84 2.62 48.53
CA TYR I 181 24.76 3.38 49.15
C TYR I 181 23.43 3.28 48.39
N PHE I 182 23.46 2.66 47.21
CA PHE I 182 22.25 2.44 46.41
C PHE I 182 21.79 1.01 46.76
N THR I 183 21.26 0.85 47.97
CA THR I 183 20.80 -0.44 48.45
C THR I 183 19.62 -1.02 47.68
N ARG I 184 19.11 -0.27 46.71
CA ARG I 184 18.00 -0.70 45.89
C ARG I 184 18.43 -1.75 44.85
N ASP I 185 19.73 -1.85 44.62
CA ASP I 185 20.24 -2.77 43.59
C ASP I 185 20.60 -4.22 43.93
N PRO I 186 21.42 -4.45 44.98
CA PRO I 186 21.78 -5.83 45.31
C PRO I 186 20.61 -6.81 45.39
N PHE I 187 19.53 -6.40 46.06
CA PHE I 187 18.35 -7.26 46.18
C PHE I 187 17.11 -6.39 46.36
N ALA I 188 15.95 -6.95 46.02
CA ALA I 188 14.70 -6.21 46.13
C ALA I 188 13.65 -7.01 46.88
N SER I 189 13.09 -6.43 47.93
CA SER I 189 12.06 -7.14 48.70
C SER I 189 10.89 -7.35 47.75
N MET I 190 10.25 -8.50 47.88
CA MET I 190 9.15 -8.86 47.00
C MET I 190 8.12 -9.65 47.78
N GLY I 191 7.13 -8.97 48.35
CA GLY I 191 6.12 -9.66 49.14
C GLY I 191 6.72 -10.26 50.39
N ASN I 192 6.72 -11.59 50.47
CA ASN I 192 7.28 -12.26 51.64
C ASN I 192 8.67 -12.80 51.32
N GLY I 193 9.10 -12.61 50.07
CA GLY I 193 10.41 -13.09 49.66
C GLY I 193 11.30 -11.98 49.10
N VAL I 194 12.44 -12.36 48.56
CA VAL I 194 13.36 -11.39 47.99
C VAL I 194 13.89 -11.84 46.64
N SER I 195 14.40 -10.89 45.88
CA SER I 195 14.99 -11.17 44.58
C SER I 195 16.43 -10.66 44.64
N ILE I 196 17.37 -11.58 44.84
CA ILE I 196 18.78 -11.22 44.85
C ILE I 196 19.11 -11.08 43.38
N ASN I 197 19.24 -9.83 42.94
CA ASN I 197 19.46 -9.48 41.55
C ASN I 197 20.80 -9.84 40.90
N CYS I 198 20.78 -9.90 39.57
CA CYS I 198 21.97 -10.22 38.77
C CYS I 198 22.46 -8.94 38.10
N MET I 199 23.41 -8.28 38.75
CA MET I 199 23.99 -7.03 38.26
C MET I 199 24.63 -7.26 36.90
N LYS I 200 24.85 -6.18 36.15
CA LYS I 200 25.43 -6.31 34.82
C LYS I 200 26.96 -6.41 34.80
N TYR I 201 27.64 -5.42 35.36
CA TYR I 201 29.11 -5.43 35.35
C TYR I 201 29.73 -5.93 36.66
N PRO I 202 30.79 -6.74 36.56
CA PRO I 202 31.54 -7.32 37.69
C PRO I 202 31.83 -6.35 38.83
N THR I 203 32.08 -5.09 38.48
CA THR I 203 32.37 -4.07 39.50
C THR I 203 31.24 -3.98 40.51
N ARG I 204 30.01 -4.17 40.04
CA ARG I 204 28.84 -4.08 40.91
C ARG I 204 28.33 -5.41 41.44
N LYS I 205 28.75 -6.50 40.81
CA LYS I 205 28.34 -7.82 41.24
C LYS I 205 29.03 -8.13 42.57
N ARG I 206 30.12 -7.40 42.85
CA ARG I 206 30.85 -7.59 44.09
C ARG I 206 30.03 -7.15 45.31
N GLU I 207 29.04 -6.29 45.07
CA GLU I 207 28.18 -5.76 46.14
C GLU I 207 27.23 -6.79 46.74
N VAL I 208 26.80 -7.75 45.93
CA VAL I 208 25.85 -8.76 46.36
C VAL I 208 26.32 -9.63 47.54
N ILE I 209 27.62 -9.82 47.68
CA ILE I 209 28.13 -10.67 48.75
C ILE I 209 27.62 -10.32 50.15
N PHE I 210 27.44 -9.03 50.41
CA PHE I 210 27.01 -8.59 51.74
C PHE I 210 25.59 -8.98 52.12
N SER I 211 24.61 -8.55 51.36
CA SER I 211 23.23 -8.91 51.68
C SER I 211 22.99 -10.42 51.51
N ARG I 212 23.65 -11.03 50.54
CA ARG I 212 23.48 -12.47 50.32
C ARG I 212 23.98 -13.24 51.54
N PHE I 213 25.03 -12.71 52.18
CA PHE I 213 25.58 -13.33 53.38
C PHE I 213 24.55 -13.28 54.50
N VAL I 214 23.78 -12.19 54.54
CA VAL I 214 22.75 -12.00 55.55
C VAL I 214 21.54 -12.93 55.31
N PHE I 215 21.09 -13.01 54.07
CA PHE I 215 19.95 -13.89 53.76
C PHE I 215 20.30 -15.37 53.81
N THR I 216 21.59 -15.68 54.00
CA THR I 216 22.02 -17.05 54.07
C THR I 216 22.29 -17.50 55.50
N ASN I 217 22.75 -16.60 56.35
CA ASN I 217 23.08 -16.97 57.71
C ASN I 217 22.33 -16.30 58.86
N ASN I 218 21.82 -15.08 58.66
CA ASN I 218 21.12 -14.41 59.74
C ASN I 218 19.79 -15.13 60.00
N PRO I 219 19.57 -15.59 61.24
CA PRO I 219 18.34 -16.30 61.59
C PRO I 219 17.04 -15.55 61.27
N LYS I 220 17.09 -14.22 61.31
CA LYS I 220 15.91 -13.42 61.03
C LYS I 220 15.54 -13.38 59.54
N TYR I 221 16.51 -13.65 58.66
CA TYR I 221 16.25 -13.61 57.22
C TYR I 221 16.56 -14.93 56.51
N LYS I 222 17.27 -15.81 57.21
CA LYS I 222 17.67 -17.11 56.68
C LYS I 222 16.59 -17.86 55.91
N ASN I 223 15.37 -17.86 56.43
CA ASN I 223 14.27 -18.58 55.79
C ASN I 223 13.45 -17.77 54.79
N THR I 224 13.94 -16.62 54.40
CA THR I 224 13.22 -15.80 53.43
C THR I 224 13.31 -16.48 52.08
N PRO I 225 12.17 -16.76 51.44
CA PRO I 225 12.20 -17.41 50.14
C PRO I 225 12.80 -16.50 49.08
N ARG I 226 13.68 -17.05 48.24
CA ARG I 226 14.33 -16.27 47.20
C ARG I 226 13.65 -16.51 45.85
N TYR I 227 12.78 -15.57 45.45
CA TYR I 227 12.09 -15.71 44.18
C TYR I 227 13.05 -15.52 43.01
N PHE I 228 14.30 -15.21 43.33
CA PHE I 228 15.35 -15.07 42.34
C PHE I 228 16.67 -14.99 43.06
N ASP I 229 17.70 -15.58 42.47
CA ASP I 229 19.03 -15.57 43.05
C ASP I 229 19.99 -15.64 41.88
N ILE I 230 21.27 -15.44 42.17
CA ILE I 230 22.30 -15.45 41.14
C ILE I 230 22.81 -16.87 40.86
N VAL I 231 22.09 -17.88 41.31
CA VAL I 231 22.56 -19.24 41.10
C VAL I 231 21.63 -20.26 40.44
N GLY I 232 20.39 -20.38 40.91
CA GLY I 232 19.52 -21.38 40.31
C GLY I 232 18.38 -20.90 39.45
N ASN I 233 18.65 -19.92 38.59
CA ASN I 233 17.61 -19.38 37.73
C ASN I 233 18.13 -18.99 36.36
N ASN I 234 17.26 -18.41 35.55
CA ASN I 234 17.63 -17.97 34.21
C ASN I 234 17.37 -16.48 34.01
N GLY I 235 18.14 -15.88 33.10
CA GLY I 235 17.99 -14.47 32.80
C GLY I 235 18.67 -13.50 33.74
N THR I 236 18.35 -12.22 33.58
CA THR I 236 18.91 -11.16 34.41
C THR I 236 17.78 -10.26 34.91
N ILE I 237 18.01 -9.62 36.05
CA ILE I 237 17.02 -8.71 36.62
C ILE I 237 17.69 -7.73 37.58
N GLU I 238 17.23 -6.48 37.58
CA GLU I 238 17.80 -5.48 38.47
C GLU I 238 16.74 -4.76 39.29
N GLY I 239 17.13 -4.32 40.49
CA GLY I 239 16.22 -3.65 41.40
C GLY I 239 15.37 -2.52 40.84
N GLY I 240 15.93 -1.74 39.92
CA GLY I 240 15.19 -0.63 39.35
C GLY I 240 13.94 -1.02 38.56
N ASP I 241 13.82 -2.29 38.18
CA ASP I 241 12.67 -2.75 37.41
C ASP I 241 11.60 -3.42 38.25
N ILE I 242 11.85 -3.57 39.55
CA ILE I 242 10.88 -4.22 40.42
C ILE I 242 10.00 -3.29 41.28
N PHE I 243 8.69 -3.44 41.11
CA PHE I 243 7.70 -2.65 41.86
C PHE I 243 6.59 -3.55 42.41
N ILE I 244 6.10 -3.25 43.61
CA ILE I 244 5.02 -4.02 44.22
C ILE I 244 3.86 -3.05 44.41
N TYR I 245 2.84 -3.15 43.56
CA TYR I 245 1.70 -2.26 43.64
C TYR I 245 0.70 -2.60 44.74
N ASN I 246 0.46 -3.88 44.98
CA ASN I 246 -0.47 -4.30 46.02
C ASN I 246 -0.27 -5.77 46.42
N SER I 247 -1.08 -6.25 47.35
CA SER I 247 -1.00 -7.63 47.83
C SER I 247 -1.07 -8.69 46.75
N LYS I 248 -1.69 -8.37 45.62
CA LYS I 248 -1.84 -9.35 44.56
C LYS I 248 -1.07 -9.06 43.28
N THR I 249 -0.67 -7.80 43.07
CA THR I 249 0.02 -7.44 41.85
C THR I 249 1.47 -7.02 41.95
N LEU I 250 2.29 -7.64 41.12
CA LEU I 250 3.72 -7.36 41.06
C LEU I 250 3.93 -6.70 39.69
N VAL I 251 4.67 -5.60 39.64
CA VAL I 251 4.93 -4.91 38.38
C VAL I 251 6.43 -4.92 38.08
N ILE I 252 6.81 -5.56 36.97
CA ILE I 252 8.22 -5.64 36.60
C ILE I 252 8.46 -5.12 35.20
N GLY I 253 9.56 -4.39 35.03
CA GLY I 253 9.86 -3.83 33.73
C GLY I 253 10.72 -4.75 32.89
N ASN I 254 10.36 -4.86 31.61
CA ASN I 254 11.13 -5.66 30.67
C ASN I 254 12.03 -4.64 29.99
N SER I 255 13.26 -4.55 30.47
CA SER I 255 14.20 -3.58 29.93
C SER I 255 15.47 -4.23 29.44
N GLU I 256 16.48 -3.40 29.23
CA GLU I 256 17.78 -3.85 28.77
C GLU I 256 18.47 -4.62 29.89
N ARG I 257 17.97 -4.48 31.12
CA ARG I 257 18.57 -5.16 32.26
C ARG I 257 17.73 -6.30 32.82
N THR I 258 16.45 -6.33 32.46
CA THR I 258 15.55 -7.38 32.95
C THR I 258 14.80 -8.04 31.79
N ASN I 259 15.07 -9.32 31.57
CA ASN I 259 14.43 -10.08 30.48
C ASN I 259 13.36 -11.07 30.92
N PHE I 260 12.61 -11.58 29.93
CA PHE I 260 11.53 -12.53 30.18
C PHE I 260 11.98 -13.77 30.95
N ALA I 261 13.20 -14.22 30.70
CA ALA I 261 13.75 -15.39 31.36
C ALA I 261 13.73 -15.24 32.87
N ALA I 262 14.23 -14.11 33.35
CA ALA I 262 14.27 -13.84 34.78
C ALA I 262 12.85 -13.70 35.35
N ILE I 263 11.99 -13.03 34.60
CA ILE I 263 10.61 -12.83 35.03
C ILE I 263 9.89 -14.17 35.18
N GLU I 264 10.17 -15.10 34.27
CA GLU I 264 9.56 -16.42 34.32
C GLU I 264 10.06 -17.18 35.55
N SER I 265 11.36 -17.10 35.81
CA SER I 265 11.95 -17.76 36.98
C SER I 265 11.25 -17.27 38.23
N VAL I 266 11.02 -15.96 38.30
CA VAL I 266 10.35 -15.36 39.45
C VAL I 266 8.92 -15.86 39.57
N ALA I 267 8.20 -15.87 38.45
CA ALA I 267 6.82 -16.33 38.42
C ALA I 267 6.70 -17.76 38.97
N LYS I 268 7.56 -18.66 38.48
CA LYS I 268 7.54 -20.05 38.91
C LYS I 268 7.88 -20.20 40.39
N ASN I 269 8.90 -19.47 40.84
CA ASN I 269 9.29 -19.52 42.25
C ASN I 269 8.18 -19.04 43.17
N ILE I 270 7.36 -18.09 42.69
CA ILE I 270 6.28 -17.57 43.50
C ILE I 270 5.14 -18.60 43.60
N GLN I 271 4.87 -19.26 42.48
CA GLN I 271 3.81 -20.27 42.44
C GLN I 271 4.13 -21.41 43.40
N ALA I 272 5.43 -21.67 43.60
CA ALA I 272 5.89 -22.74 44.48
C ALA I 272 5.82 -22.36 45.96
N ASN I 273 5.50 -21.11 46.25
CA ASN I 273 5.40 -20.66 47.64
C ASN I 273 3.93 -20.54 48.06
N LYS I 274 3.60 -21.18 49.18
CA LYS I 274 2.24 -21.19 49.69
C LYS I 274 1.77 -19.91 50.38
N ASP I 275 2.66 -19.27 51.12
CA ASP I 275 2.31 -18.04 51.83
C ASP I 275 2.17 -16.77 50.98
N CYS I 276 2.94 -16.68 49.91
CA CYS I 276 2.88 -15.49 49.06
C CYS I 276 1.47 -15.23 48.55
N THR I 277 1.06 -13.96 48.56
CA THR I 277 -0.29 -13.59 48.11
C THR I 277 -0.35 -13.06 46.68
N PHE I 278 0.79 -12.94 46.02
CA PHE I 278 0.81 -12.45 44.65
C PHE I 278 0.01 -13.38 43.76
N GLU I 279 -0.80 -12.81 42.87
CA GLU I 279 -1.63 -13.60 41.97
C GLU I 279 -1.45 -13.16 40.53
N ARG I 280 -0.76 -12.04 40.34
CA ARG I 280 -0.57 -11.50 39.00
C ARG I 280 0.72 -10.71 38.87
N ILE I 281 1.26 -10.69 37.65
CA ILE I 281 2.47 -9.95 37.36
C ILE I 281 2.24 -9.17 36.07
N VAL I 282 2.41 -7.86 36.12
CA VAL I 282 2.24 -7.03 34.94
C VAL I 282 3.62 -6.60 34.47
N VAL I 283 4.00 -7.07 33.28
CA VAL I 283 5.30 -6.72 32.73
C VAL I 283 5.16 -5.54 31.78
N ILE I 284 5.92 -4.48 32.03
CA ILE I 284 5.87 -3.30 31.18
C ILE I 284 7.14 -3.23 30.33
N ASN I 285 6.95 -3.05 29.02
CA ASN I 285 8.09 -2.98 28.12
C ASN I 285 8.80 -1.63 28.22
N VAL I 286 10.09 -1.67 28.55
CA VAL I 286 10.89 -0.47 28.71
C VAL I 286 12.09 -0.45 27.75
N PRO I 287 11.89 0.06 26.53
CA PRO I 287 12.97 0.13 25.54
C PRO I 287 14.09 1.09 25.96
N PRO I 288 15.34 0.75 25.62
CA PRO I 288 16.49 1.60 25.97
C PRO I 288 16.35 3.01 25.38
N MET I 289 15.81 3.92 26.18
CA MET I 289 15.62 5.30 25.75
C MET I 289 16.79 6.17 26.19
N PRO I 290 16.83 7.42 25.74
CA PRO I 290 17.90 8.36 26.09
C PRO I 290 17.85 8.77 27.57
N ASN I 291 18.79 8.27 28.36
CA ASN I 291 18.87 8.59 29.80
C ASN I 291 17.73 7.97 30.61
N LEU I 292 17.27 6.80 30.16
CA LEU I 292 16.19 6.08 30.84
C LEU I 292 16.45 4.58 30.75
N MET I 293 17.11 4.05 31.78
CA MET I 293 17.46 2.65 31.84
C MET I 293 16.31 1.77 32.35
N HIS I 294 16.16 1.69 33.67
CA HIS I 294 15.12 0.87 34.28
C HIS I 294 13.75 1.50 34.28
N LEU I 295 12.77 0.74 34.77
CA LEU I 295 11.39 1.20 34.84
C LEU I 295 11.21 2.32 35.85
N ASP I 296 11.99 2.29 36.93
CA ASP I 296 11.90 3.32 37.97
C ASP I 296 12.06 4.75 37.44
N THR I 297 12.82 4.92 36.36
CA THR I 297 13.04 6.24 35.79
C THR I 297 11.89 6.67 34.89
N TRP I 298 10.93 5.78 34.69
CA TRP I 298 9.76 6.06 33.87
C TRP I 298 8.53 6.32 34.72
N LEU I 299 8.32 5.44 35.71
CA LEU I 299 7.14 5.55 36.54
C LEU I 299 7.36 5.11 37.99
N THR I 300 6.76 5.84 38.92
CA THR I 300 6.84 5.51 40.35
C THR I 300 5.48 5.74 40.97
N MET I 301 5.16 4.99 42.02
CA MET I 301 3.86 5.11 42.70
C MET I 301 4.05 5.84 44.03
N LEU I 302 3.28 6.90 44.24
CA LEU I 302 3.40 7.70 45.46
C LEU I 302 2.22 7.66 46.43
N ASP I 303 1.07 7.18 45.94
CA ASP I 303 -0.14 7.08 46.76
C ASP I 303 -1.01 6.00 46.13
N TYR I 304 -2.15 5.69 46.75
CA TYR I 304 -3.07 4.68 46.21
C TYR I 304 -3.42 4.92 44.75
N ASP I 305 -3.55 6.20 44.37
CA ASP I 305 -3.92 6.54 43.00
C ASP I 305 -3.08 7.67 42.39
N LYS I 306 -1.89 7.91 42.93
CA LYS I 306 -1.05 8.97 42.40
C LYS I 306 0.29 8.42 41.91
N PHE I 307 0.69 8.84 40.70
CA PHE I 307 1.93 8.39 40.11
C PHE I 307 2.77 9.52 39.53
N LEU I 308 4.08 9.32 39.51
CA LEU I 308 5.01 10.31 38.98
C LEU I 308 5.61 9.66 37.74
N TYR I 309 5.56 10.34 36.60
CA TYR I 309 6.08 9.75 35.36
C TYR I 309 6.91 10.70 34.51
N SER I 310 7.76 10.13 33.67
CA SER I 310 8.60 10.90 32.77
C SER I 310 7.80 11.36 31.57
N PRO I 311 7.75 12.67 31.30
CA PRO I 311 7.00 13.16 30.14
C PRO I 311 7.63 12.74 28.82
N ASN I 312 8.81 12.14 28.89
CA ASN I 312 9.53 11.68 27.68
C ASN I 312 9.38 10.19 27.43
N MET I 313 8.39 9.55 28.06
CA MET I 313 8.18 8.13 27.85
C MET I 313 7.28 7.95 26.64
N MET I 314 7.15 6.71 26.18
CA MET I 314 6.32 6.41 25.01
C MET I 314 4.84 6.58 25.38
N ASN I 315 4.03 6.94 24.39
CA ASN I 315 2.60 7.17 24.61
C ASN I 315 1.79 5.90 24.84
N VAL I 316 1.93 4.93 23.94
CA VAL I 316 1.20 3.67 24.09
C VAL I 316 2.14 2.61 24.63
N LEU I 317 1.77 2.01 25.75
CA LEU I 317 2.59 0.98 26.38
C LEU I 317 2.33 -0.44 25.88
N LYS I 318 3.39 -1.24 25.89
CA LYS I 318 3.32 -2.64 25.50
C LYS I 318 3.41 -3.41 26.81
N ILE I 319 2.33 -4.11 27.17
CA ILE I 319 2.27 -4.85 28.42
C ILE I 319 2.12 -6.37 28.24
N TRP I 320 2.41 -7.11 29.31
CA TRP I 320 2.30 -8.56 29.33
C TRP I 320 1.67 -8.97 30.65
N GLU I 321 0.51 -9.62 30.57
CA GLU I 321 -0.21 -10.07 31.76
C GLU I 321 0.12 -11.53 32.07
N ILE I 322 0.52 -11.78 33.31
CA ILE I 322 0.85 -13.13 33.74
C ILE I 322 -0.04 -13.57 34.89
N ASP I 323 -0.89 -14.54 34.63
CA ASP I 323 -1.78 -15.07 35.67
C ASP I 323 -1.00 -16.12 36.44
N LEU I 324 -0.67 -15.83 37.69
CA LEU I 324 0.10 -16.77 38.50
C LEU I 324 -0.73 -17.98 38.93
N ASN I 325 -2.02 -17.98 38.62
CA ASN I 325 -2.89 -19.10 38.97
C ASN I 325 -2.89 -20.16 37.87
N VAL I 326 -2.14 -19.89 36.80
CA VAL I 326 -2.03 -20.80 35.66
C VAL I 326 -0.60 -21.34 35.50
N LYS I 327 -0.49 -22.56 34.99
CA LYS I 327 0.82 -23.18 34.78
C LYS I 327 0.87 -23.88 33.43
N PRO I 328 1.97 -23.70 32.67
CA PRO I 328 3.11 -22.86 33.05
C PRO I 328 2.80 -21.39 32.85
N VAL I 329 3.74 -20.53 33.23
CA VAL I 329 3.58 -19.10 33.09
C VAL I 329 3.43 -18.72 31.61
N LYS I 330 2.52 -17.80 31.32
CA LYS I 330 2.30 -17.36 29.96
C LYS I 330 2.09 -15.85 29.85
N PHE I 331 3.02 -15.20 29.16
CA PHE I 331 3.01 -13.77 28.93
C PHE I 331 1.92 -13.36 27.96
N VAL I 332 0.77 -12.93 28.48
CA VAL I 332 -0.34 -12.53 27.63
C VAL I 332 -0.23 -11.07 27.23
N GLU I 333 0.48 -10.79 26.14
CA GLU I 333 0.65 -9.41 25.68
C GLU I 333 -0.66 -8.65 25.56
N LYS I 334 -0.56 -7.32 25.66
CA LYS I 334 -1.72 -6.43 25.59
C LYS I 334 -1.15 -5.03 25.38
N LYS I 335 -2.01 -4.04 25.12
CA LYS I 335 -1.53 -2.67 24.91
C LYS I 335 -2.51 -1.57 25.37
N GLY I 336 -1.96 -0.41 25.70
CA GLY I 336 -2.78 0.70 26.15
C GLY I 336 -1.97 1.88 26.67
N THR I 337 -2.67 2.97 26.98
CA THR I 337 -2.03 4.18 27.50
C THR I 337 -1.65 3.94 28.95
N LEU I 338 -0.78 4.80 29.49
CA LEU I 338 -0.35 4.66 30.87
C LEU I 338 -1.59 4.64 31.76
N GLU I 339 -2.53 5.52 31.48
CA GLU I 339 -3.75 5.61 32.27
C GLU I 339 -4.54 4.30 32.26
N GLU I 340 -4.68 3.72 31.06
CA GLU I 340 -5.41 2.47 30.90
C GLU I 340 -4.75 1.33 31.65
N VAL I 341 -3.42 1.23 31.51
CA VAL I 341 -2.66 0.18 32.19
C VAL I 341 -2.81 0.31 33.71
N LEU I 342 -2.62 1.52 34.22
CA LEU I 342 -2.73 1.75 35.67
C LEU I 342 -4.12 1.47 36.18
N TYR I 343 -5.13 1.88 35.42
CA TYR I 343 -6.51 1.66 35.82
C TYR I 343 -6.77 0.17 35.99
N SER I 344 -6.21 -0.63 35.10
CA SER I 344 -6.41 -2.07 35.15
C SER I 344 -5.73 -2.72 36.35
N ILE I 345 -5.02 -1.93 37.15
CA ILE I 345 -4.33 -2.47 38.32
C ILE I 345 -4.92 -1.96 39.63
N ILE I 346 -5.14 -0.65 39.72
CA ILE I 346 -5.70 -0.05 40.93
C ILE I 346 -7.22 0.05 40.88
N ASP I 347 -7.77 -0.14 39.68
CA ASP I 347 -9.22 -0.10 39.45
C ASP I 347 -9.87 1.22 39.89
N LYS I 348 -9.28 2.33 39.47
CA LYS I 348 -9.78 3.67 39.78
C LYS I 348 -8.98 4.63 38.92
N LYS I 349 -9.50 5.84 38.70
CA LYS I 349 -8.79 6.80 37.87
C LYS I 349 -7.45 7.18 38.48
N PRO I 350 -6.36 6.96 37.74
CA PRO I 350 -5.03 7.29 38.24
C PRO I 350 -4.69 8.76 38.00
N ILE I 351 -4.05 9.38 39.00
CA ILE I 351 -3.65 10.76 38.89
C ILE I 351 -2.19 10.74 38.43
N LEU I 352 -1.95 11.31 37.24
CA LEU I 352 -0.62 11.31 36.66
C LEU I 352 0.10 12.65 36.76
N ILE I 353 1.24 12.64 37.44
CA ILE I 353 2.05 13.83 37.64
C ILE I 353 3.37 13.70 36.88
N PRO I 354 3.62 14.59 35.92
CA PRO I 354 4.85 14.57 35.11
C PRO I 354 6.03 15.26 35.80
N ILE I 355 7.24 14.80 35.50
CA ILE I 355 8.44 15.40 36.07
C ILE I 355 8.44 16.88 35.71
N ALA I 356 8.77 17.73 36.69
CA ALA I 356 8.82 19.17 36.52
C ALA I 356 7.44 19.84 36.41
N GLY I 357 6.38 19.02 36.48
CA GLY I 357 5.03 19.56 36.40
C GLY I 357 4.52 19.88 35.02
N LYS I 358 3.20 20.07 34.92
CA LYS I 358 2.57 20.39 33.64
C LYS I 358 2.96 21.76 33.10
N GLY I 359 3.26 21.81 31.81
CA GLY I 359 3.64 23.07 31.19
C GLY I 359 5.10 23.46 31.34
N ALA I 360 5.88 22.64 32.03
CA ALA I 360 7.30 22.92 32.24
C ALA I 360 8.04 22.93 30.89
N ASN I 361 9.05 23.78 30.75
CA ASN I 361 9.79 23.81 29.50
C ASN I 361 10.77 22.62 29.49
N GLN I 362 11.36 22.34 28.33
CA GLN I 362 12.26 21.19 28.19
C GLN I 362 13.52 21.30 29.06
N LEU I 363 13.94 22.52 29.35
CA LEU I 363 15.12 22.72 30.17
C LEU I 363 14.90 22.16 31.57
N ASP I 364 13.79 22.54 32.20
CA ASP I 364 13.49 22.06 33.54
C ASP I 364 13.27 20.55 33.56
N ILE I 365 12.58 20.05 32.54
CA ILE I 365 12.34 18.61 32.45
C ILE I 365 13.68 17.89 32.36
N ASP I 366 14.57 18.39 31.51
CA ASP I 366 15.88 17.78 31.33
C ASP I 366 16.72 17.77 32.61
N ILE I 367 16.74 18.90 33.31
CA ILE I 367 17.50 19.00 34.54
C ILE I 367 16.95 18.07 35.65
N GLU I 368 15.65 18.13 35.90
CA GLU I 368 15.11 17.30 36.95
C GLU I 368 15.06 15.82 36.61
N THR I 369 15.18 15.49 35.32
CA THR I 369 15.21 14.09 34.90
C THR I 369 16.63 13.62 35.19
N HIS I 370 17.58 14.48 34.85
CA HIS I 370 19.00 14.21 35.05
C HIS I 370 19.24 13.90 36.53
N PHE I 371 18.52 14.60 37.41
CA PHE I 371 18.69 14.37 38.84
C PHE I 371 17.69 13.40 39.47
N ASP I 372 17.32 12.39 38.67
CA ASP I 372 16.47 11.31 39.11
C ASP I 372 15.16 11.75 39.78
N GLY I 373 14.48 12.71 39.16
CA GLY I 373 13.24 13.23 39.70
C GLY I 373 12.10 12.29 40.04
N THR I 374 12.00 11.15 39.38
CA THR I 374 10.89 10.23 39.66
C THR I 374 11.14 9.39 40.90
N ASN I 375 12.41 9.18 41.22
CA ASN I 375 12.73 8.31 42.33
C ASN I 375 12.59 8.78 43.77
N TYR I 376 11.40 9.26 44.12
CA TYR I 376 11.14 9.66 45.49
C TYR I 376 10.84 8.38 46.23
N LEU I 377 11.18 8.33 47.52
CA LEU I 377 10.90 7.16 48.34
C LEU I 377 9.58 7.47 49.05
N THR I 378 8.59 6.59 48.93
CA THR I 378 7.31 6.81 49.59
C THR I 378 7.40 6.09 50.94
N ILE I 379 7.20 6.82 52.04
CA ILE I 379 7.27 6.22 53.37
C ILE I 379 5.90 5.98 54.00
N ALA I 380 4.86 6.44 53.31
CA ALA I 380 3.48 6.29 53.74
C ALA I 380 2.62 6.81 52.60
N PRO I 381 1.37 6.34 52.49
CA PRO I 381 0.50 6.81 51.41
C PRO I 381 0.47 8.33 51.27
N GLY I 382 1.02 8.83 50.16
CA GLY I 382 1.04 10.26 49.92
C GLY I 382 2.10 11.06 50.67
N VAL I 383 3.10 10.38 51.21
CA VAL I 383 4.19 11.04 51.93
C VAL I 383 5.49 10.56 51.30
N VAL I 384 6.26 11.48 50.71
CA VAL I 384 7.50 11.10 50.04
C VAL I 384 8.75 11.85 50.49
N VAL I 385 9.91 11.26 50.21
CA VAL I 385 11.22 11.82 50.56
C VAL I 385 12.09 11.93 49.32
N GLY I 386 12.73 13.08 49.13
CA GLY I 386 13.58 13.28 47.96
C GLY I 386 14.43 14.54 48.02
N TYR I 387 15.20 14.80 46.96
CA TYR I 387 16.09 15.96 46.86
C TYR I 387 15.34 17.28 46.73
N GLU I 388 15.79 18.29 47.47
CA GLU I 388 15.15 19.60 47.42
C GLU I 388 15.47 20.33 46.10
N ARG I 389 16.58 19.99 45.46
CA ARG I 389 16.95 20.65 44.22
C ARG I 389 15.93 20.48 43.08
N ASN I 390 15.13 19.42 43.13
CA ASN I 390 14.12 19.21 42.07
C ASN I 390 12.83 19.94 42.42
N GLU I 391 12.92 21.27 42.47
CA GLU I 391 11.83 22.16 42.85
C GLU I 391 10.54 22.11 42.02
N LYS I 392 10.66 21.99 40.69
CA LYS I 392 9.46 21.95 39.86
C LYS I 392 8.65 20.69 40.12
N THR I 393 9.32 19.56 40.27
CA THR I 393 8.64 18.30 40.53
C THR I 393 8.02 18.36 41.92
N GLN I 394 8.79 18.89 42.87
CA GLN I 394 8.32 19.02 44.25
C GLN I 394 7.03 19.84 44.28
N LYS I 395 7.04 20.98 43.59
CA LYS I 395 5.86 21.83 43.55
C LYS I 395 4.65 21.10 42.97
N ALA I 396 4.87 20.35 41.89
CA ALA I 396 3.80 19.61 41.26
C ALA I 396 3.22 18.58 42.24
N LEU I 397 4.08 17.92 43.01
CA LEU I 397 3.63 16.93 43.97
C LEU I 397 2.80 17.53 45.10
N VAL I 398 3.22 18.66 45.66
CA VAL I 398 2.46 19.25 46.75
C VAL I 398 1.10 19.73 46.26
N GLU I 399 1.06 20.29 45.05
CA GLU I 399 -0.20 20.78 44.51
C GLU I 399 -1.15 19.61 44.28
N ALA I 400 -0.60 18.41 44.13
CA ALA I 400 -1.41 17.22 43.91
C ALA I 400 -1.84 16.58 45.23
N GLY I 401 -1.51 17.24 46.35
CA GLY I 401 -1.90 16.72 47.65
C GLY I 401 -0.88 15.80 48.34
N ILE I 402 0.30 15.66 47.76
CA ILE I 402 1.34 14.81 48.34
C ILE I 402 2.24 15.63 49.28
N LYS I 403 2.53 15.06 50.45
CA LYS I 403 3.41 15.72 51.43
C LYS I 403 4.85 15.37 51.07
N VAL I 404 5.68 16.38 50.88
CA VAL I 404 7.08 16.16 50.52
C VAL I 404 8.08 16.50 51.63
N LEU I 405 8.85 15.50 52.04
CA LEU I 405 9.87 15.72 53.06
C LEU I 405 11.19 15.73 52.29
N SER I 406 11.65 16.91 51.90
CA SER I 406 12.89 17.02 51.15
C SER I 406 14.13 17.14 52.02
N PHE I 407 15.29 16.93 51.41
CA PHE I 407 16.55 17.06 52.12
C PHE I 407 17.63 17.54 51.17
N ASN I 408 18.66 18.15 51.71
CA ASN I 408 19.75 18.67 50.90
C ASN I 408 20.67 17.54 50.47
N GLY I 409 20.77 17.35 49.15
CA GLY I 409 21.63 16.32 48.59
C GLY I 409 22.49 16.94 47.50
N SER I 410 22.96 18.16 47.73
CA SER I 410 23.78 18.86 46.76
C SER I 410 24.94 18.03 46.22
N GLN I 411 25.53 17.17 47.05
CA GLN I 411 26.62 16.31 46.61
C GLN I 411 26.11 14.90 46.28
N LEU I 412 25.26 14.36 47.16
CA LEU I 412 24.70 13.02 46.95
C LEU I 412 24.03 12.90 45.59
N SER I 413 23.29 13.93 45.20
CA SER I 413 22.58 13.92 43.93
C SER I 413 23.48 13.79 42.71
N LEU I 414 24.77 14.04 42.88
CA LEU I 414 25.69 13.94 41.76
C LEU I 414 25.84 12.47 41.36
N GLY I 415 25.44 11.59 42.27
CA GLY I 415 25.51 10.16 42.02
C GLY I 415 24.41 9.69 41.08
N MET I 416 23.50 10.59 40.72
CA MET I 416 22.41 10.30 39.80
C MET I 416 21.29 9.39 40.32
N GLY I 417 21.26 9.14 41.61
CA GLY I 417 20.22 8.31 42.18
C GLY I 417 19.55 9.00 43.34
N SER I 418 18.22 8.98 43.37
CA SER I 418 17.50 9.63 44.45
C SER I 418 17.17 8.70 45.63
N ALA I 419 16.25 9.13 46.48
CA ALA I 419 15.87 8.38 47.67
C ALA I 419 15.43 6.93 47.49
N ARG I 420 14.62 6.65 46.46
CA ARG I 420 14.19 5.27 46.26
C ARG I 420 15.39 4.37 45.96
N CYS I 421 16.39 4.92 45.26
CA CYS I 421 17.59 4.17 44.93
C CYS I 421 18.50 3.94 46.15
N MET I 422 18.43 4.84 47.12
CA MET I 422 19.25 4.75 48.32
C MET I 422 18.59 3.99 49.47
N SER I 423 17.56 3.21 49.15
CA SER I 423 16.87 2.47 50.19
C SER I 423 16.25 1.19 49.68
N MET I 424 15.99 0.28 50.62
CA MET I 424 15.34 -0.99 50.28
C MET I 424 14.44 -1.36 51.44
N PRO I 425 13.13 -1.12 51.28
CA PRO I 425 12.15 -1.44 52.33
C PRO I 425 12.24 -2.92 52.70
N LEU I 426 12.20 -3.21 54.00
CA LEU I 426 12.25 -4.58 54.49
C LEU I 426 10.86 -4.94 55.01
N ILE I 427 10.21 -4.00 55.69
CA ILE I 427 8.88 -4.20 56.22
C ILE I 427 7.98 -2.98 56.06
N ARG I 428 6.83 -3.18 55.42
CA ARG I 428 5.84 -2.12 55.20
C ARG I 428 4.51 -2.63 55.75
N GLU I 429 3.74 -1.73 56.34
CA GLU I 429 2.44 -2.09 56.87
C GLU I 429 1.57 -2.46 55.67
N ASN I 430 0.94 -3.64 55.70
CA ASN I 430 0.11 -4.04 54.57
C ASN I 430 -1.02 -3.04 54.37
N LEU I 431 -1.39 -2.82 53.12
CA LEU I 431 -2.46 -1.88 52.83
C LEU I 431 -3.82 -2.52 53.11
N LYS I 432 -4.80 -1.66 53.35
CA LYS I 432 -6.16 -2.11 53.59
C LYS I 432 -6.94 -1.51 52.42
N LYS I 433 -6.20 -0.76 51.60
CA LYS I 433 -6.68 -0.08 50.41
C LYS I 433 -7.86 0.86 50.69
N GLY J 35 43.98 53.32 35.72
CA GLY J 35 42.99 52.41 36.35
C GLY J 35 43.49 50.97 36.47
N ILE J 36 44.51 50.64 35.70
CA ILE J 36 45.11 49.30 35.71
C ILE J 36 46.58 49.37 36.08
N ASN J 37 46.97 48.57 37.07
CA ASN J 37 48.36 48.54 37.51
C ASN J 37 48.65 47.22 38.20
N VAL J 38 49.06 46.23 37.43
CA VAL J 38 49.35 44.89 37.94
C VAL J 38 50.74 44.45 37.48
N TYR J 39 51.74 44.63 38.35
CA TYR J 39 53.09 44.23 38.00
C TYR J 39 53.64 43.05 38.79
N SER J 40 52.77 42.10 39.08
CA SER J 40 53.14 40.88 39.81
C SER J 40 51.92 39.98 39.96
N GLU J 41 52.15 38.79 40.51
CA GLU J 41 51.09 37.82 40.75
C GLU J 41 50.78 37.80 42.26
N ILE J 42 51.69 38.38 43.05
CA ILE J 42 51.58 38.35 44.50
C ILE J 42 51.42 39.67 45.27
N GLY J 43 51.67 40.80 44.61
CA GLY J 43 51.56 42.09 45.28
C GLY J 43 50.22 42.28 45.96
N GLU J 44 50.24 42.91 47.13
CA GLU J 44 49.01 43.17 47.88
C GLU J 44 47.90 43.67 46.96
N LEU J 45 46.87 42.85 46.80
CA LEU J 45 45.74 43.15 45.92
C LEU J 45 44.88 44.29 46.46
N LYS J 46 44.65 45.30 45.62
CA LYS J 46 43.86 46.47 46.00
C LYS J 46 42.49 46.55 45.33
N GLU J 47 42.43 46.20 44.05
CA GLU J 47 41.19 46.21 43.31
C GLU J 47 41.13 44.98 42.41
N VAL J 48 40.01 44.29 42.43
CA VAL J 48 39.86 43.08 41.63
C VAL J 48 38.46 42.99 41.03
N LEU J 49 38.38 42.40 39.85
CA LEU J 49 37.11 42.24 39.14
C LEU J 49 36.60 40.81 39.24
N VAL J 50 35.35 40.66 39.67
CA VAL J 50 34.73 39.36 39.78
C VAL J 50 33.33 39.43 39.17
N HIS J 51 32.63 38.32 39.23
CA HIS J 51 31.27 38.23 38.73
C HIS J 51 30.54 37.11 39.47
N THR J 52 29.63 37.49 40.34
CA THR J 52 28.86 36.53 41.08
C THR J 52 27.86 36.02 40.04
N PRO J 53 27.82 34.70 39.84
CA PRO J 53 26.88 34.15 38.84
C PRO J 53 25.42 34.56 39.04
N GLY J 54 24.72 34.72 37.92
CA GLY J 54 23.30 35.08 37.94
C GLY J 54 22.51 33.91 37.36
N ASP J 55 21.33 34.18 36.81
CA ASP J 55 20.52 33.11 36.24
C ASP J 55 21.15 32.30 35.11
N GLU J 56 22.23 32.78 34.53
CA GLU J 56 22.86 32.04 33.45
C GLU J 56 23.26 30.63 33.88
N ILE J 57 23.66 30.47 35.14
CA ILE J 57 24.07 29.13 35.58
C ILE J 57 22.88 28.24 35.91
N ARG J 58 21.69 28.74 35.61
CA ARG J 58 20.46 28.00 35.83
C ARG J 58 19.96 27.45 34.48
N TYR J 59 20.51 27.99 33.39
CA TYR J 59 20.09 27.63 32.04
C TYR J 59 20.95 26.68 31.23
N THR J 60 21.70 25.81 31.89
CA THR J 60 22.55 24.87 31.18
C THR J 60 21.96 23.47 31.28
N ALA J 61 21.37 23.02 30.18
CA ALA J 61 20.78 21.69 30.14
C ALA J 61 21.92 20.68 30.20
N PRO J 62 21.68 19.52 30.85
CA PRO J 62 22.70 18.48 30.96
C PRO J 62 23.31 18.02 29.63
N SER J 63 22.51 17.98 28.58
CA SER J 63 23.01 17.54 27.27
C SER J 63 23.80 18.62 26.55
N ARG J 64 23.78 19.84 27.09
CA ARG J 64 24.49 20.95 26.45
C ARG J 64 25.77 21.37 27.17
N LEU J 65 26.27 20.51 28.05
CA LEU J 65 27.49 20.86 28.77
C LEU J 65 28.63 21.20 27.80
N GLU J 66 28.80 20.39 26.78
CA GLU J 66 29.85 20.61 25.78
C GLU J 66 29.54 21.84 24.92
N GLU J 67 28.30 21.95 24.47
CA GLU J 67 27.88 23.06 23.62
C GLU J 67 28.12 24.41 24.28
N LEU J 68 27.78 24.52 25.56
CA LEU J 68 27.97 25.77 26.29
C LEU J 68 29.34 25.83 26.93
N LEU J 69 30.14 24.79 26.67
CA LEU J 69 31.50 24.72 27.21
C LEU J 69 31.58 24.86 28.73
N PHE J 70 30.67 24.21 29.43
CA PHE J 70 30.64 24.23 30.89
C PHE J 70 30.73 22.79 31.38
N SER J 71 31.28 22.59 32.58
CA SER J 71 31.49 21.23 33.11
C SER J 71 30.41 20.44 33.84
N ALA J 72 29.38 21.09 34.38
CA ALA J 72 28.33 20.34 35.07
C ALA J 72 27.09 21.16 35.42
N VAL J 73 26.04 20.49 35.87
CA VAL J 73 24.81 21.18 36.24
C VAL J 73 24.88 21.56 37.72
N LEU J 74 24.99 22.86 37.96
CA LEU J 74 25.10 23.42 39.31
C LEU J 74 23.77 23.59 40.06
N LYS J 75 23.85 23.51 41.38
CA LYS J 75 22.67 23.77 42.21
C LYS J 75 22.89 25.28 42.41
N ALA J 76 22.37 26.06 41.47
CA ALA J 76 22.51 27.51 41.42
C ALA J 76 22.54 28.32 42.70
N ASP J 77 21.46 28.28 43.49
CA ASP J 77 21.41 29.05 44.73
C ASP J 77 22.63 28.80 45.62
N THR J 78 23.06 27.55 45.71
CA THR J 78 24.19 27.20 46.54
C THR J 78 25.51 27.74 45.96
N ALA J 79 25.68 27.61 44.65
CA ALA J 79 26.90 28.11 44.01
C ALA J 79 27.00 29.62 44.21
N ILE J 80 25.86 30.31 44.08
CA ILE J 80 25.85 31.75 44.24
C ILE J 80 26.26 32.16 45.66
N GLU J 81 25.73 31.49 46.68
CA GLU J 81 26.12 31.82 48.05
C GLU J 81 27.59 31.51 48.26
N GLU J 82 28.10 30.43 47.66
CA GLU J 82 29.50 30.11 47.82
C GLU J 82 30.37 31.21 47.21
N HIS J 83 29.92 31.77 46.09
CA HIS J 83 30.70 32.82 45.45
C HIS J 83 30.72 34.07 46.33
N LYS J 84 29.60 34.35 46.98
CA LYS J 84 29.49 35.51 47.87
C LYS J 84 30.44 35.33 49.06
N GLY J 85 30.67 34.08 49.44
CA GLY J 85 31.57 33.78 50.54
C GLY J 85 32.99 34.12 50.13
N PHE J 86 33.31 33.81 48.87
CA PHE J 86 34.61 34.09 48.30
C PHE J 86 34.80 35.62 48.30
N VAL J 87 33.81 36.35 47.78
CA VAL J 87 33.87 37.80 47.72
C VAL J 87 34.11 38.40 49.11
N LYS J 88 33.36 37.91 50.09
CA LYS J 88 33.48 38.38 51.47
C LYS J 88 34.90 38.27 52.03
N ILE J 89 35.55 37.15 51.78
CA ILE J 89 36.92 36.95 52.26
C ILE J 89 37.84 38.02 51.66
N LEU J 90 37.69 38.29 50.36
CA LEU J 90 38.50 39.32 49.73
C LEU J 90 38.22 40.70 50.36
N GLN J 91 36.94 41.00 50.57
CA GLN J 91 36.59 42.28 51.16
C GLN J 91 37.13 42.44 52.59
N ASN J 92 37.08 41.35 53.37
CA ASN J 92 37.59 41.40 54.74
C ASN J 92 39.10 41.60 54.78
N ASN J 93 39.74 41.50 53.62
CA ASN J 93 41.18 41.70 53.55
C ASN J 93 41.52 43.06 52.92
N GLY J 94 40.56 43.99 53.04
CA GLY J 94 40.75 45.34 52.50
C GLY J 94 40.76 45.48 50.99
N ILE J 95 40.35 44.44 50.27
CA ILE J 95 40.35 44.50 48.83
C ILE J 95 39.04 45.09 48.31
N LYS J 96 39.13 45.98 47.32
CA LYS J 96 37.92 46.54 46.73
C LYS J 96 37.47 45.56 45.65
N VAL J 97 36.31 44.96 45.86
CA VAL J 97 35.79 43.98 44.92
C VAL J 97 34.78 44.62 43.97
N ILE J 98 35.08 44.58 42.67
CA ILE J 98 34.18 45.17 41.69
C ILE J 98 33.45 44.13 40.87
N GLN J 99 32.13 44.24 40.89
CA GLN J 99 31.24 43.33 40.17
C GLN J 99 31.17 43.80 38.69
N LEU J 100 31.36 42.87 37.76
CA LEU J 100 31.31 43.20 36.33
C LEU J 100 30.00 43.88 35.96
N CYS J 101 28.88 43.38 36.46
CA CYS J 101 27.58 43.97 36.14
C CYS J 101 27.51 45.44 36.56
N ASP J 102 28.09 45.76 37.71
CA ASP J 102 28.08 47.12 38.20
C ASP J 102 28.99 48.02 37.37
N LEU J 103 30.17 47.52 37.02
CA LEU J 103 31.10 48.30 36.22
C LEU J 103 30.51 48.61 34.84
N VAL J 104 29.79 47.64 34.28
CA VAL J 104 29.16 47.83 32.98
C VAL J 104 28.03 48.85 33.09
N ALA J 105 27.20 48.71 34.13
CA ALA J 105 26.08 49.63 34.33
C ALA J 105 26.57 51.07 34.49
N GLU J 106 27.62 51.24 35.28
CA GLU J 106 28.21 52.55 35.52
C GLU J 106 28.70 53.17 34.22
N THR J 107 29.30 52.36 33.35
CA THR J 107 29.79 52.83 32.07
C THR J 107 28.62 53.25 31.18
N TYR J 108 27.58 52.42 31.15
CA TYR J 108 26.40 52.70 30.36
C TYR J 108 25.80 54.06 30.68
N GLU J 109 25.61 54.33 31.97
CA GLU J 109 25.02 55.59 32.43
C GLU J 109 25.80 56.82 31.94
N LEU J 110 27.12 56.68 31.81
CA LEU J 110 27.98 57.78 31.38
C LEU J 110 28.04 57.94 29.87
N CYS J 111 27.48 56.97 29.14
CA CYS J 111 27.54 57.03 27.69
C CYS J 111 26.38 57.79 27.04
N SER J 112 26.62 58.21 25.80
CA SER J 112 25.63 58.94 25.02
C SER J 112 24.55 57.97 24.56
N LYS J 113 23.37 58.50 24.22
CA LYS J 113 22.27 57.66 23.77
C LYS J 113 22.68 56.77 22.58
N GLU J 114 23.48 57.32 21.68
CA GLU J 114 23.94 56.59 20.51
C GLU J 114 24.90 55.46 20.88
N VAL J 115 25.80 55.73 21.83
CA VAL J 115 26.76 54.73 22.27
C VAL J 115 26.04 53.64 23.04
N ARG J 116 25.08 54.03 23.88
CA ARG J 116 24.31 53.07 24.65
C ARG J 116 23.67 52.09 23.69
N ASN J 117 22.94 52.63 22.71
CA ASN J 117 22.24 51.82 21.72
C ASN J 117 23.22 50.96 20.91
N SER J 118 24.42 51.47 20.66
CA SER J 118 25.40 50.70 19.89
C SER J 118 25.76 49.44 20.67
N PHE J 119 25.72 49.53 22.00
CA PHE J 119 26.04 48.43 22.89
C PHE J 119 24.95 47.36 22.80
N ILE J 120 23.70 47.76 22.95
CA ILE J 120 22.57 46.84 22.88
C ILE J 120 22.53 46.15 21.51
N GLU J 121 22.78 46.91 20.45
CA GLU J 121 22.75 46.39 19.09
C GLU J 121 23.82 45.33 18.87
N GLN J 122 25.02 45.58 19.40
CA GLN J 122 26.11 44.61 19.25
C GLN J 122 25.76 43.32 19.97
N TYR J 123 25.10 43.46 21.12
CA TYR J 123 24.70 42.30 21.92
C TYR J 123 23.73 41.44 21.13
N LEU J 124 22.72 42.10 20.55
CA LEU J 124 21.71 41.42 19.77
C LEU J 124 22.32 40.71 18.56
N ASP J 125 23.34 41.32 17.97
CA ASP J 125 23.99 40.73 16.82
C ASP J 125 24.77 39.47 17.18
N GLU J 126 25.40 39.47 18.36
CA GLU J 126 26.20 38.33 18.80
C GLU J 126 25.41 37.26 19.56
N ALA J 127 24.12 37.51 19.73
CA ALA J 127 23.25 36.58 20.45
C ALA J 127 23.12 35.21 19.80
N LEU J 128 23.10 34.18 20.65
CA LEU J 128 22.95 32.79 20.20
C LEU J 128 21.90 32.13 21.08
N PRO J 129 20.94 31.41 20.47
CA PRO J 129 20.78 31.19 19.03
C PRO J 129 20.46 32.50 18.32
N VAL J 130 20.81 32.60 17.03
CA VAL J 130 20.55 33.81 16.26
C VAL J 130 19.11 34.25 16.44
N LEU J 131 18.90 35.55 16.58
CA LEU J 131 17.57 36.11 16.79
C LEU J 131 16.77 36.22 15.49
N LYS J 132 15.52 35.77 15.50
CA LYS J 132 14.66 35.88 14.33
C LYS J 132 14.25 37.34 14.17
N LYS J 133 14.13 37.79 12.93
CA LYS J 133 13.77 39.18 12.64
C LYS J 133 12.62 39.76 13.47
N GLU J 134 11.55 39.00 13.64
CA GLU J 134 10.39 39.48 14.40
C GLU J 134 10.54 39.37 15.91
N ILE J 135 11.56 38.66 16.38
CA ILE J 135 11.76 38.51 17.82
C ILE J 135 12.79 39.51 18.34
N ARG J 136 13.73 39.90 17.49
CA ARG J 136 14.77 40.85 17.87
C ARG J 136 14.20 42.10 18.52
N PRO J 137 13.21 42.76 17.89
CA PRO J 137 12.65 43.98 18.48
C PRO J 137 11.95 43.73 19.82
N VAL J 138 11.45 42.50 20.01
CA VAL J 138 10.77 42.13 21.24
C VAL J 138 11.78 42.00 22.38
N VAL J 139 12.96 41.48 22.04
CA VAL J 139 14.03 41.31 23.00
C VAL J 139 14.52 42.70 23.42
N LYS J 140 14.78 43.55 22.43
CA LYS J 140 15.27 44.91 22.65
C LYS J 140 14.36 45.67 23.60
N ASP J 141 13.04 45.63 23.37
CA ASP J 141 12.11 46.33 24.25
C ASP J 141 12.17 45.77 25.65
N TYR J 142 12.25 44.45 25.75
CA TYR J 142 12.31 43.76 27.03
C TYR J 142 13.51 44.27 27.83
N LEU J 143 14.68 44.25 27.22
CA LEU J 143 15.91 44.69 27.87
C LEU J 143 15.81 46.12 28.39
N LEU J 144 15.28 47.00 27.54
CA LEU J 144 15.16 48.42 27.87
C LEU J 144 14.11 48.75 28.94
N SER J 145 13.26 47.78 29.27
CA SER J 145 12.22 47.99 30.27
C SER J 145 12.76 47.76 31.69
N PHE J 146 14.01 47.34 31.79
CA PHE J 146 14.63 47.08 33.09
C PHE J 146 15.59 48.18 33.50
N PRO J 147 15.79 48.37 34.81
CA PRO J 147 16.72 49.39 35.31
C PRO J 147 18.09 48.96 34.77
N THR J 148 19.01 49.91 34.60
CA THR J 148 20.32 49.60 34.03
C THR J 148 21.03 48.32 34.47
N VAL J 149 21.29 48.18 35.77
CA VAL J 149 22.00 46.99 36.25
C VAL J 149 21.20 45.70 35.98
N GLN J 150 19.89 45.74 36.18
CA GLN J 150 19.08 44.57 35.91
C GLN J 150 19.10 44.21 34.42
N MET J 151 19.21 45.22 33.56
CA MET J 151 19.25 44.97 32.14
C MET J 151 20.56 44.25 31.79
N VAL J 152 21.67 44.73 32.35
CA VAL J 152 22.96 44.10 32.11
C VAL J 152 22.90 42.63 32.56
N ARG J 153 22.27 42.38 33.70
CA ARG J 153 22.15 41.03 34.24
C ARG J 153 21.38 40.13 33.28
N LYS J 154 20.33 40.68 32.66
CA LYS J 154 19.53 39.91 31.70
C LYS J 154 20.37 39.56 30.49
N MET J 155 21.23 40.48 30.08
CA MET J 155 22.10 40.24 28.94
C MET J 155 23.08 39.11 29.26
N MET J 156 23.57 39.09 30.49
CA MET J 156 24.52 38.07 30.92
C MET J 156 23.84 36.73 31.17
N SER J 157 22.64 36.76 31.73
CA SER J 157 21.90 35.54 32.06
C SER J 157 21.25 34.83 30.88
N GLY J 158 20.93 35.59 29.83
CA GLY J 158 20.26 34.99 28.70
C GLY J 158 18.78 35.17 28.94
N ILE J 159 17.94 34.78 27.98
CA ILE J 159 16.50 34.96 28.14
C ILE J 159 15.67 33.72 27.79
N LEU J 160 14.71 33.42 28.65
CA LEU J 160 13.83 32.27 28.47
C LEU J 160 12.63 32.64 27.60
N ALA J 161 12.14 31.69 26.82
CA ALA J 161 11.00 31.93 25.96
C ALA J 161 9.79 32.37 26.79
N ASN J 162 9.62 31.76 27.97
CA ASN J 162 8.50 32.08 28.87
C ASN J 162 8.49 33.57 29.22
N GLU J 163 9.67 34.14 29.40
CA GLU J 163 9.79 35.56 29.76
C GLU J 163 9.17 36.50 28.75
N LEU J 164 9.22 36.13 27.47
CA LEU J 164 8.66 36.95 26.41
C LEU J 164 7.31 36.40 25.95
N ASN J 165 6.76 35.45 26.71
CA ASN J 165 5.48 34.84 26.39
C ASN J 165 5.46 34.20 25.01
N ILE J 166 6.61 33.68 24.59
CA ILE J 166 6.75 33.02 23.30
C ILE J 166 6.73 31.52 23.52
N LYS J 167 5.93 30.81 22.75
CA LYS J 167 5.85 29.36 22.89
C LYS J 167 6.45 28.69 21.66
N GLN J 168 7.74 28.36 21.78
CA GLN J 168 8.48 27.71 20.71
C GLN J 168 9.06 26.39 21.20
N ASP J 169 9.90 25.79 20.38
CA ASP J 169 10.52 24.51 20.74
C ASP J 169 11.77 24.67 21.63
N ASN J 170 12.53 25.75 21.42
CA ASN J 170 13.72 25.99 22.24
C ASN J 170 13.32 26.81 23.45
N PRO J 171 13.53 26.28 24.67
CA PRO J 171 13.18 27.00 25.90
C PRO J 171 13.90 28.34 26.09
N LEU J 172 15.02 28.50 25.41
CA LEU J 172 15.79 29.73 25.49
C LEU J 172 15.75 30.57 24.20
N ILE J 173 15.49 31.87 24.37
CA ILE J 173 15.47 32.81 23.25
C ILE J 173 16.93 33.18 23.00
N ILE J 174 17.66 33.41 24.08
CA ILE J 174 19.08 33.74 24.03
C ILE J 174 19.77 32.94 25.13
N ASP J 175 20.86 32.24 24.78
CA ASP J 175 21.59 31.46 25.76
C ASP J 175 22.30 32.36 26.76
N GLY J 176 22.49 31.86 27.98
CA GLY J 176 23.20 32.65 28.96
C GLY J 176 24.68 32.42 28.73
N MET J 177 25.52 33.09 29.51
CA MET J 177 26.97 32.93 29.42
C MET J 177 27.41 32.44 30.79
N PRO J 178 27.24 31.12 31.05
CA PRO J 178 27.60 30.52 32.33
C PRO J 178 29.05 30.70 32.80
N ASN J 179 29.98 30.90 31.87
CA ASN J 179 31.39 31.06 32.24
C ASN J 179 31.75 32.48 32.64
N LEU J 180 30.75 33.35 32.74
CA LEU J 180 31.01 34.72 33.11
C LEU J 180 31.75 34.89 34.42
N TYR J 181 31.43 34.07 35.42
CA TYR J 181 32.11 34.22 36.71
C TYR J 181 33.60 33.95 36.67
N PHE J 182 34.10 33.46 35.54
CA PHE J 182 35.54 33.22 35.36
C PHE J 182 36.08 34.48 34.70
N THR J 183 36.15 35.56 35.47
CA THR J 183 36.62 36.86 34.97
C THR J 183 38.08 36.86 34.55
N ARG J 184 38.75 35.71 34.68
CA ARG J 184 40.16 35.61 34.31
C ARG J 184 40.33 35.47 32.79
N ASP J 185 39.26 35.11 32.09
CA ASP J 185 39.34 34.89 30.64
C ASP J 185 39.10 36.03 29.65
N PRO J 186 37.99 36.78 29.78
CA PRO J 186 37.73 37.88 28.86
C PRO J 186 38.93 38.80 28.60
N PHE J 187 39.59 39.24 29.67
CA PHE J 187 40.77 40.10 29.53
C PHE J 187 41.72 39.87 30.70
N ALA J 188 43.00 40.18 30.50
CA ALA J 188 43.97 40.00 31.57
C ALA J 188 44.82 41.25 31.75
N SER J 189 44.90 41.76 32.98
CA SER J 189 45.70 42.94 33.25
C SER J 189 47.15 42.56 32.98
N MET J 190 47.90 43.52 32.44
CA MET J 190 49.29 43.29 32.07
C MET J 190 50.09 44.58 32.33
N GLY J 191 50.68 44.68 33.51
CA GLY J 191 51.43 45.87 33.84
C GLY J 191 50.50 47.08 33.92
N ASN J 192 50.65 48.02 32.99
CA ASN J 192 49.82 49.21 32.96
C ASN J 192 48.76 49.12 31.85
N GLY J 193 48.80 48.03 31.09
CA GLY J 193 47.86 47.84 30.01
C GLY J 193 47.05 46.58 30.21
N VAL J 194 46.25 46.21 29.21
CA VAL J 194 45.43 45.02 29.29
C VAL J 194 45.50 44.23 27.99
N SER J 195 45.15 42.94 28.08
CA SER J 195 45.14 42.08 26.91
C SER J 195 43.71 41.54 26.78
N ILE J 196 42.94 42.12 25.86
CA ILE J 196 41.58 41.62 25.65
C ILE J 196 41.77 40.40 24.78
N ASN J 197 41.60 39.23 25.40
CA ASN J 197 41.83 37.95 24.76
C ASN J 197 40.88 37.46 23.68
N CYS J 198 41.40 36.56 22.84
CA CYS J 198 40.65 35.98 21.74
C CYS J 198 40.24 34.56 22.15
N MET J 199 39.00 34.44 22.63
CA MET J 199 38.45 33.16 23.07
C MET J 199 38.44 32.20 21.88
N LYS J 200 38.30 30.90 22.16
CA LYS J 200 38.28 29.91 21.10
C LYS J 200 36.90 29.69 20.47
N TYR J 201 35.93 29.32 21.29
CA TYR J 201 34.58 29.09 20.76
C TYR J 201 33.62 30.25 20.93
N PRO J 202 32.84 30.55 19.89
CA PRO J 202 31.84 31.64 19.86
C PRO J 202 30.99 31.77 21.12
N THR J 203 30.65 30.65 21.74
CA THR J 203 29.84 30.68 22.94
C THR J 203 30.50 31.55 24.02
N ARG J 204 31.83 31.52 24.09
CA ARG J 204 32.55 32.31 25.09
C ARG J 204 33.03 33.66 24.56
N LYS J 205 33.09 33.81 23.24
CA LYS J 205 33.53 35.06 22.66
C LYS J 205 32.50 36.15 22.97
N ARG J 206 31.26 35.73 23.22
CA ARG J 206 30.17 36.64 23.55
C ARG J 206 30.40 37.38 24.88
N GLU J 207 31.25 36.83 25.73
CA GLU J 207 31.54 37.44 27.03
C GLU J 207 32.39 38.70 26.95
N VAL J 208 33.21 38.79 25.91
CA VAL J 208 34.10 39.92 25.75
C VAL J 208 33.42 41.27 25.63
N ILE J 209 32.20 41.29 25.11
CA ILE J 209 31.49 42.54 24.93
C ILE J 209 31.38 43.43 26.17
N PHE J 210 31.21 42.81 27.34
CA PHE J 210 31.06 43.58 28.58
C PHE J 210 32.29 44.35 29.04
N SER J 211 33.42 43.67 29.23
CA SER J 211 34.61 44.35 29.68
C SER J 211 35.17 45.27 28.59
N ARG J 212 34.98 44.89 27.33
CA ARG J 212 35.45 45.70 26.21
C ARG J 212 34.70 47.02 26.20
N PHE J 213 33.40 46.97 26.50
CA PHE J 213 32.56 48.17 26.56
C PHE J 213 33.12 49.12 27.62
N VAL J 214 33.63 48.55 28.71
CA VAL J 214 34.20 49.33 29.81
C VAL J 214 35.52 49.98 29.42
N PHE J 215 36.40 49.21 28.80
CA PHE J 215 37.70 49.74 28.39
C PHE J 215 37.63 50.70 27.20
N THR J 216 36.44 50.82 26.63
CA THR J 216 36.26 51.70 25.49
C THR J 216 35.59 53.00 25.90
N ASN J 217 34.68 52.94 26.86
CA ASN J 217 33.94 54.12 27.27
C ASN J 217 34.13 54.65 28.68
N ASN J 218 34.49 53.79 29.63
CA ASN J 218 34.66 54.26 31.00
C ASN J 218 35.88 55.16 31.11
N PRO J 219 35.68 56.40 31.55
CA PRO J 219 36.77 57.37 31.70
C PRO J 219 37.94 56.86 32.54
N LYS J 220 37.66 56.01 33.51
CA LYS J 220 38.71 55.47 34.37
C LYS J 220 39.59 54.42 33.68
N TYR J 221 39.08 53.77 32.64
CA TYR J 221 39.84 52.73 31.94
C TYR J 221 40.01 53.00 30.44
N LYS J 222 39.25 53.97 29.94
CA LYS J 222 39.26 54.36 28.54
C LYS J 222 40.66 54.48 27.93
N ASN J 223 41.58 55.08 28.70
CA ASN J 223 42.96 55.31 28.25
C ASN J 223 43.94 54.16 28.49
N THR J 224 43.44 53.03 28.96
CA THR J 224 44.32 51.90 29.22
C THR J 224 44.85 51.33 27.91
N PRO J 225 46.18 51.22 27.78
CA PRO J 225 46.77 50.68 26.55
C PRO J 225 46.45 49.19 26.36
N ARG J 226 46.01 48.82 25.17
CA ARG J 226 45.68 47.42 24.90
C ARG J 226 46.84 46.72 24.21
N TYR J 227 47.60 45.93 24.96
CA TYR J 227 48.72 45.19 24.39
C TYR J 227 48.24 44.04 23.52
N PHE J 228 46.92 43.88 23.48
CA PHE J 228 46.29 42.87 22.65
C PHE J 228 44.80 43.13 22.63
N ASP J 229 44.18 42.87 21.50
CA ASP J 229 42.75 43.09 21.35
C ASP J 229 42.27 42.16 20.24
N ILE J 230 40.96 42.00 20.14
CA ILE J 230 40.38 41.12 19.14
C ILE J 230 40.27 41.77 17.76
N VAL J 231 40.94 42.89 17.54
CA VAL J 231 40.80 43.55 16.25
C VAL J 231 42.06 43.89 15.45
N GLY J 232 43.05 44.52 16.06
CA GLY J 232 44.23 44.89 15.30
C GLY J 232 45.50 44.10 15.58
N ASN J 233 45.37 42.78 15.69
CA ASN J 233 46.53 41.95 15.99
C ASN J 233 46.49 40.61 15.27
N ASN J 234 47.48 39.78 15.55
CA ASN J 234 47.57 38.44 14.95
C ASN J 234 47.67 37.35 16.01
N GLY J 235 47.14 36.18 15.67
CA GLY J 235 47.17 35.04 16.59
C GLY J 235 46.08 35.02 17.63
N THR J 236 46.22 34.11 18.59
CA THR J 236 45.24 33.98 19.67
C THR J 236 45.95 33.89 21.01
N ILE J 237 45.23 34.25 22.07
CA ILE J 237 45.77 34.24 23.41
C ILE J 237 44.62 34.20 24.43
N GLU J 238 44.82 33.46 25.53
CA GLU J 238 43.79 33.37 26.56
C GLU J 238 44.36 33.65 27.95
N GLY J 239 43.53 34.18 28.83
CA GLY J 239 43.94 34.53 30.18
C GLY J 239 44.74 33.52 30.98
N GLY J 240 44.42 32.24 30.82
CA GLY J 240 45.12 31.20 31.55
C GLY J 240 46.61 31.10 31.28
N ASP J 241 47.07 31.69 30.18
CA ASP J 241 48.50 31.64 29.82
C ASP J 241 49.28 32.88 30.22
N ILE J 242 48.59 33.90 30.73
CA ILE J 242 49.25 35.15 31.11
C ILE J 242 49.61 35.30 32.60
N PHE J 243 50.90 35.49 32.87
CA PHE J 243 51.39 35.68 34.23
C PHE J 243 52.36 36.86 34.28
N ILE J 244 52.34 37.62 35.36
CA ILE J 244 53.23 38.76 35.53
C ILE J 244 54.07 38.46 36.76
N TYR J 245 55.33 38.07 36.56
CA TYR J 245 56.19 37.76 37.69
C TYR J 245 56.77 38.97 38.45
N ASN J 246 57.12 40.04 37.74
CA ASN J 246 57.64 41.24 38.39
C ASN J 246 57.60 42.43 37.43
N SER J 247 58.03 43.59 37.92
CA SER J 247 58.00 44.81 37.12
C SER J 247 58.66 44.73 35.75
N LYS J 248 59.60 43.81 35.58
CA LYS J 248 60.31 43.72 34.31
C LYS J 248 60.04 42.46 33.52
N THR J 249 59.50 41.43 34.17
CA THR J 249 59.26 40.17 33.49
C THR J 249 57.81 39.74 33.31
N LEU J 250 57.48 39.35 32.09
CA LEU J 250 56.16 38.90 31.72
C LEU J 250 56.33 37.42 31.34
N VAL J 251 55.49 36.54 31.88
CA VAL J 251 55.58 35.12 31.56
C VAL J 251 54.31 34.65 30.86
N ILE J 252 54.45 34.17 29.63
CA ILE J 252 53.31 33.71 28.85
C ILE J 252 53.51 32.28 28.38
N GLY J 253 52.44 31.50 28.38
CA GLY J 253 52.54 30.12 27.94
C GLY J 253 52.20 29.93 26.48
N ASN J 254 53.05 29.18 25.78
CA ASN J 254 52.80 28.89 24.37
C ASN J 254 52.06 27.57 24.41
N SER J 255 50.75 27.64 24.28
CA SER J 255 49.92 26.45 24.34
C SER J 255 49.02 26.29 23.13
N GLU J 256 48.01 25.44 23.29
CA GLU J 256 47.05 25.17 22.24
C GLU J 256 46.14 26.38 22.05
N ARG J 257 46.14 27.28 23.03
CA ARG J 257 45.29 28.47 22.98
C ARG J 257 46.06 29.76 22.76
N THR J 258 47.38 29.73 22.98
CA THR J 258 48.20 30.92 22.80
C THR J 258 49.43 30.62 21.93
N ASN J 259 49.48 31.28 20.77
CA ASN J 259 50.57 31.09 19.81
C ASN J 259 51.57 32.25 19.73
N PHE J 260 52.68 31.99 19.05
CA PHE J 260 53.75 32.97 18.87
C PHE J 260 53.26 34.26 18.24
N ALA J 261 52.31 34.15 17.32
CA ALA J 261 51.75 35.30 16.64
C ALA J 261 51.21 36.33 17.64
N ALA J 262 50.38 35.86 18.57
CA ALA J 262 49.80 36.73 19.58
C ALA J 262 50.86 37.29 20.50
N ILE J 263 51.81 36.44 20.89
CA ILE J 263 52.90 36.85 21.77
C ILE J 263 53.74 37.95 21.14
N GLU J 264 53.96 37.87 19.83
CA GLU J 264 54.74 38.88 19.14
C GLU J 264 53.96 40.19 19.12
N SER J 265 52.66 40.11 18.82
CA SER J 265 51.79 41.29 18.79
C SER J 265 51.88 42.01 20.13
N VAL J 266 51.84 41.25 21.22
CA VAL J 266 51.92 41.84 22.55
C VAL J 266 53.30 42.48 22.76
N ALA J 267 54.35 41.78 22.35
CA ALA J 267 55.71 42.30 22.50
C ALA J 267 55.89 43.66 21.82
N LYS J 268 55.45 43.75 20.57
CA LYS J 268 55.57 44.99 19.81
C LYS J 268 54.72 46.12 20.42
N ASN J 269 53.50 45.80 20.83
CA ASN J 269 52.62 46.79 21.42
C ASN J 269 53.19 47.35 22.73
N ILE J 270 53.97 46.53 23.43
CA ILE J 270 54.57 46.98 24.69
C ILE J 270 55.74 47.89 24.39
N GLN J 271 56.53 47.55 23.39
CA GLN J 271 57.68 48.37 23.01
C GLN J 271 57.22 49.77 22.63
N ALA J 272 56.01 49.87 22.08
CA ALA J 272 55.43 51.13 21.65
C ALA J 272 54.89 52.00 22.79
N ASN J 273 54.87 51.45 24.00
CA ASN J 273 54.37 52.18 25.15
C ASN J 273 55.56 52.63 26.00
N LYS J 274 55.61 53.92 26.29
CA LYS J 274 56.72 54.48 27.06
C LYS J 274 56.67 54.29 28.57
N ASP J 275 55.46 54.20 29.12
CA ASP J 275 55.30 54.04 30.57
C ASP J 275 55.54 52.63 31.09
N CYS J 276 55.21 51.62 30.28
CA CYS J 276 55.39 50.23 30.68
C CYS J 276 56.83 49.92 31.09
N THR J 277 56.99 49.18 32.17
CA THR J 277 58.32 48.83 32.68
C THR J 277 58.80 47.44 32.26
N PHE J 278 57.97 46.68 31.55
CA PHE J 278 58.37 45.35 31.11
C PHE J 278 59.56 45.44 30.17
N GLU J 279 60.55 44.58 30.38
CA GLU J 279 61.75 44.59 29.54
C GLU J 279 62.05 43.21 29.00
N ARG J 280 61.25 42.23 29.41
CA ARG J 280 61.49 40.86 28.97
C ARG J 280 60.24 39.99 29.06
N ILE J 281 60.15 39.02 28.16
CA ILE J 281 59.03 38.10 28.14
C ILE J 281 59.59 36.68 28.08
N VAL J 282 59.13 35.82 28.96
CA VAL J 282 59.58 34.43 28.97
C VAL J 282 58.42 33.57 28.52
N VAL J 283 58.58 32.91 27.38
CA VAL J 283 57.54 32.04 26.86
C VAL J 283 57.85 30.61 27.27
N ILE J 284 56.87 29.97 27.90
CA ILE J 284 57.05 28.59 28.33
C ILE J 284 56.19 27.70 27.44
N ASN J 285 56.81 26.69 26.87
CA ASN J 285 56.11 25.78 25.97
C ASN J 285 55.18 24.84 26.75
N VAL J 286 53.88 24.92 26.43
CA VAL J 286 52.88 24.09 27.07
C VAL J 286 52.25 23.11 26.08
N PRO J 287 52.85 21.91 25.98
CA PRO J 287 52.37 20.85 25.07
C PRO J 287 50.91 20.49 25.30
N PRO J 288 50.12 20.42 24.21
CA PRO J 288 48.70 20.08 24.32
C PRO J 288 48.42 18.68 24.88
N MET J 289 48.45 18.56 26.21
CA MET J 289 48.17 17.29 26.89
C MET J 289 46.67 17.08 26.81
N PRO J 290 46.18 15.94 27.31
CA PRO J 290 44.74 15.66 27.28
C PRO J 290 43.90 16.71 28.02
N ASN J 291 44.40 17.18 29.18
CA ASN J 291 43.66 18.18 29.93
C ASN J 291 44.50 19.42 30.24
N LEU J 292 45.38 19.77 29.33
CA LEU J 292 46.23 20.94 29.49
C LEU J 292 45.92 21.96 28.39
N MET J 293 45.24 23.04 28.76
CA MET J 293 44.88 24.05 27.78
C MET J 293 45.66 25.34 28.01
N HIS J 294 46.14 25.55 29.24
CA HIS J 294 46.90 26.76 29.54
C HIS J 294 48.01 26.48 30.53
N LEU J 295 48.88 27.48 30.72
CA LEU J 295 50.01 27.38 31.63
C LEU J 295 49.56 27.38 33.09
N ASP J 296 48.45 28.06 33.38
CA ASP J 296 47.95 28.14 34.75
C ASP J 296 47.79 26.78 35.43
N THR J 297 47.29 25.79 34.70
CA THR J 297 47.10 24.46 35.28
C THR J 297 48.42 23.71 35.43
N TRP J 298 49.52 24.38 35.14
CA TRP J 298 50.85 23.77 35.25
C TRP J 298 51.70 24.42 36.33
N LEU J 299 51.66 25.75 36.39
CA LEU J 299 52.47 26.49 37.37
C LEU J 299 51.82 27.81 37.79
N THR J 300 51.93 28.15 39.07
CA THR J 300 51.41 29.41 39.58
C THR J 300 52.36 29.92 40.66
N MET J 301 52.41 31.24 40.82
CA MET J 301 53.31 31.87 41.79
C MET J 301 52.53 32.34 43.01
N LEU J 302 52.98 31.96 44.20
CA LEU J 302 52.28 32.31 45.42
C LEU J 302 53.05 33.23 46.38
N ASP J 303 54.35 33.41 46.15
CA ASP J 303 55.18 34.26 47.00
C ASP J 303 56.42 34.64 46.18
N TYR J 304 57.29 35.47 46.74
CA TYR J 304 58.50 35.89 46.00
C TYR J 304 59.30 34.69 45.48
N ASP J 305 59.34 33.62 46.26
CA ASP J 305 60.10 32.44 45.87
C ASP J 305 59.36 31.12 46.04
N LYS J 306 58.04 31.15 46.05
CA LYS J 306 57.28 29.92 46.22
C LYS J 306 56.32 29.69 45.07
N PHE J 307 56.33 28.47 44.53
CA PHE J 307 55.48 28.13 43.41
C PHE J 307 54.74 26.80 43.62
N LEU J 308 53.57 26.71 43.00
CA LEU J 308 52.75 25.51 43.06
C LEU J 308 52.78 24.93 41.65
N TYR J 309 53.09 23.66 41.52
CA TYR J 309 53.17 23.06 40.19
C TYR J 309 52.54 21.67 40.10
N SER J 310 52.20 21.25 38.88
CA SER J 310 51.61 19.93 38.67
C SER J 310 52.71 18.88 38.58
N PRO J 311 52.60 17.79 39.36
CA PRO J 311 53.62 16.75 39.29
C PRO J 311 53.59 16.00 37.96
N ASN J 312 52.55 16.25 37.16
CA ASN J 312 52.40 15.60 35.88
C ASN J 312 52.96 16.42 34.72
N MET J 313 53.75 17.44 35.00
CA MET J 313 54.31 18.25 33.92
C MET J 313 55.60 17.62 33.42
N MET J 314 56.08 18.06 32.26
CA MET J 314 57.31 17.51 31.70
C MET J 314 58.48 17.93 32.58
N ASN J 315 59.56 17.16 32.54
CA ASN J 315 60.70 17.47 33.39
C ASN J 315 61.61 18.58 32.88
N VAL J 316 61.92 18.57 31.59
CA VAL J 316 62.76 19.62 31.02
C VAL J 316 61.88 20.56 30.20
N LEU J 317 61.92 21.84 30.54
CA LEU J 317 61.09 22.82 29.85
C LEU J 317 61.76 23.42 28.61
N LYS J 318 60.93 23.80 27.65
CA LYS J 318 61.38 24.42 26.42
C LYS J 318 60.91 25.88 26.56
N ILE J 319 61.86 26.80 26.66
CA ILE J 319 61.53 28.21 26.82
C ILE J 319 62.02 29.09 25.68
N TRP J 320 61.48 30.31 25.63
CA TRP J 320 61.85 31.29 24.61
C TRP J 320 62.04 32.65 25.30
N GLU J 321 63.25 33.19 25.18
CA GLU J 321 63.60 34.47 25.77
C GLU J 321 63.36 35.60 24.78
N ILE J 322 62.61 36.62 25.20
CA ILE J 322 62.33 37.75 24.34
C ILE J 322 62.80 39.04 25.01
N ASP J 323 63.82 39.65 24.41
CA ASP J 323 64.39 40.89 24.92
C ASP J 323 63.59 42.04 24.34
N LEU J 324 62.80 42.70 25.18
CA LEU J 324 61.98 43.82 24.72
C LEU J 324 62.81 45.06 24.36
N ASN J 325 64.08 45.04 24.73
CA ASN J 325 65.00 46.14 24.42
C ASN J 325 65.70 45.87 23.10
N VAL J 326 65.11 44.98 22.30
CA VAL J 326 65.70 44.62 21.01
C VAL J 326 64.65 44.46 19.92
N LYS J 327 64.81 45.22 18.83
CA LYS J 327 63.89 45.13 17.72
C LYS J 327 64.62 44.57 16.50
N PRO J 328 63.96 43.70 15.72
CA PRO J 328 62.58 43.25 15.98
C PRO J 328 62.55 42.15 17.06
N VAL J 329 61.34 41.77 17.47
CA VAL J 329 61.18 40.73 18.48
C VAL J 329 61.83 39.44 18.00
N LYS J 330 62.50 38.73 18.89
CA LYS J 330 63.17 37.49 18.52
C LYS J 330 63.03 36.41 19.59
N PHE J 331 62.38 35.32 19.23
CA PHE J 331 62.18 34.19 20.15
C PHE J 331 63.45 33.39 20.34
N VAL J 332 64.28 33.79 21.30
CA VAL J 332 65.52 33.08 21.56
C VAL J 332 65.25 31.81 22.38
N GLU J 333 65.13 30.69 21.67
CA GLU J 333 64.85 29.40 22.30
C GLU J 333 65.88 29.02 23.36
N LYS J 334 65.45 28.20 24.32
CA LYS J 334 66.30 27.76 25.41
C LYS J 334 65.67 26.55 26.12
N LYS J 335 66.43 25.91 27.01
CA LYS J 335 65.95 24.75 27.76
C LYS J 335 66.42 24.72 29.21
N GLY J 336 65.74 23.93 30.03
CA GLY J 336 66.10 23.80 31.43
C GLY J 336 64.99 23.21 32.29
N THR J 337 65.34 22.85 33.52
CA THR J 337 64.36 22.29 34.46
C THR J 337 63.53 23.44 35.00
N LEU J 338 62.40 23.13 35.62
CA LEU J 338 61.53 24.16 36.19
C LEU J 338 62.32 25.05 37.14
N GLU J 339 63.17 24.44 37.96
CA GLU J 339 63.97 25.19 38.91
C GLU J 339 64.95 26.15 38.24
N GLU J 340 65.60 25.69 37.18
CA GLU J 340 66.55 26.54 36.46
C GLU J 340 65.82 27.71 35.81
N VAL J 341 64.69 27.42 35.17
CA VAL J 341 63.88 28.44 34.51
C VAL J 341 63.45 29.52 35.49
N LEU J 342 62.95 29.10 36.64
CA LEU J 342 62.48 30.04 37.65
C LEU J 342 63.64 30.83 38.25
N TYR J 343 64.77 30.15 38.46
CA TYR J 343 65.95 30.80 39.03
C TYR J 343 66.39 31.95 38.14
N SER J 344 66.29 31.76 36.83
CA SER J 344 66.70 32.79 35.88
C SER J 344 65.76 33.98 35.86
N ILE J 345 64.66 33.91 36.62
CA ILE J 345 63.70 35.00 36.66
C ILE J 345 63.69 35.71 38.01
N ILE J 346 63.63 34.95 39.10
CA ILE J 346 63.61 35.53 40.44
C ILE J 346 65.00 35.71 41.01
N ASP J 347 65.99 35.07 40.40
CA ASP J 347 67.37 35.20 40.82
C ASP J 347 67.61 34.70 42.24
N LYS J 348 67.02 33.56 42.58
CA LYS J 348 67.19 32.94 43.90
C LYS J 348 66.56 31.56 43.86
N LYS J 349 66.95 30.71 44.80
CA LYS J 349 66.42 29.35 44.83
C LYS J 349 64.89 29.31 44.96
N PRO J 350 64.21 28.71 43.97
CA PRO J 350 62.76 28.62 44.01
C PRO J 350 62.29 27.42 44.86
N ILE J 351 61.23 27.63 45.62
CA ILE J 351 60.66 26.58 46.46
C ILE J 351 59.49 26.03 45.65
N LEU J 352 59.60 24.75 45.28
CA LEU J 352 58.58 24.12 44.48
C LEU J 352 57.65 23.18 45.24
N ILE J 353 56.36 23.48 45.21
CA ILE J 353 55.37 22.67 45.91
C ILE J 353 54.42 21.99 44.92
N PRO J 354 54.42 20.65 44.89
CA PRO J 354 53.55 19.89 43.98
C PRO J 354 52.10 19.73 44.47
N ILE J 355 51.17 19.60 43.53
CA ILE J 355 49.76 19.40 43.84
C ILE J 355 49.65 18.17 44.76
N ALA J 356 48.86 18.29 45.82
CA ALA J 356 48.65 17.21 46.78
C ALA J 356 49.84 16.93 47.71
N GLY J 357 50.92 17.69 47.52
CA GLY J 357 52.09 17.52 48.37
C GLY J 357 53.04 16.37 48.01
N LYS J 358 54.23 16.40 48.59
CA LYS J 358 55.25 15.38 48.33
C LYS J 358 54.85 14.02 48.90
N GLY J 359 55.04 12.97 48.10
CA GLY J 359 54.70 11.63 48.54
C GLY J 359 53.23 11.26 48.38
N ALA J 360 52.41 12.17 47.86
CA ALA J 360 50.99 11.88 47.68
C ALA J 360 50.78 10.75 46.68
N ASN J 361 49.75 9.94 46.89
CA ASN J 361 49.46 8.85 45.96
C ASN J 361 48.78 9.46 44.72
N GLN J 362 48.72 8.71 43.62
CA GLN J 362 48.14 9.18 42.38
C GLN J 362 46.67 9.56 42.49
N LEU J 363 45.97 8.92 43.42
CA LEU J 363 44.55 9.19 43.62
C LEU J 363 44.33 10.64 44.08
N ASP J 364 45.06 11.05 45.12
CA ASP J 364 44.92 12.42 45.61
C ASP J 364 45.42 13.44 44.57
N ILE J 365 46.48 13.09 43.86
CA ILE J 365 47.01 13.97 42.83
C ILE J 365 45.94 14.16 41.75
N ASP J 366 45.37 13.06 41.27
CA ASP J 366 44.35 13.09 40.24
C ASP J 366 43.12 13.93 40.64
N ILE J 367 42.62 13.71 41.84
CA ILE J 367 41.45 14.44 42.33
C ILE J 367 41.69 15.94 42.53
N GLU J 368 42.79 16.30 43.16
CA GLU J 368 43.06 17.71 43.38
C GLU J 368 43.50 18.44 42.11
N THR J 369 43.95 17.67 41.12
CA THR J 369 44.32 18.26 39.84
C THR J 369 43.00 18.55 39.14
N HIS J 370 42.08 17.61 39.24
CA HIS J 370 40.76 17.72 38.65
C HIS J 370 40.06 18.98 39.14
N PHE J 371 40.23 19.27 40.42
CA PHE J 371 39.60 20.44 41.00
C PHE J 371 40.44 21.70 41.01
N ASP J 372 41.25 21.82 39.96
CA ASP J 372 42.08 22.99 39.73
C ASP J 372 42.96 23.42 40.89
N GLY J 373 43.64 22.45 41.49
CA GLY J 373 44.50 22.73 42.64
C GLY J 373 45.58 23.79 42.55
N THR J 374 46.09 24.08 41.37
CA THR J 374 47.16 25.09 41.27
C THR J 374 46.63 26.51 41.27
N ASN J 375 45.38 26.67 40.84
CA ASN J 375 44.80 27.99 40.72
C ASN J 375 44.30 28.74 41.95
N TYR J 376 45.19 28.89 42.92
CA TYR J 376 44.88 29.65 44.10
C TYR J 376 45.08 31.12 43.70
N LEU J 377 44.34 32.03 44.32
CA LEU J 377 44.52 33.45 44.03
C LEU J 377 45.39 34.00 45.14
N THR J 378 46.50 34.64 44.78
CA THR J 378 47.40 35.22 45.79
C THR J 378 46.95 36.66 46.03
N ILE J 379 46.66 37.00 47.28
CA ILE J 379 46.19 38.34 47.59
C ILE J 379 47.25 39.20 48.27
N ALA J 380 48.38 38.56 48.58
CA ALA J 380 49.51 39.22 49.21
C ALA J 380 50.63 38.20 49.18
N PRO J 381 51.89 38.64 49.29
CA PRO J 381 53.00 37.69 49.27
C PRO J 381 52.85 36.58 50.30
N GLY J 382 52.63 35.36 49.84
CA GLY J 382 52.49 34.25 50.76
C GLY J 382 51.12 34.07 51.39
N VAL J 383 50.10 34.71 50.82
CA VAL J 383 48.74 34.59 51.34
C VAL J 383 47.83 34.25 50.16
N VAL J 384 47.23 33.07 50.21
CA VAL J 384 46.37 32.60 49.12
C VAL J 384 44.92 32.29 49.50
N VAL J 385 44.08 32.19 48.47
CA VAL J 385 42.67 31.90 48.63
C VAL J 385 42.29 30.78 47.66
N GLY J 386 41.58 29.77 48.16
CA GLY J 386 41.18 28.66 47.31
C GLY J 386 40.16 27.72 47.95
N TYR J 387 39.82 26.66 47.22
CA TYR J 387 38.85 25.67 47.69
C TYR J 387 39.34 24.82 48.85
N GLU J 388 38.49 24.66 49.86
CA GLU J 388 38.84 23.85 51.02
C GLU J 388 38.91 22.38 50.67
N ARG J 389 38.19 21.96 49.63
CA ARG J 389 38.20 20.55 49.26
C ARG J 389 39.57 19.99 48.88
N ASN J 390 40.48 20.83 48.43
CA ASN J 390 41.82 20.36 48.06
C ASN J 390 42.72 20.38 49.29
N GLU J 391 42.40 19.50 50.23
CA GLU J 391 43.10 19.40 51.51
C GLU J 391 44.59 19.06 51.47
N LYS J 392 44.99 18.15 50.60
CA LYS J 392 46.39 17.77 50.52
C LYS J 392 47.25 18.94 50.05
N THR J 393 46.79 19.64 49.01
CA THR J 393 47.53 20.77 48.50
C THR J 393 47.57 21.84 49.58
N GLN J 394 46.42 22.09 50.21
CA GLN J 394 46.34 23.09 51.25
C GLN J 394 47.35 22.80 52.37
N LYS J 395 47.43 21.54 52.78
CA LYS J 395 48.36 21.12 53.82
C LYS J 395 49.81 21.38 53.41
N ALA J 396 50.14 21.06 52.17
CA ALA J 396 51.51 21.27 51.67
C ALA J 396 51.86 22.76 51.68
N LEU J 397 50.89 23.60 51.31
CA LEU J 397 51.11 25.03 51.30
C LEU J 397 51.37 25.62 52.69
N VAL J 398 50.57 25.24 53.69
CA VAL J 398 50.78 25.79 55.02
C VAL J 398 52.11 25.33 55.60
N GLU J 399 52.51 24.11 55.29
CA GLU J 399 53.78 23.57 55.78
C GLU J 399 54.93 24.34 55.16
N ALA J 400 54.72 24.89 53.98
CA ALA J 400 55.74 25.65 53.29
C ALA J 400 55.76 27.12 53.75
N GLY J 401 54.89 27.45 54.70
CA GLY J 401 54.86 28.81 55.22
C GLY J 401 53.83 29.74 54.61
N ILE J 402 53.02 29.22 53.70
CA ILE J 402 52.00 30.02 53.05
C ILE J 402 50.70 30.01 53.86
N LYS J 403 50.11 31.19 54.04
CA LYS J 403 48.86 31.32 54.77
C LYS J 403 47.71 31.07 53.78
N VAL J 404 46.82 30.13 54.11
CA VAL J 404 45.70 29.81 53.24
C VAL J 404 44.34 30.22 53.79
N LEU J 405 43.61 31.00 53.00
CA LEU J 405 42.27 31.43 53.40
C LEU J 405 41.34 30.63 52.49
N SER J 406 40.91 29.47 52.96
CA SER J 406 40.04 28.61 52.17
C SER J 406 38.58 29.00 52.30
N PHE J 407 37.76 28.51 51.38
CA PHE J 407 36.32 28.77 51.42
C PHE J 407 35.60 27.57 50.83
N ASN J 408 34.34 27.41 51.16
CA ASN J 408 33.54 26.29 50.66
C ASN J 408 33.07 26.55 49.26
N GLY J 409 33.49 25.69 48.34
CA GLY J 409 33.08 25.82 46.95
C GLY J 409 32.55 24.49 46.47
N SER J 410 31.83 23.78 47.35
CA SER J 410 31.28 22.46 47.03
C SER J 410 30.59 22.43 45.67
N GLN J 411 29.88 23.50 45.32
CA GLN J 411 29.21 23.58 44.02
C GLN J 411 30.03 24.35 42.98
N LEU J 412 30.60 25.48 43.36
CA LEU J 412 31.40 26.28 42.42
C LEU J 412 32.53 25.50 41.80
N SER J 413 33.19 24.67 42.60
CA SER J 413 34.31 23.86 42.11
C SER J 413 33.92 22.92 40.97
N LEU J 414 32.63 22.63 40.82
CA LEU J 414 32.18 21.74 39.76
C LEU J 414 32.39 22.40 38.41
N GLY J 415 32.63 23.70 38.43
CA GLY J 415 32.87 24.46 37.21
C GLY J 415 34.29 24.26 36.70
N MET J 416 35.11 23.58 37.50
CA MET J 416 36.48 23.27 37.13
C MET J 416 37.48 24.43 37.19
N GLY J 417 37.09 25.56 37.78
CA GLY J 417 38.01 26.68 37.88
C GLY J 417 38.09 27.16 39.31
N SER J 418 39.29 27.43 39.80
CA SER J 418 39.43 27.88 41.17
C SER J 418 39.47 29.42 41.28
N ALA J 419 39.87 29.92 42.44
CA ALA J 419 39.92 31.36 42.71
C ALA J 419 40.66 32.23 41.69
N ARG J 420 41.83 31.81 41.23
CA ARG J 420 42.55 32.61 40.26
C ARG J 420 41.71 32.79 38.99
N CYS J 421 40.98 31.75 38.61
CA CYS J 421 40.13 31.79 37.42
C CYS J 421 38.90 32.67 37.64
N MET J 422 38.45 32.77 38.88
CA MET J 422 37.26 33.56 39.19
C MET J 422 37.58 35.00 39.56
N SER J 423 38.75 35.47 39.17
CA SER J 423 39.14 36.83 39.50
C SER J 423 40.09 37.46 38.48
N MET J 424 40.10 38.79 38.44
CA MET J 424 40.99 39.52 37.55
C MET J 424 41.51 40.76 38.26
N PRO J 425 42.74 40.69 38.78
CA PRO J 425 43.33 41.83 39.48
C PRO J 425 43.33 43.08 38.58
N LEU J 426 42.94 44.22 39.16
CA LEU J 426 42.92 45.49 38.43
C LEU J 426 44.10 46.33 38.93
N ILE J 427 44.34 46.26 40.24
CA ILE J 427 45.44 47.01 40.86
C ILE J 427 46.07 46.23 42.01
N ARG J 428 47.38 46.09 41.93
CA ARG J 428 48.18 45.42 42.95
C ARG J 428 49.28 46.39 43.34
N GLU J 429 49.64 46.43 44.61
CA GLU J 429 50.69 47.32 45.03
C GLU J 429 51.99 46.76 44.46
N ASN J 430 52.78 47.63 43.83
CA ASN J 430 54.04 47.18 43.25
C ASN J 430 54.99 46.60 44.29
N LEU J 431 55.71 45.59 43.87
CA LEU J 431 56.66 44.93 44.75
C LEU J 431 57.89 45.80 44.95
N LYS J 432 58.57 45.57 46.06
CA LYS J 432 59.79 46.30 46.38
C LYS J 432 60.83 45.19 46.40
N LYS J 433 60.33 43.96 46.22
CA LYS J 433 61.12 42.73 46.18
C LYS J 433 61.99 42.56 47.43
N GLY K 35 -13.78 32.39 56.48
CA GLY K 35 -12.28 32.42 56.37
C GLY K 35 -11.56 31.77 57.54
N ILE K 36 -12.29 31.54 58.64
CA ILE K 36 -11.73 30.91 59.82
C ILE K 36 -12.49 29.62 60.14
N ASN K 37 -11.77 28.52 60.29
CA ASN K 37 -12.40 27.25 60.62
C ASN K 37 -11.39 26.34 61.31
N VAL K 38 -11.28 26.48 62.62
CA VAL K 38 -10.35 25.69 63.41
C VAL K 38 -11.09 24.98 64.54
N TYR K 39 -11.44 23.73 64.32
CA TYR K 39 -12.18 22.97 65.32
C TYR K 39 -11.40 21.81 65.96
N SER K 40 -10.09 22.02 66.11
CA SER K 40 -9.21 21.04 66.73
C SER K 40 -7.79 21.59 66.78
N GLU K 41 -6.90 20.84 67.41
CA GLU K 41 -5.50 21.23 67.51
C GLU K 41 -4.69 20.35 66.56
N ILE K 42 -5.31 19.30 66.04
CA ILE K 42 -4.60 18.33 65.19
C ILE K 42 -5.09 18.13 63.76
N GLY K 43 -6.28 18.60 63.44
CA GLY K 43 -6.80 18.43 62.09
C GLY K 43 -5.83 18.90 61.01
N GLU K 44 -5.77 18.19 59.89
CA GLU K 44 -4.90 18.53 58.79
C GLU K 44 -4.96 20.04 58.54
N LEU K 45 -3.81 20.71 58.73
CA LEU K 45 -3.69 22.15 58.58
C LEU K 45 -3.69 22.58 57.10
N LYS K 46 -4.62 23.48 56.74
CA LYS K 46 -4.73 23.93 55.36
C LYS K 46 -4.23 25.35 55.12
N GLU K 47 -4.49 26.25 56.08
CA GLU K 47 -4.05 27.64 56.00
C GLU K 47 -3.57 28.10 57.37
N VAL K 48 -2.39 28.72 57.42
CA VAL K 48 -1.81 29.17 58.67
C VAL K 48 -1.19 30.56 58.54
N LEU K 49 -1.24 31.33 59.60
CA LEU K 49 -0.68 32.67 59.62
C LEU K 49 0.65 32.66 60.35
N VAL K 50 1.68 33.22 59.74
CA VAL K 50 2.99 33.29 60.35
C VAL K 50 3.56 34.68 60.07
N HIS K 51 4.78 34.92 60.54
CA HIS K 51 5.46 36.18 60.32
C HIS K 51 6.96 35.97 60.42
N THR K 52 7.62 35.95 59.26
CA THR K 52 9.06 35.80 59.21
C THR K 52 9.57 37.12 59.75
N PRO K 53 10.37 37.09 60.83
CA PRO K 53 10.88 38.35 61.39
C PRO K 53 11.63 39.25 60.41
N GLY K 54 11.46 40.56 60.61
CA GLY K 54 12.12 41.55 59.79
C GLY K 54 13.16 42.30 60.62
N ASP K 55 13.49 43.53 60.23
CA ASP K 55 14.50 44.27 60.97
C ASP K 55 14.23 44.50 62.46
N GLU K 56 12.99 44.29 62.90
CA GLU K 56 12.70 44.50 64.31
C GLU K 56 13.58 43.66 65.25
N ILE K 57 13.91 42.43 64.86
CA ILE K 57 14.76 41.60 65.73
C ILE K 57 16.25 42.03 65.67
N ARG K 58 16.51 43.14 64.99
CA ARG K 58 17.85 43.71 64.89
C ARG K 58 17.95 44.92 65.82
N TYR K 59 16.80 45.39 66.32
CA TYR K 59 16.79 46.60 67.15
C TYR K 59 16.59 46.43 68.65
N THR K 60 16.91 45.26 69.19
CA THR K 60 16.76 45.03 70.63
C THR K 60 18.11 45.14 71.34
N ALA K 61 18.32 46.24 72.06
CA ALA K 61 19.56 46.46 72.79
C ALA K 61 19.64 45.45 73.92
N PRO K 62 20.85 44.97 74.23
CA PRO K 62 20.98 43.98 75.32
C PRO K 62 20.39 44.45 76.66
N SER K 63 20.42 45.75 76.90
CA SER K 63 19.88 46.30 78.13
C SER K 63 18.36 46.44 78.11
N ARG K 64 17.74 46.29 76.95
CA ARG K 64 16.28 46.43 76.86
C ARG K 64 15.50 45.12 76.71
N LEU K 65 16.15 43.99 76.97
CA LEU K 65 15.48 42.70 76.82
C LEU K 65 14.16 42.65 77.59
N GLU K 66 14.16 43.14 78.83
CA GLU K 66 12.93 43.12 79.61
C GLU K 66 11.97 44.19 79.15
N GLU K 67 12.49 45.38 78.81
CA GLU K 67 11.65 46.48 78.35
C GLU K 67 10.85 46.08 77.11
N LEU K 68 11.51 45.43 76.16
CA LEU K 68 10.86 45.00 74.93
C LEU K 68 10.24 43.62 75.10
N LEU K 69 10.37 43.09 76.31
CA LEU K 69 9.82 41.77 76.62
C LEU K 69 10.27 40.66 75.67
N PHE K 70 11.56 40.64 75.37
CA PHE K 70 12.14 39.62 74.51
C PHE K 70 13.28 38.96 75.29
N SER K 71 13.56 37.70 75.00
CA SER K 71 14.58 36.93 75.73
C SER K 71 16.08 37.04 75.45
N ALA K 72 16.49 37.45 74.25
CA ALA K 72 17.93 37.58 73.97
C ALA K 72 18.24 38.32 72.68
N VAL K 73 19.53 38.58 72.47
CA VAL K 73 19.98 39.29 71.27
C VAL K 73 20.29 38.26 70.20
N LEU K 74 19.47 38.26 69.15
CA LEU K 74 19.61 37.30 68.08
C LEU K 74 20.57 37.70 66.98
N LYS K 75 21.14 36.70 66.31
CA LYS K 75 21.99 36.99 65.17
C LYS K 75 20.91 36.95 64.06
N ALA K 76 20.34 38.13 63.80
CA ALA K 76 19.23 38.33 62.86
C ALA K 76 19.15 37.50 61.58
N ASP K 77 20.17 37.61 60.73
CA ASP K 77 20.16 36.88 59.46
C ASP K 77 20.04 35.38 59.63
N THR K 78 20.58 34.86 60.71
CA THR K 78 20.52 33.42 60.94
C THR K 78 19.12 33.01 61.40
N ALA K 79 18.53 33.81 62.27
CA ALA K 79 17.19 33.52 62.78
C ALA K 79 16.18 33.61 61.64
N ILE K 80 16.37 34.58 60.76
CA ILE K 80 15.46 34.75 59.64
C ILE K 80 15.52 33.56 58.69
N GLU K 81 16.71 33.06 58.40
CA GLU K 81 16.83 31.91 57.51
C GLU K 81 16.20 30.69 58.15
N GLU K 82 16.37 30.55 59.47
CA GLU K 82 15.80 29.42 60.18
C GLU K 82 14.28 29.46 60.12
N HIS K 83 13.70 30.66 60.23
CA HIS K 83 12.25 30.78 60.17
C HIS K 83 11.77 30.40 58.76
N LYS K 84 12.56 30.77 57.75
CA LYS K 84 12.19 30.42 56.39
C LYS K 84 12.19 28.90 56.24
N GLY K 85 13.08 28.23 56.97
CA GLY K 85 13.16 26.76 56.90
C GLY K 85 11.91 26.16 57.52
N PHE K 86 11.42 26.82 58.57
CA PHE K 86 10.20 26.42 59.27
C PHE K 86 9.03 26.54 58.29
N VAL K 87 8.96 27.69 57.60
CA VAL K 87 7.91 27.96 56.62
C VAL K 87 7.92 26.95 55.46
N LYS K 88 9.12 26.63 54.99
CA LYS K 88 9.29 25.70 53.88
C LYS K 88 8.66 24.33 54.19
N ILE K 89 8.92 23.82 55.38
CA ILE K 89 8.39 22.53 55.81
C ILE K 89 6.87 22.53 55.77
N LEU K 90 6.26 23.61 56.26
CA LEU K 90 4.80 23.69 56.25
C LEU K 90 4.31 23.66 54.79
N GLN K 91 4.93 24.47 53.94
CA GLN K 91 4.53 24.49 52.55
C GLN K 91 4.71 23.14 51.85
N ASN K 92 5.81 22.44 52.14
CA ASN K 92 6.05 21.16 51.51
C ASN K 92 5.02 20.13 51.97
N ASN K 93 4.24 20.49 52.98
CA ASN K 93 3.21 19.59 53.48
C ASN K 93 1.84 20.03 52.99
N GLY K 94 1.85 20.83 51.92
CA GLY K 94 0.63 21.31 51.30
C GLY K 94 -0.12 22.39 52.07
N ILE K 95 0.53 22.99 53.05
CA ILE K 95 -0.11 24.02 53.82
C ILE K 95 0.03 25.37 53.13
N LYS K 96 -1.04 26.16 53.13
CA LYS K 96 -0.94 27.49 52.53
C LYS K 96 -0.45 28.40 53.66
N VAL K 97 0.78 28.88 53.54
CA VAL K 97 1.35 29.74 54.57
C VAL K 97 1.16 31.19 54.21
N ILE K 98 0.47 31.91 55.10
CA ILE K 98 0.19 33.32 54.88
C ILE K 98 1.04 34.21 55.80
N GLN K 99 1.76 35.11 55.16
CA GLN K 99 2.65 36.05 55.83
C GLN K 99 1.80 37.25 56.30
N LEU K 100 1.91 37.59 57.59
CA LEU K 100 1.15 38.70 58.15
C LEU K 100 1.28 40.00 57.34
N CYS K 101 2.51 40.35 56.93
CA CYS K 101 2.71 41.57 56.16
C CYS K 101 1.94 41.55 54.84
N ASP K 102 1.89 40.39 54.19
CA ASP K 102 1.16 40.28 52.92
C ASP K 102 -0.34 40.44 53.13
N LEU K 103 -0.85 39.81 54.18
CA LEU K 103 -2.27 39.87 54.51
C LEU K 103 -2.69 41.31 54.81
N VAL K 104 -1.88 42.01 55.61
CA VAL K 104 -2.17 43.40 55.93
C VAL K 104 -2.06 44.26 54.67
N ALA K 105 -1.04 44.00 53.85
CA ALA K 105 -0.84 44.75 52.62
C ALA K 105 -2.05 44.58 51.69
N GLU K 106 -2.46 43.33 51.52
CA GLU K 106 -3.61 43.02 50.66
C GLU K 106 -4.87 43.75 51.13
N THR K 107 -5.08 43.79 52.45
CA THR K 107 -6.25 44.46 53.01
C THR K 107 -6.20 45.96 52.76
N TYR K 108 -5.02 46.55 52.96
CA TYR K 108 -4.80 47.99 52.76
C TYR K 108 -5.20 48.42 51.33
N GLU K 109 -4.75 47.65 50.34
CA GLU K 109 -5.06 47.97 48.95
C GLU K 109 -6.58 47.99 48.68
N LEU K 110 -7.33 47.16 49.40
CA LEU K 110 -8.79 47.09 49.21
C LEU K 110 -9.57 48.15 49.97
N CYS K 111 -8.90 48.88 50.86
CA CYS K 111 -9.56 49.91 51.66
C CYS K 111 -9.63 51.29 51.00
N SER K 112 -10.58 52.10 51.47
CA SER K 112 -10.75 53.45 50.96
C SER K 112 -9.62 54.31 51.49
N LYS K 113 -9.42 55.47 50.87
CA LYS K 113 -8.35 56.36 51.28
C LYS K 113 -8.50 56.79 52.74
N GLU K 114 -9.73 56.98 53.21
CA GLU K 114 -9.93 57.41 54.59
C GLU K 114 -9.66 56.27 55.58
N VAL K 115 -10.00 55.05 55.20
CA VAL K 115 -9.76 53.91 56.08
C VAL K 115 -8.25 53.64 56.14
N ARG K 116 -7.59 53.73 54.99
CA ARG K 116 -6.15 53.52 54.94
C ARG K 116 -5.47 54.50 55.87
N ASN K 117 -5.85 55.77 55.76
CA ASN K 117 -5.28 56.82 56.57
C ASN K 117 -5.56 56.57 58.05
N SER K 118 -6.73 56.03 58.35
CA SER K 118 -7.03 55.79 59.76
C SER K 118 -6.09 54.72 60.33
N PHE K 119 -5.64 53.80 59.48
CA PHE K 119 -4.71 52.74 59.89
C PHE K 119 -3.36 53.36 60.28
N ILE K 120 -2.83 54.19 59.39
CA ILE K 120 -1.55 54.87 59.61
C ILE K 120 -1.62 55.75 60.86
N GLU K 121 -2.68 56.54 60.97
CA GLU K 121 -2.84 57.42 62.12
C GLU K 121 -2.89 56.67 63.45
N GLN K 122 -3.56 55.51 63.48
CA GLN K 122 -3.64 54.73 64.72
C GLN K 122 -2.23 54.22 65.06
N TYR K 123 -1.49 53.81 64.04
CA TYR K 123 -0.14 53.29 64.23
C TYR K 123 0.73 54.37 64.89
N LEU K 124 0.65 55.58 64.35
CA LEU K 124 1.42 56.69 64.88
C LEU K 124 0.98 57.02 66.30
N ASP K 125 -0.31 56.86 66.61
CA ASP K 125 -0.79 57.15 67.95
C ASP K 125 -0.25 56.17 68.98
N GLU K 126 -0.11 54.92 68.57
CA GLU K 126 0.36 53.85 69.46
C GLU K 126 1.86 53.65 69.49
N ALA K 127 2.56 54.40 68.65
CA ALA K 127 4.01 54.28 68.57
C ALA K 127 4.74 54.61 69.87
N LEU K 128 5.81 53.85 70.14
CA LEU K 128 6.64 54.07 71.32
C LEU K 128 8.09 54.01 70.85
N PRO K 129 8.93 54.96 71.29
CA PRO K 129 8.60 56.07 72.20
C PRO K 129 7.59 56.98 71.55
N VAL K 130 6.85 57.73 72.38
CA VAL K 130 5.85 58.68 71.88
C VAL K 130 6.53 59.57 70.83
N LEU K 131 5.83 59.87 69.74
CA LEU K 131 6.40 60.72 68.70
C LEU K 131 6.24 62.21 69.01
N LYS K 132 7.33 62.96 68.82
CA LYS K 132 7.30 64.41 69.04
C LYS K 132 6.47 65.05 67.92
N LYS K 133 5.76 66.13 68.25
CA LYS K 133 4.88 66.76 67.26
C LYS K 133 5.53 66.97 65.90
N GLU K 134 6.74 67.51 65.87
CA GLU K 134 7.38 67.77 64.58
C GLU K 134 7.95 66.55 63.89
N ILE K 135 8.12 65.44 64.60
CA ILE K 135 8.66 64.24 63.98
C ILE K 135 7.56 63.33 63.42
N ARG K 136 6.36 63.40 63.98
CA ARG K 136 5.26 62.57 63.51
C ARG K 136 4.99 62.71 62.00
N PRO K 137 4.87 63.95 61.49
CA PRO K 137 4.62 64.08 60.05
C PRO K 137 5.79 63.57 59.22
N VAL K 138 7.01 63.65 59.76
CA VAL K 138 8.18 63.18 59.03
C VAL K 138 8.12 61.65 58.90
N VAL K 139 7.66 60.98 59.95
CA VAL K 139 7.54 59.54 59.91
C VAL K 139 6.43 59.15 58.93
N LYS K 140 5.29 59.85 58.99
CA LYS K 140 4.18 59.55 58.10
C LYS K 140 4.59 59.64 56.63
N ASP K 141 5.28 60.71 56.24
CA ASP K 141 5.70 60.83 54.83
C ASP K 141 6.65 59.70 54.48
N TYR K 142 7.55 59.35 55.40
CA TYR K 142 8.50 58.29 55.14
C TYR K 142 7.78 56.98 54.86
N LEU K 143 6.83 56.64 55.71
CA LEU K 143 6.06 55.41 55.54
C LEU K 143 5.34 55.37 54.20
N LEU K 144 4.71 56.49 53.83
CA LEU K 144 3.94 56.59 52.59
C LEU K 144 4.78 56.62 51.32
N SER K 145 6.09 56.77 51.47
CA SER K 145 6.97 56.80 50.31
C SER K 145 7.35 55.40 49.84
N PHE K 146 6.98 54.38 50.61
CA PHE K 146 7.32 52.99 50.26
C PHE K 146 6.14 52.24 49.66
N PRO K 147 6.43 51.18 48.88
CA PRO K 147 5.34 50.40 48.29
C PRO K 147 4.59 49.79 49.49
N THR K 148 3.31 49.48 49.30
CA THR K 148 2.49 48.94 50.38
C THR K 148 3.12 47.90 51.32
N VAL K 149 3.58 46.79 50.76
CA VAL K 149 4.16 45.75 51.59
C VAL K 149 5.39 46.21 52.37
N GLN K 150 6.25 47.02 51.74
CA GLN K 150 7.45 47.52 52.42
C GLN K 150 7.06 48.51 53.51
N MET K 151 5.98 49.23 53.31
CA MET K 151 5.50 50.19 54.30
C MET K 151 5.08 49.42 55.54
N VAL K 152 4.31 48.36 55.33
CA VAL K 152 3.84 47.52 56.43
C VAL K 152 5.04 46.96 57.20
N ARG K 153 6.07 46.56 56.47
CA ARG K 153 7.27 46.01 57.08
C ARG K 153 7.99 47.05 57.93
N LYS K 154 7.95 48.32 57.52
CA LYS K 154 8.59 49.38 58.29
C LYS K 154 7.84 49.58 59.60
N MET K 155 6.51 49.57 59.52
CA MET K 155 5.67 49.74 60.70
C MET K 155 5.97 48.61 61.69
N MET K 156 6.20 47.41 61.15
CA MET K 156 6.49 46.26 61.99
C MET K 156 7.90 46.28 62.55
N SER K 157 8.87 46.69 61.74
CA SER K 157 10.27 46.72 62.17
C SER K 157 10.67 47.87 63.08
N GLY K 158 9.95 48.98 63.02
CA GLY K 158 10.33 50.13 63.83
C GLY K 158 11.19 51.00 62.93
N ILE K 159 11.56 52.19 63.38
CA ILE K 159 12.36 53.09 62.57
C ILE K 159 13.57 53.67 63.30
N LEU K 160 14.72 53.65 62.61
CA LEU K 160 15.98 54.17 63.15
C LEU K 160 16.09 55.67 62.89
N ALA K 161 16.71 56.41 63.81
CA ALA K 161 16.90 57.83 63.62
C ALA K 161 17.68 58.07 62.31
N ASN K 162 18.68 57.22 62.05
CA ASN K 162 19.50 57.35 60.83
C ASN K 162 18.64 57.39 59.59
N GLU K 163 17.64 56.51 59.56
CA GLU K 163 16.72 56.41 58.43
C GLU K 163 16.07 57.73 58.03
N LEU K 164 15.77 58.60 59.01
CA LEU K 164 15.12 59.87 58.74
C LEU K 164 16.11 61.03 58.80
N ASN K 165 17.39 60.70 58.88
CA ASN K 165 18.45 61.68 58.94
C ASN K 165 18.29 62.60 60.14
N ILE K 166 17.78 62.02 61.22
CA ILE K 166 17.57 62.76 62.44
C ILE K 166 18.74 62.44 63.35
N LYS K 167 19.45 63.49 63.73
CA LYS K 167 20.57 63.33 64.62
C LYS K 167 19.98 63.49 66.00
N GLN K 168 20.06 62.43 66.80
CA GLN K 168 19.57 62.43 68.18
C GLN K 168 20.17 61.22 68.88
N ASP K 169 20.28 61.29 70.20
CA ASP K 169 20.89 60.22 70.98
C ASP K 169 20.19 58.85 70.91
N ASN K 170 18.86 58.81 70.99
CA ASN K 170 18.18 57.52 70.90
C ASN K 170 18.25 57.05 69.46
N PRO K 171 18.86 55.88 69.22
CA PRO K 171 18.96 55.36 67.85
C PRO K 171 17.62 55.01 67.21
N LEU K 172 16.58 54.91 68.03
CA LEU K 172 15.26 54.57 67.52
C LEU K 172 14.21 55.68 67.61
N ILE K 173 13.53 55.94 66.51
CA ILE K 173 12.46 56.92 66.45
C ILE K 173 11.23 56.16 66.95
N ILE K 174 11.04 54.95 66.43
CA ILE K 174 9.95 54.08 66.83
C ILE K 174 10.52 52.68 67.08
N ASP K 175 10.21 52.10 68.23
CA ASP K 175 10.68 50.75 68.55
C ASP K 175 10.07 49.72 67.60
N GLY K 176 10.78 48.63 67.38
CA GLY K 176 10.26 47.59 66.54
C GLY K 176 9.40 46.73 67.45
N MET K 177 8.80 45.70 66.90
CA MET K 177 7.96 44.78 67.66
C MET K 177 8.58 43.41 67.44
N PRO K 178 9.67 43.11 68.17
CA PRO K 178 10.37 41.83 68.05
C PRO K 178 9.53 40.57 68.20
N ASN K 179 8.47 40.61 69.00
CA ASN K 179 7.62 39.43 69.19
C ASN K 179 6.59 39.15 68.08
N LEU K 180 6.59 39.92 67.00
CA LEU K 180 5.62 39.69 65.95
C LEU K 180 5.66 38.28 65.34
N TYR K 181 6.84 37.65 65.28
CA TYR K 181 6.87 36.32 64.69
C TYR K 181 6.12 35.28 65.50
N PHE K 182 5.69 35.66 66.70
CA PHE K 182 4.88 34.78 67.55
C PHE K 182 3.42 35.13 67.25
N THR K 183 2.93 34.71 66.08
CA THR K 183 1.57 35.01 65.68
C THR K 183 0.49 34.28 66.48
N ARG K 184 0.92 33.52 67.48
CA ARG K 184 0.00 32.79 68.35
C ARG K 184 -0.64 33.75 69.37
N ASP K 185 -0.01 34.91 69.58
CA ASP K 185 -0.48 35.86 70.57
C ASP K 185 -1.52 36.92 70.27
N PRO K 186 -1.34 37.71 69.20
CA PRO K 186 -2.32 38.76 68.89
C PRO K 186 -3.77 38.27 68.86
N PHE K 187 -4.02 37.11 68.26
CA PHE K 187 -5.36 36.57 68.23
C PHE K 187 -5.31 35.05 68.07
N ALA K 188 -6.41 34.38 68.42
CA ALA K 188 -6.44 32.94 68.31
C ALA K 188 -7.71 32.45 67.64
N SER K 189 -7.57 31.64 66.61
CA SER K 189 -8.74 31.09 65.92
C SER K 189 -9.49 30.25 66.95
N MET K 190 -10.81 30.29 66.88
CA MET K 190 -11.64 29.58 67.84
C MET K 190 -12.90 29.08 67.12
N GLY K 191 -12.84 27.88 66.56
CA GLY K 191 -13.97 27.34 65.84
C GLY K 191 -14.22 28.13 64.56
N ASN K 192 -15.35 28.84 64.48
CA ASN K 192 -15.66 29.65 63.31
C ASN K 192 -15.41 31.14 63.63
N GLY K 193 -14.97 31.43 64.85
CA GLY K 193 -14.69 32.81 65.22
C GLY K 193 -13.25 33.01 65.68
N VAL K 194 -12.97 34.17 66.25
CA VAL K 194 -11.64 34.46 66.75
C VAL K 194 -11.69 35.21 68.07
N SER K 195 -10.60 35.12 68.81
CA SER K 195 -10.44 35.82 70.08
C SER K 195 -9.27 36.76 69.87
N ILE K 196 -9.57 38.05 69.74
CA ILE K 196 -8.52 39.05 69.58
C ILE K 196 -8.12 39.34 71.03
N ASN K 197 -6.96 38.82 71.39
CA ASN K 197 -6.44 38.89 72.75
C ASN K 197 -6.03 40.22 73.35
N CYS K 198 -6.08 40.26 74.68
CA CYS K 198 -5.73 41.44 75.47
C CYS K 198 -4.35 41.21 76.07
N MET K 199 -3.30 41.61 75.34
CA MET K 199 -1.91 41.46 75.79
C MET K 199 -1.71 42.18 77.12
N LYS K 200 -0.63 41.85 77.82
CA LYS K 200 -0.37 42.46 79.11
C LYS K 200 0.35 43.81 79.05
N TYR K 201 1.53 43.85 78.44
CA TYR K 201 2.28 45.10 78.38
C TYR K 201 2.12 45.84 77.05
N PRO K 202 2.00 47.18 77.10
CA PRO K 202 1.84 48.03 75.92
C PRO K 202 2.81 47.74 74.77
N THR K 203 4.01 47.28 75.11
CA THR K 203 5.01 46.96 74.09
C THR K 203 4.43 45.94 73.10
N ARG K 204 3.66 45.00 73.64
CA ARG K 204 3.07 43.95 72.82
C ARG K 204 1.66 44.26 72.33
N LYS K 205 0.97 45.15 73.04
CA LYS K 205 -0.38 45.53 72.64
C LYS K 205 -0.34 46.19 71.26
N ARG K 206 0.81 46.78 70.91
CA ARG K 206 1.00 47.45 69.64
C ARG K 206 0.87 46.47 68.45
N GLU K 207 1.13 45.20 68.69
CA GLU K 207 1.06 44.17 67.66
C GLU K 207 -0.36 43.89 67.17
N VAL K 208 -1.36 44.09 68.02
CA VAL K 208 -2.73 43.79 67.66
C VAL K 208 -3.28 44.57 66.45
N ILE K 209 -2.78 45.79 66.25
CA ILE K 209 -3.26 46.62 65.17
C ILE K 209 -3.27 45.97 63.78
N PHE K 210 -2.26 45.15 63.48
CA PHE K 210 -2.19 44.51 62.17
C PHE K 210 -3.30 43.49 61.88
N SER K 211 -3.40 42.44 62.68
CA SER K 211 -4.43 41.43 62.45
C SER K 211 -5.84 42.00 62.64
N ARG K 212 -5.98 42.92 63.59
CA ARG K 212 -7.28 43.52 63.86
C ARG K 212 -7.73 44.30 62.62
N PHE K 213 -6.76 44.93 61.95
CA PHE K 213 -7.04 45.69 60.72
C PHE K 213 -7.59 44.75 59.67
N VAL K 214 -7.04 43.53 59.65
CA VAL K 214 -7.46 42.50 58.71
C VAL K 214 -8.89 42.02 59.00
N PHE K 215 -9.17 41.72 60.26
CA PHE K 215 -10.49 41.23 60.64
C PHE K 215 -11.55 42.31 60.58
N THR K 216 -11.12 43.56 60.41
CA THR K 216 -12.06 44.65 60.34
C THR K 216 -12.41 45.02 58.89
N ASN K 217 -11.45 44.88 57.98
CA ASN K 217 -11.70 45.29 56.59
C ASN K 217 -11.58 44.25 55.47
N ASN K 218 -10.77 43.20 55.66
CA ASN K 218 -10.63 42.21 54.60
C ASN K 218 -11.96 41.47 54.43
N PRO K 219 -12.53 41.53 53.21
CA PRO K 219 -13.80 40.86 52.98
C PRO K 219 -13.80 39.37 53.35
N LYS K 220 -12.65 38.72 53.24
CA LYS K 220 -12.57 37.30 53.55
C LYS K 220 -12.64 37.01 55.05
N TYR K 221 -12.34 38.01 55.88
CA TYR K 221 -12.36 37.83 57.33
C TYR K 221 -13.27 38.80 58.07
N LYS K 222 -13.69 39.84 57.35
CA LYS K 222 -14.56 40.89 57.89
C LYS K 222 -15.74 40.38 58.72
N ASN K 223 -16.38 39.31 58.26
CA ASN K 223 -17.54 38.80 58.98
C ASN K 223 -17.28 37.71 59.98
N THR K 224 -16.01 37.50 60.32
CA THR K 224 -15.66 36.49 61.30
C THR K 224 -16.13 36.98 62.67
N PRO K 225 -16.92 36.16 63.38
CA PRO K 225 -17.39 36.60 64.70
C PRO K 225 -16.25 36.69 65.70
N ARG K 226 -16.24 37.75 66.51
CA ARG K 226 -15.20 37.92 67.51
C ARG K 226 -15.71 37.46 68.87
N TYR K 227 -15.32 36.28 69.30
CA TYR K 227 -15.78 35.80 70.59
C TYR K 227 -15.08 36.54 71.74
N PHE K 228 -14.10 37.38 71.39
CA PHE K 228 -13.41 38.24 72.35
C PHE K 228 -12.68 39.31 71.56
N ASP K 229 -12.66 40.53 72.09
CA ASP K 229 -12.00 41.64 71.43
C ASP K 229 -11.50 42.56 72.52
N ILE K 230 -10.62 43.48 72.15
CA ILE K 230 -10.06 44.42 73.11
C ILE K 230 -10.99 45.57 73.48
N VAL K 231 -12.23 45.53 72.99
CA VAL K 231 -13.14 46.64 73.29
C VAL K 231 -14.48 46.39 73.98
N GLY K 232 -15.24 45.40 73.54
CA GLY K 232 -16.55 45.21 74.18
C GLY K 232 -16.73 44.03 75.11
N ASN K 233 -15.71 43.72 75.91
CA ASN K 233 -15.81 42.58 76.81
C ASN K 233 -15.14 42.88 78.15
N ASN K 234 -15.05 41.87 79.00
CA ASN K 234 -14.43 42.02 80.32
C ASN K 234 -13.30 41.02 80.51
N GLY K 235 -12.34 41.38 81.36
CA GLY K 235 -11.22 40.50 81.65
C GLY K 235 -10.07 40.56 80.67
N THR K 236 -9.17 39.59 80.81
CA THR K 236 -7.99 39.50 79.95
C THR K 236 -7.80 38.05 79.52
N ILE K 237 -7.17 37.85 78.38
CA ILE K 237 -6.96 36.51 77.88
C ILE K 237 -5.80 36.52 76.88
N GLU K 238 -5.00 35.45 76.86
CA GLU K 238 -3.86 35.37 75.94
C GLU K 238 -3.89 34.08 75.14
N GLY K 239 -3.31 34.14 73.93
CA GLY K 239 -3.28 32.98 73.05
C GLY K 239 -2.70 31.70 73.62
N GLY K 240 -1.77 31.81 74.56
CA GLY K 240 -1.15 30.64 75.15
C GLY K 240 -2.11 29.78 75.96
N ASP K 241 -3.24 30.36 76.35
CA ASP K 241 -4.22 29.62 77.14
C ASP K 241 -5.37 29.01 76.36
N ILE K 242 -5.41 29.29 75.05
CA ILE K 242 -6.50 28.80 74.21
C ILE K 242 -6.23 27.55 73.39
N PHE K 243 -7.01 26.50 73.63
CA PHE K 243 -6.91 25.23 72.90
C PHE K 243 -8.29 24.76 72.42
N ILE K 244 -8.34 24.16 71.23
CA ILE K 244 -9.58 23.64 70.69
C ILE K 244 -9.41 22.13 70.56
N TYR K 245 -9.98 21.35 71.48
CA TYR K 245 -9.81 19.90 71.42
C TYR K 245 -10.65 19.19 70.37
N ASN K 246 -11.89 19.64 70.17
CA ASN K 246 -12.75 19.04 69.14
C ASN K 246 -13.93 19.95 68.81
N SER K 247 -14.76 19.52 67.87
CA SER K 247 -15.93 20.29 67.44
C SER K 247 -16.85 20.83 68.51
N LYS K 248 -16.88 20.18 69.67
CA LYS K 248 -17.77 20.60 70.75
C LYS K 248 -17.07 21.13 71.99
N THR K 249 -15.77 20.87 72.11
CA THR K 249 -15.05 21.28 73.29
C THR K 249 -13.89 22.26 73.12
N LEU K 250 -13.97 23.34 73.88
CA LEU K 250 -12.96 24.38 73.89
C LEU K 250 -12.27 24.26 75.26
N VAL K 251 -10.95 24.34 75.28
CA VAL K 251 -10.20 24.23 76.53
C VAL K 251 -9.39 25.49 76.76
N ILE K 252 -9.65 26.17 77.87
CA ILE K 252 -8.96 27.41 78.17
C ILE K 252 -8.32 27.38 79.55
N GLY K 253 -7.11 27.92 79.64
CA GLY K 253 -6.42 27.93 80.92
C GLY K 253 -6.75 29.15 81.74
N ASN K 254 -7.00 28.94 83.03
CA ASN K 254 -7.29 30.04 83.96
C ASN K 254 -5.92 30.34 84.59
N SER K 255 -5.23 31.30 84.00
CA SER K 255 -3.89 31.66 84.47
C SER K 255 -3.77 33.08 84.97
N GLU K 256 -2.52 33.48 85.13
CA GLU K 256 -2.17 34.82 85.58
C GLU K 256 -2.51 35.80 84.45
N ARG K 257 -2.65 35.28 83.24
CA ARG K 257 -2.96 36.09 82.06
C ARG K 257 -4.41 35.96 81.56
N THR K 258 -5.08 34.88 81.94
CA THR K 258 -6.45 34.67 81.49
C THR K 258 -7.37 34.41 82.68
N ASN K 259 -8.35 35.30 82.87
CA ASN K 259 -9.27 35.20 84.00
C ASN K 259 -10.71 34.80 83.64
N PHE K 260 -11.49 34.51 84.68
CA PHE K 260 -12.88 34.11 84.55
C PHE K 260 -13.71 35.11 83.75
N ALA K 261 -13.49 36.39 84.00
CA ALA K 261 -14.24 37.44 83.31
C ALA K 261 -14.14 37.29 81.80
N ALA K 262 -12.92 37.07 81.30
CA ALA K 262 -12.73 36.93 79.86
C ALA K 262 -13.35 35.63 79.36
N ILE K 263 -13.23 34.57 80.14
CA ILE K 263 -13.80 33.27 79.76
C ILE K 263 -15.32 33.39 79.66
N GLU K 264 -15.91 34.13 80.59
CA GLU K 264 -17.35 34.31 80.59
C GLU K 264 -17.77 35.08 79.33
N SER K 265 -17.03 36.13 79.00
CA SER K 265 -17.32 36.92 77.81
C SER K 265 -17.30 36.01 76.60
N VAL K 266 -16.30 35.13 76.53
CA VAL K 266 -16.16 34.19 75.42
C VAL K 266 -17.37 33.28 75.35
N ALA K 267 -17.75 32.74 76.49
CA ALA K 267 -18.90 31.84 76.59
C ALA K 267 -20.18 32.48 76.06
N LYS K 268 -20.48 33.67 76.53
CA LYS K 268 -21.70 34.37 76.10
C LYS K 268 -21.67 34.68 74.60
N ASN K 269 -20.55 35.18 74.10
CA ASN K 269 -20.44 35.51 72.68
C ASN K 269 -20.62 34.28 71.80
N ILE K 270 -20.21 33.11 72.32
CA ILE K 270 -20.36 31.88 71.55
C ILE K 270 -21.82 31.45 71.54
N GLN K 271 -22.50 31.63 72.68
CA GLN K 271 -23.91 31.26 72.79
C GLN K 271 -24.75 32.08 71.83
N ALA K 272 -24.31 33.31 71.56
CA ALA K 272 -25.04 34.20 70.67
C ALA K 272 -24.81 33.91 69.19
N ASN K 273 -23.89 33.00 68.87
CA ASN K 273 -23.60 32.66 67.48
C ASN K 273 -24.29 31.35 67.14
N LYS K 274 -25.08 31.37 66.07
CA LYS K 274 -25.84 30.20 65.65
C LYS K 274 -25.07 29.10 64.94
N ASP K 275 -24.02 29.49 64.20
CA ASP K 275 -23.24 28.51 63.46
C ASP K 275 -22.21 27.75 64.27
N CYS K 276 -21.71 28.36 65.33
CA CYS K 276 -20.69 27.71 66.15
C CYS K 276 -21.19 26.38 66.70
N THR K 277 -20.31 25.39 66.73
CA THR K 277 -20.69 24.07 67.22
C THR K 277 -20.22 23.78 68.64
N PHE K 278 -19.50 24.72 69.25
CA PHE K 278 -19.01 24.52 70.62
C PHE K 278 -20.19 24.34 71.58
N GLU K 279 -20.09 23.36 72.46
CA GLU K 279 -21.15 23.08 73.43
C GLU K 279 -20.59 23.06 74.84
N ARG K 280 -19.27 23.08 74.96
CA ARG K 280 -18.64 23.00 76.27
C ARG K 280 -17.29 23.69 76.34
N ILE K 281 -16.98 24.20 77.53
CA ILE K 281 -15.70 24.85 77.77
C ILE K 281 -15.12 24.24 79.03
N VAL K 282 -13.89 23.74 78.93
CA VAL K 282 -13.23 23.15 80.08
C VAL K 282 -12.14 24.13 80.49
N VAL K 283 -12.27 24.70 81.68
CA VAL K 283 -11.30 25.66 82.16
C VAL K 283 -10.32 24.92 83.07
N ILE K 284 -9.03 25.04 82.79
CA ILE K 284 -8.02 24.38 83.62
C ILE K 284 -7.27 25.41 84.45
N ASN K 285 -7.23 25.19 85.76
CA ASN K 285 -6.55 26.11 86.65
C ASN K 285 -5.04 25.99 86.44
N VAL K 286 -4.44 27.09 86.00
CA VAL K 286 -3.00 27.13 85.73
C VAL K 286 -2.32 28.20 86.56
N PRO K 287 -1.99 27.87 87.81
CA PRO K 287 -1.32 28.87 88.65
C PRO K 287 0.14 29.03 88.19
N PRO K 288 0.83 30.04 88.74
CA PRO K 288 2.23 30.27 88.38
C PRO K 288 3.09 29.14 88.92
N MET K 289 3.93 28.58 88.08
CA MET K 289 4.83 27.50 88.46
C MET K 289 6.21 27.80 87.88
N PRO K 290 7.28 27.35 88.56
CA PRO K 290 8.64 27.61 88.08
C PRO K 290 8.88 27.16 86.64
N ASN K 291 9.39 28.09 85.83
CA ASN K 291 9.71 27.83 84.43
C ASN K 291 8.51 27.56 83.49
N LEU K 292 7.29 27.75 84.00
CA LEU K 292 6.10 27.55 83.17
C LEU K 292 5.33 28.87 83.13
N MET K 293 4.36 28.96 82.22
CA MET K 293 3.56 30.17 82.11
C MET K 293 2.08 29.83 81.87
N HIS K 294 1.62 29.95 80.62
CA HIS K 294 0.23 29.64 80.31
C HIS K 294 -0.01 28.13 80.23
N LEU K 295 -1.22 27.77 79.85
CA LEU K 295 -1.60 26.37 79.73
C LEU K 295 -0.73 25.61 78.72
N ASP K 296 -0.37 26.26 77.62
CA ASP K 296 0.45 25.59 76.61
C ASP K 296 1.78 25.04 77.13
N THR K 297 2.33 25.63 78.18
CA THR K 297 3.60 25.13 78.72
C THR K 297 3.36 23.90 79.60
N TRP K 298 2.11 23.70 80.01
CA TRP K 298 1.76 22.55 80.82
C TRP K 298 1.30 21.37 79.96
N LEU K 299 0.53 21.69 78.93
CA LEU K 299 -0.07 20.64 78.12
C LEU K 299 -0.42 21.02 76.67
N THR K 300 -0.11 20.11 75.74
CA THR K 300 -0.42 20.29 74.32
C THR K 300 -0.96 18.96 73.78
N MET K 301 -1.76 19.03 72.73
CA MET K 301 -2.37 17.85 72.12
C MET K 301 -1.75 17.63 70.75
N LEU K 302 -1.27 16.41 70.51
CA LEU K 302 -0.58 16.07 69.26
C LEU K 302 -1.27 15.06 68.36
N ASP K 303 -2.26 14.36 68.92
CA ASP K 303 -3.01 13.35 68.16
C ASP K 303 -4.34 13.17 68.87
N TYR K 304 -5.22 12.31 68.34
CA TYR K 304 -6.52 12.09 68.95
C TYR K 304 -6.42 11.69 70.42
N ASP K 305 -5.39 10.91 70.75
CA ASP K 305 -5.20 10.45 72.12
C ASP K 305 -3.79 10.57 72.66
N LYS K 306 -2.99 11.48 72.09
CA LYS K 306 -1.61 11.66 72.53
C LYS K 306 -1.35 13.10 72.97
N PHE K 307 -0.75 13.25 74.15
CA PHE K 307 -0.47 14.58 74.69
C PHE K 307 0.96 14.70 75.23
N LEU K 308 1.49 15.91 75.19
CA LEU K 308 2.83 16.20 75.67
C LEU K 308 2.63 17.08 76.91
N TYR K 309 3.25 16.73 78.03
CA TYR K 309 3.04 17.52 79.24
C TYR K 309 4.31 17.78 80.04
N SER K 310 4.27 18.80 80.89
CA SER K 310 5.41 19.12 81.73
C SER K 310 5.45 18.23 82.96
N PRO K 311 6.57 17.53 83.18
CA PRO K 311 6.68 16.67 84.36
C PRO K 311 6.68 17.47 85.65
N ASN K 312 6.78 18.80 85.55
CA ASN K 312 6.77 19.63 86.74
C ASN K 312 5.50 20.45 86.95
N MET K 313 4.38 19.96 86.43
CA MET K 313 3.11 20.65 86.62
C MET K 313 2.53 20.07 87.91
N MET K 314 1.35 20.53 88.31
CA MET K 314 0.72 20.03 89.52
C MET K 314 0.08 18.66 89.29
N ASN K 315 -0.06 17.88 90.36
CA ASN K 315 -0.62 16.53 90.28
C ASN K 315 -2.13 16.48 90.03
N VAL K 316 -2.91 16.95 91.00
CA VAL K 316 -4.36 16.95 90.82
C VAL K 316 -4.80 18.30 90.30
N LEU K 317 -5.43 18.31 89.14
CA LEU K 317 -5.89 19.52 88.50
C LEU K 317 -7.23 20.05 88.99
N LYS K 318 -7.35 21.37 89.06
CA LYS K 318 -8.59 22.00 89.47
C LYS K 318 -9.22 22.45 88.15
N ILE K 319 -10.41 21.95 87.86
CA ILE K 319 -11.12 22.24 86.62
C ILE K 319 -12.48 22.92 86.82
N TRP K 320 -13.00 23.52 85.76
CA TRP K 320 -14.32 24.17 85.77
C TRP K 320 -15.02 23.80 84.47
N GLU K 321 -16.17 23.17 84.59
CA GLU K 321 -16.93 22.76 83.41
C GLU K 321 -18.06 23.77 83.12
N ILE K 322 -18.12 24.25 81.88
CA ILE K 322 -19.15 25.20 81.48
C ILE K 322 -20.03 24.60 80.39
N ASP K 323 -21.32 24.41 80.68
CA ASP K 323 -22.26 23.88 79.71
C ASP K 323 -22.78 25.06 78.91
N LEU K 324 -22.39 25.12 77.63
CA LEU K 324 -22.80 26.21 76.74
C LEU K 324 -24.27 26.15 76.29
N ASN K 325 -24.87 24.96 76.39
CA ASN K 325 -26.27 24.80 75.98
C ASN K 325 -27.22 25.32 77.06
N VAL K 326 -26.66 25.83 78.14
CA VAL K 326 -27.45 26.33 79.25
C VAL K 326 -27.03 27.73 79.75
N LYS K 327 -28.02 28.52 80.14
CA LYS K 327 -27.76 29.86 80.67
C LYS K 327 -28.30 29.91 82.09
N PRO K 328 -27.69 30.72 82.96
CA PRO K 328 -26.53 31.56 82.64
C PRO K 328 -25.25 30.72 82.59
N VAL K 329 -24.14 31.33 82.20
CA VAL K 329 -22.88 30.62 82.15
C VAL K 329 -22.52 30.25 83.59
N LYS K 330 -22.26 28.96 83.84
CA LYS K 330 -21.92 28.49 85.17
C LYS K 330 -20.61 27.70 85.16
N PHE K 331 -19.74 28.02 86.12
CA PHE K 331 -18.44 27.37 86.25
C PHE K 331 -18.53 26.26 87.28
N VAL K 332 -18.82 25.04 86.82
CA VAL K 332 -18.95 23.89 87.72
C VAL K 332 -17.57 23.34 88.06
N GLU K 333 -17.10 23.62 89.27
CA GLU K 333 -15.79 23.14 89.70
C GLU K 333 -15.72 21.61 89.79
N LYS K 334 -14.59 21.07 89.37
CA LYS K 334 -14.36 19.62 89.40
C LYS K 334 -12.88 19.41 89.73
N LYS K 335 -12.48 18.16 89.92
CA LYS K 335 -11.11 17.85 90.26
C LYS K 335 -10.71 16.49 89.72
N GLY K 336 -9.43 16.35 89.38
CA GLY K 336 -8.96 15.08 88.87
C GLY K 336 -7.53 15.14 88.36
N THR K 337 -6.97 13.97 88.09
CA THR K 337 -5.60 13.89 87.57
C THR K 337 -5.65 14.29 86.10
N LEU K 338 -4.49 14.52 85.51
CA LEU K 338 -4.42 14.91 84.11
C LEU K 338 -5.14 13.87 83.27
N GLU K 339 -4.89 12.60 83.57
CA GLU K 339 -5.51 11.50 82.84
C GLU K 339 -7.03 11.50 82.99
N GLU K 340 -7.53 11.73 84.19
CA GLU K 340 -8.98 11.73 84.40
C GLU K 340 -9.63 12.87 83.62
N VAL K 341 -9.04 14.06 83.71
CA VAL K 341 -9.55 15.22 83.02
C VAL K 341 -9.58 15.01 81.51
N LEU K 342 -8.49 14.47 80.95
CA LEU K 342 -8.41 14.24 79.52
C LEU K 342 -9.40 13.17 79.08
N TYR K 343 -9.54 12.14 79.90
CA TYR K 343 -10.47 11.05 79.57
C TYR K 343 -11.89 11.62 79.45
N SER K 344 -12.23 12.57 80.31
CA SER K 344 -13.57 13.15 80.29
C SER K 344 -13.82 14.02 79.07
N ILE K 345 -12.79 14.22 78.25
CA ILE K 345 -12.95 15.03 77.04
C ILE K 345 -12.89 14.16 75.78
N ILE K 346 -11.90 13.31 75.68
CA ILE K 346 -11.75 12.46 74.49
C ILE K 346 -12.43 11.11 74.66
N ASP K 347 -12.85 10.81 75.87
CA ASP K 347 -13.55 9.57 76.19
C ASP K 347 -12.80 8.32 75.73
N LYS K 348 -11.53 8.25 76.10
CA LYS K 348 -10.68 7.12 75.76
C LYS K 348 -9.38 7.35 76.53
N LYS K 349 -8.61 6.29 76.74
CA LYS K 349 -7.37 6.40 77.50
C LYS K 349 -6.36 7.33 76.83
N PRO K 350 -5.94 8.38 77.55
CA PRO K 350 -4.97 9.30 76.97
C PRO K 350 -3.55 8.77 77.14
N ILE K 351 -2.71 9.01 76.14
CA ILE K 351 -1.31 8.60 76.19
C ILE K 351 -0.56 9.86 76.58
N LEU K 352 0.10 9.81 77.74
CA LEU K 352 0.82 10.97 78.24
C LEU K 352 2.34 10.88 78.08
N ILE K 353 2.91 11.85 77.37
CA ILE K 353 4.34 11.90 77.13
C ILE K 353 4.95 13.10 77.83
N PRO K 354 5.89 12.85 78.76
CA PRO K 354 6.54 13.94 79.50
C PRO K 354 7.71 14.57 78.76
N ILE K 355 7.93 15.86 78.99
CA ILE K 355 9.04 16.58 78.38
C ILE K 355 10.33 15.82 78.71
N ALA K 356 11.16 15.59 77.70
CA ALA K 356 12.43 14.89 77.86
C ALA K 356 12.29 13.38 77.96
N GLY K 357 11.06 12.88 77.99
CA GLY K 357 10.86 11.44 78.06
C GLY K 357 10.91 10.86 79.47
N LYS K 358 10.36 9.66 79.62
CA LYS K 358 10.32 9.01 80.93
C LYS K 358 11.71 8.64 81.42
N GLY K 359 11.97 8.90 82.70
CA GLY K 359 13.26 8.56 83.28
C GLY K 359 14.33 9.62 83.07
N ALA K 360 14.01 10.69 82.38
CA ALA K 360 14.98 11.76 82.12
C ALA K 360 15.47 12.36 83.44
N ASN K 361 16.70 12.87 83.46
CA ASN K 361 17.19 13.50 84.68
C ASN K 361 16.68 14.94 84.66
N GLN K 362 16.78 15.64 85.78
CA GLN K 362 16.28 17.01 85.89
C GLN K 362 17.00 18.01 84.98
N LEU K 363 18.26 17.71 84.65
CA LEU K 363 19.01 18.59 83.79
C LEU K 363 18.36 18.62 82.40
N ASP K 364 18.12 17.45 81.82
CA ASP K 364 17.48 17.39 80.51
C ASP K 364 16.06 17.99 80.55
N ILE K 365 15.33 17.71 81.62
CA ILE K 365 13.98 18.26 81.76
C ILE K 365 14.03 19.79 81.79
N ASP K 366 14.95 20.34 82.56
CA ASP K 366 15.07 21.80 82.68
C ASP K 366 15.44 22.45 81.36
N ILE K 367 16.41 21.88 80.65
CA ILE K 367 16.85 22.45 79.40
C ILE K 367 15.75 22.41 78.34
N GLU K 368 15.10 21.28 78.16
CA GLU K 368 14.05 21.18 77.13
C GLU K 368 12.77 21.93 77.51
N THR K 369 12.60 22.23 78.80
CA THR K 369 11.45 23.01 79.23
C THR K 369 11.80 24.46 78.86
N HIS K 370 13.03 24.84 79.17
CA HIS K 370 13.55 26.17 78.89
C HIS K 370 13.38 26.52 77.40
N PHE K 371 13.58 25.54 76.53
CA PHE K 371 13.42 25.79 75.10
C PHE K 371 12.05 25.43 74.56
N ASP K 372 11.03 25.63 75.41
CA ASP K 372 9.62 25.44 75.05
C ASP K 372 9.28 24.09 74.42
N GLY K 373 9.70 23.00 75.08
CA GLY K 373 9.48 21.66 74.57
C GLY K 373 8.08 21.16 74.28
N THR K 374 7.06 21.68 74.95
CA THR K 374 5.71 21.19 74.69
C THR K 374 5.12 21.82 73.44
N ASN K 375 5.60 23.01 73.10
CA ASN K 375 5.02 23.70 71.97
C ASN K 375 5.31 23.31 70.54
N TYR K 376 5.07 22.05 70.21
CA TYR K 376 5.24 21.59 68.84
C TYR K 376 3.95 22.01 68.14
N LEU K 377 4.02 22.26 66.83
CA LEU K 377 2.83 22.59 66.05
C LEU K 377 2.38 21.28 65.42
N THR K 378 1.14 20.91 65.65
CA THR K 378 0.62 19.68 65.04
C THR K 378 0.00 20.07 63.71
N ILE K 379 0.47 19.47 62.63
CA ILE K 379 -0.05 19.81 61.30
C ILE K 379 -0.99 18.75 60.71
N ALA K 380 -1.14 17.65 61.43
CA ALA K 380 -2.02 16.55 61.05
C ALA K 380 -1.99 15.57 62.22
N PRO K 381 -3.05 14.78 62.40
CA PRO K 381 -3.06 13.84 63.52
C PRO K 381 -1.77 13.03 63.63
N GLY K 382 -1.03 13.23 64.72
CA GLY K 382 0.21 12.50 64.93
C GLY K 382 1.42 12.96 64.14
N VAL K 383 1.35 14.15 63.56
CA VAL K 383 2.47 14.72 62.79
C VAL K 383 2.75 16.12 63.32
N VAL K 384 3.95 16.32 63.88
CA VAL K 384 4.31 17.60 64.47
C VAL K 384 5.59 18.25 63.92
N VAL K 385 5.71 19.55 64.20
CA VAL K 385 6.86 20.35 63.76
C VAL K 385 7.47 21.07 64.98
N GLY K 386 8.80 21.02 65.09
CA GLY K 386 9.46 21.65 66.22
C GLY K 386 10.97 21.71 66.13
N TYR K 387 11.61 22.27 67.15
CA TYR K 387 13.06 22.42 67.18
C TYR K 387 13.82 21.11 67.34
N GLU K 388 14.85 20.92 66.52
CA GLU K 388 15.66 19.71 66.60
C GLU K 388 16.50 19.64 67.88
N ARG K 389 16.75 20.79 68.52
CA ARG K 389 17.56 20.80 69.72
C ARG K 389 16.98 20.04 70.91
N ASN K 390 15.66 19.91 70.96
CA ASN K 390 15.03 19.18 72.06
C ASN K 390 14.96 17.69 71.72
N GLU K 391 16.14 17.08 71.69
CA GLU K 391 16.33 15.67 71.34
C GLU K 391 15.64 14.62 72.20
N LYS K 392 15.66 14.77 73.52
CA LYS K 392 15.04 13.78 74.39
C LYS K 392 13.52 13.79 74.17
N THR K 393 12.93 14.97 74.07
CA THR K 393 11.50 15.06 73.85
C THR K 393 11.14 14.45 72.49
N GLN K 394 11.94 14.76 71.48
CA GLN K 394 11.72 14.27 70.13
C GLN K 394 11.75 12.75 70.12
N LYS K 395 12.73 12.18 70.82
CA LYS K 395 12.87 10.73 70.89
C LYS K 395 11.65 10.08 71.52
N ALA K 396 11.13 10.68 72.59
CA ALA K 396 9.95 10.15 73.26
C ALA K 396 8.75 10.22 72.30
N LEU K 397 8.66 11.28 71.51
CA LEU K 397 7.55 11.44 70.59
C LEU K 397 7.52 10.36 69.51
N VAL K 398 8.68 10.09 68.90
CA VAL K 398 8.73 9.08 67.84
C VAL K 398 8.46 7.67 68.36
N GLU K 399 8.91 7.39 69.58
CA GLU K 399 8.69 6.07 70.18
C GLU K 399 7.23 5.90 70.50
N ALA K 400 6.54 7.02 70.68
CA ALA K 400 5.10 7.02 70.97
C ALA K 400 4.31 6.90 69.67
N GLY K 401 5.03 6.83 68.55
CA GLY K 401 4.39 6.71 67.25
C GLY K 401 4.07 8.00 66.52
N ILE K 402 4.59 9.12 67.04
CA ILE K 402 4.35 10.42 66.42
C ILE K 402 5.43 10.73 65.38
N LYS K 403 5.03 11.30 64.25
CA LYS K 403 5.98 11.67 63.19
C LYS K 403 6.51 13.08 63.50
N VAL K 404 7.83 13.23 63.58
CA VAL K 404 8.40 14.54 63.89
C VAL K 404 9.16 15.19 62.73
N LEU K 405 8.70 16.35 62.29
CA LEU K 405 9.38 17.08 61.23
C LEU K 405 10.11 18.21 61.94
N SER K 406 11.37 17.97 62.29
CA SER K 406 12.15 18.97 63.01
C SER K 406 12.85 19.94 62.08
N PHE K 407 13.27 21.07 62.62
CA PHE K 407 14.00 22.09 61.85
C PHE K 407 15.02 22.78 62.75
N ASN K 408 16.08 23.29 62.14
CA ASN K 408 17.12 23.97 62.89
C ASN K 408 16.68 25.36 63.33
N GLY K 409 16.64 25.57 64.63
CA GLY K 409 16.26 26.87 65.16
C GLY K 409 17.30 27.32 66.19
N SER K 410 18.58 27.08 65.89
CA SER K 410 19.66 27.44 66.80
C SER K 410 19.56 28.87 67.33
N GLN K 411 19.10 29.80 66.49
CA GLN K 411 18.93 31.20 66.91
C GLN K 411 17.48 31.51 67.26
N LEU K 412 16.53 31.05 66.44
CA LEU K 412 15.11 31.30 66.72
C LEU K 412 14.70 30.86 68.12
N SER K 413 15.19 29.69 68.53
CA SER K 413 14.86 29.14 69.85
C SER K 413 15.27 30.03 71.01
N LEU K 414 16.16 30.99 70.77
CA LEU K 414 16.58 31.89 71.84
C LEU K 414 15.43 32.81 72.24
N GLY K 415 14.41 32.88 71.39
CA GLY K 415 13.26 33.70 71.69
C GLY K 415 12.32 33.00 72.67
N MET K 416 12.68 31.78 73.05
CA MET K 416 11.91 30.97 74.01
C MET K 416 10.50 30.53 73.58
N GLY K 417 10.23 30.55 72.28
CA GLY K 417 8.93 30.12 71.78
C GLY K 417 9.10 29.15 70.63
N SER K 418 8.43 28.01 70.71
CA SER K 418 8.56 27.03 69.65
C SER K 418 7.52 27.19 68.52
N ALA K 419 7.40 26.18 67.66
CA ALA K 419 6.50 26.21 66.51
C ALA K 419 5.05 26.60 66.78
N ARG K 420 4.41 26.06 67.80
CA ARG K 420 3.03 26.44 68.06
C ARG K 420 2.94 27.94 68.34
N CYS K 421 3.97 28.51 68.96
CA CYS K 421 3.98 29.94 69.26
C CYS K 421 4.20 30.79 68.00
N MET K 422 4.88 30.23 67.02
CA MET K 422 5.17 30.96 65.78
C MET K 422 4.13 30.73 64.69
N SER K 423 2.93 30.33 65.09
CA SER K 423 1.90 30.09 64.10
C SER K 423 0.49 30.28 64.64
N MET K 424 -0.44 30.52 63.73
CA MET K 424 -1.85 30.66 64.10
C MET K 424 -2.68 30.04 62.99
N PRO K 425 -3.17 28.82 63.24
CA PRO K 425 -3.99 28.09 62.28
C PRO K 425 -5.20 28.92 61.90
N LEU K 426 -5.53 28.97 60.62
CA LEU K 426 -6.69 29.72 60.13
C LEU K 426 -7.75 28.71 59.69
N ILE K 427 -7.31 27.65 59.01
CA ILE K 427 -8.21 26.61 58.55
C ILE K 427 -7.62 25.20 58.75
N ARG K 428 -8.40 24.35 59.42
CA ARG K 428 -8.02 22.96 59.64
C ARG K 428 -9.17 22.08 59.17
N GLU K 429 -8.84 20.93 58.62
CA GLU K 429 -9.84 20.00 58.16
C GLU K 429 -10.58 19.52 59.41
N ASN K 430 -11.91 19.58 59.42
CA ASN K 430 -12.66 19.11 60.58
C ASN K 430 -12.34 17.65 60.83
N LEU K 431 -12.35 17.26 62.10
CA LEU K 431 -12.07 15.88 62.46
C LEU K 431 -13.32 15.03 62.26
N LYS K 432 -13.11 13.74 62.00
CA LYS K 432 -14.20 12.81 61.85
C LYS K 432 -14.07 11.89 63.06
N LYS K 433 -13.00 12.13 63.81
CA LYS K 433 -12.65 11.40 65.02
C LYS K 433 -12.53 9.89 64.78
N GLY L 35 59.97 26.72 76.30
CA GLY L 35 58.60 26.36 75.78
C GLY L 35 57.65 27.54 75.68
N ILE L 36 57.98 28.63 76.37
CA ILE L 36 57.16 29.83 76.37
C ILE L 36 57.96 31.06 75.94
N ASN L 37 57.47 31.75 74.91
CA ASN L 37 58.13 32.97 74.44
C ASN L 37 57.11 33.89 73.80
N VAL L 38 56.54 34.75 74.62
CA VAL L 38 55.52 35.70 74.17
C VAL L 38 55.90 37.11 74.59
N TYR L 39 56.53 37.85 73.68
CA TYR L 39 56.94 39.22 73.99
C TYR L 39 56.21 40.31 73.19
N SER L 40 54.92 40.08 72.96
CA SER L 40 54.07 41.04 72.24
C SER L 40 52.66 40.47 72.13
N GLU L 41 51.72 41.29 71.67
CA GLU L 41 50.33 40.89 71.48
C GLU L 41 50.09 40.63 70.00
N ILE L 42 51.05 41.05 69.17
CA ILE L 42 50.90 40.96 67.72
C ILE L 42 51.88 40.13 66.91
N GLY L 43 53.02 39.76 67.50
CA GLY L 43 54.00 38.97 66.76
C GLY L 43 53.41 37.72 66.14
N GLU L 44 53.88 37.35 64.95
CA GLU L 44 53.38 36.15 64.28
C GLU L 44 53.28 34.99 65.26
N LEU L 45 52.06 34.52 65.45
CA LEU L 45 51.76 33.43 66.37
C LEU L 45 52.25 32.09 65.82
N LYS L 46 53.01 31.36 66.63
CA LYS L 46 53.57 30.08 66.22
C LYS L 46 52.94 28.88 66.95
N GLU L 47 52.69 29.05 68.24
CA GLU L 47 52.09 27.99 69.05
C GLU L 47 51.06 28.62 69.99
N VAL L 48 49.87 28.04 70.03
CA VAL L 48 48.80 28.55 70.87
C VAL L 48 48.02 27.42 71.54
N LEU L 49 47.55 27.67 72.75
CA LEU L 49 46.76 26.71 73.51
C LEU L 49 45.28 27.07 73.41
N VAL L 50 44.45 26.06 73.11
CA VAL L 50 43.02 26.26 73.02
C VAL L 50 42.34 25.04 73.63
N HIS L 51 41.02 25.10 73.73
CA HIS L 51 40.25 23.98 74.25
C HIS L 51 38.89 23.94 73.56
N THR L 52 38.71 22.95 72.69
CA THR L 52 37.42 22.79 72.02
C THR L 52 36.51 22.23 73.11
N PRO L 53 35.40 22.91 73.40
CA PRO L 53 34.52 22.40 74.44
C PRO L 53 34.06 20.96 74.26
N GLY L 54 33.88 20.29 75.41
CA GLY L 54 33.41 18.92 75.43
C GLY L 54 32.03 18.87 76.09
N ASP L 55 31.65 17.73 76.65
CA ASP L 55 30.34 17.60 77.28
C ASP L 55 30.01 18.62 78.38
N GLU L 56 31.03 19.28 78.94
CA GLU L 56 30.78 20.25 79.99
C GLU L 56 29.79 21.33 79.56
N ILE L 57 29.79 21.73 78.30
CA ILE L 57 28.85 22.76 77.89
C ILE L 57 27.44 22.22 77.66
N ARG L 58 27.23 20.95 77.99
CA ARG L 58 25.92 20.32 77.85
C ARG L 58 25.31 20.22 79.25
N TYR L 59 26.13 20.44 80.27
CA TYR L 59 25.68 20.29 81.65
C TYR L 59 25.34 21.54 82.44
N THR L 60 25.06 22.65 81.75
CA THR L 60 24.71 23.87 82.44
C THR L 60 23.19 24.09 82.45
N ALA L 61 22.56 23.86 83.60
CA ALA L 61 21.11 24.04 83.70
C ALA L 61 20.82 25.54 83.62
N PRO L 62 19.71 25.93 82.99
CA PRO L 62 19.36 27.36 82.88
C PRO L 62 19.32 28.13 84.19
N SER L 63 18.99 27.45 85.28
CA SER L 63 18.91 28.12 86.56
C SER L 63 20.28 28.25 87.22
N ARG L 64 21.28 27.60 86.64
CA ARG L 64 22.63 27.65 87.21
C ARG L 64 23.62 28.51 86.44
N LEU L 65 23.13 29.37 85.56
CA LEU L 65 24.03 30.22 84.80
C LEU L 65 24.97 31.01 85.72
N GLU L 66 24.42 31.62 86.77
CA GLU L 66 25.25 32.37 87.70
C GLU L 66 26.13 31.45 88.55
N GLU L 67 25.54 30.36 89.03
CA GLU L 67 26.29 29.42 89.87
C GLU L 67 27.53 28.92 89.17
N LEU L 68 27.39 28.55 87.90
CA LEU L 68 28.50 28.04 87.10
C LEU L 68 29.26 29.17 86.44
N LEU L 69 28.82 30.40 86.69
CA LEU L 69 29.46 31.57 86.12
C LEU L 69 29.56 31.55 84.60
N PHE L 70 28.52 31.06 83.95
CA PHE L 70 28.47 31.01 82.49
C PHE L 70 27.26 31.84 82.05
N SER L 71 27.32 32.42 80.86
CA SER L 71 26.26 33.30 80.38
C SER L 71 24.99 32.80 79.68
N ALA L 72 24.98 31.57 79.17
CA ALA L 72 23.76 31.08 78.50
C ALA L 72 23.76 29.58 78.19
N VAL L 73 22.60 29.05 77.77
CA VAL L 73 22.49 27.63 77.44
C VAL L 73 22.74 27.47 75.95
N LEU L 74 23.90 26.87 75.63
CA LEU L 74 24.32 26.67 74.24
C LEU L 74 23.81 25.41 73.59
N LYS L 75 23.69 25.46 72.27
CA LYS L 75 23.31 24.29 71.50
C LYS L 75 24.70 23.67 71.26
N ALA L 76 25.09 22.78 72.17
CA ALA L 76 26.40 22.12 72.18
C ALA L 76 27.04 21.72 70.87
N ASP L 77 26.38 20.84 70.11
CA ASP L 77 26.96 20.41 68.84
C ASP L 77 27.34 21.56 67.93
N THR L 78 26.53 22.61 67.91
CA THR L 78 26.81 23.73 67.06
C THR L 78 27.99 24.55 67.57
N ALA L 79 28.03 24.79 68.87
CA ALA L 79 29.13 25.56 69.46
C ALA L 79 30.46 24.83 69.22
N ILE L 80 30.42 23.51 69.34
CA ILE L 80 31.61 22.70 69.14
C ILE L 80 32.13 22.81 67.70
N GLU L 81 31.23 22.73 66.72
CA GLU L 81 31.65 22.86 65.32
C GLU L 81 32.19 24.25 65.04
N GLU L 82 31.57 25.26 65.62
CA GLU L 82 32.05 26.61 65.39
C GLU L 82 33.45 26.75 65.95
N HIS L 83 33.70 26.16 67.13
CA HIS L 83 35.03 26.27 67.71
C HIS L 83 36.04 25.59 66.78
N LYS L 84 35.67 24.45 66.22
CA LYS L 84 36.57 23.76 65.28
C LYS L 84 36.87 24.66 64.08
N GLY L 85 35.90 25.48 63.69
CA GLY L 85 36.10 26.37 62.56
C GLY L 85 37.14 27.42 62.91
N PHE L 86 37.10 27.87 64.15
CA PHE L 86 38.05 28.84 64.69
C PHE L 86 39.45 28.20 64.66
N VAL L 87 39.54 26.97 65.13
CA VAL L 87 40.81 26.25 65.15
C VAL L 87 41.38 26.07 63.75
N LYS L 88 40.51 25.71 62.81
CA LYS L 88 40.92 25.50 61.43
C LYS L 88 41.58 26.74 60.83
N ILE L 89 41.00 27.91 61.08
CA ILE L 89 41.54 29.16 60.57
C ILE L 89 42.98 29.36 61.07
N LEU L 90 43.18 29.14 62.36
CA LEU L 90 44.50 29.29 62.97
C LEU L 90 45.48 28.33 62.33
N GLN L 91 45.05 27.08 62.12
CA GLN L 91 45.91 26.06 61.51
C GLN L 91 46.26 26.40 60.06
N ASN L 92 45.30 26.96 59.34
CA ASN L 92 45.53 27.33 57.95
C ASN L 92 46.48 28.51 57.83
N ASN L 93 46.77 29.15 58.96
CA ASN L 93 47.68 30.27 58.95
C ASN L 93 49.05 29.87 59.48
N GLY L 94 49.33 28.56 59.46
CA GLY L 94 50.62 28.04 59.92
C GLY L 94 50.82 27.97 61.43
N ILE L 95 49.76 28.17 62.19
CA ILE L 95 49.86 28.12 63.63
C ILE L 95 49.68 26.71 64.19
N LYS L 96 50.56 26.33 65.12
CA LYS L 96 50.45 25.03 65.75
C LYS L 96 49.43 25.18 66.88
N VAL L 97 48.28 24.54 66.72
CA VAL L 97 47.23 24.63 67.73
C VAL L 97 47.29 23.46 68.67
N ILE L 98 47.46 23.76 69.96
CA ILE L 98 47.54 22.72 70.97
C ILE L 98 46.27 22.65 71.81
N GLN L 99 45.71 21.47 71.88
CA GLN L 99 44.49 21.21 72.63
C GLN L 99 44.89 20.93 74.10
N LEU L 100 44.26 21.62 75.04
CA LEU L 100 44.58 21.41 76.46
C LEU L 100 44.48 19.95 76.87
N CYS L 101 43.44 19.25 76.42
CA CYS L 101 43.28 17.85 76.78
C CYS L 101 44.45 16.99 76.31
N ASP L 102 44.96 17.27 75.11
CA ASP L 102 46.09 16.51 74.59
C ASP L 102 47.39 16.82 75.34
N LEU L 103 47.59 18.09 75.68
CA LEU L 103 48.79 18.50 76.40
C LEU L 103 48.80 17.84 77.79
N VAL L 104 47.64 17.80 78.43
CA VAL L 104 47.52 17.19 79.75
C VAL L 104 47.75 15.69 79.63
N ALA L 105 47.15 15.07 78.62
CA ALA L 105 47.28 13.63 78.40
C ALA L 105 48.75 13.25 78.17
N GLU L 106 49.44 14.07 77.40
CA GLU L 106 50.85 13.86 77.09
C GLU L 106 51.68 13.90 78.37
N THR L 107 51.41 14.87 79.22
CA THR L 107 52.11 15.02 80.48
C THR L 107 51.87 13.82 81.39
N TYR L 108 50.61 13.40 81.47
CA TYR L 108 50.22 12.26 82.29
C TYR L 108 51.04 11.01 81.95
N GLU L 109 51.18 10.72 80.65
CA GLU L 109 51.92 9.56 80.18
C GLU L 109 53.38 9.54 80.61
N LEU L 110 53.98 10.72 80.71
CA LEU L 110 55.38 10.86 81.09
C LEU L 110 55.62 10.83 82.60
N CYS L 111 54.55 10.93 83.38
CA CYS L 111 54.67 10.94 84.83
C CYS L 111 54.71 9.57 85.48
N SER L 112 55.28 9.52 86.67
CA SER L 112 55.38 8.28 87.43
C SER L 112 54.01 7.95 87.98
N LYS L 113 53.80 6.69 88.33
CA LYS L 113 52.51 6.26 88.86
C LYS L 113 52.07 7.08 90.06
N GLU L 114 53.01 7.47 90.91
CA GLU L 114 52.69 8.25 92.10
C GLU L 114 52.28 9.68 91.77
N VAL L 115 52.93 10.28 90.78
CA VAL L 115 52.59 11.64 90.36
C VAL L 115 51.24 11.63 89.64
N ARG L 116 51.01 10.59 88.82
CA ARG L 116 49.75 10.47 88.10
C ARG L 116 48.62 10.42 89.12
N ASN L 117 48.75 9.51 90.09
CA ASN L 117 47.73 9.35 91.11
C ASN L 117 47.55 10.64 91.89
N SER L 118 48.65 11.37 92.04
CA SER L 118 48.64 12.66 92.75
C SER L 118 47.69 13.64 92.05
N PHE L 119 47.66 13.56 90.72
CA PHE L 119 46.82 14.39 89.86
C PHE L 119 45.34 14.03 90.05
N ILE L 120 45.03 12.75 89.94
CA ILE L 120 43.66 12.28 90.11
C ILE L 120 43.12 12.64 91.49
N GLU L 121 43.91 12.39 92.54
CA GLU L 121 43.49 12.71 93.90
C GLU L 121 43.17 14.18 94.10
N GLN L 122 44.04 15.05 93.59
CA GLN L 122 43.80 16.49 93.74
C GLN L 122 42.49 16.87 93.05
N TYR L 123 42.23 16.25 91.91
CA TYR L 123 41.02 16.52 91.15
C TYR L 123 39.80 16.16 92.01
N LEU L 124 39.83 14.95 92.56
CA LEU L 124 38.75 14.48 93.41
C LEU L 124 38.56 15.41 94.60
N ASP L 125 39.65 15.92 95.14
CA ASP L 125 39.56 16.83 96.28
C ASP L 125 38.87 18.14 95.94
N GLU L 126 39.17 18.68 94.77
CA GLU L 126 38.60 19.96 94.34
C GLU L 126 37.25 19.86 93.64
N ALA L 127 36.74 18.64 93.47
CA ALA L 127 35.47 18.42 92.79
C ALA L 127 34.28 19.06 93.49
N LEU L 128 33.32 19.53 92.69
CA LEU L 128 32.09 20.13 93.20
C LEU L 128 30.93 19.57 92.39
N PRO L 129 29.84 19.16 93.05
CA PRO L 129 29.63 19.19 94.51
C PRO L 129 30.61 18.25 95.19
N VAL L 130 30.92 18.50 96.47
CA VAL L 130 31.85 17.65 97.19
C VAL L 130 31.44 16.18 97.05
N LEU L 131 32.43 15.30 96.89
CA LEU L 131 32.15 13.88 96.74
C LEU L 131 31.93 13.15 98.07
N LYS L 132 30.87 12.34 98.12
CA LYS L 132 30.55 11.56 99.30
C LYS L 132 31.59 10.46 99.42
N LYS L 133 31.94 10.12 100.65
CA LYS L 133 32.96 9.10 100.89
C LYS L 133 32.79 7.81 100.07
N GLU L 134 31.58 7.27 100.02
CA GLU L 134 31.36 6.04 99.27
C GLU L 134 31.24 6.23 97.77
N ILE L 135 31.16 7.48 97.31
CA ILE L 135 31.05 7.75 95.89
C ILE L 135 32.41 8.06 95.27
N ARG L 136 33.30 8.65 96.06
CA ARG L 136 34.65 9.00 95.59
C ARG L 136 35.35 7.82 94.90
N PRO L 137 35.45 6.66 95.57
CA PRO L 137 36.11 5.52 94.95
C PRO L 137 35.44 5.05 93.66
N VAL L 138 34.12 5.25 93.57
CA VAL L 138 33.39 4.85 92.36
C VAL L 138 33.81 5.75 91.20
N VAL L 139 33.95 7.04 91.48
CA VAL L 139 34.36 7.99 90.45
C VAL L 139 35.79 7.68 90.00
N LYS L 140 36.68 7.46 90.98
CA LYS L 140 38.07 7.16 90.68
C LYS L 140 38.23 5.94 89.77
N ASP L 141 37.51 4.86 90.05
CA ASP L 141 37.60 3.69 89.20
C ASP L 141 37.04 3.99 87.81
N TYR L 142 35.98 4.80 87.76
CA TYR L 142 35.36 5.17 86.48
C TYR L 142 36.39 5.92 85.64
N LEU L 143 37.00 6.95 86.21
CA LEU L 143 38.00 7.74 85.51
C LEU L 143 39.16 6.88 84.98
N LEU L 144 39.65 5.97 85.81
CA LEU L 144 40.77 5.12 85.42
C LEU L 144 40.44 4.04 84.39
N SER L 145 39.15 3.84 84.10
CA SER L 145 38.75 2.82 83.12
C SER L 145 38.83 3.35 81.68
N PHE L 146 39.05 4.65 81.53
CA PHE L 146 39.14 5.28 80.22
C PHE L 146 40.56 5.49 79.75
N PRO L 147 40.78 5.50 78.41
CA PRO L 147 42.13 5.73 77.88
C PRO L 147 42.50 7.15 78.34
N THR L 148 43.78 7.40 78.51
CA THR L 148 44.24 8.69 79.01
C THR L 148 43.50 9.95 78.56
N VAL L 149 43.49 10.23 77.26
CA VAL L 149 42.83 11.44 76.77
C VAL L 149 41.35 11.50 77.11
N GLN L 150 40.67 10.36 77.04
CA GLN L 150 39.25 10.31 77.37
C GLN L 150 39.04 10.56 78.87
N MET L 151 39.98 10.08 79.68
CA MET L 151 39.88 10.29 81.12
C MET L 151 39.95 11.79 81.39
N VAL L 152 40.94 12.44 80.80
CA VAL L 152 41.12 13.87 80.95
C VAL L 152 39.83 14.60 80.56
N ARG L 153 39.21 14.15 79.47
CA ARG L 153 37.97 14.78 78.99
C ARG L 153 36.85 14.63 80.00
N LYS L 154 36.78 13.48 80.70
CA LYS L 154 35.73 13.27 81.70
C LYS L 154 35.95 14.22 82.88
N MET L 155 37.22 14.40 83.25
CA MET L 155 37.57 15.30 84.35
C MET L 155 37.13 16.70 84.01
N MET L 156 37.28 17.07 82.73
CA MET L 156 36.90 18.39 82.26
C MET L 156 35.39 18.56 82.11
N SER L 157 34.74 17.52 81.55
CA SER L 157 33.31 17.57 81.32
C SER L 157 32.44 17.44 82.55
N GLY L 158 32.91 16.74 83.56
CA GLY L 158 32.11 16.53 84.74
C GLY L 158 31.47 15.17 84.56
N ILE L 159 30.76 14.68 85.58
CA ILE L 159 30.13 13.36 85.52
C ILE L 159 28.66 13.35 85.92
N LEU L 160 27.86 12.67 85.12
CA LEU L 160 26.41 12.54 85.36
C LEU L 160 26.12 11.32 86.25
N ALA L 161 25.12 11.46 87.11
CA ALA L 161 24.74 10.36 87.99
C ALA L 161 24.40 9.12 87.16
N ASN L 162 23.75 9.33 86.00
CA ASN L 162 23.39 8.22 85.11
C ASN L 162 24.60 7.38 84.73
N GLU L 163 25.71 8.06 84.47
CA GLU L 163 26.95 7.40 84.07
C GLU L 163 27.42 6.37 85.09
N LEU L 164 27.22 6.67 86.36
CA LEU L 164 27.65 5.80 87.45
C LEU L 164 26.52 4.91 87.96
N ASN L 165 25.37 4.96 87.29
CA ASN L 165 24.22 4.17 87.70
C ASN L 165 23.77 4.50 89.10
N ILE L 166 23.97 5.77 89.49
CA ILE L 166 23.58 6.25 90.80
C ILE L 166 22.29 7.05 90.70
N LYS L 167 21.45 6.94 91.71
CA LYS L 167 20.16 7.64 91.74
C LYS L 167 20.11 8.62 92.90
N GLN L 168 20.04 9.90 92.58
CA GLN L 168 20.01 10.95 93.59
C GLN L 168 19.29 12.18 93.03
N ASP L 169 19.15 13.22 93.86
CA ASP L 169 18.47 14.43 93.42
C ASP L 169 19.26 15.21 92.36
N ASN L 170 20.52 15.52 92.64
CA ASN L 170 21.36 16.27 91.71
C ASN L 170 21.75 15.37 90.53
N PRO L 171 21.38 15.76 89.31
CA PRO L 171 21.70 14.97 88.12
C PRO L 171 23.21 14.85 87.85
N LEU L 172 24.00 15.68 88.51
CA LEU L 172 25.45 15.65 88.35
C LEU L 172 26.17 15.18 89.61
N ILE L 173 27.13 14.28 89.43
CA ILE L 173 27.97 13.77 90.52
C ILE L 173 29.09 14.80 90.66
N ILE L 174 29.59 15.28 89.53
CA ILE L 174 30.63 16.30 89.49
C ILE L 174 30.31 17.30 88.39
N ASP L 175 30.24 18.58 88.75
CA ASP L 175 29.96 19.63 87.77
C ASP L 175 31.03 19.69 86.71
N GLY L 176 30.67 20.16 85.53
CA GLY L 176 31.66 20.31 84.48
C GLY L 176 32.26 21.68 84.65
N MET L 177 33.24 22.00 83.82
CA MET L 177 33.89 23.31 83.85
C MET L 177 33.62 23.93 82.47
N PRO L 178 32.40 24.45 82.28
CA PRO L 178 32.03 25.06 81.00
C PRO L 178 32.95 26.14 80.45
N ASN L 179 33.63 26.88 81.33
CA ASN L 179 34.53 27.96 80.89
C ASN L 179 35.92 27.51 80.43
N LEU L 180 36.16 26.20 80.38
CA LEU L 180 37.48 25.70 79.94
C LEU L 180 37.90 26.20 78.57
N TYR L 181 36.95 26.39 77.64
CA TYR L 181 37.34 26.83 76.31
C TYR L 181 37.91 28.25 76.30
N PHE L 182 37.82 28.93 77.43
CA PHE L 182 38.41 30.27 77.56
C PHE L 182 39.82 30.06 78.16
N THR L 183 40.74 29.56 77.34
CA THR L 183 42.10 29.31 77.80
C THR L 183 42.92 30.55 78.15
N ARG L 184 42.29 31.72 78.06
CA ARG L 184 42.96 32.97 78.37
C ARG L 184 43.00 33.19 79.89
N ASP L 185 42.18 32.46 80.63
CA ASP L 185 42.10 32.67 82.07
C ASP L 185 42.99 31.90 83.07
N PRO L 186 43.07 30.57 82.96
CA PRO L 186 43.90 29.82 83.92
C PRO L 186 45.32 30.37 84.08
N PHE L 187 46.01 30.62 82.97
CA PHE L 187 47.36 31.17 83.03
C PHE L 187 47.59 32.06 81.82
N ALA L 188 48.52 33.00 81.94
CA ALA L 188 48.81 33.88 80.83
C ALA L 188 50.31 33.91 80.58
N SER L 189 50.71 33.70 79.33
CA SER L 189 52.12 33.74 78.96
C SER L 189 52.61 35.15 79.20
N MET L 190 53.83 35.27 79.69
CA MET L 190 54.41 36.57 80.04
C MET L 190 55.91 36.57 79.71
N GLY L 191 56.26 36.94 78.49
CA GLY L 191 57.65 36.95 78.09
C GLY L 191 58.21 35.54 78.01
N ASN L 192 59.12 35.21 78.92
CA ASN L 192 59.72 33.89 78.96
C ASN L 192 59.10 33.07 80.07
N GLY L 193 58.24 33.70 80.85
CA GLY L 193 57.59 33.03 81.95
C GLY L 193 56.06 33.05 81.87
N VAL L 194 55.40 32.57 82.92
CA VAL L 194 53.95 32.54 82.94
C VAL L 194 53.40 33.05 84.26
N SER L 195 52.11 33.38 84.23
CA SER L 195 51.40 33.84 85.39
C SER L 195 50.21 32.90 85.59
N ILE L 196 50.34 31.97 86.54
CA ILE L 196 49.23 31.07 86.82
C ILE L 196 48.31 31.88 87.71
N ASN L 197 47.21 32.34 87.11
CA ASN L 197 46.25 33.23 87.75
C ASN L 197 45.38 32.73 88.89
N CYS L 198 44.97 33.68 89.72
CA CYS L 198 44.13 33.43 90.87
C CYS L 198 42.68 33.81 90.53
N MET L 199 41.90 32.83 90.07
CA MET L 199 40.50 33.03 89.70
C MET L 199 39.71 33.49 90.93
N LYS L 200 38.55 34.10 90.70
CA LYS L 200 37.76 34.60 91.83
C LYS L 200 36.87 33.55 92.50
N TYR L 201 36.00 32.90 91.73
CA TYR L 201 35.10 31.90 92.32
C TYR L 201 35.57 30.46 92.16
N PRO L 202 35.42 29.65 93.22
CA PRO L 202 35.83 28.24 93.26
C PRO L 202 35.44 27.44 92.01
N THR L 203 34.30 27.78 91.42
CA THR L 203 33.83 27.08 90.22
C THR L 203 34.89 27.12 89.13
N ARG L 204 35.56 28.26 89.01
CA ARG L 204 36.58 28.44 87.99
C ARG L 204 38.01 28.13 88.43
N LYS L 205 38.24 28.13 89.74
CA LYS L 205 39.57 27.83 90.26
C LYS L 205 39.90 26.36 89.96
N ARG L 206 38.87 25.53 89.76
CA ARG L 206 39.04 24.11 89.46
C ARG L 206 39.73 23.87 88.11
N GLU L 207 39.66 24.87 87.24
CA GLU L 207 40.25 24.80 85.91
C GLU L 207 41.78 24.83 85.89
N VAL L 208 42.37 25.53 86.86
CA VAL L 208 43.83 25.66 86.93
C VAL L 208 44.61 24.35 87.05
N ILE L 209 44.00 23.33 87.66
CA ILE L 209 44.69 22.06 87.85
C ILE L 209 45.30 21.48 86.56
N PHE L 210 44.64 21.67 85.43
CA PHE L 210 45.15 21.11 84.19
C PHE L 210 46.45 21.74 83.67
N SER L 211 46.44 23.04 83.42
CA SER L 211 47.64 23.68 82.93
C SER L 211 48.77 23.65 83.97
N ARG L 212 48.41 23.75 85.25
CA ARG L 212 49.40 23.72 86.31
C ARG L 212 50.11 22.37 86.30
N PHE L 213 49.34 21.31 86.05
CA PHE L 213 49.91 19.97 85.99
C PHE L 213 50.96 19.91 84.90
N VAL L 214 50.71 20.61 83.79
CA VAL L 214 51.63 20.64 82.67
C VAL L 214 52.89 21.44 83.02
N PHE L 215 52.71 22.63 83.59
CA PHE L 215 53.86 23.44 83.96
C PHE L 215 54.68 22.87 85.12
N THR L 216 54.16 21.82 85.75
CA THR L 216 54.85 21.21 86.86
C THR L 216 55.60 19.94 86.46
N ASN L 217 55.05 19.21 85.49
CA ASN L 217 55.66 17.95 85.10
C ASN L 217 56.12 17.77 83.66
N ASN L 218 55.53 18.50 82.71
CA ASN L 218 55.95 18.33 81.32
C ASN L 218 57.35 18.92 81.12
N PRO L 219 58.31 18.10 80.66
CA PRO L 219 59.69 18.55 80.44
C PRO L 219 59.84 19.81 79.58
N LYS L 220 58.92 19.99 78.65
CA LYS L 220 58.96 21.15 77.77
C LYS L 220 58.57 22.46 78.46
N TYR L 221 57.82 22.37 79.56
CA TYR L 221 57.37 23.57 80.27
C TYR L 221 57.78 23.61 81.74
N LYS L 222 58.20 22.45 82.26
CA LYS L 222 58.60 22.31 83.65
C LYS L 222 59.49 23.45 84.18
N ASN L 223 60.42 23.92 83.35
CA ASN L 223 61.34 24.98 83.78
C ASN L 223 60.92 26.41 83.48
N THR L 224 59.68 26.60 83.07
CA THR L 224 59.18 27.94 82.78
C THR L 224 59.06 28.69 84.10
N PRO L 225 59.67 29.88 84.20
CA PRO L 225 59.57 30.63 85.44
C PRO L 225 58.15 31.13 85.68
N ARG L 226 57.67 31.00 86.92
CA ARG L 226 56.32 31.44 87.23
C ARG L 226 56.38 32.81 87.88
N TYR L 227 56.05 33.85 87.11
CA TYR L 227 56.08 35.21 87.65
C TYR L 227 54.91 35.46 88.58
N PHE L 228 54.05 34.46 88.67
CA PHE L 228 52.90 34.46 89.57
C PHE L 228 52.32 33.05 89.60
N ASP L 229 51.90 32.62 90.80
CA ASP L 229 51.31 31.30 90.97
C ASP L 229 50.33 31.45 92.11
N ILE L 230 49.49 30.43 92.29
CA ILE L 230 48.47 30.45 93.32
C ILE L 230 48.99 30.02 94.70
N VAL L 231 50.31 30.01 94.89
CA VAL L 231 50.84 29.57 96.16
C VAL L 231 51.83 30.48 96.90
N GLY L 232 52.86 30.96 96.24
CA GLY L 232 53.83 31.79 96.97
C GLY L 232 53.89 33.27 96.67
N ASN L 233 52.71 33.90 96.55
CA ASN L 233 52.65 35.31 96.23
C ASN L 233 51.52 36.00 96.99
N ASN L 234 51.28 37.27 96.67
CA ASN L 234 50.22 38.04 97.32
C ASN L 234 49.28 38.64 96.30
N GLY L 235 48.03 38.86 96.70
CA GLY L 235 47.05 39.47 95.82
C GLY L 235 46.38 38.53 94.82
N THR L 236 45.66 39.13 93.89
CA THR L 236 44.97 38.36 92.86
C THR L 236 45.24 38.97 91.50
N ILE L 237 45.10 38.16 90.46
CA ILE L 237 45.33 38.60 89.10
C ILE L 237 44.64 37.66 88.11
N GLU L 238 44.07 38.22 87.05
CA GLU L 238 43.37 37.41 86.06
C GLU L 238 43.88 37.70 84.65
N GLY L 239 43.79 36.68 83.79
CA GLY L 239 44.27 36.81 82.42
C GLY L 239 43.79 37.98 81.60
N GLY L 240 42.54 38.40 81.80
CA GLY L 240 42.00 39.51 81.04
C GLY L 240 42.71 40.84 81.26
N ASP L 241 43.44 40.95 82.36
CA ASP L 241 44.17 42.19 82.67
C ASP L 241 45.63 42.20 82.21
N ILE L 242 46.10 41.07 81.68
CA ILE L 242 47.49 40.97 81.23
C ILE L 242 47.76 41.16 79.74
N PHE L 243 48.62 42.14 79.44
CA PHE L 243 49.01 42.44 78.06
C PHE L 243 50.53 42.60 77.95
N ILE L 244 51.10 42.14 76.85
CA ILE L 244 52.53 42.28 76.61
C ILE L 244 52.68 43.12 75.35
N TYR L 245 53.02 44.40 75.52
CA TYR L 245 53.15 45.30 74.37
C TYR L 245 54.42 45.16 73.55
N ASN L 246 55.54 44.90 74.21
CA ASN L 246 56.82 44.71 73.51
C ASN L 246 57.85 44.01 74.40
N SER L 247 59.05 43.81 73.87
CA SER L 247 60.14 43.14 74.58
C SER L 247 60.47 43.71 75.96
N LYS L 248 60.22 44.99 76.17
CA LYS L 248 60.56 45.61 77.44
C LYS L 248 59.38 46.04 78.30
N THR L 249 58.20 46.18 77.69
CA THR L 249 57.02 46.65 78.40
C THR L 249 55.86 45.68 78.60
N LEU L 250 55.44 45.57 79.86
CA LEU L 250 54.35 44.73 80.28
C LEU L 250 53.23 45.68 80.69
N VAL L 251 52.01 45.42 80.24
CA VAL L 251 50.87 46.27 80.57
C VAL L 251 49.83 45.48 81.35
N ILE L 252 49.58 45.87 82.59
CA ILE L 252 48.61 45.18 83.41
C ILE L 252 47.53 46.11 83.91
N GLY L 253 46.30 45.63 83.90
CA GLY L 253 45.21 46.46 84.39
C GLY L 253 44.99 46.30 85.88
N ASN L 254 44.77 47.42 86.57
CA ASN L 254 44.49 47.38 88.00
C ASN L 254 42.97 47.44 88.04
N SER L 255 42.34 46.29 88.25
CA SER L 255 40.89 46.22 88.26
C SER L 255 40.33 45.62 89.54
N GLU L 256 39.06 45.24 89.47
CA GLU L 256 38.38 44.62 90.58
C GLU L 256 38.94 43.21 90.75
N ARG L 257 39.58 42.70 89.70
CA ARG L 257 40.14 41.35 89.73
C ARG L 257 41.66 41.29 89.87
N THR L 258 42.35 42.39 89.60
CA THR L 258 43.80 42.43 89.70
C THR L 258 44.24 43.62 90.55
N ASN L 259 44.89 43.34 91.68
CA ASN L 259 45.34 44.41 92.58
C ASN L 259 46.86 44.63 92.60
N PHE L 260 47.27 45.71 93.24
CA PHE L 260 48.69 46.10 93.36
C PHE L 260 49.56 45.00 93.97
N ALA L 261 49.03 44.31 94.97
CA ALA L 261 49.75 43.23 95.63
C ALA L 261 50.25 42.17 94.64
N ALA L 262 49.38 41.74 93.73
CA ALA L 262 49.75 40.74 92.74
C ALA L 262 50.72 41.34 91.71
N ILE L 263 50.53 42.60 91.36
CA ILE L 263 51.41 43.24 90.39
C ILE L 263 52.81 43.38 90.96
N GLU L 264 52.90 43.63 92.27
CA GLU L 264 54.20 43.75 92.91
C GLU L 264 54.89 42.40 92.92
N SER L 265 54.13 41.34 93.23
CA SER L 265 54.69 39.99 93.24
C SER L 265 55.28 39.70 91.87
N VAL L 266 54.54 40.06 90.82
CA VAL L 266 55.00 39.82 89.45
C VAL L 266 56.30 40.57 89.20
N ALA L 267 56.32 41.85 89.56
CA ALA L 267 57.50 42.70 89.37
C ALA L 267 58.75 42.10 90.01
N LYS L 268 58.63 41.72 91.28
CA LYS L 268 59.77 41.15 92.01
C LYS L 268 60.24 39.84 91.37
N ASN L 269 59.30 38.96 91.03
CA ASN L 269 59.66 37.69 90.42
C ASN L 269 60.40 37.91 89.10
N ILE L 270 60.04 38.98 88.40
CA ILE L 270 60.69 39.28 87.13
C ILE L 270 62.11 39.77 87.38
N GLN L 271 62.28 40.61 88.39
CA GLN L 271 63.59 41.14 88.72
C GLN L 271 64.56 40.02 89.07
N ALA L 272 64.04 38.95 89.65
CA ALA L 272 64.85 37.80 90.05
C ALA L 272 65.23 36.87 88.88
N ASN L 273 64.70 37.13 87.69
CA ASN L 273 65.01 36.31 86.53
C ASN L 273 65.98 37.04 85.60
N LYS L 274 67.07 36.35 85.27
CA LYS L 274 68.11 36.92 84.42
C LYS L 274 67.82 36.98 82.93
N ASP L 275 67.11 35.99 82.39
CA ASP L 275 66.81 35.97 80.96
C ASP L 275 65.69 36.89 80.49
N CYS L 276 64.70 37.15 81.34
CA CYS L 276 63.59 38.02 80.98
C CYS L 276 64.06 39.41 80.56
N THR L 277 63.48 39.94 79.48
CA THR L 277 63.86 41.24 78.96
C THR L 277 62.98 42.41 79.40
N PHE L 278 61.91 42.12 80.14
CA PHE L 278 61.01 43.18 80.61
C PHE L 278 61.77 44.15 81.49
N GLU L 279 61.57 45.44 81.27
CA GLU L 279 62.25 46.47 82.05
C GLU L 279 61.24 47.46 82.62
N ARG L 280 59.98 47.31 82.23
CA ARG L 280 58.96 48.25 82.67
C ARG L 280 57.55 47.65 82.71
N ILE L 281 56.75 48.12 83.65
CA ILE L 281 55.37 47.67 83.78
C ILE L 281 54.48 48.91 83.86
N VAL L 282 53.49 48.98 82.98
CA VAL L 282 52.57 50.11 82.98
C VAL L 282 51.24 49.59 83.51
N VAL L 283 50.83 50.09 84.66
CA VAL L 283 49.59 49.67 85.28
C VAL L 283 48.49 50.67 84.91
N ILE L 284 47.41 50.18 84.31
CA ILE L 284 46.30 51.03 83.92
C ILE L 284 45.14 50.79 84.87
N ASN L 285 44.64 51.86 85.47
CA ASN L 285 43.52 51.76 86.40
C ASN L 285 42.22 51.49 85.63
N VAL L 286 41.65 50.31 85.86
CA VAL L 286 40.40 49.91 85.21
C VAL L 286 39.24 50.30 86.11
N PRO L 287 38.56 51.39 85.78
CA PRO L 287 37.42 51.91 86.54
C PRO L 287 36.29 50.90 86.78
N PRO L 288 35.58 51.04 87.92
CA PRO L 288 34.48 50.14 88.25
C PRO L 288 33.35 50.38 87.27
N MET L 289 33.03 49.36 86.48
CA MET L 289 31.96 49.52 85.51
C MET L 289 31.15 48.28 85.26
N PRO L 290 29.89 48.46 84.89
CA PRO L 290 28.96 47.37 84.60
C PRO L 290 29.46 46.51 83.45
N ASN L 291 29.70 45.23 83.70
CA ASN L 291 30.14 44.29 82.68
C ASN L 291 31.46 44.59 81.96
N LEU L 292 32.31 45.40 82.59
CA LEU L 292 33.61 45.74 82.01
C LEU L 292 34.59 45.81 83.17
N MET L 293 35.05 44.65 83.63
CA MET L 293 35.95 44.60 84.78
C MET L 293 37.38 44.14 84.53
N HIS L 294 37.72 43.91 83.27
CA HIS L 294 39.08 43.51 82.92
C HIS L 294 39.60 44.51 81.89
N LEU L 295 40.90 44.73 81.89
CA LEU L 295 41.50 45.66 80.95
C LEU L 295 41.17 45.29 79.49
N ASP L 296 41.11 44.00 79.19
CA ASP L 296 40.84 43.59 77.82
C ASP L 296 39.54 44.15 77.24
N THR L 297 38.50 44.28 78.06
CA THR L 297 37.23 44.79 77.54
C THR L 297 37.26 46.30 77.25
N TRP L 298 38.38 46.95 77.57
CA TRP L 298 38.54 48.38 77.33
C TRP L 298 39.52 48.68 76.21
N LEU L 299 40.57 47.88 76.12
CA LEU L 299 41.59 48.13 75.10
C LEU L 299 42.38 46.89 74.67
N THR L 300 42.65 46.79 73.37
CA THR L 300 43.42 45.68 72.84
C THR L 300 44.32 46.22 71.73
N MET L 301 45.45 45.54 71.52
CA MET L 301 46.43 45.95 70.50
C MET L 301 46.34 45.01 69.30
N LEU L 302 46.22 45.60 68.11
CA LEU L 302 46.08 44.83 66.86
C LEU L 302 47.24 44.96 65.86
N ASP L 303 48.07 45.97 66.04
CA ASP L 303 49.22 46.19 65.15
C ASP L 303 50.23 47.03 65.93
N TYR L 304 51.38 47.31 65.33
CA TYR L 304 52.40 48.11 66.00
C TYR L 304 51.83 49.43 66.52
N ASP L 305 50.90 50.01 65.77
CA ASP L 305 50.30 51.29 66.15
C ASP L 305 48.79 51.37 66.05
N LYS L 306 48.10 50.24 66.06
CA LYS L 306 46.64 50.26 65.97
C LYS L 306 46.00 49.59 67.17
N PHE L 307 45.01 50.26 67.75
CA PHE L 307 44.32 49.76 68.92
C PHE L 307 42.81 49.84 68.81
N LEU L 308 42.15 48.87 69.43
CA LEU L 308 40.70 48.82 69.43
C LEU L 308 40.30 49.18 70.86
N TYR L 309 39.38 50.13 71.02
CA TYR L 309 38.98 50.54 72.35
C TYR L 309 37.47 50.74 72.53
N SER L 310 37.03 50.71 73.78
CA SER L 310 35.63 50.90 74.14
C SER L 310 35.28 52.38 74.21
N PRO L 311 34.33 52.84 73.38
CA PRO L 311 33.95 54.26 73.41
C PRO L 311 33.35 54.68 74.74
N ASN L 312 33.05 53.70 75.58
CA ASN L 312 32.47 53.97 76.88
C ASN L 312 33.51 54.00 77.98
N MET L 313 34.77 54.17 77.62
CA MET L 313 35.82 54.21 78.64
C MET L 313 36.04 55.63 79.12
N MET L 314 36.72 55.76 80.26
CA MET L 314 37.02 57.06 80.85
C MET L 314 37.91 57.86 79.92
N ASN L 315 37.77 59.17 79.95
CA ASN L 315 38.55 60.02 79.07
C ASN L 315 40.02 60.14 79.49
N VAL L 316 40.26 60.48 80.76
CA VAL L 316 41.62 60.60 81.24
C VAL L 316 41.97 59.40 82.09
N LEU L 317 43.04 58.71 81.72
CA LEU L 317 43.48 57.52 82.44
C LEU L 317 44.40 57.80 83.61
N LYS L 318 44.31 56.92 84.61
CA LYS L 318 45.15 56.99 85.79
C LYS L 318 46.13 55.83 85.61
N ILE L 319 47.40 56.16 85.47
CA ILE L 319 48.46 55.18 85.24
C ILE L 319 49.49 55.07 86.37
N TRP L 320 50.24 53.98 86.37
CA TRP L 320 51.30 53.74 87.35
C TRP L 320 52.50 53.15 86.61
N GLU L 321 53.62 53.86 86.68
CA GLU L 321 54.86 53.45 86.01
C GLU L 321 55.77 52.70 86.98
N ILE L 322 56.18 51.49 86.60
CA ILE L 322 57.06 50.71 87.45
C ILE L 322 58.37 50.40 86.73
N ASP L 323 59.46 50.97 87.23
CA ASP L 323 60.78 50.75 86.65
C ASP L 323 61.31 49.46 87.26
N LEU L 324 61.41 48.40 86.46
CA LEU L 324 61.89 47.12 86.97
C LEU L 324 63.39 47.06 87.25
N ASN L 325 64.14 48.06 86.81
CA ASN L 325 65.59 48.02 87.06
C ASN L 325 65.96 48.55 88.42
N VAL L 326 64.97 49.07 89.14
CA VAL L 326 65.20 49.62 90.47
C VAL L 326 64.48 48.81 91.54
N LYS L 327 64.98 48.89 92.77
CA LYS L 327 64.37 48.17 93.89
C LYS L 327 64.48 49.07 95.13
N PRO L 328 63.46 49.06 95.99
CA PRO L 328 62.21 48.29 95.91
C PRO L 328 61.33 48.77 94.77
N VAL L 329 60.36 47.95 94.37
CA VAL L 329 59.46 48.33 93.29
C VAL L 329 58.55 49.49 93.74
N LYS L 330 58.44 50.52 92.91
CA LYS L 330 57.60 51.67 93.23
C LYS L 330 56.59 52.00 92.14
N PHE L 331 55.34 52.22 92.56
CA PHE L 331 54.26 52.57 91.65
C PHE L 331 54.21 54.09 91.49
N VAL L 332 54.82 54.62 90.43
CA VAL L 332 54.80 56.07 90.23
C VAL L 332 53.54 56.48 89.48
N GLU L 333 52.62 57.16 90.16
CA GLU L 333 51.38 57.58 89.54
C GLU L 333 51.57 58.66 88.46
N LYS L 334 50.85 58.48 87.36
CA LYS L 334 50.91 59.41 86.23
C LYS L 334 49.48 59.52 85.66
N LYS L 335 49.25 60.48 84.78
CA LYS L 335 47.92 60.66 84.19
C LYS L 335 47.99 61.14 82.74
N GLY L 336 46.94 60.84 81.98
CA GLY L 336 46.90 61.27 80.59
C GLY L 336 45.78 60.61 79.79
N THR L 337 45.59 61.08 78.56
CA THR L 337 44.58 60.51 77.68
C THR L 337 45.07 59.17 77.16
N LEU L 338 44.18 58.41 76.54
CA LEU L 338 44.54 57.11 76.00
C LEU L 338 45.70 57.30 75.02
N GLU L 339 45.57 58.31 74.18
CA GLU L 339 46.59 58.59 73.18
C GLU L 339 47.95 58.85 73.83
N GLU L 340 47.97 59.70 74.85
CA GLU L 340 49.22 60.04 75.53
C GLU L 340 49.87 58.82 76.18
N VAL L 341 49.06 58.03 76.88
CA VAL L 341 49.58 56.83 77.52
C VAL L 341 50.16 55.85 76.50
N LEU L 342 49.46 55.66 75.39
CA LEU L 342 49.93 54.75 74.36
C LEU L 342 51.19 55.28 73.70
N TYR L 343 51.24 56.59 73.48
CA TYR L 343 52.39 57.21 72.86
C TYR L 343 53.64 56.96 73.69
N SER L 344 53.50 57.01 75.02
CA SER L 344 54.64 56.83 75.90
C SER L 344 55.16 55.40 75.91
N ILE L 345 54.45 54.50 75.24
CA ILE L 345 54.89 53.10 75.18
C ILE L 345 55.41 52.69 73.80
N ILE L 346 54.69 53.03 72.75
CA ILE L 346 55.10 52.67 71.39
C ILE L 346 55.95 53.76 70.74
N ASP L 347 55.94 54.93 71.36
CA ASP L 347 56.70 56.08 70.88
C ASP L 347 56.41 56.44 69.42
N LYS L 348 55.11 56.57 69.12
CA LYS L 348 54.63 56.95 67.79
C LYS L 348 53.13 57.19 67.92
N LYS L 349 52.56 57.96 66.99
CA LYS L 349 51.14 58.26 67.07
C LYS L 349 50.28 57.00 66.98
N PRO L 350 49.48 56.74 68.02
CA PRO L 350 48.62 55.56 68.01
C PRO L 350 47.34 55.80 67.23
N ILE L 351 46.90 54.79 66.49
CA ILE L 351 45.66 54.86 65.71
C ILE L 351 44.59 54.17 66.56
N LEU L 352 43.62 54.97 67.01
CA LEU L 352 42.55 54.48 67.88
C LEU L 352 41.23 54.19 67.16
N ILE L 353 40.81 52.93 67.21
CA ILE L 353 39.57 52.48 66.57
C ILE L 353 38.54 52.10 67.64
N PRO L 354 37.41 52.81 67.68
CA PRO L 354 36.35 52.53 68.66
C PRO L 354 35.41 51.40 68.24
N ILE L 355 34.89 50.67 69.22
CA ILE L 355 33.96 49.59 68.95
C ILE L 355 32.79 50.07 68.10
N ALA L 356 32.49 49.34 67.04
CA ALA L 356 31.39 49.67 66.12
C ALA L 356 31.73 50.81 65.16
N GLY L 357 32.94 51.35 65.28
CA GLY L 357 33.37 52.43 64.40
C GLY L 357 32.92 53.83 64.77
N LYS L 358 33.58 54.83 64.19
CA LYS L 358 33.26 56.22 64.44
C LYS L 358 31.87 56.59 63.94
N GLY L 359 31.13 57.32 64.77
CA GLY L 359 29.80 57.76 64.41
C GLY L 359 28.70 56.73 64.59
N ALA L 360 29.05 55.56 65.13
CA ALA L 360 28.07 54.50 65.35
C ALA L 360 27.06 54.96 66.40
N ASN L 361 25.80 54.52 66.26
CA ASN L 361 24.80 54.90 67.26
C ASN L 361 24.98 54.01 68.49
N GLN L 362 24.36 54.38 69.60
CA GLN L 362 24.49 53.64 70.85
C GLN L 362 24.00 52.20 70.77
N LEU L 363 23.04 51.95 69.89
CA LEU L 363 22.50 50.60 69.74
C LEU L 363 23.57 49.65 69.24
N ASP L 364 24.26 50.05 68.17
CA ASP L 364 25.31 49.20 67.63
C ASP L 364 26.48 49.06 68.62
N ILE L 365 26.84 50.14 69.31
CA ILE L 365 27.93 50.07 70.27
C ILE L 365 27.55 49.08 71.37
N ASP L 366 26.32 49.19 71.87
CA ASP L 366 25.86 48.30 72.93
C ASP L 366 25.89 46.82 72.55
N ILE L 367 25.42 46.52 71.35
CA ILE L 367 25.39 45.14 70.89
C ILE L 367 26.79 44.55 70.65
N GLU L 368 27.66 45.28 69.97
CA GLU L 368 29.00 44.77 69.71
C GLU L 368 29.88 44.79 70.96
N THR L 369 29.47 45.54 71.97
CA THR L 369 30.19 45.58 73.22
C THR L 369 29.78 44.31 73.95
N HIS L 370 28.48 44.04 73.91
CA HIS L 370 27.89 42.87 74.55
C HIS L 370 28.56 41.61 74.02
N PHE L 371 28.79 41.56 72.71
CA PHE L 371 29.46 40.40 72.13
C PHE L 371 30.98 40.46 72.07
N ASP L 372 31.57 41.09 73.09
CA ASP L 372 33.02 41.16 73.24
C ASP L 372 33.80 41.65 72.02
N GLY L 373 33.38 42.79 71.47
CA GLY L 373 33.99 43.36 70.28
C GLY L 373 35.47 43.70 70.26
N THR L 374 36.06 44.00 71.42
CA THR L 374 37.48 44.36 71.43
C THR L 374 38.37 43.12 71.40
N ASN L 375 37.86 42.02 71.92
CA ASN L 375 38.66 40.82 72.00
C ASN L 375 38.99 39.99 70.76
N TYR L 376 39.53 40.64 69.73
CA TYR L 376 39.96 39.92 68.54
C TYR L 376 41.33 39.33 68.91
N LEU L 377 41.70 38.20 68.30
CA LEU L 377 43.00 37.60 68.54
C LEU L 377 43.89 38.01 67.37
N THR L 378 45.02 38.64 67.67
CA THR L 378 45.95 39.08 66.63
C THR L 378 46.91 37.93 66.40
N ILE L 379 46.98 37.46 65.15
CA ILE L 379 47.87 36.34 64.84
C ILE L 379 49.14 36.77 64.12
N ALA L 380 49.17 38.04 63.72
CA ALA L 380 50.31 38.64 63.03
C ALA L 380 50.02 40.13 63.00
N PRO L 381 51.06 40.97 62.91
CA PRO L 381 50.82 42.42 62.89
C PRO L 381 49.76 42.85 61.87
N GLY L 382 48.63 43.34 62.35
CA GLY L 382 47.59 43.78 61.46
C GLY L 382 46.68 42.70 60.91
N VAL L 383 46.74 41.50 61.49
CA VAL L 383 45.90 40.38 61.06
C VAL L 383 45.17 39.82 62.29
N VAL L 384 43.84 39.95 62.31
CA VAL L 384 43.07 39.48 63.46
C VAL L 384 41.97 38.46 63.17
N VAL L 385 41.55 37.76 64.22
CA VAL L 385 40.53 36.72 64.14
C VAL L 385 39.42 37.03 65.13
N GLY L 386 38.17 36.99 64.66
CA GLY L 386 37.04 37.27 65.54
C GLY L 386 35.67 36.87 64.96
N TYR L 387 34.61 37.16 65.72
CA TYR L 387 33.25 36.84 65.32
C TYR L 387 32.77 37.69 64.16
N GLU L 388 32.10 37.05 63.19
CA GLU L 388 31.57 37.75 62.05
C GLU L 388 30.36 38.60 62.43
N ARG L 389 29.68 38.26 63.51
CA ARG L 389 28.50 39.03 63.90
C ARG L 389 28.78 40.50 64.28
N ASN L 390 30.00 40.81 64.68
CA ASN L 390 30.32 42.20 65.02
C ASN L 390 30.72 42.96 63.76
N GLU L 391 29.77 43.08 62.84
CA GLU L 391 29.99 43.73 61.54
C GLU L 391 30.49 45.18 61.53
N LYS L 392 29.95 46.01 62.41
CA LYS L 392 30.38 47.42 62.46
C LYS L 392 31.86 47.55 62.85
N THR L 393 32.27 46.81 63.88
CA THR L 393 33.64 46.83 64.34
C THR L 393 34.55 46.25 63.25
N GLN L 394 34.09 45.18 62.62
CA GLN L 394 34.87 44.55 61.56
C GLN L 394 35.13 45.56 60.42
N LYS L 395 34.08 46.28 60.03
CA LYS L 395 34.19 47.26 58.96
C LYS L 395 35.21 48.36 59.31
N ALA L 396 35.15 48.85 60.55
CA ALA L 396 36.09 49.87 60.99
C ALA L 396 37.53 49.35 60.93
N LEU L 397 37.72 48.09 61.29
CA LEU L 397 39.05 47.50 61.26
C LEU L 397 39.63 47.41 59.84
N VAL L 398 38.82 46.94 58.88
CA VAL L 398 39.35 46.82 57.52
C VAL L 398 39.60 48.18 56.91
N GLU L 399 38.82 49.18 57.31
CA GLU L 399 39.03 50.52 56.76
C GLU L 399 40.31 51.10 57.33
N ALA L 400 40.73 50.60 58.47
CA ALA L 400 41.95 51.07 59.11
C ALA L 400 43.16 50.30 58.60
N GLY L 401 42.94 49.42 57.63
CA GLY L 401 44.03 48.65 57.07
C GLY L 401 44.31 47.29 57.69
N ILE L 402 43.49 46.89 58.67
CA ILE L 402 43.70 45.61 59.32
C ILE L 402 42.96 44.49 58.58
N LYS L 403 43.62 43.34 58.43
CA LYS L 403 43.03 42.17 57.77
C LYS L 403 42.23 41.36 58.79
N VAL L 404 40.95 41.14 58.51
CA VAL L 404 40.08 40.41 59.41
C VAL L 404 39.69 39.04 58.91
N LEU L 405 40.04 38.01 59.67
CA LEU L 405 39.67 36.64 59.33
C LEU L 405 38.56 36.27 60.29
N SER L 406 37.32 36.53 59.89
CA SER L 406 36.16 36.24 60.74
C SER L 406 35.70 34.79 60.65
N PHE L 407 34.90 34.37 61.63
CA PHE L 407 34.35 33.03 61.62
C PHE L 407 32.97 33.07 62.29
N ASN L 408 32.14 32.09 61.97
CA ASN L 408 30.80 32.03 62.53
C ASN L 408 30.81 31.46 63.95
N GLY L 409 30.38 32.27 64.90
CA GLY L 409 30.30 31.83 66.28
C GLY L 409 28.92 32.14 66.83
N SER L 410 27.89 31.90 66.01
CA SER L 410 26.51 32.19 66.42
C SER L 410 26.17 31.65 67.81
N GLN L 411 26.73 30.49 68.16
CA GLN L 411 26.49 29.90 69.47
C GLN L 411 27.63 30.24 70.43
N LEU L 412 28.87 30.05 70.00
CA LEU L 412 30.03 30.34 70.85
C LEU L 412 29.96 31.73 71.46
N SER L 413 29.57 32.72 70.65
CA SER L 413 29.48 34.10 71.12
C SER L 413 28.52 34.29 72.30
N LEU L 414 27.62 33.34 72.52
CA LEU L 414 26.68 33.45 73.62
C LEU L 414 27.41 33.31 74.94
N GLY L 415 28.64 32.82 74.88
CA GLY L 415 29.44 32.65 76.07
C GLY L 415 30.06 33.97 76.51
N MET L 416 29.86 35.02 75.71
CA MET L 416 30.36 36.36 76.03
C MET L 416 31.88 36.59 75.92
N GLY L 417 32.59 35.68 75.27
CA GLY L 417 34.03 35.86 75.13
C GLY L 417 34.45 35.61 73.69
N SER L 418 35.29 36.47 73.16
CA SER L 418 35.73 36.31 71.78
C SER L 418 37.06 35.53 71.62
N ALA L 419 37.63 35.59 70.42
CA ALA L 419 38.86 34.88 70.10
C ALA L 419 40.02 35.06 71.06
N ARG L 420 40.30 36.29 71.51
CA ARG L 420 41.40 36.45 72.43
C ARG L 420 41.17 35.66 73.71
N CYS L 421 39.92 35.62 74.16
CA CYS L 421 39.58 34.90 75.38
C CYS L 421 39.68 33.40 75.19
N MET L 422 39.48 32.93 73.96
CA MET L 422 39.52 31.48 73.68
C MET L 422 40.90 31.00 73.26
N SER L 423 41.93 31.75 73.60
CA SER L 423 43.27 31.35 73.22
C SER L 423 44.33 31.86 74.18
N MET L 424 45.47 31.18 74.18
CA MET L 424 46.60 31.59 75.01
C MET L 424 47.87 31.33 74.23
N PRO L 425 48.46 32.39 73.66
CA PRO L 425 49.69 32.26 72.89
C PRO L 425 50.78 31.61 73.75
N LEU L 426 51.51 30.66 73.16
CA LEU L 426 52.60 30.01 73.87
C LEU L 426 53.92 30.53 73.30
N ILE L 427 53.95 30.71 71.97
CA ILE L 427 55.13 31.21 71.29
C ILE L 427 54.80 32.16 70.14
N ARG L 428 55.35 33.37 70.21
CA ARG L 428 55.17 34.37 69.17
C ARG L 428 56.56 34.77 68.68
N GLU L 429 56.65 35.05 67.39
CA GLU L 429 57.91 35.49 66.78
C GLU L 429 58.21 36.86 67.42
N ASN L 430 59.41 37.05 67.96
CA ASN L 430 59.74 38.34 68.57
C ASN L 430 59.65 39.44 67.53
N LEU L 431 59.23 40.62 67.97
CA LEU L 431 59.12 41.75 67.07
C LEU L 431 60.50 42.33 66.78
N LYS L 432 60.64 42.98 65.64
CA LYS L 432 61.89 43.63 65.27
C LYS L 432 61.49 45.10 65.25
N LYS L 433 60.19 45.31 65.43
CA LYS L 433 59.53 46.62 65.45
C LYS L 433 59.79 47.40 64.16
CL CL M . -9.12 -37.24 -38.25
CL CL N . -21.30 -48.49 -37.27
CL CL O . -4.88 -45.31 -57.55
CL CL P . -21.06 -48.81 -58.49
CL CL Q . -23.58 14.99 -8.65
CL CL R . -11.53 11.61 -19.41
CL CL S . -8.63 24.51 3.29
CL CL T . -1.06 27.98 -10.90
CL CL U . 19.51 18.88 46.66
CL CL V . 35.28 23.11 48.38
CL CL W . 17.19 23.85 67.20
CL CL X . 29.20 35.23 64.81
#